data_3UBN
#
_entry.id   3UBN
#
_cell.length_a   67.00
_cell.length_b   116.71
_cell.length_c   119.66
_cell.angle_alpha   60.61
_cell.angle_beta   77.05
_cell.angle_gamma   80.38
#
_symmetry.space_group_name_H-M   'P 1'
#
loop_
_entity.id
_entity.type
_entity.pdbx_description
1 polymer 'Hemagglutinin HA1'
2 polymer 'Hemagglutinin HA2'
3 branched 'N-acetyl-alpha-neuraminic acid-(2-6)-beta-D-galactopyranose-(1-4)-2-acetamido-2-deoxy-beta-D-glucopyranose'
4 branched 'N-acetyl-alpha-neuraminic acid-(2-6)-beta-D-galactopyranose'
5 branched 2-acetamido-2-deoxy-beta-D-glucopyranose-(1-4)-2-acetamido-2-deoxy-beta-D-glucopyranose
6 non-polymer 2-acetamido-2-deoxy-beta-D-glucopyranose
7 water water
#
loop_
_entity_poly.entity_id
_entity_poly.type
_entity_poly.pdbx_seq_one_letter_code
_entity_poly.pdbx_strand_id
1 'polypeptide(L)'
;PGDTLCIGYHANNSTDTVDTVLEKNVTVTHSVNLLEDKHNGKLCKLRGVAPLHLGKCNIAGWILGNPECESLSTASSWSY
IVETPSSDNGTCYPGDFIDYEELREQLSSVSSFERFEIFPKTSSWPNHDSNKGVTAACPHAGAKSFYKNLIWLVKKGNSY
PKLSKSYINDKGKEVLVLWGIHHPSTSADQQSLYQNADTYVFVCSSRYSKKFKPEIAICPKVRDQEGRMNYYWTLVEPGD
KITFEATGNLVVPRYAFAMERNAGSGIIISDTPVHDCNTTCQTPKGAINTSLPFQNIHPITIGKCPKYVKSTKLRLATGL
RNIPSIQSR
;
A,C,E,G,I,K
2 'polypeptide(L)'
;GLFGAIAGFIEGGWTGMVDGWYGYHHQNEQGSGYAADLKSTQNAIDEITNKVNSVIEKMNTQFTAVGKEFNHLEKRIENL
NKKVDDGFLDIWTYNAELLVLLENERTLDYHDSNVKNLYEKVRSQLKNNAKEIGNGCFEFYHKCDNTCMESVKNGTYDYP
KYSEEAKLNREEIDSGR
;
B,D,F,H,J,L
#
loop_
_chem_comp.id
_chem_comp.type
_chem_comp.name
_chem_comp.formula
GAL D-saccharide, beta linking beta-D-galactopyranose 'C6 H12 O6'
NAG D-saccharide, beta linking 2-acetamido-2-deoxy-beta-D-glucopyranose 'C8 H15 N O6'
SIA D-saccharide, alpha linking 'N-acetyl-alpha-neuraminic acid' 'C11 H19 N O9'
#
# COMPACT_ATOMS: atom_id res chain seq x y z
N ASP A 3 -39.51 38.27 52.80
CA ASP A 3 -38.93 38.22 51.46
C ASP A 3 -37.60 37.46 51.46
N THR A 4 -37.55 36.37 50.70
CA THR A 4 -36.38 35.50 50.70
C THR A 4 -35.89 35.17 49.28
N LEU A 5 -34.59 34.96 49.18
CA LEU A 5 -33.96 34.49 47.94
C LEU A 5 -33.05 33.33 48.27
N CYS A 6 -33.28 32.18 47.66
CA CYS A 6 -32.51 30.98 47.97
C CYS A 6 -31.59 30.54 46.83
N ILE A 7 -30.41 30.03 47.20
CA ILE A 7 -29.49 29.46 46.23
C ILE A 7 -29.54 27.93 46.30
N GLY A 8 -29.70 27.29 45.14
CA GLY A 8 -29.82 25.85 45.09
C GLY A 8 -29.30 25.24 43.82
N TYR A 9 -29.35 23.91 43.75
CA TYR A 9 -28.85 23.17 42.60
C TYR A 9 -29.91 22.23 42.02
N HIS A 10 -29.59 21.63 40.87
CA HIS A 10 -30.56 20.83 40.12
C HIS A 10 -30.74 19.43 40.70
N ALA A 11 -31.92 18.86 40.45
CA ALA A 11 -32.23 17.49 40.83
C ALA A 11 -33.28 16.93 39.88
N ASN A 12 -33.16 15.65 39.54
CA ASN A 12 -34.07 15.06 38.57
C ASN A 12 -34.44 13.61 38.89
N ASN A 13 -34.98 12.92 37.90
CA ASN A 13 -35.41 11.54 38.06
C ASN A 13 -34.31 10.53 37.72
N SER A 14 -33.09 11.04 37.52
CA SER A 14 -31.96 10.18 37.16
C SER A 14 -31.64 9.17 38.25
N THR A 15 -31.37 7.94 37.83
CA THR A 15 -31.01 6.86 38.75
C THR A 15 -29.59 6.37 38.48
N ASP A 16 -28.90 7.07 37.58
CA ASP A 16 -27.51 6.74 37.26
C ASP A 16 -26.62 6.86 38.48
N THR A 17 -25.70 5.91 38.63
CA THR A 17 -24.76 5.93 39.76
C THR A 17 -23.32 5.78 39.29
N VAL A 18 -22.42 6.55 39.91
CA VAL A 18 -21.00 6.45 39.61
C VAL A 18 -20.22 6.18 40.88
N ASP A 19 -18.98 5.73 40.73
CA ASP A 19 -18.10 5.52 41.87
C ASP A 19 -17.08 6.65 41.98
N THR A 20 -16.81 7.09 43.20
CA THR A 20 -15.75 8.05 43.46
C THR A 20 -14.72 7.37 44.35
N VAL A 21 -13.54 7.95 44.45
CA VAL A 21 -12.49 7.37 45.28
C VAL A 21 -12.91 7.33 46.74
N LEU A 22 -13.87 8.18 47.10
CA LEU A 22 -14.30 8.35 48.48
C LEU A 22 -15.59 7.58 48.82
N GLU A 23 -16.48 7.46 47.84
CA GLU A 23 -17.78 6.84 48.09
C GLU A 23 -18.28 6.06 46.88
N LYS A 24 -18.92 4.92 47.12
CA LYS A 24 -19.42 4.04 46.06
C LYS A 24 -20.91 4.23 45.76
N ASN A 25 -21.26 4.11 44.48
CA ASN A 25 -22.64 4.22 44.02
C ASN A 25 -23.32 5.53 44.40
N VAL A 26 -22.76 6.63 43.92
CA VAL A 26 -23.34 7.95 44.18
C VAL A 26 -24.25 8.36 43.02
N THR A 27 -25.55 8.38 43.29
CA THR A 27 -26.52 8.74 42.25
C THR A 27 -26.27 10.17 41.77
N VAL A 28 -26.19 10.33 40.46
CA VAL A 28 -25.89 11.64 39.87
C VAL A 28 -26.96 12.07 38.86
N THR A 29 -26.99 13.36 38.56
CA THR A 29 -28.03 13.92 37.70
C THR A 29 -27.75 13.67 36.22
N HIS A 30 -26.47 13.60 35.86
CA HIS A 30 -26.07 13.36 34.48
C HIS A 30 -24.72 12.65 34.41
N SER A 31 -24.56 11.77 33.43
CA SER A 31 -23.32 11.02 33.28
C SER A 31 -23.14 10.45 31.89
N VAL A 32 -21.89 10.09 31.55
CA VAL A 32 -21.57 9.44 30.30
C VAL A 32 -20.72 8.19 30.55
N ASN A 33 -20.76 7.25 29.62
CA ASN A 33 -19.98 6.02 29.77
C ASN A 33 -18.69 6.06 28.95
N LEU A 34 -17.59 5.66 29.56
CA LEU A 34 -16.30 5.64 28.88
C LEU A 34 -15.93 4.23 28.43
N LEU A 35 -16.78 3.27 28.79
CA LEU A 35 -16.51 1.87 28.49
C LEU A 35 -17.37 1.33 27.35
N GLU A 36 -16.74 1.13 26.19
CA GLU A 36 -17.43 0.51 25.07
C GLU A 36 -17.66 -0.96 25.39
N ASP A 37 -18.91 -1.35 25.55
CA ASP A 37 -19.25 -2.69 25.99
C ASP A 37 -20.17 -3.43 25.02
N LYS A 38 -20.29 -2.90 23.80
CA LYS A 38 -21.15 -3.54 22.80
C LYS A 38 -20.49 -3.60 21.43
N HIS A 39 -20.66 -4.73 20.75
CA HIS A 39 -20.18 -4.90 19.38
C HIS A 39 -21.36 -5.12 18.43
N ASN A 40 -21.08 -5.30 17.14
CA ASN A 40 -22.15 -5.46 16.16
C ASN A 40 -22.32 -6.89 15.67
N GLY A 41 -21.63 -7.83 16.30
CA GLY A 41 -21.71 -9.24 15.94
C GLY A 41 -21.44 -9.50 14.47
N LYS A 42 -20.59 -8.68 13.86
CA LYS A 42 -20.26 -8.82 12.45
C LYS A 42 -18.76 -8.80 12.21
N LEU A 43 -18.31 -9.57 11.22
CA LEU A 43 -16.96 -9.41 10.69
C LEU A 43 -17.06 -8.45 9.53
N CYS A 44 -16.43 -7.30 9.64
CA CYS A 44 -16.61 -6.23 8.65
C CYS A 44 -15.36 -5.94 7.83
N LYS A 45 -15.53 -5.10 6.82
CA LYS A 45 -14.40 -4.59 6.06
C LYS A 45 -13.55 -3.74 7.00
N LEU A 46 -12.24 -3.80 6.83
CA LEU A 46 -11.33 -3.02 7.64
C LEU A 46 -10.64 -1.98 6.77
N ARG A 47 -10.95 -0.71 7.00
CA ARG A 47 -10.45 0.38 6.18
C ARG A 47 -11.07 0.35 4.79
N GLY A 48 -12.26 -0.24 4.69
CA GLY A 48 -12.97 -0.30 3.43
C GLY A 48 -12.72 -1.56 2.62
N VAL A 49 -11.75 -2.36 3.05
CA VAL A 49 -11.39 -3.59 2.34
C VAL A 49 -11.89 -4.84 3.07
N ALA A 50 -12.72 -5.62 2.39
CA ALA A 50 -13.27 -6.84 2.98
C ALA A 50 -12.18 -7.82 3.37
N PRO A 51 -12.45 -8.65 4.39
CA PRO A 51 -11.52 -9.70 4.80
C PRO A 51 -11.58 -10.88 3.82
N LEU A 52 -10.63 -11.80 3.97
CA LEU A 52 -10.61 -12.99 3.15
C LEU A 52 -11.13 -14.18 3.96
N HIS A 53 -12.35 -14.60 3.66
CA HIS A 53 -12.96 -15.71 4.38
C HIS A 53 -12.68 -17.01 3.65
N LEU A 54 -11.99 -17.93 4.31
CA LEU A 54 -11.53 -19.16 3.68
C LEU A 54 -12.52 -20.30 3.86
N GLY A 55 -13.73 -19.95 4.29
CA GLY A 55 -14.79 -20.94 4.47
C GLY A 55 -14.37 -22.11 5.33
N LYS A 56 -14.51 -23.31 4.77
CA LYS A 56 -14.20 -24.53 5.50
C LYS A 56 -12.72 -24.90 5.41
N CYS A 57 -11.93 -24.05 4.76
CA CYS A 57 -10.51 -24.31 4.58
C CYS A 57 -9.63 -23.45 5.48
N ASN A 58 -8.43 -23.94 5.75
CA ASN A 58 -7.42 -23.13 6.42
C ASN A 58 -6.38 -22.65 5.40
N ILE A 59 -5.48 -21.77 5.83
CA ILE A 59 -4.52 -21.17 4.93
C ILE A 59 -3.71 -22.21 4.14
N ALA A 60 -3.36 -23.30 4.78
CA ALA A 60 -2.61 -24.37 4.11
C ALA A 60 -3.43 -24.95 2.95
N GLY A 61 -4.69 -25.27 3.23
CA GLY A 61 -5.57 -25.81 2.22
C GLY A 61 -5.84 -24.85 1.09
N TRP A 62 -6.01 -23.57 1.43
CA TRP A 62 -6.28 -22.54 0.43
C TRP A 62 -5.10 -22.25 -0.48
N ILE A 63 -3.92 -22.07 0.12
CA ILE A 63 -2.74 -21.66 -0.63
C ILE A 63 -2.12 -22.80 -1.43
N LEU A 64 -2.32 -24.03 -0.96
CA LEU A 64 -1.80 -25.21 -1.65
C LEU A 64 -2.70 -25.63 -2.81
N GLY A 65 -4.00 -25.40 -2.64
CA GLY A 65 -4.97 -25.72 -3.68
C GLY A 65 -5.79 -26.96 -3.39
N ASN A 66 -5.94 -27.28 -2.11
CA ASN A 66 -6.81 -28.38 -1.69
C ASN A 66 -8.12 -28.35 -2.47
N PRO A 67 -8.49 -29.50 -3.08
CA PRO A 67 -9.68 -29.64 -3.93
C PRO A 67 -10.95 -29.04 -3.33
N GLU A 68 -11.04 -29.00 -2.00
CA GLU A 68 -12.24 -28.53 -1.32
C GLU A 68 -12.22 -27.01 -1.13
N CYS A 69 -11.25 -26.34 -1.73
CA CYS A 69 -11.07 -24.91 -1.51
C CYS A 69 -11.15 -24.09 -2.80
N GLU A 70 -11.73 -22.90 -2.70
CA GLU A 70 -11.87 -22.03 -3.86
C GLU A 70 -10.55 -21.35 -4.22
N SER A 71 -10.08 -21.58 -5.44
CA SER A 71 -8.85 -20.97 -5.91
C SER A 71 -9.06 -20.06 -7.11
N LEU A 72 -10.31 -19.99 -7.58
CA LEU A 72 -10.60 -19.26 -8.82
C LEU A 72 -11.00 -17.81 -8.63
N SER A 73 -11.88 -17.54 -7.69
CA SER A 73 -12.45 -16.20 -7.55
C SER A 73 -11.93 -15.44 -6.33
N THR A 74 -10.83 -15.89 -5.76
CA THR A 74 -10.24 -15.24 -4.60
C THR A 74 -9.94 -13.78 -4.91
N ALA A 75 -10.31 -12.88 -4.01
CA ALA A 75 -10.13 -11.45 -4.24
C ALA A 75 -8.67 -11.11 -4.49
N SER A 76 -8.43 -9.92 -5.05
CA SER A 76 -7.08 -9.46 -5.35
C SER A 76 -6.49 -8.70 -4.18
N SER A 77 -7.24 -8.62 -3.09
CA SER A 77 -6.80 -7.89 -1.91
C SER A 77 -7.69 -8.21 -0.71
N TRP A 78 -7.17 -7.94 0.49
CA TRP A 78 -7.93 -8.16 1.73
C TRP A 78 -7.20 -7.59 2.94
N SER A 79 -7.96 -7.05 3.88
CA SER A 79 -7.40 -6.43 5.07
C SER A 79 -7.01 -7.44 6.14
N TYR A 80 -7.67 -8.60 6.13
CA TYR A 80 -7.32 -9.67 7.06
C TYR A 80 -7.97 -10.99 6.64
N ILE A 81 -7.57 -12.07 7.30
CA ILE A 81 -8.06 -13.41 6.94
C ILE A 81 -8.96 -13.97 8.03
N VAL A 82 -9.98 -14.73 7.63
CA VAL A 82 -10.89 -15.34 8.58
C VAL A 82 -11.03 -16.84 8.36
N GLU A 83 -10.68 -17.62 9.38
CA GLU A 83 -10.94 -19.05 9.37
C GLU A 83 -12.08 -19.34 10.35
N THR A 84 -12.67 -20.52 10.25
CA THR A 84 -13.68 -20.94 11.20
C THR A 84 -13.08 -22.00 12.11
N PRO A 85 -13.52 -22.04 13.38
CA PRO A 85 -12.97 -22.97 14.36
C PRO A 85 -12.83 -24.40 13.84
N SER A 86 -13.72 -24.80 12.92
CA SER A 86 -13.74 -26.17 12.43
C SER A 86 -13.16 -26.33 11.02
N SER A 87 -12.58 -25.26 10.48
CA SER A 87 -11.98 -25.32 9.16
C SER A 87 -10.86 -26.35 9.13
N ASP A 88 -11.18 -27.56 8.66
CA ASP A 88 -10.25 -28.67 8.71
C ASP A 88 -9.50 -28.91 7.40
N ASN A 89 -10.10 -28.53 6.28
CA ASN A 89 -9.49 -28.76 4.97
C ASN A 89 -8.19 -27.99 4.76
N GLY A 90 -7.06 -28.65 5.04
CA GLY A 90 -5.76 -28.05 4.86
C GLY A 90 -4.85 -28.93 4.02
N THR A 91 -3.85 -29.54 4.66
CA THR A 91 -2.96 -30.46 3.96
C THR A 91 -3.55 -31.87 3.95
N CYS A 92 -4.32 -32.17 2.92
CA CYS A 92 -4.95 -33.48 2.78
C CYS A 92 -3.94 -34.63 2.69
N TYR A 93 -2.75 -34.35 2.17
CA TYR A 93 -1.67 -35.31 2.23
C TYR A 93 -0.78 -34.99 3.43
N PRO A 94 -0.68 -35.93 4.38
CA PRO A 94 0.03 -35.71 5.65
C PRO A 94 1.49 -35.33 5.45
N GLY A 95 1.95 -34.35 6.24
CA GLY A 95 3.33 -33.92 6.21
C GLY A 95 3.55 -32.68 7.05
N ASP A 96 4.76 -32.12 6.97
CA ASP A 96 5.10 -30.93 7.75
C ASP A 96 5.12 -29.69 6.85
N PHE A 97 4.32 -28.69 7.22
CA PHE A 97 4.30 -27.41 6.50
C PHE A 97 5.26 -26.44 7.15
N ILE A 98 6.47 -26.37 6.60
CA ILE A 98 7.55 -25.60 7.20
C ILE A 98 7.29 -24.09 7.25
N ASP A 99 7.62 -23.48 8.39
CA ASP A 99 7.42 -22.05 8.58
C ASP A 99 5.99 -21.63 8.26
N TYR A 100 5.04 -22.45 8.70
CA TYR A 100 3.62 -22.25 8.40
C TYR A 100 3.06 -20.97 9.02
N GLU A 101 3.28 -20.79 10.32
CA GLU A 101 2.77 -19.61 11.02
C GLU A 101 3.30 -18.31 10.41
N GLU A 102 4.58 -18.32 10.00
CA GLU A 102 5.18 -17.15 9.38
C GLU A 102 4.48 -16.81 8.06
N LEU A 103 4.20 -17.84 7.26
CA LEU A 103 3.48 -17.66 6.02
C LEU A 103 2.09 -17.08 6.28
N ARG A 104 1.36 -17.69 7.20
CA ARG A 104 0.04 -17.20 7.59
C ARG A 104 0.11 -15.71 7.93
N GLU A 105 1.11 -15.35 8.72
CA GLU A 105 1.33 -13.97 9.14
C GLU A 105 1.57 -13.05 7.95
N GLN A 106 2.45 -13.49 7.06
CA GLN A 106 2.88 -12.66 5.92
C GLN A 106 1.80 -12.52 4.86
N LEU A 107 0.78 -13.35 4.94
CA LEU A 107 -0.35 -13.28 4.03
C LEU A 107 -1.56 -12.60 4.69
N SER A 108 -1.39 -12.19 5.94
CA SER A 108 -2.49 -11.64 6.71
C SER A 108 -3.14 -10.44 6.03
N SER A 109 -2.34 -9.68 5.29
CA SER A 109 -2.85 -8.52 4.57
C SER A 109 -2.12 -8.32 3.25
N VAL A 110 -2.87 -8.02 2.20
CA VAL A 110 -2.31 -7.87 0.87
C VAL A 110 -3.11 -6.86 0.05
N SER A 111 -2.40 -6.05 -0.73
CA SER A 111 -3.03 -5.04 -1.56
C SER A 111 -3.18 -5.52 -3.00
N SER A 112 -2.41 -6.54 -3.36
CA SER A 112 -2.46 -7.12 -4.70
C SER A 112 -2.14 -8.60 -4.66
N PHE A 113 -2.98 -9.41 -5.31
CA PHE A 113 -2.84 -10.85 -5.26
C PHE A 113 -3.28 -11.49 -6.57
N GLU A 114 -2.32 -12.01 -7.32
CA GLU A 114 -2.61 -12.65 -8.60
C GLU A 114 -2.11 -14.09 -8.64
N ARG A 115 -3.06 -15.00 -8.79
CA ARG A 115 -2.74 -16.41 -9.01
C ARG A 115 -2.43 -16.62 -10.49
N PHE A 116 -1.29 -17.24 -10.78
CA PHE A 116 -0.90 -17.49 -12.16
C PHE A 116 -0.08 -18.77 -12.28
N GLU A 117 -0.15 -19.42 -13.45
CA GLU A 117 0.53 -20.68 -13.68
C GLU A 117 2.03 -20.47 -13.92
N ILE A 118 2.83 -20.72 -12.89
CA ILE A 118 4.27 -20.50 -12.98
C ILE A 118 4.94 -21.52 -13.90
N PHE A 119 4.54 -22.78 -13.74
CA PHE A 119 5.03 -23.85 -14.60
C PHE A 119 3.85 -24.53 -15.28
N PRO A 120 3.36 -23.94 -16.38
CA PRO A 120 2.17 -24.43 -17.10
C PRO A 120 2.23 -25.93 -17.35
N LYS A 121 1.17 -26.64 -16.95
CA LYS A 121 1.14 -28.10 -17.00
C LYS A 121 1.39 -28.67 -18.41
N THR A 122 0.89 -27.98 -19.42
CA THR A 122 0.93 -28.49 -20.79
C THR A 122 2.32 -28.48 -21.43
N SER A 123 3.17 -27.55 -21.01
CA SER A 123 4.44 -27.33 -21.70
C SER A 123 5.69 -27.41 -20.83
N SER A 124 5.51 -27.58 -19.52
CA SER A 124 6.64 -27.50 -18.59
C SER A 124 7.38 -28.81 -18.37
N TRP A 125 6.70 -29.94 -18.51
CA TRP A 125 7.31 -31.23 -18.17
C TRP A 125 7.13 -32.29 -19.25
N PRO A 126 7.83 -32.12 -20.39
CA PRO A 126 7.73 -33.05 -21.51
C PRO A 126 8.29 -34.44 -21.19
N ASN A 127 9.28 -34.50 -20.32
CA ASN A 127 9.93 -35.77 -20.00
C ASN A 127 9.53 -36.36 -18.64
N HIS A 128 8.37 -35.95 -18.15
CA HIS A 128 7.83 -36.50 -16.90
C HIS A 128 6.31 -36.61 -16.94
N ASP A 129 5.76 -37.46 -16.09
CA ASP A 129 4.31 -37.68 -16.06
C ASP A 129 3.64 -36.70 -15.10
N SER A 130 2.81 -35.82 -15.64
CA SER A 130 2.15 -34.81 -14.83
C SER A 130 0.65 -35.08 -14.69
N ASN A 131 0.28 -36.35 -14.74
CA ASN A 131 -1.13 -36.73 -14.64
C ASN A 131 -1.43 -37.79 -13.59
N LYS A 132 -0.49 -38.71 -13.39
CA LYS A 132 -0.69 -39.81 -12.45
C LYS A 132 -0.53 -39.39 -10.99
N GLY A 133 -0.18 -38.12 -10.79
CA GLY A 133 0.10 -37.62 -9.45
C GLY A 133 -1.15 -37.32 -8.64
N VAL A 134 -1.92 -38.35 -8.34
CA VAL A 134 -3.16 -38.18 -7.59
C VAL A 134 -3.21 -39.16 -6.42
N THR A 135 -4.17 -38.96 -5.52
CA THR A 135 -4.29 -39.80 -4.33
C THR A 135 -5.65 -39.72 -3.69
N ALA A 136 -6.03 -40.78 -3.00
CA ALA A 136 -7.30 -40.83 -2.28
C ALA A 136 -7.28 -39.91 -1.06
N ALA A 137 -6.07 -39.53 -0.63
CA ALA A 137 -5.92 -38.60 0.48
C ALA A 137 -6.52 -37.25 0.14
N CYS A 138 -6.42 -36.86 -1.12
CA CYS A 138 -7.00 -35.60 -1.60
C CYS A 138 -8.01 -35.86 -2.71
N PRO A 139 -9.19 -36.40 -2.33
CA PRO A 139 -10.22 -36.77 -3.29
C PRO A 139 -11.06 -35.56 -3.71
N HIS A 140 -11.47 -35.54 -4.97
CA HIS A 140 -12.28 -34.44 -5.47
C HIS A 140 -13.68 -34.94 -5.84
N ALA A 141 -14.09 -34.70 -7.08
CA ALA A 141 -15.40 -35.11 -7.54
C ALA A 141 -15.47 -36.63 -7.76
N GLY A 142 -15.46 -37.38 -6.66
CA GLY A 142 -15.55 -38.83 -6.71
C GLY A 142 -14.41 -39.49 -7.45
N ALA A 143 -13.18 -39.09 -7.12
CA ALA A 143 -11.99 -39.65 -7.76
C ALA A 143 -10.71 -39.16 -7.08
N LYS A 144 -9.66 -39.97 -7.16
CA LYS A 144 -8.35 -39.55 -6.68
C LYS A 144 -8.01 -38.19 -7.28
N SER A 145 -7.32 -37.35 -6.52
CA SER A 145 -6.95 -36.04 -7.01
C SER A 145 -5.76 -35.48 -6.23
N PHE A 146 -5.51 -34.19 -6.38
CA PHE A 146 -4.35 -33.58 -5.75
C PHE A 146 -4.49 -32.06 -5.72
N TYR A 147 -3.52 -31.40 -5.09
CA TYR A 147 -3.54 -29.95 -4.97
C TYR A 147 -3.60 -29.29 -6.34
N LYS A 148 -4.43 -28.25 -6.44
CA LYS A 148 -4.63 -27.56 -7.72
C LYS A 148 -3.45 -26.65 -8.07
N ASN A 149 -2.68 -26.24 -7.06
CA ASN A 149 -1.59 -25.30 -7.28
C ASN A 149 -0.21 -25.97 -7.38
N LEU A 150 -0.21 -27.29 -7.26
CA LEU A 150 1.02 -28.07 -7.35
C LEU A 150 0.85 -29.21 -8.34
N ILE A 151 1.97 -29.81 -8.72
CA ILE A 151 1.95 -30.99 -9.58
C ILE A 151 2.88 -32.07 -9.03
N TRP A 152 2.32 -33.26 -8.80
CA TRP A 152 3.09 -34.39 -8.29
C TRP A 152 3.69 -35.18 -9.46
N LEU A 153 4.84 -34.75 -9.95
CA LEU A 153 5.47 -35.41 -11.08
C LEU A 153 5.90 -36.83 -10.76
N VAL A 154 5.62 -37.74 -11.69
CA VAL A 154 6.02 -39.13 -11.56
C VAL A 154 6.74 -39.54 -12.83
N LYS A 155 7.47 -40.65 -12.77
CA LYS A 155 8.25 -41.12 -13.92
C LYS A 155 7.37 -41.34 -15.14
N LYS A 156 7.88 -40.96 -16.31
CA LYS A 156 7.21 -41.24 -17.57
C LYS A 156 7.78 -42.53 -18.14
N GLY A 157 6.93 -43.54 -18.26
CA GLY A 157 7.38 -44.86 -18.67
C GLY A 157 8.05 -45.54 -17.51
N ASN A 158 9.31 -45.93 -17.68
CA ASN A 158 10.06 -46.55 -16.60
C ASN A 158 11.18 -45.64 -16.07
N SER A 159 11.27 -44.43 -16.61
CA SER A 159 12.41 -43.57 -16.33
C SER A 159 12.03 -42.20 -15.78
N TYR A 160 12.92 -41.68 -14.94
CA TYR A 160 12.79 -40.34 -14.38
C TYR A 160 14.10 -39.58 -14.58
N PRO A 161 14.22 -38.88 -15.71
CA PRO A 161 15.43 -38.13 -16.06
C PRO A 161 15.66 -36.97 -15.09
N LYS A 162 16.85 -36.37 -15.14
CA LYS A 162 17.16 -35.24 -14.27
C LYS A 162 16.27 -34.06 -14.62
N LEU A 163 15.56 -33.56 -13.61
CA LEU A 163 14.66 -32.43 -13.79
C LEU A 163 15.39 -31.14 -13.46
N SER A 164 15.17 -30.12 -14.29
CA SER A 164 15.81 -28.82 -14.08
C SER A 164 15.00 -27.72 -14.75
N LYS A 165 14.45 -26.83 -13.94
CA LYS A 165 13.58 -25.76 -14.45
C LYS A 165 13.69 -24.54 -13.56
N SER A 166 13.73 -23.36 -14.19
CA SER A 166 13.82 -22.10 -13.45
C SER A 166 12.71 -21.13 -13.84
N TYR A 167 12.36 -20.25 -12.91
CA TYR A 167 11.39 -19.19 -13.18
C TYR A 167 11.98 -17.82 -12.82
N ILE A 168 11.98 -16.91 -13.79
CA ILE A 168 12.39 -15.53 -13.54
C ILE A 168 11.19 -14.64 -13.21
N ASN A 169 11.22 -14.02 -12.04
CA ASN A 169 10.13 -13.13 -11.61
C ASN A 169 10.09 -11.83 -12.40
N ASP A 170 9.28 -11.80 -13.46
CA ASP A 170 9.12 -10.59 -14.27
C ASP A 170 7.87 -9.83 -13.86
N LYS A 171 7.21 -10.32 -12.81
CA LYS A 171 6.08 -9.61 -12.22
C LYS A 171 6.61 -8.38 -11.50
N GLY A 172 5.79 -7.34 -11.41
CA GLY A 172 6.23 -6.10 -10.81
C GLY A 172 6.42 -6.17 -9.31
N LYS A 173 6.27 -7.38 -8.76
CA LYS A 173 6.30 -7.56 -7.32
C LYS A 173 6.77 -8.95 -6.89
N GLU A 174 6.72 -9.19 -5.59
CA GLU A 174 7.09 -10.48 -5.02
C GLU A 174 6.23 -11.62 -5.54
N VAL A 175 6.84 -12.80 -5.70
CA VAL A 175 6.13 -13.99 -6.11
C VAL A 175 6.25 -15.09 -5.06
N LEU A 176 5.13 -15.46 -4.46
CA LEU A 176 5.09 -16.57 -3.51
C LEU A 176 5.15 -17.90 -4.27
N VAL A 177 6.06 -18.77 -3.87
CA VAL A 177 6.25 -20.04 -4.56
C VAL A 177 6.29 -21.20 -3.58
N LEU A 178 5.34 -22.13 -3.71
CA LEU A 178 5.30 -23.31 -2.85
C LEU A 178 5.64 -24.56 -3.64
N TRP A 179 6.15 -25.57 -2.95
CA TRP A 179 6.44 -26.87 -3.55
C TRP A 179 6.39 -27.94 -2.47
N GLY A 180 6.57 -29.18 -2.88
CA GLY A 180 6.53 -30.29 -1.94
C GLY A 180 7.62 -31.31 -2.18
N ILE A 181 7.97 -32.04 -1.13
CA ILE A 181 8.93 -33.13 -1.22
C ILE A 181 8.29 -34.39 -0.70
N HIS A 182 7.96 -35.31 -1.60
CA HIS A 182 7.29 -36.55 -1.22
C HIS A 182 8.24 -37.58 -0.63
N HIS A 183 7.81 -38.22 0.45
CA HIS A 183 8.59 -39.26 1.10
C HIS A 183 7.81 -40.57 1.12
N PRO A 184 8.17 -41.50 0.23
CA PRO A 184 7.53 -42.83 0.21
C PRO A 184 7.73 -43.56 1.53
N SER A 185 6.92 -44.58 1.77
CA SER A 185 7.04 -45.38 2.98
C SER A 185 7.92 -46.62 2.76
N THR A 186 8.16 -46.95 1.49
CA THR A 186 8.96 -48.12 1.14
C THR A 186 9.94 -47.81 0.00
N SER A 187 10.92 -48.68 -0.19
CA SER A 187 11.88 -48.55 -1.28
C SER A 187 11.21 -48.92 -2.60
N ALA A 188 10.28 -49.87 -2.53
CA ALA A 188 9.52 -50.28 -3.71
C ALA A 188 8.67 -49.13 -4.25
N ASP A 189 8.00 -48.41 -3.35
CA ASP A 189 7.22 -47.25 -3.75
C ASP A 189 8.12 -46.16 -4.31
N GLN A 190 9.34 -46.06 -3.79
CA GLN A 190 10.31 -45.11 -4.31
C GLN A 190 10.60 -45.41 -5.78
N GLN A 191 10.87 -46.68 -6.06
CA GLN A 191 11.15 -47.11 -7.43
C GLN A 191 9.92 -47.07 -8.32
N SER A 192 8.77 -47.46 -7.76
CA SER A 192 7.52 -47.45 -8.52
C SER A 192 7.15 -46.04 -8.92
N LEU A 193 7.61 -45.06 -8.16
CA LEU A 193 7.26 -43.66 -8.41
C LEU A 193 8.31 -42.93 -9.24
N TYR A 194 9.58 -43.10 -8.87
CA TYR A 194 10.64 -42.28 -9.45
C TYR A 194 11.79 -43.09 -10.03
N GLN A 195 11.63 -44.41 -10.07
CA GLN A 195 12.64 -45.31 -10.62
C GLN A 195 13.91 -45.34 -9.80
N ASN A 196 14.56 -44.18 -9.69
CA ASN A 196 15.81 -44.03 -8.96
C ASN A 196 15.61 -44.22 -7.46
N ALA A 197 16.54 -44.91 -6.80
CA ALA A 197 16.44 -45.17 -5.38
C ALA A 197 17.09 -44.07 -4.55
N ASP A 198 18.26 -43.62 -4.99
CA ASP A 198 19.00 -42.58 -4.28
C ASP A 198 18.87 -41.24 -4.99
N THR A 199 17.83 -40.48 -4.65
CA THR A 199 17.54 -39.23 -5.33
C THR A 199 17.77 -38.02 -4.43
N TYR A 200 17.66 -36.84 -5.02
CA TYR A 200 17.82 -35.59 -4.29
C TYR A 200 16.96 -34.51 -4.96
N VAL A 201 16.69 -33.44 -4.23
CA VAL A 201 15.99 -32.29 -4.77
C VAL A 201 16.73 -31.02 -4.38
N PHE A 202 16.79 -30.05 -5.30
CA PHE A 202 17.47 -28.79 -5.02
C PHE A 202 16.64 -27.58 -5.45
N VAL A 203 16.38 -26.70 -4.49
CA VAL A 203 15.71 -25.43 -4.75
C VAL A 203 16.62 -24.30 -4.28
N CYS A 204 16.74 -23.25 -5.09
CA CYS A 204 17.58 -22.10 -4.73
C CYS A 204 17.33 -20.85 -5.56
N SER A 205 17.23 -19.71 -4.88
CA SER A 205 17.18 -18.41 -5.55
C SER A 205 18.42 -17.61 -5.17
N SER A 206 18.35 -16.30 -5.33
CA SER A 206 19.45 -15.43 -4.89
C SER A 206 19.53 -15.38 -3.37
N ARG A 207 18.41 -15.66 -2.71
CA ARG A 207 18.33 -15.57 -1.26
C ARG A 207 18.11 -16.94 -0.63
N TYR A 208 17.41 -17.82 -1.33
CA TYR A 208 17.02 -19.11 -0.80
C TYR A 208 17.92 -20.23 -1.34
N SER A 209 18.05 -21.32 -0.58
CA SER A 209 18.83 -22.48 -1.00
C SER A 209 18.66 -23.64 -0.02
N LYS A 210 18.33 -24.81 -0.54
CA LYS A 210 18.17 -25.99 0.30
C LYS A 210 18.16 -27.28 -0.52
N LYS A 211 18.93 -28.26 -0.06
CA LYS A 211 19.00 -29.56 -0.72
C LYS A 211 18.21 -30.61 0.06
N PHE A 212 17.15 -31.12 -0.55
CA PHE A 212 16.29 -32.10 0.09
C PHE A 212 16.67 -33.52 -0.30
N LYS A 213 16.45 -34.46 0.61
CA LYS A 213 16.75 -35.86 0.37
C LYS A 213 15.61 -36.72 0.90
N PRO A 214 15.10 -37.64 0.07
CA PRO A 214 13.97 -38.49 0.48
C PRO A 214 14.30 -39.29 1.73
N GLU A 215 13.37 -39.25 2.69
CA GLU A 215 13.53 -39.96 3.95
C GLU A 215 12.44 -41.02 4.05
N ILE A 216 12.81 -42.26 3.75
CA ILE A 216 11.84 -43.33 3.57
C ILE A 216 11.65 -44.22 4.80
N ALA A 217 10.41 -44.33 5.26
CA ALA A 217 10.08 -45.19 6.38
C ALA A 217 8.57 -45.30 6.52
N ILE A 218 8.11 -46.32 7.24
CA ILE A 218 6.68 -46.51 7.45
C ILE A 218 6.23 -45.79 8.72
N CYS A 219 5.51 -44.68 8.54
CA CYS A 219 5.00 -43.90 9.66
C CYS A 219 3.52 -44.19 9.87
N PRO A 220 3.00 -43.85 11.06
CA PRO A 220 1.59 -44.06 11.38
C PRO A 220 0.68 -43.52 10.27
N LYS A 221 -0.43 -44.21 10.02
CA LYS A 221 -1.32 -43.85 8.93
C LYS A 221 -2.15 -42.61 9.24
N VAL A 222 -2.11 -41.65 8.33
CA VAL A 222 -2.88 -40.42 8.47
C VAL A 222 -3.62 -40.13 7.17
N ARG A 223 -4.94 -40.07 7.23
CA ARG A 223 -5.76 -39.97 6.04
C ARG A 223 -5.42 -41.10 5.07
N ASP A 224 -5.07 -42.25 5.63
CA ASP A 224 -4.81 -43.47 4.87
C ASP A 224 -3.46 -43.48 4.17
N GLN A 225 -2.53 -42.67 4.66
CA GLN A 225 -1.20 -42.58 4.05
C GLN A 225 -0.10 -42.91 5.06
N GLU A 226 0.82 -43.79 4.66
CA GLU A 226 1.95 -44.15 5.50
C GLU A 226 3.16 -43.30 5.15
N GLY A 227 3.15 -42.75 3.94
CA GLY A 227 4.20 -41.86 3.49
C GLY A 227 3.95 -40.43 3.94
N ARG A 228 4.91 -39.56 3.67
CA ARG A 228 4.78 -38.16 4.07
C ARG A 228 5.10 -37.21 2.91
N MET A 229 4.50 -36.03 2.96
CA MET A 229 4.78 -34.99 1.97
C MET A 229 5.01 -33.66 2.67
N ASN A 230 6.24 -33.17 2.61
CA ASN A 230 6.61 -31.91 3.27
C ASN A 230 6.43 -30.71 2.36
N TYR A 231 5.95 -29.61 2.92
CA TYR A 231 5.63 -28.42 2.13
C TYR A 231 6.56 -27.25 2.48
N TYR A 232 7.09 -26.63 1.44
CA TYR A 232 8.02 -25.52 1.61
C TYR A 232 7.60 -24.32 0.75
N TRP A 233 8.19 -23.17 1.01
CA TRP A 233 7.82 -21.96 0.31
C TRP A 233 8.88 -20.90 0.48
N THR A 234 8.77 -19.83 -0.31
CA THR A 234 9.65 -18.67 -0.18
C THR A 234 9.15 -17.57 -1.07
N LEU A 235 9.52 -16.33 -0.74
CA LEU A 235 9.09 -15.19 -1.52
C LEU A 235 10.18 -14.74 -2.48
N VAL A 236 9.94 -14.95 -3.78
CA VAL A 236 10.91 -14.56 -4.80
C VAL A 236 10.71 -13.09 -5.16
N GLU A 237 11.74 -12.28 -4.87
CA GLU A 237 11.67 -10.86 -5.14
C GLU A 237 11.79 -10.53 -6.63
N PRO A 238 11.21 -9.41 -7.04
CA PRO A 238 11.16 -9.00 -8.46
C PRO A 238 12.54 -8.96 -9.10
N GLY A 239 12.69 -9.63 -10.23
CA GLY A 239 13.96 -9.66 -10.94
C GLY A 239 14.76 -10.91 -10.65
N ASP A 240 14.51 -11.51 -9.49
CA ASP A 240 15.27 -12.69 -9.08
C ASP A 240 14.72 -13.97 -9.71
N LYS A 241 15.55 -15.01 -9.69
CA LYS A 241 15.17 -16.29 -10.28
C LYS A 241 15.18 -17.39 -9.22
N ILE A 242 14.29 -18.37 -9.38
CA ILE A 242 14.29 -19.55 -8.51
C ILE A 242 14.43 -20.84 -9.34
N THR A 243 15.34 -21.70 -8.93
CA THR A 243 15.67 -22.88 -9.72
C THR A 243 15.25 -24.18 -9.03
N PHE A 244 14.71 -25.10 -9.83
CA PHE A 244 14.32 -26.42 -9.33
C PHE A 244 15.09 -27.52 -10.04
N GLU A 245 15.66 -28.42 -9.25
CA GLU A 245 16.47 -29.51 -9.77
C GLU A 245 16.17 -30.77 -8.98
N ALA A 246 15.94 -31.87 -9.66
CA ALA A 246 15.53 -33.09 -8.96
C ALA A 246 15.74 -34.37 -9.76
N THR A 247 15.94 -35.46 -9.03
CA THR A 247 15.98 -36.79 -9.62
C THR A 247 14.84 -37.63 -9.07
N GLY A 248 13.89 -36.97 -8.43
CA GLY A 248 12.70 -37.63 -7.90
C GLY A 248 12.12 -36.93 -6.68
N ASN A 249 10.95 -37.40 -6.24
CA ASN A 249 10.33 -36.94 -5.00
C ASN A 249 9.97 -35.46 -4.97
N LEU A 250 10.08 -34.79 -6.12
CA LEU A 250 9.76 -33.37 -6.17
C LEU A 250 8.31 -33.11 -6.57
N VAL A 251 7.55 -32.52 -5.65
CA VAL A 251 6.20 -32.06 -5.95
C VAL A 251 6.31 -30.64 -6.49
N VAL A 252 6.28 -30.54 -7.81
CA VAL A 252 6.58 -29.30 -8.51
C VAL A 252 5.50 -28.23 -8.35
N PRO A 253 5.93 -26.96 -8.40
CA PRO A 253 5.02 -25.81 -8.40
C PRO A 253 4.26 -25.72 -9.72
N ARG A 254 2.96 -25.49 -9.67
CA ARG A 254 2.18 -25.24 -10.87
C ARG A 254 1.64 -23.83 -10.88
N TYR A 255 1.10 -23.40 -9.74
CA TYR A 255 0.60 -22.04 -9.59
C TYR A 255 1.36 -21.29 -8.50
N ALA A 256 1.67 -20.03 -8.79
CA ALA A 256 2.32 -19.15 -7.81
C ALA A 256 1.51 -17.88 -7.65
N PHE A 257 1.90 -17.03 -6.70
CA PHE A 257 1.11 -15.85 -6.39
C PHE A 257 1.94 -14.57 -6.37
N ALA A 258 1.61 -13.64 -7.26
CA ALA A 258 2.21 -12.31 -7.24
C ALA A 258 1.48 -11.45 -6.21
N MET A 259 2.22 -10.77 -5.36
CA MET A 259 1.59 -10.07 -4.24
C MET A 259 2.38 -8.87 -3.71
N GLU A 260 1.63 -7.86 -3.26
CA GLU A 260 2.21 -6.74 -2.52
C GLU A 260 1.63 -6.76 -1.11
N ARG A 261 2.48 -7.03 -0.13
CA ARG A 261 2.02 -7.20 1.26
C ARG A 261 1.74 -5.86 1.93
N ASN A 262 0.69 -5.83 2.75
CA ASN A 262 0.37 -4.66 3.55
C ASN A 262 0.79 -4.85 5.01
N ALA A 263 1.88 -4.19 5.37
CA ALA A 263 2.49 -4.32 6.71
C ALA A 263 1.50 -4.69 7.81
N GLY A 264 1.61 -5.92 8.30
CA GLY A 264 0.86 -6.34 9.47
C GLY A 264 -0.47 -7.00 9.18
N SER A 265 -1.40 -6.84 10.14
CA SER A 265 -2.71 -7.48 10.15
C SER A 265 -2.66 -8.85 10.82
N GLY A 266 -3.80 -9.51 10.91
CA GLY A 266 -3.89 -10.76 11.63
C GLY A 266 -4.88 -11.73 11.03
N ILE A 267 -5.13 -12.82 11.75
CA ILE A 267 -5.99 -13.89 11.27
C ILE A 267 -7.04 -14.28 12.32
N ILE A 268 -8.27 -13.85 12.10
CA ILE A 268 -9.37 -14.15 13.02
C ILE A 268 -9.96 -15.53 12.75
N ILE A 269 -10.18 -16.30 13.81
CA ILE A 269 -10.79 -17.62 13.69
C ILE A 269 -12.12 -17.66 14.42
N SER A 270 -13.19 -17.40 13.69
CA SER A 270 -14.51 -17.28 14.30
C SER A 270 -15.65 -17.70 13.40
N ASP A 271 -16.76 -18.12 14.02
CA ASP A 271 -17.97 -18.47 13.29
C ASP A 271 -18.76 -17.23 12.93
N THR A 272 -18.44 -16.11 13.57
CA THR A 272 -19.12 -14.84 13.31
C THR A 272 -19.16 -14.56 11.81
N PRO A 273 -20.37 -14.30 11.28
CA PRO A 273 -20.58 -14.09 9.84
C PRO A 273 -19.97 -12.80 9.35
N VAL A 274 -19.71 -12.74 8.05
CA VAL A 274 -19.19 -11.53 7.40
C VAL A 274 -20.33 -10.71 6.83
N HIS A 275 -20.17 -9.39 6.80
CA HIS A 275 -21.20 -8.50 6.26
C HIS A 275 -20.59 -7.36 5.47
N ASP A 276 -21.44 -6.55 4.87
CA ASP A 276 -21.00 -5.41 4.06
C ASP A 276 -20.85 -4.16 4.93
N CYS A 277 -20.38 -4.37 6.17
CA CYS A 277 -20.18 -3.27 7.11
C CYS A 277 -18.74 -2.77 7.10
N ASN A 278 -18.55 -1.52 7.54
CA ASN A 278 -17.23 -0.90 7.58
C ASN A 278 -16.84 -0.53 9.01
N THR A 279 -15.66 -0.98 9.44
CA THR A 279 -15.19 -0.73 10.80
C THR A 279 -13.74 -0.27 10.80
N THR A 280 -13.24 0.08 11.98
CA THR A 280 -11.84 0.45 12.13
C THR A 280 -11.22 -0.35 13.27
N CYS A 281 -12.04 -1.19 13.89
CA CYS A 281 -11.58 -2.06 14.96
C CYS A 281 -12.39 -3.34 14.94
N GLN A 282 -11.74 -4.44 14.61
CA GLN A 282 -12.42 -5.73 14.46
C GLN A 282 -12.09 -6.69 15.60
N THR A 283 -13.11 -7.44 16.01
CA THR A 283 -12.99 -8.40 17.09
C THR A 283 -13.47 -9.77 16.61
N PRO A 284 -12.90 -10.85 17.15
CA PRO A 284 -13.29 -12.21 16.77
C PRO A 284 -14.77 -12.50 16.96
N LYS A 285 -15.52 -11.58 17.56
CA LYS A 285 -16.95 -11.80 17.74
C LYS A 285 -17.79 -10.60 17.33
N GLY A 286 -17.17 -9.63 16.67
CA GLY A 286 -17.89 -8.48 16.15
C GLY A 286 -17.08 -7.20 16.20
N ALA A 287 -17.42 -6.25 15.33
CA ALA A 287 -16.73 -4.97 15.29
C ALA A 287 -17.27 -4.02 16.35
N ILE A 288 -16.49 -2.99 16.66
CA ILE A 288 -16.90 -2.02 17.66
C ILE A 288 -16.57 -0.60 17.19
N ASN A 289 -17.30 0.38 17.73
CA ASN A 289 -17.08 1.78 17.38
C ASN A 289 -15.97 2.41 18.23
N THR A 290 -15.00 3.01 17.56
CA THR A 290 -13.80 3.51 18.22
C THR A 290 -13.95 4.94 18.73
N SER A 291 -15.11 5.25 19.29
CA SER A 291 -15.32 6.55 19.91
C SER A 291 -14.75 6.57 21.32
N LEU A 292 -15.21 5.65 22.15
CA LEU A 292 -14.76 5.54 23.53
C LEU A 292 -13.34 4.99 23.60
N PRO A 293 -12.60 5.35 24.66
CA PRO A 293 -11.19 4.99 24.81
C PRO A 293 -10.98 3.57 25.36
N PHE A 294 -11.97 3.01 26.04
CA PHE A 294 -11.83 1.68 26.63
C PHE A 294 -12.90 0.71 26.16
N GLN A 295 -12.50 -0.54 25.96
CA GLN A 295 -13.44 -1.60 25.57
C GLN A 295 -13.20 -2.88 26.37
N ASN A 296 -14.27 -3.62 26.62
CA ASN A 296 -14.19 -4.86 27.37
C ASN A 296 -14.79 -6.03 26.61
N ILE A 297 -14.82 -5.89 25.29
CA ILE A 297 -15.38 -6.92 24.41
C ILE A 297 -14.42 -8.09 24.22
N HIS A 298 -13.18 -7.79 23.86
CA HIS A 298 -12.21 -8.82 23.52
C HIS A 298 -10.80 -8.20 23.44
N PRO A 299 -9.82 -8.86 24.07
CA PRO A 299 -8.44 -8.35 24.10
C PRO A 299 -7.75 -8.46 22.75
N ILE A 300 -8.12 -9.46 21.96
CA ILE A 300 -7.48 -9.67 20.66
C ILE A 300 -8.24 -8.95 19.55
N THR A 301 -7.71 -7.81 19.11
CA THR A 301 -8.37 -7.01 18.10
C THR A 301 -7.45 -6.59 16.97
N ILE A 302 -8.04 -6.08 15.89
CA ILE A 302 -7.28 -5.63 14.74
C ILE A 302 -7.73 -4.25 14.27
N GLY A 303 -6.77 -3.34 14.14
CA GLY A 303 -7.06 -1.99 13.71
C GLY A 303 -6.81 -0.98 14.81
N LYS A 304 -7.32 0.23 14.62
CA LYS A 304 -7.24 1.27 15.64
C LYS A 304 -8.37 1.07 16.66
N CYS A 305 -8.03 0.45 17.79
CA CYS A 305 -9.03 0.06 18.77
C CYS A 305 -8.86 0.75 20.11
N PRO A 306 -9.96 0.84 20.89
CA PRO A 306 -9.89 1.29 22.29
C PRO A 306 -9.11 0.27 23.11
N LYS A 307 -8.44 0.73 24.15
CA LYS A 307 -7.67 -0.18 24.99
C LYS A 307 -8.56 -1.15 25.76
N TYR A 308 -8.16 -2.40 25.83
CA TYR A 308 -8.96 -3.42 26.49
C TYR A 308 -8.83 -3.35 28.01
N VAL A 309 -9.95 -3.53 28.71
CA VAL A 309 -9.96 -3.48 30.16
C VAL A 309 -10.89 -4.54 30.73
N LYS A 310 -10.67 -4.91 31.98
CA LYS A 310 -11.52 -5.88 32.65
C LYS A 310 -12.67 -5.21 33.39
N SER A 311 -12.84 -3.91 33.16
CA SER A 311 -13.92 -3.15 33.76
C SER A 311 -15.28 -3.62 33.24
N THR A 312 -16.29 -3.49 34.09
CA THR A 312 -17.66 -3.79 33.69
C THR A 312 -18.45 -2.50 33.53
N LYS A 313 -17.92 -1.42 34.10
CA LYS A 313 -18.53 -0.11 33.98
C LYS A 313 -17.53 1.01 34.30
N LEU A 314 -17.43 1.98 33.40
CA LEU A 314 -16.60 3.15 33.64
C LEU A 314 -17.43 4.40 33.46
N ARG A 315 -18.49 4.51 34.26
CA ARG A 315 -19.40 5.64 34.18
C ARG A 315 -18.78 6.88 34.81
N LEU A 316 -18.69 7.94 34.01
CA LEU A 316 -18.06 9.18 34.43
C LEU A 316 -19.11 10.26 34.71
N ALA A 317 -19.17 10.71 35.95
CA ALA A 317 -20.10 11.77 36.34
C ALA A 317 -19.85 13.05 35.54
N THR A 318 -20.93 13.70 35.11
CA THR A 318 -20.85 14.98 34.44
C THR A 318 -21.69 16.01 35.18
N GLY A 319 -22.83 15.57 35.70
CA GLY A 319 -23.69 16.42 36.50
C GLY A 319 -23.31 16.35 37.96
N LEU A 320 -24.23 16.74 38.84
CA LEU A 320 -23.97 16.72 40.28
C LEU A 320 -24.72 15.61 40.98
N ARG A 321 -24.42 15.41 42.26
CA ARG A 321 -25.14 14.41 43.06
C ARG A 321 -26.62 14.73 43.03
N ASN A 322 -27.44 13.70 42.87
CA ASN A 322 -28.89 13.89 42.79
C ASN A 322 -29.58 13.67 44.13
N ILE A 323 -30.22 14.73 44.63
CA ILE A 323 -30.91 14.69 45.91
C ILE A 323 -32.28 15.36 45.80
N PRO A 324 -33.29 14.60 45.33
CA PRO A 324 -34.66 15.12 45.20
C PRO A 324 -35.42 15.01 46.51
N SER A 325 -35.19 13.92 47.25
CA SER A 325 -35.89 13.65 48.51
C SER A 325 -37.37 13.38 48.31
N GLY B 1 -18.93 16.97 50.87
CA GLY B 1 -18.68 18.06 49.95
C GLY B 1 -17.44 18.83 50.33
N LEU B 2 -16.48 18.93 49.40
CA LEU B 2 -15.23 19.59 49.68
C LEU B 2 -15.45 21.06 50.02
N PHE B 3 -16.45 21.66 49.40
CA PHE B 3 -16.75 23.07 49.62
C PHE B 3 -17.98 23.25 50.51
N GLY B 4 -18.52 22.14 51.01
CA GLY B 4 -19.58 22.17 51.98
C GLY B 4 -20.89 22.80 51.55
N ALA B 5 -21.10 22.97 50.25
CA ALA B 5 -22.35 23.52 49.75
C ALA B 5 -23.38 22.43 49.49
N ILE B 6 -23.24 21.74 48.36
CA ILE B 6 -24.14 20.65 48.01
C ILE B 6 -24.12 19.58 49.09
N ALA B 7 -25.30 19.19 49.57
CA ALA B 7 -25.41 18.23 50.66
C ALA B 7 -24.67 18.73 51.90
N GLY B 8 -24.47 20.04 51.96
CA GLY B 8 -23.81 20.68 53.08
C GLY B 8 -24.75 21.60 53.82
N PHE B 9 -24.58 22.91 53.63
CA PHE B 9 -25.50 23.87 54.23
C PHE B 9 -26.71 24.10 53.32
N ILE B 10 -26.66 23.52 52.12
CA ILE B 10 -27.83 23.43 51.26
C ILE B 10 -28.18 21.94 51.12
N GLU B 11 -29.08 21.48 51.98
CA GLU B 11 -29.33 20.05 52.18
C GLU B 11 -29.75 19.26 50.94
N GLY B 12 -30.55 19.87 50.06
CA GLY B 12 -31.07 19.15 48.92
C GLY B 12 -31.18 19.96 47.63
N GLY B 13 -31.42 19.27 46.54
CA GLY B 13 -31.57 19.90 45.24
C GLY B 13 -33.01 20.23 44.91
N TRP B 14 -33.20 20.93 43.80
CA TRP B 14 -34.53 21.38 43.39
C TRP B 14 -35.02 20.66 42.16
N THR B 15 -36.01 19.79 42.33
CA THR B 15 -36.70 19.20 41.18
C THR B 15 -37.48 20.28 40.45
N GLY B 16 -37.82 21.34 41.18
CA GLY B 16 -38.56 22.45 40.63
C GLY B 16 -37.76 23.23 39.59
N MET B 17 -36.46 23.33 39.82
CA MET B 17 -35.57 24.00 38.88
C MET B 17 -35.07 23.01 37.83
N VAL B 18 -35.63 23.08 36.64
CA VAL B 18 -35.39 22.08 35.61
C VAL B 18 -34.70 22.64 34.37
N ASP B 19 -34.33 23.92 34.43
CA ASP B 19 -33.71 24.57 33.28
C ASP B 19 -32.23 24.91 33.49
N GLY B 20 -31.60 24.27 34.48
CA GLY B 20 -30.21 24.52 34.76
C GLY B 20 -29.64 23.71 35.93
N TRP B 21 -28.33 23.76 36.09
CA TRP B 21 -27.64 23.07 37.17
C TRP B 21 -27.73 23.86 38.48
N TYR B 22 -27.37 25.14 38.40
CA TYR B 22 -27.40 26.00 39.57
C TYR B 22 -28.39 27.13 39.33
N GLY B 23 -29.03 27.61 40.39
CA GLY B 23 -30.00 28.68 40.26
C GLY B 23 -30.55 29.22 41.56
N TYR B 24 -31.67 29.94 41.46
CA TYR B 24 -32.27 30.61 42.60
C TYR B 24 -33.72 30.20 42.80
N HIS B 25 -34.25 30.55 43.97
CA HIS B 25 -35.68 30.42 44.25
C HIS B 25 -36.14 31.62 45.05
N HIS B 26 -36.78 32.58 44.36
CA HIS B 26 -37.23 33.80 45.00
C HIS B 26 -38.65 33.68 45.55
N GLN B 27 -38.96 34.49 46.56
CA GLN B 27 -40.29 34.53 47.14
C GLN B 27 -40.57 35.91 47.73
N ASN B 28 -41.60 36.57 47.21
CA ASN B 28 -41.98 37.90 47.65
C ASN B 28 -43.48 38.13 47.55
N GLU B 29 -43.89 39.40 47.64
CA GLU B 29 -45.30 39.77 47.56
C GLU B 29 -45.91 39.42 46.20
N GLN B 30 -45.06 39.24 45.18
CA GLN B 30 -45.54 38.92 43.86
C GLN B 30 -45.50 37.41 43.58
N GLY B 31 -45.42 36.63 44.64
CA GLY B 31 -45.42 35.18 44.52
C GLY B 31 -44.05 34.56 44.67
N SER B 32 -43.89 33.37 44.10
CA SER B 32 -42.62 32.65 44.15
C SER B 32 -42.37 31.94 42.83
N GLY B 33 -41.20 31.31 42.71
CA GLY B 33 -40.84 30.59 41.50
C GLY B 33 -39.39 30.16 41.44
N TYR B 34 -39.09 29.25 40.52
CA TYR B 34 -37.73 28.75 40.33
C TYR B 34 -37.06 29.43 39.13
N ALA B 35 -35.74 29.59 39.22
CA ALA B 35 -34.96 30.18 38.15
C ALA B 35 -33.55 29.61 38.13
N ALA B 36 -32.99 29.46 36.94
CA ALA B 36 -31.64 28.91 36.81
C ALA B 36 -30.65 29.98 36.36
N ASP B 37 -29.50 30.02 37.02
CA ASP B 37 -28.45 30.96 36.63
C ASP B 37 -27.81 30.48 35.32
N LEU B 38 -28.23 31.08 34.22
CA LEU B 38 -27.86 30.62 32.89
C LEU B 38 -26.35 30.73 32.62
N LYS B 39 -25.74 31.81 33.08
CA LYS B 39 -24.33 32.06 32.80
C LYS B 39 -23.41 31.03 33.45
N SER B 40 -23.61 30.83 34.76
CA SER B 40 -22.77 29.88 35.50
C SER B 40 -23.04 28.45 35.07
N THR B 41 -24.30 28.15 34.76
CA THR B 41 -24.68 26.82 34.29
C THR B 41 -24.07 26.53 32.92
N GLN B 42 -24.00 27.55 32.08
CA GLN B 42 -23.45 27.39 30.73
C GLN B 42 -21.95 27.12 30.78
N ASN B 43 -21.22 27.96 31.51
CA ASN B 43 -19.79 27.78 31.72
C ASN B 43 -19.48 26.39 32.26
N ALA B 44 -20.33 25.92 33.17
CA ALA B 44 -20.16 24.60 33.75
C ALA B 44 -20.28 23.53 32.67
N ILE B 45 -21.26 23.66 31.80
CA ILE B 45 -21.46 22.71 30.70
C ILE B 45 -20.25 22.69 29.78
N ASP B 46 -19.82 23.86 29.33
CA ASP B 46 -18.69 23.98 28.42
C ASP B 46 -17.44 23.33 28.99
N GLU B 47 -17.16 23.60 30.26
CA GLU B 47 -15.95 23.09 30.90
C GLU B 47 -16.01 21.58 31.18
N ILE B 48 -17.20 21.08 31.45
CA ILE B 48 -17.36 19.64 31.68
C ILE B 48 -17.27 18.86 30.38
N THR B 49 -17.81 19.43 29.31
CA THR B 49 -17.73 18.80 27.99
C THR B 49 -16.29 18.78 27.50
N ASN B 50 -15.54 19.82 27.84
CA ASN B 50 -14.12 19.89 27.50
C ASN B 50 -13.31 18.91 28.34
N LYS B 51 -13.84 18.55 29.49
CA LYS B 51 -13.21 17.57 30.37
C LYS B 51 -13.48 16.16 29.87
N VAL B 52 -14.67 15.95 29.31
CA VAL B 52 -15.03 14.66 28.78
C VAL B 52 -14.29 14.41 27.47
N ASN B 53 -14.20 15.44 26.65
CA ASN B 53 -13.49 15.33 25.38
C ASN B 53 -12.01 15.09 25.57
N SER B 54 -11.44 15.68 26.61
CA SER B 54 -10.01 15.50 26.89
C SER B 54 -9.71 14.07 27.27
N VAL B 55 -10.56 13.47 28.10
CA VAL B 55 -10.38 12.08 28.51
C VAL B 55 -10.52 11.13 27.33
N ILE B 56 -11.28 11.56 26.32
CA ILE B 56 -11.60 10.70 25.18
C ILE B 56 -10.69 10.93 23.98
N GLU B 57 -10.41 12.21 23.69
CA GLU B 57 -9.66 12.56 22.49
C GLU B 57 -8.14 12.39 22.67
N LYS B 58 -7.68 12.37 23.91
CA LYS B 58 -6.25 12.21 24.17
C LYS B 58 -5.79 10.78 23.92
N MET B 59 -6.75 9.87 23.81
CA MET B 59 -6.45 8.48 23.54
C MET B 59 -6.30 8.22 22.04
N ASN B 60 -5.08 8.39 21.56
CA ASN B 60 -4.77 8.11 20.16
C ASN B 60 -4.03 6.79 20.05
N THR B 61 -4.62 5.82 19.36
CA THR B 61 -4.11 4.46 19.34
C THR B 61 -3.46 4.05 18.02
N GLN B 62 -2.35 3.32 18.13
CA GLN B 62 -1.67 2.80 16.96
C GLN B 62 -2.50 1.70 16.32
N PHE B 63 -2.31 1.50 15.02
CA PHE B 63 -2.90 0.35 14.34
C PHE B 63 -2.15 -0.89 14.78
N THR B 64 -2.89 -1.88 15.25
CA THR B 64 -2.26 -3.07 15.80
C THR B 64 -3.14 -4.31 15.68
N ALA B 65 -2.53 -5.40 15.21
CA ALA B 65 -3.17 -6.70 15.23
C ALA B 65 -2.62 -7.46 16.43
N VAL B 66 -3.38 -7.44 17.52
CA VAL B 66 -2.93 -8.02 18.77
C VAL B 66 -2.60 -9.50 18.65
N GLY B 67 -3.37 -10.23 17.84
CA GLY B 67 -3.23 -11.66 17.71
C GLY B 67 -1.88 -12.14 17.18
N LYS B 68 -1.37 -13.22 17.77
CA LYS B 68 -0.16 -13.87 17.29
C LYS B 68 -0.34 -15.39 17.32
N GLU B 69 0.38 -16.08 16.45
CA GLU B 69 0.28 -17.54 16.38
C GLU B 69 1.65 -18.22 16.54
N PHE B 70 1.71 -19.16 17.47
CA PHE B 70 2.95 -19.90 17.73
C PHE B 70 2.66 -21.40 17.76
N ASN B 71 3.61 -22.18 17.26
CA ASN B 71 3.47 -23.64 17.22
C ASN B 71 3.83 -24.31 18.54
N HIS B 72 3.79 -25.64 18.56
CA HIS B 72 3.98 -26.40 19.79
C HIS B 72 5.39 -26.29 20.36
N LEU B 73 6.31 -25.75 19.56
CA LEU B 73 7.70 -25.60 19.98
C LEU B 73 8.08 -24.12 20.11
N GLU B 74 7.08 -23.26 20.25
CA GLU B 74 7.31 -21.84 20.47
C GLU B 74 6.52 -21.38 21.68
N LYS B 75 6.57 -22.18 22.74
CA LYS B 75 5.79 -21.92 23.95
C LYS B 75 6.30 -20.72 24.72
N ARG B 76 7.62 -20.50 24.69
CA ARG B 76 8.23 -19.40 25.43
C ARG B 76 7.83 -18.04 24.88
N ILE B 77 7.98 -17.86 23.57
CA ILE B 77 7.60 -16.60 22.93
C ILE B 77 6.09 -16.40 22.99
N GLU B 78 5.34 -17.50 23.05
CA GLU B 78 3.90 -17.42 23.20
C GLU B 78 3.53 -16.86 24.56
N ASN B 79 4.29 -17.26 25.57
CA ASN B 79 4.08 -16.76 26.93
C ASN B 79 4.64 -15.35 27.09
N LEU B 80 5.68 -15.03 26.34
CA LEU B 80 6.20 -13.68 26.29
C LEU B 80 5.14 -12.75 25.73
N ASN B 81 4.57 -13.14 24.59
CA ASN B 81 3.49 -12.39 23.97
C ASN B 81 2.30 -12.24 24.90
N LYS B 82 1.97 -13.32 25.61
CA LYS B 82 0.87 -13.30 26.56
C LYS B 82 1.13 -12.30 27.68
N LYS B 83 2.36 -12.31 28.20
CA LYS B 83 2.75 -11.40 29.26
C LYS B 83 2.63 -9.94 28.80
N VAL B 84 2.91 -9.68 27.54
CA VAL B 84 2.82 -8.33 27.00
C VAL B 84 1.38 -7.86 26.94
N ASP B 85 0.49 -8.72 26.46
CA ASP B 85 -0.93 -8.41 26.40
C ASP B 85 -1.53 -8.26 27.80
N ASP B 86 -1.17 -9.17 28.70
CA ASP B 86 -1.62 -9.10 30.09
C ASP B 86 -1.08 -7.86 30.79
N GLY B 87 0.13 -7.45 30.41
CA GLY B 87 0.74 -6.26 30.97
C GLY B 87 -0.05 -5.02 30.64
N PHE B 88 -0.41 -4.85 29.37
CA PHE B 88 -1.21 -3.72 28.94
C PHE B 88 -2.59 -3.75 29.58
N LEU B 89 -3.12 -4.97 29.75
CA LEU B 89 -4.41 -5.17 30.38
C LEU B 89 -4.42 -4.61 31.80
N ASP B 90 -3.49 -5.06 32.62
CA ASP B 90 -3.42 -4.63 34.01
C ASP B 90 -3.08 -3.14 34.13
N ILE B 91 -2.27 -2.63 33.20
CA ILE B 91 -1.91 -1.22 33.19
C ILE B 91 -3.10 -0.33 32.84
N TRP B 92 -3.80 -0.68 31.77
CA TRP B 92 -4.94 0.10 31.32
C TRP B 92 -6.15 -0.04 32.24
N THR B 93 -6.40 -1.26 32.73
CA THR B 93 -7.53 -1.50 33.61
C THR B 93 -7.41 -0.66 34.89
N TYR B 94 -6.23 -0.70 35.49
CA TYR B 94 -5.98 0.02 36.74
C TYR B 94 -6.08 1.53 36.53
N ASN B 95 -5.47 2.02 35.46
CA ASN B 95 -5.50 3.45 35.15
C ASN B 95 -6.90 3.94 34.83
N ALA B 96 -7.65 3.15 34.07
CA ALA B 96 -9.01 3.51 33.71
C ALA B 96 -9.88 3.67 34.95
N GLU B 97 -9.92 2.63 35.79
CA GLU B 97 -10.75 2.66 36.98
C GLU B 97 -10.46 3.85 37.89
N LEU B 98 -9.19 4.05 38.22
CA LEU B 98 -8.80 5.14 39.11
C LEU B 98 -9.03 6.51 38.48
N LEU B 99 -8.78 6.62 37.18
CA LEU B 99 -9.05 7.84 36.46
C LEU B 99 -10.52 8.20 36.61
N VAL B 100 -11.38 7.19 36.66
CA VAL B 100 -12.81 7.40 36.81
C VAL B 100 -13.16 7.78 38.23
N LEU B 101 -12.61 7.05 39.19
CA LEU B 101 -12.85 7.36 40.61
C LEU B 101 -12.43 8.78 40.94
N LEU B 102 -11.17 9.10 40.65
CA LEU B 102 -10.58 10.37 41.04
C LEU B 102 -11.22 11.56 40.34
N GLU B 103 -11.47 11.43 39.05
CA GLU B 103 -12.12 12.51 38.30
C GLU B 103 -13.57 12.69 38.70
N ASN B 104 -14.26 11.59 38.99
CA ASN B 104 -15.62 11.67 39.48
C ASN B 104 -15.70 12.50 40.74
N GLU B 105 -14.74 12.28 41.64
CA GLU B 105 -14.66 13.05 42.87
C GLU B 105 -14.45 14.53 42.59
N ARG B 106 -13.59 14.83 41.61
CA ARG B 106 -13.31 16.21 41.26
C ARG B 106 -14.50 16.90 40.61
N THR B 107 -15.26 16.15 39.83
CA THR B 107 -16.44 16.70 39.18
C THR B 107 -17.50 17.12 40.20
N LEU B 108 -17.69 16.27 41.21
CA LEU B 108 -18.65 16.58 42.27
C LEU B 108 -18.16 17.77 43.10
N ASP B 109 -16.85 17.84 43.31
CA ASP B 109 -16.26 18.98 44.00
C ASP B 109 -16.41 20.23 43.15
N TYR B 110 -16.32 20.06 41.84
CA TYR B 110 -16.45 21.15 40.90
C TYR B 110 -17.81 21.83 41.00
N HIS B 111 -18.87 21.04 40.84
CA HIS B 111 -20.23 21.56 40.97
C HIS B 111 -20.40 22.23 42.34
N ASP B 112 -19.89 21.57 43.37
CA ASP B 112 -19.98 22.07 44.73
C ASP B 112 -19.35 23.45 44.83
N SER B 113 -18.16 23.60 44.25
CA SER B 113 -17.47 24.87 44.21
C SER B 113 -18.30 25.93 43.50
N ASN B 114 -18.95 25.53 42.42
CA ASN B 114 -19.79 26.46 41.65
C ASN B 114 -20.95 26.99 42.48
N VAL B 115 -21.60 26.11 43.22
CA VAL B 115 -22.73 26.49 44.07
C VAL B 115 -22.30 27.43 45.19
N LYS B 116 -21.16 27.12 45.80
CA LYS B 116 -20.58 27.97 46.84
C LYS B 116 -20.24 29.35 46.30
N ASN B 117 -19.54 29.39 45.16
CA ASN B 117 -19.18 30.66 44.54
C ASN B 117 -20.41 31.53 44.24
N LEU B 118 -21.49 30.87 43.81
CA LEU B 118 -22.71 31.58 43.47
C LEU B 118 -23.35 32.17 44.72
N TYR B 119 -23.30 31.40 45.80
CA TYR B 119 -23.80 31.84 47.10
C TYR B 119 -23.04 33.08 47.59
N GLU B 120 -21.72 33.03 47.53
CA GLU B 120 -20.88 34.16 47.98
C GLU B 120 -21.07 35.40 47.09
N LYS B 121 -21.47 35.18 45.85
CA LYS B 121 -21.69 36.28 44.92
C LYS B 121 -22.93 37.07 45.29
N VAL B 122 -23.98 36.36 45.70
CA VAL B 122 -25.20 37.01 46.13
C VAL B 122 -25.01 37.70 47.48
N ARG B 123 -24.42 36.96 48.42
CA ARG B 123 -24.15 37.50 49.75
C ARG B 123 -23.32 38.77 49.67
N SER B 124 -22.34 38.77 48.77
CA SER B 124 -21.44 39.91 48.62
C SER B 124 -22.19 41.17 48.20
N GLN B 125 -23.25 41.00 47.42
CA GLN B 125 -24.06 42.12 46.96
C GLN B 125 -25.02 42.61 48.03
N LEU B 126 -25.72 41.67 48.66
CA LEU B 126 -26.72 42.00 49.67
C LEU B 126 -26.10 42.68 50.88
N LYS B 127 -24.87 42.27 51.21
CA LYS B 127 -24.17 42.82 52.37
C LYS B 127 -25.05 42.82 53.61
N ASN B 128 -25.50 44.01 54.00
CA ASN B 128 -26.27 44.21 55.21
C ASN B 128 -27.77 44.19 54.95
N ASN B 129 -28.17 44.53 53.73
CA ASN B 129 -29.58 44.62 53.37
C ASN B 129 -30.32 43.30 53.42
N ALA B 130 -29.64 42.24 53.85
CA ALA B 130 -30.26 40.92 53.96
C ALA B 130 -29.69 40.10 55.11
N LYS B 131 -30.37 39.00 55.42
CA LYS B 131 -29.96 38.12 56.50
C LYS B 131 -29.78 36.69 56.00
N GLU B 132 -28.80 35.99 56.55
CA GLU B 132 -28.56 34.59 56.18
C GLU B 132 -29.32 33.65 57.13
N ILE B 133 -30.47 33.16 56.67
CA ILE B 133 -31.32 32.32 57.51
C ILE B 133 -31.00 30.83 57.34
N GLY B 134 -29.91 30.53 56.65
CA GLY B 134 -29.48 29.16 56.46
C GLY B 134 -30.14 28.45 55.29
N ASN B 135 -29.74 27.19 55.08
CA ASN B 135 -30.24 26.39 53.97
C ASN B 135 -29.97 27.06 52.62
N GLY B 136 -28.99 27.96 52.60
CA GLY B 136 -28.62 28.67 51.39
C GLY B 136 -29.59 29.76 51.00
N CYS B 137 -30.33 30.28 51.98
CA CYS B 137 -31.31 31.33 51.70
C CYS B 137 -30.93 32.66 52.33
N PHE B 138 -31.40 33.74 51.70
CA PHE B 138 -31.22 35.08 52.23
C PHE B 138 -32.59 35.72 52.49
N GLU B 139 -32.77 36.24 53.70
CA GLU B 139 -33.99 37.00 54.00
C GLU B 139 -33.70 38.49 53.98
N PHE B 140 -34.28 39.18 53.01
CA PHE B 140 -34.07 40.62 52.87
C PHE B 140 -34.61 41.42 54.06
N TYR B 141 -33.93 42.51 54.38
CA TYR B 141 -34.38 43.42 55.43
C TYR B 141 -35.27 44.50 54.83
N HIS B 142 -35.33 44.54 53.50
CA HIS B 142 -36.21 45.46 52.80
C HIS B 142 -37.16 44.70 51.88
N LYS B 143 -37.99 45.44 51.15
CA LYS B 143 -38.99 44.83 50.26
C LYS B 143 -38.41 44.61 48.87
N CYS B 144 -38.01 43.38 48.59
CA CYS B 144 -37.37 43.05 47.32
C CYS B 144 -38.36 42.46 46.32
N ASP B 145 -38.86 43.28 45.41
CA ASP B 145 -39.82 42.84 44.41
C ASP B 145 -39.13 42.04 43.30
N ASN B 146 -39.88 41.79 42.22
CA ASN B 146 -39.37 41.01 41.10
C ASN B 146 -38.24 41.71 40.33
N THR B 147 -38.32 43.03 40.22
CA THR B 147 -37.28 43.80 39.55
C THR B 147 -36.01 43.79 40.38
N CYS B 148 -36.17 44.05 41.68
CA CYS B 148 -35.05 44.01 42.62
C CYS B 148 -34.42 42.62 42.67
N MET B 149 -35.26 41.60 42.71
CA MET B 149 -34.78 40.22 42.81
C MET B 149 -33.98 39.85 41.56
N GLU B 150 -34.46 40.29 40.40
CA GLU B 150 -33.82 40.00 39.13
C GLU B 150 -32.44 40.65 39.03
N SER B 151 -32.28 41.80 39.70
CA SER B 151 -31.02 42.52 39.67
C SER B 151 -29.95 41.83 40.50
N VAL B 152 -30.38 41.06 41.50
CA VAL B 152 -29.46 40.26 42.29
C VAL B 152 -28.91 39.12 41.45
N LYS B 153 -29.79 38.46 40.71
CA LYS B 153 -29.40 37.32 39.88
C LYS B 153 -28.39 37.70 38.80
N ASN B 154 -28.54 38.89 38.25
CA ASN B 154 -27.63 39.36 37.20
C ASN B 154 -26.54 40.29 37.73
N GLY B 155 -26.39 40.32 39.06
CA GLY B 155 -25.30 41.05 39.69
C GLY B 155 -25.30 42.55 39.45
N THR B 156 -26.46 43.18 39.62
CA THR B 156 -26.58 44.62 39.52
C THR B 156 -27.42 45.18 40.66
N TYR B 157 -27.25 44.60 41.84
CA TYR B 157 -28.02 44.99 43.02
C TYR B 157 -27.54 46.33 43.59
N ASP B 158 -28.48 47.24 43.78
CA ASP B 158 -28.17 48.57 44.31
C ASP B 158 -28.32 48.63 45.83
N TYR B 159 -27.25 48.27 46.53
CA TYR B 159 -27.26 48.26 48.00
C TYR B 159 -27.70 49.60 48.61
N PRO B 160 -27.08 50.70 48.16
CA PRO B 160 -27.40 52.02 48.73
C PRO B 160 -28.87 52.37 48.65
N LYS B 161 -29.55 51.92 47.60
CA LYS B 161 -30.94 52.24 47.36
C LYS B 161 -31.92 51.52 48.29
N TYR B 162 -31.40 50.60 49.11
CA TYR B 162 -32.23 49.88 50.07
C TYR B 162 -31.67 49.97 51.48
N SER B 163 -30.47 50.54 51.61
CA SER B 163 -29.76 50.59 52.88
C SER B 163 -30.61 51.19 54.01
N GLU B 164 -31.19 52.35 53.77
CA GLU B 164 -31.96 53.06 54.79
C GLU B 164 -33.13 52.22 55.33
N GLU B 165 -33.91 51.65 54.40
CA GLU B 165 -35.05 50.82 54.78
C GLU B 165 -34.58 49.57 55.52
N ALA B 166 -33.45 49.04 55.08
CA ALA B 166 -32.89 47.83 55.67
C ALA B 166 -32.46 48.04 57.12
N LYS B 167 -31.87 49.20 57.40
CA LYS B 167 -31.35 49.49 58.73
C LYS B 167 -32.43 49.47 59.80
N LEU B 168 -33.59 50.05 59.48
CA LEU B 168 -34.70 50.11 60.43
C LEU B 168 -35.23 48.72 60.75
N ASN B 169 -35.53 47.94 59.72
CA ASN B 169 -35.97 46.56 59.90
C ASN B 169 -34.89 45.71 60.55
N ARG B 170 -33.64 46.05 60.27
CA ARG B 170 -32.49 45.32 60.80
C ARG B 170 -32.37 45.48 62.32
N GLU B 171 -32.24 46.72 62.77
CA GLU B 171 -32.02 47.01 64.18
C GLU B 171 -33.16 46.54 65.08
N GLU B 172 -34.38 46.47 64.54
CA GLU B 172 -35.52 46.00 65.31
C GLU B 172 -35.39 44.51 65.64
N ILE B 173 -35.02 43.73 64.63
CA ILE B 173 -34.86 42.29 64.78
C ILE B 173 -33.52 41.94 65.46
N ASP B 174 -32.56 42.85 65.37
CA ASP B 174 -31.27 42.68 66.01
C ASP B 174 -31.39 42.91 67.52
N ASP C 3 -9.58 55.43 52.98
CA ASP C 3 -8.43 54.52 53.02
C ASP C 3 -8.85 53.12 52.59
N THR C 4 -7.99 52.46 51.80
CA THR C 4 -8.32 51.14 51.27
C THR C 4 -7.16 50.16 51.32
N LEU C 5 -7.49 48.88 51.33
CA LEU C 5 -6.51 47.80 51.22
C LEU C 5 -7.03 46.74 50.26
N CYS C 6 -6.27 46.46 49.21
CA CYS C 6 -6.71 45.52 48.19
C CYS C 6 -5.83 44.28 48.08
N ILE C 7 -6.48 43.13 47.91
CA ILE C 7 -5.76 41.88 47.68
C ILE C 7 -5.82 41.53 46.19
N GLY C 8 -4.66 41.27 45.60
CA GLY C 8 -4.57 40.96 44.19
C GLY C 8 -3.44 40.00 43.85
N TYR C 9 -3.31 39.69 42.57
CA TYR C 9 -2.30 38.74 42.12
C TYR C 9 -1.47 39.29 40.96
N HIS C 10 -0.36 38.62 40.67
CA HIS C 10 0.61 39.09 39.69
C HIS C 10 0.13 38.99 38.26
N ALA C 11 0.71 39.82 37.38
CA ALA C 11 0.44 39.77 35.96
C ALA C 11 1.64 40.33 35.20
N ASN C 12 1.86 39.85 33.98
CA ASN C 12 2.99 40.29 33.19
C ASN C 12 2.77 40.18 31.69
N ASN C 13 3.82 40.45 30.91
CA ASN C 13 3.72 40.39 29.45
C ASN C 13 3.85 38.96 28.91
N SER C 14 3.45 37.98 29.70
CA SER C 14 3.57 36.58 29.30
C SER C 14 2.52 36.22 28.24
N THR C 15 2.91 35.37 27.29
CA THR C 15 2.01 34.92 26.23
C THR C 15 1.94 33.40 26.17
N ASP C 16 2.66 32.74 27.08
CA ASP C 16 2.68 31.28 27.13
C ASP C 16 1.32 30.74 27.55
N THR C 17 0.85 29.71 26.84
CA THR C 17 -0.44 29.11 27.16
C THR C 17 -0.28 27.65 27.56
N VAL C 18 -1.16 27.19 28.44
CA VAL C 18 -1.21 25.80 28.84
C VAL C 18 -2.64 25.30 28.70
N ASP C 19 -2.82 23.99 28.75
CA ASP C 19 -4.15 23.40 28.66
C ASP C 19 -4.52 22.70 29.96
N THR C 20 -5.76 22.89 30.38
CA THR C 20 -6.28 22.20 31.56
C THR C 20 -7.45 21.34 31.12
N VAL C 21 -7.76 20.32 31.90
CA VAL C 21 -8.85 19.43 31.58
C VAL C 21 -10.15 20.20 31.39
N LEU C 22 -10.24 21.38 31.99
CA LEU C 22 -11.46 22.18 31.94
C LEU C 22 -11.47 23.24 30.82
N GLU C 23 -10.29 23.65 30.37
CA GLU C 23 -10.21 24.70 29.36
C GLU C 23 -8.88 24.69 28.59
N LYS C 24 -8.95 25.06 27.31
CA LYS C 24 -7.76 25.10 26.46
C LYS C 24 -7.18 26.50 26.31
N ASN C 25 -5.97 26.57 25.77
CA ASN C 25 -5.29 27.85 25.52
C ASN C 25 -5.46 28.87 26.65
N VAL C 26 -5.02 28.50 27.85
CA VAL C 26 -5.10 29.38 29.00
C VAL C 26 -3.76 30.09 29.22
N THR C 27 -3.72 31.37 28.91
CA THR C 27 -2.51 32.16 29.05
C THR C 27 -2.13 32.33 30.53
N VAL C 28 -0.90 31.99 30.86
CA VAL C 28 -0.43 32.09 32.24
C VAL C 28 0.86 32.90 32.34
N THR C 29 1.27 33.19 33.58
CA THR C 29 2.41 34.08 33.80
C THR C 29 3.73 33.32 33.75
N HIS C 30 3.73 32.08 34.21
CA HIS C 30 4.93 31.26 34.23
C HIS C 30 4.62 29.82 33.88
N SER C 31 5.52 29.18 33.13
CA SER C 31 5.31 27.79 32.71
C SER C 31 6.63 27.11 32.39
N VAL C 32 6.69 25.80 32.62
CA VAL C 32 7.86 25.01 32.27
C VAL C 32 7.49 23.95 31.26
N ASN C 33 8.47 23.46 30.51
CA ASN C 33 8.22 22.46 29.47
C ASN C 33 8.67 21.05 29.90
N LEU C 34 7.87 20.05 29.55
CA LEU C 34 8.17 18.67 29.91
C LEU C 34 8.49 17.83 28.70
N LEU C 35 8.23 18.37 27.51
CA LEU C 35 8.44 17.64 26.27
C LEU C 35 9.70 18.10 25.54
N GLU C 36 10.72 17.25 25.54
CA GLU C 36 11.95 17.54 24.81
C GLU C 36 11.74 17.33 23.32
N ASP C 37 12.10 18.35 22.53
CA ASP C 37 11.88 18.30 21.09
C ASP C 37 13.13 18.73 20.33
N LYS C 38 14.26 18.72 21.01
CA LYS C 38 15.53 19.13 20.40
C LYS C 38 16.58 18.01 20.43
N HIS C 39 17.40 17.98 19.39
CA HIS C 39 18.52 17.03 19.31
C HIS C 39 19.69 17.68 18.57
N ASN C 40 20.91 17.29 18.92
CA ASN C 40 22.10 17.89 18.35
C ASN C 40 22.37 17.47 16.90
N GLY C 41 21.59 16.50 16.42
CA GLY C 41 21.75 15.99 15.07
C GLY C 41 23.11 15.35 14.85
N LYS C 42 23.62 14.71 15.89
CA LYS C 42 24.94 14.08 15.84
C LYS C 42 24.91 12.71 16.52
N LEU C 43 25.67 11.77 15.99
CA LEU C 43 25.86 10.48 16.66
C LEU C 43 27.04 10.60 17.62
N CYS C 44 26.74 10.55 18.91
CA CYS C 44 27.75 10.83 19.94
C CYS C 44 28.19 9.56 20.66
N LYS C 45 28.99 9.75 21.72
CA LYS C 45 29.47 8.63 22.51
C LYS C 45 28.52 8.32 23.65
N LEU C 46 28.25 7.03 23.85
CA LEU C 46 27.56 6.56 25.04
C LEU C 46 28.60 6.08 26.04
N ARG C 47 28.41 6.42 27.31
CA ARG C 47 29.32 5.97 28.36
C ARG C 47 30.69 6.62 28.21
N GLY C 48 30.79 7.58 27.29
CA GLY C 48 32.07 8.22 27.01
C GLY C 48 32.89 7.43 26.03
N VAL C 49 32.25 6.47 25.36
CA VAL C 49 32.92 5.62 24.39
C VAL C 49 32.29 5.78 23.01
N ALA C 50 33.15 5.92 22.00
CA ALA C 50 32.69 6.11 20.62
C ALA C 50 32.11 4.84 20.05
N PRO C 51 31.13 4.97 19.14
CA PRO C 51 30.52 3.83 18.45
C PRO C 51 31.49 3.25 17.43
N LEU C 52 31.19 2.05 16.95
CA LEU C 52 31.97 1.43 15.88
C LEU C 52 31.31 1.72 14.55
N HIS C 53 31.78 2.76 13.87
CA HIS C 53 31.24 3.15 12.57
C HIS C 53 31.87 2.33 11.45
N LEU C 54 31.03 1.68 10.64
CA LEU C 54 31.53 0.74 9.64
C LEU C 54 31.57 1.32 8.23
N GLY C 55 31.16 2.57 8.08
CA GLY C 55 31.20 3.25 6.80
C GLY C 55 30.40 2.54 5.72
N LYS C 56 31.08 2.19 4.62
CA LYS C 56 30.41 1.55 3.50
C LYS C 56 30.31 0.04 3.66
N CYS C 57 30.80 -0.48 4.78
CA CYS C 57 30.72 -1.91 5.07
C CYS C 57 29.66 -2.20 6.12
N ASN C 58 29.04 -3.38 6.03
CA ASN C 58 28.17 -3.86 7.08
C ASN C 58 28.93 -4.82 7.99
N ILE C 59 28.25 -5.34 9.02
CA ILE C 59 28.90 -6.19 10.01
C ILE C 59 29.48 -7.47 9.40
N ALA C 60 28.76 -8.05 8.45
CA ALA C 60 29.23 -9.26 7.78
C ALA C 60 30.56 -9.02 7.07
N GLY C 61 30.63 -7.94 6.31
CA GLY C 61 31.83 -7.62 5.55
C GLY C 61 32.99 -7.23 6.46
N TRP C 62 32.67 -6.65 7.61
CA TRP C 62 33.68 -6.25 8.57
C TRP C 62 34.23 -7.46 9.34
N ILE C 63 33.33 -8.34 9.75
CA ILE C 63 33.72 -9.49 10.57
C ILE C 63 34.44 -10.56 9.75
N LEU C 64 34.03 -10.72 8.49
CA LEU C 64 34.64 -11.71 7.61
C LEU C 64 35.94 -11.18 7.01
N GLY C 65 36.12 -9.87 7.04
CA GLY C 65 37.32 -9.26 6.51
C GLY C 65 37.27 -9.00 5.02
N ASN C 66 36.13 -8.49 4.55
CA ASN C 66 35.98 -8.10 3.17
C ASN C 66 37.07 -7.10 2.78
N PRO C 67 37.72 -7.32 1.63
CA PRO C 67 38.81 -6.46 1.14
C PRO C 67 38.48 -4.97 1.17
N GLU C 68 37.20 -4.62 1.04
CA GLU C 68 36.79 -3.21 1.09
C GLU C 68 36.64 -2.72 2.53
N CYS C 69 37.04 -3.56 3.48
CA CYS C 69 36.94 -3.22 4.89
C CYS C 69 38.27 -3.51 5.59
N GLU C 70 39.07 -2.47 5.81
CA GLU C 70 40.36 -2.63 6.45
C GLU C 70 40.22 -2.57 7.97
N SER C 71 39.03 -2.21 8.43
CA SER C 71 38.76 -2.06 9.86
C SER C 71 39.30 -3.25 10.66
N ALA C 75 39.10 -0.36 16.45
CA ALA C 75 39.05 -0.08 17.89
C ALA C 75 38.96 -1.36 18.70
N SER C 76 39.16 -1.24 20.01
CA SER C 76 39.05 -2.39 20.90
C SER C 76 37.83 -2.25 21.81
N SER C 77 37.03 -1.22 21.56
CA SER C 77 35.82 -0.98 22.33
C SER C 77 34.88 -0.04 21.61
N TRP C 78 33.58 -0.30 21.74
CA TRP C 78 32.57 0.56 21.16
C TRP C 78 31.24 0.41 21.89
N SER C 79 30.59 1.53 22.17
CA SER C 79 29.36 1.54 22.94
C SER C 79 28.18 1.02 22.10
N TYR C 80 28.26 1.21 20.79
CA TYR C 80 27.29 0.66 19.86
C TYR C 80 27.86 0.66 18.44
N ILE C 81 27.07 0.18 17.48
CA ILE C 81 27.53 0.08 16.08
C ILE C 81 26.68 0.93 15.13
N VAL C 82 27.35 1.57 14.17
CA VAL C 82 26.66 2.39 13.19
C VAL C 82 26.95 1.93 11.76
N GLU C 83 25.90 1.59 11.03
CA GLU C 83 25.99 1.31 9.61
C GLU C 83 25.28 2.41 8.85
N THR C 84 25.66 2.63 7.60
CA THR C 84 24.97 3.58 6.75
C THR C 84 23.94 2.83 5.91
N PRO C 85 22.88 3.53 5.48
CA PRO C 85 21.80 2.94 4.69
C PRO C 85 22.30 2.31 3.39
N SER C 86 23.54 2.61 3.03
CA SER C 86 24.12 2.08 1.80
C SER C 86 25.38 1.25 2.07
N SER C 87 25.47 0.65 3.25
CA SER C 87 26.58 -0.25 3.56
C SER C 87 26.41 -1.57 2.82
N ASP C 88 26.92 -1.62 1.59
CA ASP C 88 26.72 -2.78 0.73
C ASP C 88 27.80 -3.84 0.88
N ASN C 89 29.06 -3.42 1.02
CA ASN C 89 30.18 -4.35 1.10
C ASN C 89 30.11 -5.30 2.30
N GLY C 90 29.45 -6.44 2.10
CA GLY C 90 29.34 -7.45 3.14
C GLY C 90 29.93 -8.77 2.66
N THR C 91 29.07 -9.77 2.52
CA THR C 91 29.51 -11.05 2.00
C THR C 91 29.62 -10.99 0.47
N CYS C 92 30.84 -10.82 -0.01
CA CYS C 92 31.09 -10.69 -1.45
C CYS C 92 30.91 -12.01 -2.20
N TYR C 93 31.07 -13.12 -1.49
CA TYR C 93 30.74 -14.42 -2.08
C TYR C 93 29.36 -14.84 -1.58
N PRO C 94 28.43 -15.09 -2.51
CA PRO C 94 27.04 -15.38 -2.16
C PRO C 94 26.88 -16.62 -1.28
N GLY C 95 25.91 -16.57 -0.38
CA GLY C 95 25.66 -17.68 0.53
C GLY C 95 24.89 -17.24 1.76
N ASP C 96 24.59 -18.19 2.64
CA ASP C 96 23.82 -17.91 3.83
C ASP C 96 24.72 -17.59 5.02
N PHE C 97 24.34 -16.59 5.80
CA PHE C 97 25.05 -16.27 7.05
C PHE C 97 24.20 -16.71 8.23
N ILE C 98 24.45 -17.93 8.70
CA ILE C 98 23.62 -18.53 9.75
C ILE C 98 23.68 -17.74 11.06
N ASP C 99 22.51 -17.46 11.63
CA ASP C 99 22.43 -16.68 12.86
C ASP C 99 23.13 -15.35 12.70
N TYR C 100 22.81 -14.65 11.61
CA TYR C 100 23.47 -13.38 11.30
C TYR C 100 23.00 -12.25 12.22
N GLU C 101 21.68 -12.11 12.35
CA GLU C 101 21.14 -11.07 13.22
C GLU C 101 21.54 -11.28 14.68
N GLU C 102 21.77 -12.55 15.03
CA GLU C 102 22.21 -12.90 16.38
C GLU C 102 23.64 -12.45 16.62
N LEU C 103 24.48 -12.61 15.61
CA LEU C 103 25.87 -12.19 15.71
C LEU C 103 25.97 -10.67 15.82
N ARG C 104 25.20 -9.97 14.98
CA ARG C 104 25.20 -8.51 15.02
C ARG C 104 24.82 -8.00 16.41
N GLU C 105 23.79 -8.61 17.00
CA GLU C 105 23.31 -8.25 18.32
C GLU C 105 24.39 -8.41 19.39
N GLN C 106 25.22 -9.42 19.25
CA GLN C 106 26.22 -9.76 20.25
C GLN C 106 27.56 -9.04 20.02
N LEU C 107 27.69 -8.40 18.87
CA LEU C 107 28.86 -7.56 18.60
C LEU C 107 28.51 -6.08 18.75
N SER C 108 27.25 -5.82 19.07
CA SER C 108 26.76 -4.45 19.16
C SER C 108 27.57 -3.59 20.12
N SER C 109 28.10 -4.20 21.17
CA SER C 109 28.92 -3.47 22.14
C SER C 109 29.86 -4.41 22.88
N VAL C 110 31.14 -4.04 22.91
CA VAL C 110 32.14 -4.85 23.59
C VAL C 110 33.09 -3.98 24.39
N SER C 111 33.62 -4.53 25.48
CA SER C 111 34.56 -3.82 26.33
C SER C 111 35.99 -4.18 25.95
N SER C 112 36.12 -5.22 25.14
CA SER C 112 37.42 -5.69 24.67
C SER C 112 37.28 -6.47 23.36
N PHE C 113 38.12 -6.15 22.39
CA PHE C 113 38.04 -6.78 21.09
C PHE C 113 39.42 -6.88 20.45
N GLU C 114 39.89 -8.11 20.25
CA GLU C 114 41.24 -8.35 19.74
C GLU C 114 41.27 -9.38 18.61
N ARG C 115 41.67 -8.94 17.43
CA ARG C 115 41.85 -9.85 16.31
C ARG C 115 43.21 -10.53 16.39
N PHE C 116 43.21 -11.85 16.30
CA PHE C 116 44.46 -12.61 16.33
C PHE C 116 44.44 -13.76 15.33
N GLU C 117 45.62 -14.13 14.85
CA GLU C 117 45.72 -15.20 13.86
C GLU C 117 45.60 -16.56 14.52
N ILE C 118 44.37 -17.04 14.67
CA ILE C 118 44.10 -18.29 15.34
C ILE C 118 44.80 -19.47 14.65
N PHE C 119 44.77 -19.47 13.33
CA PHE C 119 45.46 -20.48 12.53
C PHE C 119 46.45 -19.83 11.57
N PRO C 120 47.69 -19.62 12.04
CA PRO C 120 48.71 -18.96 11.23
C PRO C 120 48.80 -19.57 9.84
N LYS C 121 48.58 -18.74 8.82
CA LYS C 121 48.59 -19.20 7.43
C LYS C 121 49.93 -19.84 7.07
N THR C 122 50.97 -19.46 7.80
CA THR C 122 52.34 -19.89 7.48
C THR C 122 52.57 -21.38 7.67
N SER C 123 52.01 -21.96 8.73
CA SER C 123 52.36 -23.32 9.12
C SER C 123 51.16 -24.26 9.35
N SER C 124 49.96 -23.68 9.40
CA SER C 124 48.76 -24.44 9.75
C SER C 124 48.37 -25.50 8.71
N TRP C 125 48.58 -25.23 7.44
CA TRP C 125 48.10 -26.13 6.40
C TRP C 125 49.20 -26.63 5.47
N PRO C 126 50.07 -27.52 5.99
CA PRO C 126 51.19 -28.06 5.23
C PRO C 126 50.76 -28.97 4.08
N ASN C 127 49.57 -29.57 4.18
CA ASN C 127 49.11 -30.51 3.16
C ASN C 127 47.97 -29.97 2.29
N HIS C 128 47.82 -28.65 2.26
CA HIS C 128 46.78 -28.02 1.46
C HIS C 128 47.24 -26.69 0.90
N ASP C 129 46.66 -26.28 -0.23
CA ASP C 129 47.02 -25.03 -0.87
C ASP C 129 46.26 -23.87 -0.24
N SER C 130 46.98 -22.82 0.13
CA SER C 130 46.39 -21.66 0.79
C SER C 130 46.53 -20.38 -0.04
N ASN C 131 46.91 -20.53 -1.30
CA ASN C 131 47.18 -19.40 -2.17
C ASN C 131 46.29 -19.32 -3.40
N LYS C 132 45.39 -20.27 -3.56
CA LYS C 132 44.51 -20.30 -4.72
C LYS C 132 43.07 -19.90 -4.38
N GLY C 133 42.79 -19.74 -3.09
CA GLY C 133 41.45 -19.45 -2.64
C GLY C 133 41.03 -18.01 -2.88
N VAL C 134 40.95 -17.62 -4.14
CA VAL C 134 40.55 -16.26 -4.51
C VAL C 134 39.41 -16.29 -5.52
N THR C 135 38.79 -15.13 -5.74
CA THR C 135 37.65 -15.04 -6.65
C THR C 135 37.37 -13.60 -7.07
N ALA C 136 36.89 -13.44 -8.29
CA ALA C 136 36.52 -12.12 -8.80
C ALA C 136 35.35 -11.56 -8.02
N ALA C 137 34.63 -12.43 -7.32
CA ALA C 137 33.50 -12.02 -6.50
C ALA C 137 33.97 -11.15 -5.34
N CYS C 138 35.24 -11.31 -4.96
CA CYS C 138 35.83 -10.53 -3.89
C CYS C 138 37.09 -9.81 -4.39
N PRO C 139 36.90 -8.82 -5.26
CA PRO C 139 38.02 -8.11 -5.89
C PRO C 139 38.73 -7.18 -4.92
N HIS C 140 40.04 -7.07 -5.11
CA HIS C 140 40.84 -6.12 -4.35
C HIS C 140 41.83 -5.43 -5.31
N ALA C 141 41.50 -4.20 -5.68
CA ALA C 141 42.31 -3.46 -6.65
C ALA C 141 42.25 -4.12 -8.02
N GLY C 142 41.07 -4.58 -8.40
CA GLY C 142 40.84 -5.15 -9.72
C GLY C 142 41.11 -6.64 -9.84
N ALA C 143 42.05 -7.14 -9.03
CA ALA C 143 42.45 -8.54 -9.11
C ALA C 143 41.68 -9.42 -8.11
N LYS C 144 41.60 -10.70 -8.40
CA LYS C 144 40.90 -11.64 -7.52
C LYS C 144 41.48 -11.59 -6.10
N SER C 145 40.60 -11.72 -5.11
CA SER C 145 41.02 -11.78 -3.72
C SER C 145 39.98 -12.52 -2.89
N PHE C 146 40.09 -12.42 -1.57
CA PHE C 146 39.20 -13.15 -0.68
C PHE C 146 39.19 -12.51 0.71
N TYR C 147 38.25 -12.95 1.54
CA TYR C 147 38.15 -12.47 2.91
C TYR C 147 39.50 -12.57 3.61
N LYS C 148 39.87 -11.52 4.34
CA LYS C 148 41.17 -11.49 5.02
C LYS C 148 41.21 -12.39 6.25
N ASN C 149 40.04 -12.67 6.82
CA ASN C 149 39.98 -13.45 8.05
C ASN C 149 39.75 -14.94 7.82
N LEU C 150 39.43 -15.29 6.58
CA LEU C 150 39.22 -16.69 6.22
C LEU C 150 40.18 -17.14 5.12
N ILE C 151 40.41 -18.45 5.06
CA ILE C 151 41.24 -19.02 4.01
C ILE C 151 40.53 -20.12 3.25
N TRP C 152 40.41 -19.94 1.95
CA TRP C 152 39.71 -20.88 1.07
C TRP C 152 40.64 -22.02 0.67
N LEU C 153 40.87 -22.96 1.58
CA LEU C 153 41.78 -24.08 1.33
C LEU C 153 41.38 -24.90 0.10
N VAL C 154 42.39 -25.29 -0.67
CA VAL C 154 42.18 -26.03 -1.91
C VAL C 154 43.25 -27.11 -2.06
N LYS C 155 42.93 -28.16 -2.82
CA LYS C 155 43.84 -29.28 -2.99
C LYS C 155 45.17 -28.87 -3.60
N LYS C 156 46.23 -29.57 -3.22
CA LYS C 156 47.52 -29.40 -3.88
C LYS C 156 47.90 -30.70 -4.59
N GLY C 157 48.37 -30.59 -5.82
CA GLY C 157 48.80 -31.74 -6.59
C GLY C 157 47.83 -32.90 -6.57
N ASN C 158 46.59 -32.64 -6.98
CA ASN C 158 45.56 -33.67 -7.06
C ASN C 158 45.41 -34.52 -5.79
N SER C 159 45.47 -33.88 -4.63
CA SER C 159 45.31 -34.60 -3.37
C SER C 159 44.81 -33.69 -2.25
N TYR C 160 43.73 -34.12 -1.61
CA TYR C 160 43.16 -33.40 -0.48
C TYR C 160 43.00 -34.34 0.71
N PRO C 161 44.05 -34.48 1.51
CA PRO C 161 44.01 -35.37 2.68
C PRO C 161 43.07 -34.82 3.75
N LYS C 162 42.44 -35.72 4.50
CA LYS C 162 41.61 -35.32 5.62
C LYS C 162 42.42 -34.42 6.55
N LEU C 163 41.92 -33.22 6.80
CA LEU C 163 42.61 -32.27 7.68
C LEU C 163 41.96 -32.22 9.06
N SER C 164 42.80 -32.09 10.09
CA SER C 164 42.32 -32.00 11.46
C SER C 164 43.09 -30.94 12.19
N LYS C 165 42.40 -29.88 12.60
CA LYS C 165 43.04 -28.76 13.27
C LYS C 165 42.28 -28.35 14.53
N SER C 166 43.00 -28.14 15.62
CA SER C 166 42.37 -27.74 16.87
C SER C 166 42.96 -26.45 17.42
N TYR C 167 42.14 -25.69 18.15
CA TYR C 167 42.59 -24.50 18.84
C TYR C 167 42.08 -24.46 20.27
N ILE C 168 43.00 -24.36 21.22
CA ILE C 168 42.66 -24.22 22.63
C ILE C 168 42.70 -22.74 23.01
N ASN C 169 41.55 -22.20 23.38
CA ASN C 169 41.43 -20.80 23.78
C ASN C 169 42.27 -20.50 25.03
N ASP C 170 43.44 -19.90 24.83
CA ASP C 170 44.29 -19.50 25.94
C ASP C 170 44.13 -18.02 26.28
N LYS C 171 43.28 -17.34 25.55
CA LYS C 171 42.94 -15.97 25.89
C LYS C 171 42.16 -16.01 27.20
N GLY C 172 42.07 -14.87 27.87
CA GLY C 172 41.39 -14.81 29.15
C GLY C 172 39.92 -14.50 29.01
N LYS C 173 39.35 -14.81 27.85
CA LYS C 173 37.96 -14.46 27.56
C LYS C 173 37.40 -15.29 26.41
N GLU C 174 36.26 -14.88 25.87
CA GLU C 174 35.63 -15.59 24.76
C GLU C 174 36.31 -15.33 23.43
N VAL C 175 36.34 -16.37 22.59
CA VAL C 175 36.93 -16.26 21.26
C VAL C 175 35.86 -16.44 20.18
N LEU C 176 35.74 -15.44 19.31
CA LEU C 176 34.80 -15.50 18.20
C LEU C 176 35.46 -16.13 16.98
N VAL C 177 35.05 -17.35 16.65
CA VAL C 177 35.60 -18.06 15.50
C VAL C 177 34.57 -18.14 14.37
N LEU C 178 34.95 -17.66 13.19
CA LEU C 178 34.09 -17.75 12.02
C LEU C 178 34.74 -18.62 10.95
N TRP C 179 33.92 -19.42 10.26
CA TRP C 179 34.40 -20.26 9.17
C TRP C 179 33.32 -20.39 8.11
N GLY C 180 33.70 -20.94 6.96
CA GLY C 180 32.76 -21.07 5.86
C GLY C 180 32.77 -22.44 5.23
N ILE C 181 31.69 -22.75 4.51
CA ILE C 181 31.57 -23.99 3.76
C ILE C 181 31.25 -23.65 2.32
N HIS C 182 32.15 -24.00 1.40
CA HIS C 182 31.94 -23.73 -0.01
C HIS C 182 31.17 -24.86 -0.69
N HIS C 183 30.29 -24.47 -1.61
CA HIS C 183 29.50 -25.43 -2.36
C HIS C 183 29.68 -25.21 -3.85
N PRO C 184 30.49 -26.04 -4.50
CA PRO C 184 30.72 -25.97 -5.94
C PRO C 184 29.39 -26.06 -6.70
N SER C 185 29.36 -25.58 -7.94
CA SER C 185 28.15 -25.62 -8.74
C SER C 185 28.05 -26.92 -9.53
N THR C 186 29.19 -27.57 -9.73
CA THR C 186 29.26 -28.80 -10.51
C THR C 186 30.21 -29.83 -9.87
N SER C 187 30.00 -31.10 -10.17
CA SER C 187 30.88 -32.15 -9.69
C SER C 187 32.31 -31.94 -10.18
N ALA C 188 32.46 -31.40 -11.38
CA ALA C 188 33.78 -31.13 -11.93
C ALA C 188 34.53 -30.13 -11.06
N ASP C 189 33.82 -29.08 -10.63
CA ASP C 189 34.41 -28.08 -9.75
C ASP C 189 34.72 -28.67 -8.37
N GLN C 190 33.89 -29.60 -7.92
CA GLN C 190 34.14 -30.30 -6.67
C GLN C 190 35.46 -31.04 -6.71
N GLN C 191 35.69 -31.78 -7.78
CA GLN C 191 36.91 -32.56 -7.94
C GLN C 191 38.08 -31.64 -8.23
N SER C 192 37.83 -30.65 -9.10
CA SER C 192 38.85 -29.69 -9.46
C SER C 192 39.35 -28.91 -8.25
N LEU C 193 38.44 -28.66 -7.30
CA LEU C 193 38.79 -27.92 -6.09
C LEU C 193 39.33 -28.81 -4.97
N TYR C 194 38.60 -29.87 -4.63
CA TYR C 194 38.91 -30.67 -3.45
C TYR C 194 39.16 -32.14 -3.77
N GLN C 195 39.00 -32.52 -5.03
CA GLN C 195 39.33 -33.85 -5.49
C GLN C 195 38.36 -34.95 -5.06
N ASN C 196 37.98 -34.96 -3.79
CA ASN C 196 37.33 -36.13 -3.19
C ASN C 196 35.86 -36.38 -3.52
N ALA C 197 35.18 -35.40 -4.11
CA ALA C 197 33.80 -35.61 -4.56
C ALA C 197 32.81 -35.70 -3.39
N ASP C 198 32.86 -36.81 -2.64
CA ASP C 198 32.03 -36.96 -1.45
C ASP C 198 32.79 -36.53 -0.20
N THR C 199 32.47 -35.35 0.30
CA THR C 199 33.25 -34.78 1.40
C THR C 199 32.37 -34.39 2.58
N TYR C 200 33.00 -34.18 3.73
CA TYR C 200 32.31 -33.69 4.91
C TYR C 200 33.17 -32.68 5.66
N VAL C 201 32.52 -31.84 6.45
CA VAL C 201 33.21 -30.94 7.36
C VAL C 201 32.60 -31.11 8.75
N PHE C 202 33.47 -31.19 9.77
CA PHE C 202 32.98 -31.36 11.13
C PHE C 202 33.70 -30.42 12.11
N VAL C 203 32.90 -29.66 12.86
CA VAL C 203 33.41 -28.72 13.86
C VAL C 203 32.75 -28.99 15.19
N CYS C 204 33.57 -29.08 16.24
CA CYS C 204 33.04 -29.35 17.58
C CYS C 204 33.96 -28.87 18.70
N SER C 205 33.36 -28.23 19.70
CA SER C 205 34.05 -27.90 20.94
C SER C 205 33.39 -28.67 22.08
N SER C 206 33.34 -28.09 23.26
CA SER C 206 32.60 -28.71 24.36
C SER C 206 31.12 -28.36 24.25
N ARG C 207 30.82 -27.25 23.58
CA ARG C 207 29.43 -26.86 23.35
C ARG C 207 29.00 -27.20 21.94
N TYR C 208 29.58 -26.49 20.98
CA TYR C 208 29.18 -26.57 19.58
C TYR C 208 29.51 -27.92 18.95
N SER C 209 28.70 -28.32 17.97
CA SER C 209 28.94 -29.53 17.21
C SER C 209 28.00 -29.59 16.01
N LYS C 210 28.59 -29.70 14.82
CA LYS C 210 27.79 -29.71 13.59
C LYS C 210 28.57 -30.33 12.43
N LYS C 211 27.88 -31.16 11.65
CA LYS C 211 28.50 -31.79 10.48
C LYS C 211 27.94 -31.16 9.20
N PHE C 212 28.85 -30.77 8.30
CA PHE C 212 28.48 -30.09 7.08
C PHE C 212 28.75 -30.95 5.86
N LYS C 213 27.87 -30.83 4.86
CA LYS C 213 28.00 -31.57 3.61
C LYS C 213 27.85 -30.60 2.46
N PRO C 214 28.56 -30.85 1.35
CA PRO C 214 28.44 -29.99 0.16
C PRO C 214 27.08 -30.17 -0.52
N GLU C 215 26.44 -29.05 -0.86
CA GLU C 215 25.17 -29.10 -1.59
C GLU C 215 25.38 -28.62 -3.02
N ILE C 216 26.03 -29.47 -3.82
CA ILE C 216 26.40 -29.13 -5.18
C ILE C 216 25.19 -28.92 -6.09
N ALA C 217 25.11 -27.75 -6.70
CA ALA C 217 24.03 -27.43 -7.63
C ALA C 217 24.28 -26.11 -8.35
N ILE C 218 23.62 -25.92 -9.48
CA ILE C 218 23.74 -24.67 -10.23
C ILE C 218 22.68 -23.67 -9.81
N CYS C 219 23.02 -22.80 -8.88
CA CYS C 219 22.11 -21.78 -8.40
C CYS C 219 22.29 -20.49 -9.18
N PRO C 220 21.28 -19.60 -9.13
CA PRO C 220 21.31 -18.33 -9.87
C PRO C 220 22.57 -17.54 -9.57
N LYS C 221 23.13 -16.91 -10.60
CA LYS C 221 24.34 -16.11 -10.44
C LYS C 221 24.12 -14.91 -9.53
N VAL C 222 24.85 -14.87 -8.42
CA VAL C 222 24.91 -13.69 -7.57
C VAL C 222 26.34 -13.19 -7.57
N ARG C 223 26.53 -11.94 -7.99
CA ARG C 223 27.87 -11.41 -8.21
C ARG C 223 28.63 -12.35 -9.14
N ASP C 224 27.89 -12.90 -10.10
CA ASP C 224 28.44 -13.77 -11.15
C ASP C 224 28.93 -15.12 -10.62
N GLN C 225 28.40 -15.52 -9.47
CA GLN C 225 28.76 -16.81 -8.89
C GLN C 225 27.58 -17.77 -8.88
N GLU C 226 27.78 -18.96 -9.45
CA GLU C 226 26.74 -19.97 -9.48
C GLU C 226 26.86 -20.90 -8.27
N GLY C 227 28.04 -20.91 -7.66
CA GLY C 227 28.27 -21.65 -6.43
C GLY C 227 27.82 -20.84 -5.23
N ARG C 228 27.98 -21.41 -4.04
CA ARG C 228 27.57 -20.74 -2.82
C ARG C 228 28.58 -20.95 -1.71
N MET C 229 28.49 -20.13 -0.66
CA MET C 229 29.35 -20.25 0.50
C MET C 229 28.62 -19.83 1.76
N ASN C 230 28.41 -20.78 2.66
CA ASN C 230 27.72 -20.51 3.91
C ASN C 230 28.68 -20.11 5.02
N TYR C 231 28.29 -19.12 5.81
CA TYR C 231 29.17 -18.60 6.86
C TYR C 231 28.68 -18.97 8.24
N TYR C 232 29.56 -19.56 9.04
CA TYR C 232 29.23 -20.01 10.38
C TYR C 232 30.15 -19.40 11.43
N TRP C 233 29.66 -19.32 12.66
CA TRP C 233 30.44 -18.77 13.76
C TRP C 233 30.03 -19.38 15.09
N THR C 234 30.87 -19.22 16.09
CA THR C 234 30.57 -19.67 17.44
C THR C 234 31.51 -19.03 18.45
N LEU C 235 31.05 -18.90 19.69
CA LEU C 235 31.87 -18.36 20.75
C LEU C 235 32.52 -19.49 21.55
N VAL C 236 33.84 -19.51 21.58
CA VAL C 236 34.59 -20.53 22.32
C VAL C 236 34.94 -20.03 23.71
N GLU C 237 34.39 -20.69 24.72
CA GLU C 237 34.65 -20.33 26.11
C GLU C 237 36.15 -20.38 26.40
N PRO C 238 36.61 -19.56 27.36
CA PRO C 238 38.01 -19.60 27.77
C PRO C 238 38.37 -20.97 28.33
N GLY C 239 39.48 -21.55 27.87
CA GLY C 239 39.90 -22.85 28.32
C GLY C 239 39.43 -24.00 27.43
N ASP C 240 38.38 -23.76 26.66
CA ASP C 240 37.79 -24.81 25.81
C ASP C 240 38.54 -24.97 24.49
N LYS C 241 38.44 -26.15 23.89
CA LYS C 241 39.08 -26.42 22.62
C LYS C 241 38.05 -26.57 21.49
N ILE C 242 38.38 -26.05 20.31
CA ILE C 242 37.55 -26.21 19.13
C ILE C 242 38.33 -26.94 18.04
N THR C 243 37.66 -27.85 17.33
CA THR C 243 38.35 -28.68 16.34
C THR C 243 37.67 -28.63 14.97
N PHE C 244 38.49 -28.62 13.93
CA PHE C 244 38.01 -28.64 12.56
C PHE C 244 38.50 -29.89 11.82
N GLU C 245 37.57 -30.65 11.28
CA GLU C 245 37.89 -31.84 10.51
C GLU C 245 37.22 -31.73 9.14
N ALA C 246 37.91 -32.14 8.09
CA ALA C 246 37.36 -31.99 6.75
C ALA C 246 38.09 -32.78 5.68
N THR C 247 37.39 -33.02 4.57
CA THR C 247 37.99 -33.64 3.40
C THR C 247 37.69 -32.79 2.17
N GLY C 248 37.39 -31.51 2.40
CA GLY C 248 37.11 -30.57 1.34
C GLY C 248 36.03 -29.57 1.72
N ASN C 249 35.91 -28.52 0.92
CA ASN C 249 34.80 -27.55 1.05
C ASN C 249 34.86 -26.65 2.29
N LEU C 250 35.95 -26.75 3.05
CA LEU C 250 36.09 -25.96 4.27
C LEU C 250 36.89 -24.69 4.06
N VAL C 251 36.28 -23.54 4.35
CA VAL C 251 36.99 -22.28 4.36
C VAL C 251 37.45 -22.02 5.79
N VAL C 252 38.67 -22.45 6.08
CA VAL C 252 39.19 -22.44 7.45
C VAL C 252 39.33 -21.05 8.04
N PRO C 253 39.20 -20.94 9.38
CA PRO C 253 39.45 -19.68 10.08
C PRO C 253 40.93 -19.32 10.02
N ARG C 254 41.23 -18.05 9.78
CA ARG C 254 42.60 -17.56 9.87
C ARG C 254 42.71 -16.56 11.02
N TYR C 255 41.77 -15.62 11.06
CA TYR C 255 41.73 -14.63 12.13
C TYR C 255 40.45 -14.76 12.97
N ALA C 256 40.63 -15.04 14.25
CA ALA C 256 39.51 -15.08 15.18
C ALA C 256 39.52 -13.82 16.06
N PHE C 257 38.60 -13.73 17.00
CA PHE C 257 38.48 -12.52 17.81
C PHE C 257 38.31 -12.81 19.30
N ALA C 258 39.31 -12.44 20.09
CA ALA C 258 39.21 -12.49 21.54
C ALA C 258 38.43 -11.27 22.01
N MET C 259 37.29 -11.49 22.66
CA MET C 259 36.38 -10.40 22.99
C MET C 259 35.62 -10.59 24.29
N GLU C 260 35.15 -9.48 24.86
CA GLU C 260 34.25 -9.50 25.99
C GLU C 260 32.96 -8.74 25.65
N ARG C 261 31.87 -9.47 25.48
CA ARG C 261 30.60 -8.86 25.11
C ARG C 261 30.11 -7.92 26.22
N ASN C 262 29.29 -6.94 25.84
CA ASN C 262 28.78 -5.98 26.81
C ASN C 262 27.25 -5.89 26.85
N ALA C 263 26.68 -6.26 27.99
CA ALA C 263 25.25 -6.14 28.27
C ALA C 263 24.35 -6.08 27.02
N GLY C 264 23.51 -5.06 26.97
CA GLY C 264 22.55 -4.92 25.89
C GLY C 264 22.56 -3.56 25.22
N SER C 265 23.34 -3.45 24.15
CA SER C 265 23.34 -2.24 23.34
C SER C 265 22.53 -2.48 22.07
N GLY C 266 22.85 -1.75 21.01
CA GLY C 266 22.12 -1.88 19.76
C GLY C 266 22.89 -1.42 18.54
N ILE C 267 22.18 -1.33 17.41
CA ILE C 267 22.79 -0.93 16.14
C ILE C 267 21.98 0.20 15.50
N ILE C 268 22.67 1.26 15.10
CA ILE C 268 21.99 2.36 14.41
C ILE C 268 22.43 2.47 12.95
N ILE C 269 21.46 2.39 12.05
CA ILE C 269 21.72 2.55 10.63
C ILE C 269 21.28 3.95 10.21
N SER C 270 22.24 4.79 9.85
CA SER C 270 21.93 6.19 9.56
C SER C 270 23.07 6.93 8.85
N ASP C 271 22.73 8.04 8.20
CA ASP C 271 23.71 8.92 7.56
C ASP C 271 24.22 9.96 8.54
N THR C 272 23.47 10.17 9.63
CA THR C 272 23.86 11.12 10.65
C THR C 272 25.33 10.96 11.02
N PRO C 273 26.11 12.04 10.92
CA PRO C 273 27.56 12.02 11.15
C PRO C 273 27.93 11.80 12.61
N VAL C 274 28.97 11.00 12.83
CA VAL C 274 29.52 10.82 14.17
C VAL C 274 30.25 12.09 14.59
N HIS C 275 30.23 12.39 15.89
CA HIS C 275 30.88 13.58 16.42
C HIS C 275 31.43 13.31 17.82
N ASP C 276 32.53 13.96 18.17
CA ASP C 276 33.13 13.77 19.48
C ASP C 276 32.37 14.54 20.55
N CYS C 277 31.28 13.95 21.04
CA CYS C 277 30.49 14.55 22.10
C CYS C 277 29.91 13.46 22.98
N ASN C 278 29.59 13.80 24.22
CA ASN C 278 29.01 12.84 25.14
C ASN C 278 27.50 12.96 25.20
N THR C 279 26.83 11.81 25.31
CA THR C 279 25.39 11.78 25.44
C THR C 279 24.99 10.59 26.30
N THR C 280 23.72 10.55 26.70
CA THR C 280 23.20 9.44 27.48
C THR C 280 22.01 8.81 26.78
N CYS C 281 21.54 9.46 25.72
CA CYS C 281 20.41 8.95 24.95
C CYS C 281 20.65 9.21 23.47
N GLN C 282 20.89 8.14 22.71
CA GLN C 282 21.22 8.24 21.30
C GLN C 282 20.03 7.93 20.39
N THR C 283 19.86 8.78 19.37
CA THR C 283 18.79 8.62 18.39
C THR C 283 19.38 8.62 16.98
N PRO C 284 18.81 7.80 16.09
CA PRO C 284 19.27 7.68 14.70
C PRO C 284 19.32 9.03 13.98
N LYS C 285 18.63 10.03 14.51
CA LYS C 285 18.58 11.36 13.91
C LYS C 285 19.56 12.30 14.59
N GLY C 286 19.95 11.96 15.81
CA GLY C 286 20.84 12.79 16.61
C GLY C 286 20.75 12.41 18.08
N ALA C 287 21.53 13.08 18.91
CA ALA C 287 21.57 12.76 20.33
C ALA C 287 20.57 13.59 21.14
N ILE C 288 20.22 13.10 22.32
CA ILE C 288 19.31 13.81 23.21
C ILE C 288 19.92 13.95 24.59
N ASN C 289 20.08 15.19 25.04
CA ASN C 289 20.57 15.44 26.39
C ASN C 289 19.60 16.32 27.15
N THR C 290 18.68 15.68 27.86
CA THR C 290 17.64 16.41 28.58
C THR C 290 17.37 15.76 29.94
N SER C 291 16.84 16.56 30.86
CA SER C 291 16.41 16.03 32.15
C SER C 291 14.90 15.82 32.12
N LEU C 292 14.26 16.22 31.02
CA LEU C 292 12.82 16.09 30.86
C LEU C 292 12.40 14.62 30.73
N PRO C 293 11.20 14.29 31.22
CA PRO C 293 10.71 12.91 31.26
C PRO C 293 10.14 12.40 29.94
N PHE C 294 9.79 13.30 29.02
CA PHE C 294 9.16 12.87 27.77
C PHE C 294 9.84 13.44 26.54
N GLN C 295 9.80 12.68 25.44
CA GLN C 295 10.47 13.08 24.21
C GLN C 295 9.69 12.65 22.97
N ASN C 296 9.72 13.49 21.94
CA ASN C 296 9.04 13.18 20.69
C ASN C 296 9.96 13.24 19.47
N ILE C 297 11.23 12.91 19.69
CA ILE C 297 12.22 12.96 18.61
C ILE C 297 12.19 11.69 17.75
N HIS C 298 12.15 10.54 18.42
CA HIS C 298 12.26 9.25 17.75
C HIS C 298 11.95 8.14 18.74
N PRO C 299 11.15 7.16 18.32
CA PRO C 299 10.78 6.03 19.19
C PRO C 299 11.96 5.10 19.47
N ILE C 300 12.85 4.94 18.48
CA ILE C 300 13.98 4.02 18.59
C ILE C 300 15.24 4.72 19.10
N THR C 301 15.55 4.50 20.37
CA THR C 301 16.68 5.17 21.00
C THR C 301 17.55 4.18 21.78
N ILE C 302 18.80 4.54 21.97
CA ILE C 302 19.73 3.70 22.73
C ILE C 302 20.30 4.49 23.90
N GLY C 303 20.15 3.95 25.10
CA GLY C 303 20.69 4.56 26.30
C GLY C 303 19.68 4.71 27.42
N LYS C 304 19.84 5.75 28.21
CA LYS C 304 18.90 6.07 29.29
C LYS C 304 18.08 7.29 28.86
N CYS C 305 16.99 7.04 28.16
CA CYS C 305 16.24 8.10 27.48
C CYS C 305 14.86 8.37 28.07
N PRO C 306 14.34 9.57 27.82
CA PRO C 306 12.94 9.89 28.14
C PRO C 306 12.01 8.97 27.37
N LYS C 307 10.80 8.79 27.87
CA LYS C 307 9.84 7.94 27.18
C LYS C 307 9.34 8.65 25.93
N TYR C 308 9.01 7.87 24.89
CA TYR C 308 8.58 8.45 23.63
C TYR C 308 7.07 8.64 23.57
N VAL C 309 6.65 9.80 23.09
CA VAL C 309 5.24 10.12 22.92
C VAL C 309 5.04 10.83 21.59
N LYS C 310 3.81 10.82 21.08
CA LYS C 310 3.51 11.59 19.87
C LYS C 310 2.78 12.89 20.21
N SER C 311 3.05 13.40 21.40
CA SER C 311 2.59 14.73 21.77
C SER C 311 3.41 15.76 21.01
N THR C 312 2.91 16.98 20.92
CA THR C 312 3.65 18.05 20.27
C THR C 312 3.83 19.22 21.23
N LYS C 313 3.12 19.15 22.35
CA LYS C 313 3.17 20.21 23.35
C LYS C 313 2.78 19.65 24.72
N LEU C 314 3.73 19.68 25.66
CA LEU C 314 3.48 19.30 27.04
C LEU C 314 3.96 20.41 27.98
N ARG C 315 3.10 21.38 28.23
CA ARG C 315 3.50 22.56 28.99
C ARG C 315 2.88 22.60 30.39
N LEU C 316 3.73 22.54 31.40
CA LEU C 316 3.28 22.63 32.79
C LEU C 316 3.20 24.08 33.26
N ALA C 317 2.02 24.47 33.75
CA ALA C 317 1.84 25.81 34.31
C ALA C 317 2.40 25.85 35.73
N THR C 318 3.29 26.79 35.98
CA THR C 318 3.84 27.00 37.31
C THR C 318 3.23 28.26 37.93
N GLY C 319 2.98 29.25 37.08
CA GLY C 319 2.37 30.49 37.52
C GLY C 319 0.86 30.46 37.38
N LEU C 320 0.21 31.60 37.62
CA LEU C 320 -1.24 31.67 37.54
C LEU C 320 -1.73 32.29 36.23
N ARG C 321 -3.03 32.23 36.00
CA ARG C 321 -3.64 32.80 34.81
C ARG C 321 -3.25 34.27 34.67
N ASN C 322 -2.65 34.61 33.52
CA ASN C 322 -2.22 35.99 33.27
C ASN C 322 -3.36 36.87 32.77
N ILE C 323 -3.71 37.87 33.56
CA ILE C 323 -4.81 38.77 33.23
C ILE C 323 -4.41 40.23 33.35
N PRO C 324 -3.82 40.78 32.28
CA PRO C 324 -3.40 42.19 32.26
C PRO C 324 -4.59 43.14 32.36
N GLY D 1 -13.06 30.85 39.31
CA GLY D 1 -12.28 29.63 39.39
C GLY D 1 -12.86 28.64 40.38
N LEU D 2 -11.99 27.93 41.10
CA LEU D 2 -12.44 26.94 42.07
C LEU D 2 -12.62 27.57 43.44
N PHE D 3 -11.92 28.69 43.67
CA PHE D 3 -11.98 29.37 44.97
C PHE D 3 -12.53 30.79 44.86
N GLY D 4 -13.04 31.14 43.68
CA GLY D 4 -13.77 32.38 43.48
C GLY D 4 -12.95 33.65 43.34
N ALA D 5 -11.71 33.63 43.82
CA ALA D 5 -10.87 34.83 43.80
C ALA D 5 -10.39 35.20 42.41
N ILE D 6 -9.37 34.49 41.93
CA ILE D 6 -8.77 34.77 40.63
C ILE D 6 -9.77 34.54 39.50
N ALA D 7 -9.81 35.48 38.56
CA ALA D 7 -10.77 35.41 37.46
C ALA D 7 -12.18 35.32 38.04
N GLY D 8 -12.33 35.80 39.27
CA GLY D 8 -13.62 35.79 39.94
C GLY D 8 -13.98 37.16 40.45
N PHE D 9 -14.07 37.31 41.77
CA PHE D 9 -14.44 38.59 42.35
C PHE D 9 -13.25 39.56 42.38
N ILE D 10 -12.05 39.02 42.16
CA ILE D 10 -10.89 39.85 41.89
C ILE D 10 -10.61 39.72 40.39
N GLU D 11 -11.32 40.52 39.61
CA GLU D 11 -11.44 40.31 38.16
C GLU D 11 -10.15 40.29 37.35
N GLY D 12 -9.14 41.05 37.76
CA GLY D 12 -7.91 41.14 36.98
C GLY D 12 -6.63 41.08 37.78
N GLY D 13 -5.51 40.92 37.08
CA GLY D 13 -4.20 40.88 37.70
C GLY D 13 -3.51 42.23 37.76
N TRP D 14 -2.45 42.31 38.55
CA TRP D 14 -1.73 43.57 38.74
C TRP D 14 -0.33 43.53 38.13
N THR D 15 -0.13 44.28 37.05
CA THR D 15 1.19 44.41 36.45
C THR D 15 2.07 45.30 37.31
N GLY D 16 1.43 46.15 38.12
CA GLY D 16 2.13 47.04 39.01
C GLY D 16 2.90 46.31 40.10
N MET D 17 2.43 45.10 40.43
CA MET D 17 3.09 44.31 41.46
C MET D 17 4.07 43.31 40.84
N VAL D 18 5.13 43.83 40.24
CA VAL D 18 6.20 42.99 39.73
C VAL D 18 7.01 42.44 40.89
N ASP D 19 6.47 42.63 42.09
CA ASP D 19 7.15 42.24 43.32
C ASP D 19 7.10 40.74 43.57
N GLY D 20 6.02 40.09 43.16
CA GLY D 20 5.84 38.66 43.40
C GLY D 20 4.59 38.07 42.79
N TRP D 21 4.07 37.03 43.44
CA TRP D 21 2.87 36.34 42.94
C TRP D 21 1.57 36.89 43.53
N TYR D 22 1.53 37.06 44.85
CA TYR D 22 0.36 37.61 45.53
C TYR D 22 0.78 38.83 46.35
N GLY D 23 -0.17 39.68 46.70
CA GLY D 23 0.14 40.86 47.49
C GLY D 23 -1.01 41.81 47.73
N TYR D 24 -0.68 43.05 48.10
CA TYR D 24 -1.68 44.05 48.41
C TYR D 24 -1.47 45.36 47.65
N HIS D 25 -2.49 46.21 47.69
CA HIS D 25 -2.38 47.59 47.23
C HIS D 25 -3.17 48.50 48.17
N HIS D 26 -2.46 49.37 48.88
CA HIS D 26 -3.09 50.23 49.88
C HIS D 26 -3.07 51.69 49.44
N GLN D 27 -3.81 52.52 50.15
CA GLN D 27 -3.77 53.96 49.93
C GLN D 27 -4.36 54.75 51.11
N ASN D 28 -3.47 55.35 51.89
CA ASN D 28 -3.85 56.25 52.97
C ASN D 28 -3.28 57.63 52.71
N GLU D 29 -3.57 58.59 53.60
CA GLU D 29 -3.08 59.95 53.43
C GLU D 29 -1.57 60.06 53.57
N GLN D 30 -0.90 58.91 53.64
CA GLN D 30 0.56 58.87 53.62
C GLN D 30 1.03 58.61 52.20
N GLY D 31 0.46 57.58 51.57
CA GLY D 31 0.81 57.22 50.21
C GLY D 31 0.10 55.96 49.75
N SER D 32 0.67 55.30 48.75
CA SER D 32 0.07 54.09 48.19
C SER D 32 1.09 53.32 47.36
N GLY D 33 0.71 52.13 46.91
CA GLY D 33 1.59 51.31 46.09
C GLY D 33 1.30 49.83 46.17
N TYR D 34 1.92 49.07 45.27
CA TYR D 34 1.77 47.62 45.24
C TYR D 34 2.84 46.96 46.10
N ALA D 35 2.43 45.91 46.83
CA ALA D 35 3.36 45.19 47.69
C ALA D 35 3.03 43.70 47.71
N ALA D 36 3.94 42.88 47.21
CA ALA D 36 3.73 41.43 47.18
C ALA D 36 3.96 40.80 48.54
N ASP D 37 3.09 39.86 48.92
CA ASP D 37 3.21 39.16 50.19
C ASP D 37 4.33 38.13 50.12
N LEU D 38 5.48 38.46 50.72
CA LEU D 38 6.65 37.61 50.64
C LEU D 38 6.41 36.21 51.21
N LYS D 39 5.70 36.15 52.33
CA LYS D 39 5.41 34.88 53.00
C LYS D 39 4.68 33.90 52.08
N SER D 40 3.51 34.30 51.60
CA SER D 40 2.70 33.45 50.74
C SER D 40 3.41 33.16 49.41
N THR D 41 3.94 34.20 48.79
CA THR D 41 4.64 34.06 47.51
C THR D 41 5.76 33.03 47.60
N GLN D 42 6.57 33.13 48.64
CA GLN D 42 7.70 32.23 48.82
C GLN D 42 7.24 30.78 48.93
N ASN D 43 6.27 30.53 49.79
CA ASN D 43 5.73 29.18 49.95
C ASN D 43 5.23 28.59 48.63
N ALA D 44 4.54 29.41 47.84
CA ALA D 44 4.02 28.96 46.55
C ALA D 44 5.19 28.52 45.66
N ILE D 45 6.16 29.41 45.49
CA ILE D 45 7.34 29.09 44.70
C ILE D 45 8.01 27.80 45.19
N ASP D 46 8.15 27.68 46.51
CA ASP D 46 8.76 26.50 47.10
C ASP D 46 7.97 25.23 46.78
N GLU D 47 6.65 25.32 46.85
CA GLU D 47 5.80 24.16 46.63
C GLU D 47 5.57 23.87 45.15
N ILE D 48 5.43 24.93 44.35
CA ILE D 48 5.28 24.77 42.91
C ILE D 48 6.56 24.18 42.32
N THR D 49 7.70 24.53 42.90
CA THR D 49 8.98 23.99 42.51
C THR D 49 9.03 22.48 42.75
N ASN D 50 8.73 22.07 43.98
CA ASN D 50 8.68 20.66 44.34
C ASN D 50 7.78 19.88 43.39
N LYS D 51 6.66 20.49 43.01
CA LYS D 51 5.73 19.86 42.07
C LYS D 51 6.42 19.60 40.73
N VAL D 52 6.98 20.65 40.15
CA VAL D 52 7.70 20.52 38.88
C VAL D 52 8.81 19.46 38.98
N ASN D 53 9.54 19.47 40.08
CA ASN D 53 10.63 18.51 40.27
C ASN D 53 10.10 17.10 40.46
N SER D 54 8.94 16.97 41.10
CA SER D 54 8.32 15.66 41.30
C SER D 54 7.95 15.01 39.98
N VAL D 55 7.32 15.78 39.10
CA VAL D 55 6.92 15.26 37.79
C VAL D 55 8.14 14.84 36.98
N ILE D 56 9.25 15.52 37.20
CA ILE D 56 10.47 15.27 36.45
C ILE D 56 11.38 14.22 37.09
N GLU D 57 11.86 14.51 38.29
CA GLU D 57 12.82 13.65 38.98
C GLU D 57 12.34 12.19 39.07
N LYS D 58 11.02 12.01 39.12
CA LYS D 58 10.45 10.68 39.37
C LYS D 58 10.49 9.74 38.16
N MET D 59 10.94 10.24 37.02
CA MET D 59 11.02 9.40 35.83
C MET D 59 12.11 8.32 35.98
N ASN D 60 13.37 8.73 35.89
CA ASN D 60 14.48 7.81 36.12
C ASN D 60 14.31 6.47 35.40
N THR D 61 14.61 6.47 34.11
CA THR D 61 14.35 5.30 33.28
C THR D 61 15.50 4.30 33.24
N GLN D 62 15.24 3.12 32.70
CA GLN D 62 16.23 2.07 32.56
C GLN D 62 16.98 2.20 31.24
N PHE D 63 18.24 1.76 31.23
CA PHE D 63 19.03 1.78 30.00
C PHE D 63 18.48 0.74 29.02
N THR D 64 18.03 1.20 27.86
CA THR D 64 17.41 0.31 26.88
C THR D 64 17.90 0.60 25.47
N ALA D 65 18.02 -0.45 24.66
CA ALA D 65 18.42 -0.32 23.27
C ALA D 65 17.21 -0.12 22.34
N VAL D 66 16.12 -0.83 22.65
CA VAL D 66 14.85 -0.68 21.94
C VAL D 66 14.85 -1.23 20.51
N GLY D 67 15.85 -0.86 19.72
CA GLY D 67 15.93 -1.32 18.35
C GLY D 67 16.22 -2.81 18.27
N LYS D 68 15.50 -3.51 17.40
CA LYS D 68 15.69 -4.95 17.22
C LYS D 68 15.71 -5.31 15.74
N GLU D 69 16.56 -6.27 15.38
CA GLU D 69 16.71 -6.68 14.00
C GLU D 69 16.24 -8.12 13.76
N PHE D 70 15.22 -8.27 12.93
CA PHE D 70 14.67 -9.58 12.60
C PHE D 70 14.72 -9.85 11.10
N ASN D 71 14.96 -11.10 10.72
CA ASN D 71 15.05 -11.47 9.31
C ASN D 71 13.70 -11.75 8.66
N HIS D 72 13.74 -12.15 7.39
CA HIS D 72 12.53 -12.30 6.58
C HIS D 72 11.61 -13.43 7.03
N LEU D 73 12.10 -14.29 7.93
CA LEU D 73 11.28 -15.38 8.45
C LEU D 73 11.00 -15.19 9.94
N GLU D 74 11.06 -13.96 10.41
CA GLU D 74 10.80 -13.65 11.81
C GLU D 74 9.79 -12.52 11.94
N LYS D 75 8.83 -12.48 11.00
CA LYS D 75 7.86 -11.40 10.94
C LYS D 75 6.96 -11.39 12.16
N ARG D 76 6.73 -12.56 12.75
CA ARG D 76 5.89 -12.69 13.93
C ARG D 76 6.47 -11.98 15.15
N ILE D 77 7.72 -12.30 15.50
CA ILE D 77 8.36 -11.67 16.65
C ILE D 77 8.73 -10.23 16.36
N GLU D 78 8.77 -9.88 15.08
CA GLU D 78 8.99 -8.50 14.68
C GLU D 78 7.75 -7.67 15.00
N ASN D 79 6.58 -8.23 14.69
CA ASN D 79 5.31 -7.56 14.99
C ASN D 79 4.98 -7.58 16.47
N LEU D 80 5.50 -8.57 17.18
CA LEU D 80 5.39 -8.63 18.62
C LEU D 80 6.22 -7.52 19.25
N ASN D 81 7.39 -7.27 18.67
CA ASN D 81 8.27 -6.20 19.14
C ASN D 81 7.65 -4.84 18.88
N LYS D 82 6.98 -4.70 17.74
CA LYS D 82 6.34 -3.45 17.38
C LYS D 82 5.15 -3.19 18.31
N LYS D 83 4.47 -4.25 18.67
CA LYS D 83 3.33 -4.15 19.59
C LYS D 83 3.78 -3.64 20.95
N VAL D 84 4.97 -4.05 21.37
CA VAL D 84 5.54 -3.59 22.63
C VAL D 84 5.86 -2.11 22.59
N ASP D 85 6.58 -1.68 21.55
CA ASP D 85 6.94 -0.27 21.39
C ASP D 85 5.70 0.61 21.28
N ASP D 86 4.69 0.13 20.55
CA ASP D 86 3.46 0.89 20.34
C ASP D 86 2.61 0.95 21.61
N GLY D 87 2.53 -0.17 22.32
CA GLY D 87 1.84 -0.22 23.58
C GLY D 87 2.39 0.81 24.54
N PHE D 88 3.71 0.81 24.71
CA PHE D 88 4.37 1.80 25.55
C PHE D 88 4.12 3.20 25.03
N LEU D 89 4.03 3.34 23.71
CA LEU D 89 3.77 4.62 23.08
C LEU D 89 2.40 5.17 23.47
N ASP D 90 1.36 4.38 23.24
CA ASP D 90 0.00 4.78 23.56
C ASP D 90 -0.15 5.06 25.06
N ILE D 91 0.55 4.29 25.88
CA ILE D 91 0.47 4.46 27.34
C ILE D 91 1.07 5.78 27.78
N TRP D 92 2.35 5.99 27.48
CA TRP D 92 3.03 7.21 27.88
C TRP D 92 2.47 8.46 27.23
N THR D 93 1.87 8.31 26.04
CA THR D 93 1.28 9.45 25.37
C THR D 93 0.01 9.90 26.09
N TYR D 94 -0.86 8.94 26.39
CA TYR D 94 -2.11 9.22 27.07
C TYR D 94 -1.89 9.75 28.48
N ASN D 95 -1.08 9.04 29.25
CA ASN D 95 -0.78 9.43 30.63
C ASN D 95 -0.02 10.74 30.74
N ALA D 96 0.77 11.08 29.72
CA ALA D 96 1.50 12.34 29.74
C ALA D 96 0.56 13.52 29.48
N GLU D 97 -0.34 13.35 28.52
CA GLU D 97 -1.33 14.38 28.19
C GLU D 97 -2.22 14.66 29.38
N LEU D 98 -2.85 13.60 29.90
CA LEU D 98 -3.74 13.73 31.05
C LEU D 98 -3.05 14.34 32.26
N LEU D 99 -1.80 13.97 32.50
CA LEU D 99 -1.04 14.50 33.64
C LEU D 99 -0.98 16.02 33.57
N VAL D 100 -0.55 16.54 32.43
CA VAL D 100 -0.43 17.98 32.23
C VAL D 100 -1.79 18.68 32.37
N LEU D 101 -2.84 18.06 31.84
CA LEU D 101 -4.18 18.64 31.92
C LEU D 101 -4.70 18.71 33.35
N LEU D 102 -4.63 17.58 34.05
CA LEU D 102 -5.11 17.52 35.42
C LEU D 102 -4.31 18.41 36.36
N GLU D 103 -2.98 18.40 36.21
CA GLU D 103 -2.11 19.18 37.10
C GLU D 103 -2.14 20.68 36.80
N ASN D 104 -2.38 21.03 35.53
CA ASN D 104 -2.54 22.44 35.18
C ASN D 104 -3.78 23.03 35.83
N GLU D 105 -4.83 22.22 35.93
CA GLU D 105 -6.03 22.64 36.63
C GLU D 105 -5.72 22.80 38.12
N ARG D 106 -5.07 21.78 38.70
CA ARG D 106 -4.69 21.81 40.12
C ARG D 106 -3.80 23.00 40.46
N THR D 107 -2.88 23.32 39.57
CA THR D 107 -1.97 24.44 39.79
C THR D 107 -2.72 25.76 39.84
N LEU D 108 -3.58 26.01 38.87
CA LEU D 108 -4.38 27.24 38.86
C LEU D 108 -5.25 27.31 40.10
N ASP D 109 -5.87 26.19 40.47
CA ASP D 109 -6.68 26.14 41.68
C ASP D 109 -5.84 26.50 42.90
N TYR D 110 -4.59 26.06 42.89
CA TYR D 110 -3.66 26.35 43.98
C TYR D 110 -3.46 27.84 44.17
N HIS D 111 -3.20 28.54 43.07
CA HIS D 111 -2.99 29.99 43.12
C HIS D 111 -4.26 30.71 43.55
N ASP D 112 -5.41 30.23 43.07
CA ASP D 112 -6.69 30.78 43.44
C ASP D 112 -6.91 30.63 44.94
N SER D 113 -6.66 29.42 45.43
CA SER D 113 -6.79 29.14 46.86
C SER D 113 -5.90 30.07 47.68
N ASN D 114 -4.66 30.25 47.24
CA ASN D 114 -3.72 31.13 47.94
C ASN D 114 -4.25 32.54 48.10
N VAL D 115 -4.82 33.08 47.03
CA VAL D 115 -5.40 34.43 47.05
C VAL D 115 -6.59 34.50 48.00
N LYS D 116 -7.48 33.52 47.90
CA LYS D 116 -8.66 33.46 48.76
C LYS D 116 -8.26 33.46 50.24
N ASN D 117 -7.35 32.56 50.60
CA ASN D 117 -6.89 32.46 51.99
C ASN D 117 -6.21 33.75 52.46
N LEU D 118 -5.77 34.55 51.49
CA LEU D 118 -5.12 35.81 51.79
C LEU D 118 -6.18 36.89 52.00
N TYR D 119 -7.25 36.81 51.22
CA TYR D 119 -8.35 37.77 51.31
C TYR D 119 -9.19 37.53 52.56
N GLU D 120 -9.51 36.26 52.83
CA GLU D 120 -10.30 35.92 54.01
C GLU D 120 -9.55 36.23 55.30
N LYS D 121 -8.22 36.12 55.27
CA LYS D 121 -7.40 36.38 56.44
C LYS D 121 -7.52 37.83 56.89
N VAL D 122 -7.66 38.73 55.92
CA VAL D 122 -7.86 40.15 56.20
C VAL D 122 -9.31 40.41 56.60
N ARG D 123 -10.24 39.80 55.87
CA ARG D 123 -11.66 39.96 56.16
C ARG D 123 -11.99 39.56 57.60
N SER D 124 -11.27 38.58 58.13
CA SER D 124 -11.54 38.06 59.46
C SER D 124 -10.90 38.90 60.56
N GLN D 125 -10.07 39.85 60.17
CA GLN D 125 -9.42 40.74 61.13
C GLN D 125 -10.22 42.02 61.34
N LEU D 126 -10.72 42.58 60.24
CA LEU D 126 -11.40 43.87 60.29
C LEU D 126 -12.83 43.75 60.80
N LYS D 127 -13.56 42.76 60.29
CA LYS D 127 -14.96 42.57 60.62
C LYS D 127 -15.77 43.83 60.32
N ASN D 128 -16.04 44.61 61.37
CA ASN D 128 -16.85 45.82 61.25
C ASN D 128 -16.03 47.09 60.95
N ASN D 129 -14.74 47.03 61.26
CA ASN D 129 -13.88 48.20 61.10
C ASN D 129 -13.72 48.65 59.63
N ALA D 130 -14.28 47.88 58.71
CA ALA D 130 -14.20 48.22 57.29
C ALA D 130 -15.29 47.54 56.48
N LYS D 131 -15.54 48.07 55.28
CA LYS D 131 -16.52 47.47 54.39
C LYS D 131 -15.83 46.81 53.19
N GLU D 132 -16.52 45.90 52.53
CA GLU D 132 -15.99 45.24 51.35
C GLU D 132 -16.52 45.90 50.09
N ILE D 133 -15.70 46.76 49.48
CA ILE D 133 -16.13 47.51 48.30
C ILE D 133 -15.96 46.73 47.01
N GLY D 134 -15.90 45.41 47.12
CA GLY D 134 -15.80 44.56 45.94
C GLY D 134 -14.42 44.53 45.30
N ASN D 135 -14.27 43.67 44.30
CA ASN D 135 -12.99 43.49 43.63
C ASN D 135 -11.86 43.17 44.61
N GLY D 136 -12.22 42.51 45.71
CA GLY D 136 -11.24 42.13 46.71
C GLY D 136 -10.66 43.32 47.44
N CYS D 137 -11.42 44.40 47.52
CA CYS D 137 -10.94 45.62 48.17
C CYS D 137 -11.68 45.90 49.47
N PHE D 138 -10.93 46.35 50.48
CA PHE D 138 -11.51 46.72 51.77
C PHE D 138 -11.35 48.21 52.02
N GLU D 139 -12.47 48.91 52.19
CA GLU D 139 -12.45 50.32 52.57
C GLU D 139 -12.61 50.45 54.07
N PHE D 140 -11.57 50.95 54.74
CA PHE D 140 -11.61 51.13 56.19
C PHE D 140 -12.64 52.18 56.59
N TYR D 141 -13.44 51.85 57.59
CA TYR D 141 -14.38 52.79 58.18
C TYR D 141 -13.66 53.73 59.14
N HIS D 142 -12.34 53.67 59.12
CA HIS D 142 -11.52 54.51 59.97
C HIS D 142 -10.14 54.74 59.34
N LYS D 143 -9.36 55.64 59.93
CA LYS D 143 -8.04 55.97 59.42
C LYS D 143 -7.05 54.84 59.67
N CYS D 144 -6.43 54.34 58.60
CA CYS D 144 -5.47 53.26 58.71
C CYS D 144 -4.14 53.62 58.03
N ASP D 145 -3.27 54.28 58.78
CA ASP D 145 -1.95 54.64 58.26
C ASP D 145 -1.09 53.41 58.08
N ASN D 146 0.20 53.63 57.80
CA ASN D 146 1.12 52.54 57.54
C ASN D 146 1.27 51.57 58.71
N THR D 147 1.43 52.13 59.91
CA THR D 147 1.60 51.29 61.10
C THR D 147 0.36 50.43 61.34
N CYS D 148 -0.75 50.83 60.73
CA CYS D 148 -2.00 50.07 60.81
C CYS D 148 -2.10 49.11 59.64
N MET D 149 -1.60 49.55 58.48
CA MET D 149 -1.65 48.75 57.26
C MET D 149 -0.72 47.55 57.38
N GLU D 150 0.47 47.77 57.91
CA GLU D 150 1.44 46.71 58.11
C GLU D 150 0.92 45.72 59.14
N SER D 151 0.08 46.21 60.05
CA SER D 151 -0.50 45.39 61.10
C SER D 151 -1.40 44.29 60.52
N VAL D 152 -2.24 44.65 59.56
CA VAL D 152 -3.19 43.72 58.97
C VAL D 152 -2.49 42.67 58.12
N LYS D 153 -1.32 43.03 57.59
CA LYS D 153 -0.52 42.11 56.78
C LYS D 153 0.21 41.11 57.65
N ASN D 154 0.19 41.36 58.96
CA ASN D 154 0.80 40.44 59.93
C ASN D 154 -0.25 39.67 60.72
N GLY D 155 -1.52 39.99 60.48
CA GLY D 155 -2.60 39.35 61.20
C GLY D 155 -2.67 39.79 62.64
N THR D 156 -1.98 40.89 62.95
CA THR D 156 -1.89 41.40 64.31
C THR D 156 -2.72 42.67 64.49
N TYR D 157 -3.63 42.92 63.54
CA TYR D 157 -4.50 44.09 63.60
C TYR D 157 -5.34 44.09 64.88
N ASP D 158 -5.46 45.28 65.48
CA ASP D 158 -6.22 45.42 66.72
C ASP D 158 -7.61 46.00 66.46
N TYR D 159 -8.61 45.13 66.45
CA TYR D 159 -9.99 45.52 66.18
C TYR D 159 -10.55 46.54 67.18
N PRO D 160 -10.44 46.25 68.49
CA PRO D 160 -11.00 47.15 69.52
C PRO D 160 -10.48 48.57 69.41
N LYS D 161 -9.20 48.73 69.09
CA LYS D 161 -8.56 50.03 69.04
C LYS D 161 -9.31 51.03 68.15
N TYR D 162 -9.95 50.52 67.10
CA TYR D 162 -10.61 51.38 66.13
C TYR D 162 -12.11 51.10 66.06
N SER D 163 -12.59 50.22 66.93
CA SER D 163 -13.99 49.80 66.90
C SER D 163 -14.97 50.97 67.01
N GLU D 164 -14.79 51.79 68.04
CA GLU D 164 -15.69 52.91 68.30
C GLU D 164 -15.66 53.95 67.18
N GLU D 165 -14.47 54.24 66.66
CA GLU D 165 -14.32 55.24 65.61
C GLU D 165 -15.06 54.80 64.34
N ALA D 166 -15.01 53.51 64.05
CA ALA D 166 -15.68 52.97 62.87
C ALA D 166 -17.19 53.04 63.02
N LYS D 167 -17.66 52.89 64.26
CA LYS D 167 -19.08 52.90 64.57
C LYS D 167 -19.80 54.12 64.01
N LEU D 168 -19.14 55.28 64.07
CA LEU D 168 -19.76 56.54 63.67
C LEU D 168 -19.76 56.73 62.16
N ASN D 169 -18.67 56.36 61.50
CA ASN D 169 -18.55 56.53 60.06
C ASN D 169 -19.60 55.75 59.26
N ARG D 170 -20.35 54.90 59.95
CA ARG D 170 -21.51 54.24 59.35
C ARG D 170 -22.77 55.02 59.68
N GLU D 171 -23.08 56.02 58.85
CA GLU D 171 -24.24 56.88 59.09
C GLU D 171 -25.48 56.10 59.50
N ASP E 3 -17.57 31.78 78.62
CA ASP E 3 -17.72 30.44 78.06
C ASP E 3 -17.18 30.36 76.64
N THR E 4 -16.32 29.37 76.38
CA THR E 4 -15.66 29.25 75.08
C THR E 4 -15.88 27.87 74.45
N LEU E 5 -16.05 27.88 73.13
CA LEU E 5 -16.14 26.66 72.35
C LEU E 5 -15.20 26.74 71.16
N CYS E 6 -14.21 25.85 71.12
CA CYS E 6 -13.23 25.88 70.03
C CYS E 6 -13.37 24.67 69.10
N ILE E 7 -13.07 24.89 67.83
CA ILE E 7 -13.05 23.81 66.84
C ILE E 7 -11.61 23.51 66.46
N GLY E 8 -11.24 22.24 66.51
CA GLY E 8 -9.86 21.85 66.23
C GLY E 8 -9.73 20.47 65.60
N TYR E 9 -8.49 20.03 65.45
CA TYR E 9 -8.21 18.74 64.84
C TYR E 9 -7.24 17.91 65.68
N HIS E 10 -7.08 16.65 65.32
CA HIS E 10 -6.30 15.70 66.11
C HIS E 10 -4.79 15.91 66.00
N ALA E 11 -4.08 15.44 67.01
CA ALA E 11 -2.62 15.46 67.03
C ALA E 11 -2.11 14.37 67.97
N ASN E 12 -1.06 13.66 67.55
CA ASN E 12 -0.53 12.56 68.34
C ASN E 12 1.00 12.48 68.30
N ASN E 13 1.54 11.40 68.85
CA ASN E 13 2.97 11.17 68.87
C ASN E 13 3.47 10.51 67.58
N SER E 14 2.59 10.39 66.59
CA SER E 14 2.92 9.76 65.32
C SER E 14 4.13 10.43 64.67
N THR E 15 5.06 9.60 64.20
CA THR E 15 6.25 10.10 63.52
C THR E 15 6.30 9.66 62.06
N ASP E 16 5.19 9.11 61.59
CA ASP E 16 5.07 8.70 60.20
C ASP E 16 5.20 9.91 59.27
N THR E 17 6.02 9.78 58.25
CA THR E 17 6.18 10.86 57.27
C THR E 17 5.72 10.41 55.89
N VAL E 18 5.16 11.35 55.13
CA VAL E 18 4.76 11.09 53.76
C VAL E 18 5.25 12.21 52.86
N ASP E 19 5.18 11.97 51.55
CA ASP E 19 5.53 13.00 50.58
C ASP E 19 4.29 13.38 49.79
N THR E 20 4.15 14.66 49.49
CA THR E 20 3.10 15.13 48.61
C THR E 20 3.74 15.85 47.45
N VAL E 21 3.00 15.99 46.35
CA VAL E 21 3.51 16.66 45.17
C VAL E 21 3.99 18.08 45.51
N LEU E 22 3.49 18.62 46.61
CA LEU E 22 3.82 20.00 47.01
C LEU E 22 5.04 20.09 47.94
N GLU E 23 5.16 19.17 48.88
CA GLU E 23 6.31 19.17 49.78
C GLU E 23 6.61 17.79 50.37
N LYS E 24 7.88 17.53 50.65
CA LYS E 24 8.33 16.22 51.11
C LYS E 24 8.41 16.13 52.62
N ASN E 25 8.48 14.90 53.13
CA ASN E 25 8.66 14.64 54.55
C ASN E 25 7.65 15.39 55.42
N VAL E 26 6.37 15.10 55.23
CA VAL E 26 5.32 15.71 56.05
C VAL E 26 4.82 14.73 57.10
N THR E 27 5.01 15.08 58.37
CA THR E 27 4.55 14.23 59.46
C THR E 27 3.03 14.28 59.54
N VAL E 28 2.40 13.11 59.46
CA VAL E 28 0.95 13.03 59.54
C VAL E 28 0.52 12.12 60.70
N THR E 29 -0.74 12.24 61.10
CA THR E 29 -1.27 11.48 62.22
C THR E 29 -1.37 9.99 61.93
N HIS E 30 -1.82 9.64 60.73
CA HIS E 30 -1.96 8.25 60.34
C HIS E 30 -1.62 8.03 58.86
N SER E 31 -1.07 6.86 58.55
CA SER E 31 -0.72 6.52 57.17
C SER E 31 -0.65 5.01 56.99
N VAL E 32 -0.74 4.56 55.74
CA VAL E 32 -0.64 3.14 55.41
C VAL E 32 0.34 2.92 54.26
N ASN E 33 1.10 1.84 54.32
CA ASN E 33 2.06 1.53 53.28
C ASN E 33 1.41 0.84 52.09
N LEU E 34 1.61 1.38 50.89
CA LEU E 34 1.09 0.76 49.69
C LEU E 34 2.11 -0.19 49.08
N LEU E 35 3.34 -0.13 49.57
CA LEU E 35 4.41 -0.96 49.03
C LEU E 35 4.65 -2.19 49.90
N GLU E 36 4.43 -3.37 49.34
CA GLU E 36 4.78 -4.61 50.00
C GLU E 36 6.28 -4.83 49.88
N ASP E 37 6.99 -4.73 51.00
CA ASP E 37 8.44 -4.82 51.00
C ASP E 37 8.97 -5.87 51.97
N LYS E 38 8.23 -6.97 52.12
CA LYS E 38 8.66 -8.06 52.99
C LYS E 38 8.22 -9.41 52.43
N HIS E 39 8.98 -10.45 52.76
CA HIS E 39 8.66 -11.81 52.32
C HIS E 39 8.90 -12.81 53.44
N ASN E 40 8.74 -14.09 53.13
CA ASN E 40 8.89 -15.15 54.13
C ASN E 40 10.13 -16.02 53.91
N GLY E 41 10.94 -15.66 52.93
CA GLY E 41 12.18 -16.38 52.66
C GLY E 41 11.98 -17.87 52.46
N LYS E 42 10.84 -18.23 51.90
CA LYS E 42 10.52 -19.62 51.65
C LYS E 42 9.92 -19.82 50.27
N LEU E 43 10.10 -21.01 49.71
CA LEU E 43 9.46 -21.37 48.45
C LEU E 43 8.19 -22.16 48.77
N CYS E 44 7.07 -21.46 48.74
CA CYS E 44 5.79 -22.03 49.19
C CYS E 44 5.04 -22.75 48.08
N LYS E 45 3.93 -23.40 48.45
CA LYS E 45 3.02 -23.99 47.50
C LYS E 45 2.22 -22.90 46.81
N LEU E 46 2.23 -22.87 45.48
CA LEU E 46 1.42 -21.90 44.75
C LEU E 46 -0.01 -22.41 44.65
N ARG E 47 -0.97 -21.55 44.97
CA ARG E 47 -2.39 -21.89 44.92
C ARG E 47 -2.68 -23.30 45.44
N GLY E 48 -2.04 -23.67 46.54
CA GLY E 48 -2.27 -24.97 47.16
C GLY E 48 -1.34 -26.06 46.65
N VAL E 49 -0.85 -25.92 45.42
CA VAL E 49 0.00 -26.94 44.83
C VAL E 49 1.48 -26.65 45.09
N ALA E 50 2.20 -27.64 45.61
CA ALA E 50 3.62 -27.49 45.91
C ALA E 50 4.45 -27.48 44.63
N PRO E 51 5.71 -27.00 44.73
CA PRO E 51 6.63 -27.00 43.59
C PRO E 51 7.42 -28.30 43.50
N LEU E 52 8.08 -28.52 42.38
CA LEU E 52 8.92 -29.71 42.18
C LEU E 52 10.38 -29.34 42.35
N HIS E 53 10.95 -29.69 43.51
CA HIS E 53 12.33 -29.35 43.79
C HIS E 53 13.25 -30.45 43.25
N LEU E 54 14.16 -30.07 42.36
CA LEU E 54 15.05 -31.03 41.71
C LEU E 54 16.35 -31.23 42.47
N GLY E 55 16.54 -30.45 43.54
CA GLY E 55 17.72 -30.57 44.37
C GLY E 55 19.02 -30.35 43.62
N LYS E 56 19.88 -31.35 43.61
CA LYS E 56 21.18 -31.23 42.96
C LYS E 56 21.12 -31.56 41.48
N CYS E 57 19.91 -31.66 40.94
CA CYS E 57 19.72 -32.00 39.54
C CYS E 57 19.04 -30.85 38.78
N ASN E 58 19.29 -30.79 37.48
CA ASN E 58 18.55 -29.88 36.61
C ASN E 58 17.47 -30.63 35.86
N ILE E 59 16.60 -29.90 35.17
CA ILE E 59 15.48 -30.53 34.46
C ILE E 59 15.95 -31.64 33.52
N ALA E 60 17.07 -31.42 32.84
CA ALA E 60 17.60 -32.43 31.93
C ALA E 60 17.94 -33.72 32.66
N GLY E 61 18.77 -33.60 33.70
CA GLY E 61 19.18 -34.75 34.48
C GLY E 61 18.01 -35.47 35.14
N TRP E 62 16.97 -34.72 35.48
CA TRP E 62 15.79 -35.30 36.11
C TRP E 62 14.88 -36.01 35.12
N ILE E 63 14.57 -35.34 34.01
CA ILE E 63 13.69 -35.91 33.00
C ILE E 63 14.33 -37.15 32.37
N LEU E 64 15.65 -37.11 32.22
CA LEU E 64 16.42 -38.29 31.88
C LEU E 64 16.62 -39.08 33.16
N GLY E 65 17.28 -40.24 33.06
CA GLY E 65 17.43 -41.07 34.24
C GLY E 65 18.74 -40.91 34.98
N ASN E 66 19.35 -39.72 34.92
CA ASN E 66 20.61 -39.47 35.60
C ASN E 66 20.64 -40.12 37.00
N PRO E 67 21.55 -41.07 37.19
CA PRO E 67 21.67 -41.89 38.42
C PRO E 67 21.63 -41.07 39.69
N GLU E 68 22.22 -39.88 39.66
CA GLU E 68 22.29 -39.03 40.84
C GLU E 68 20.93 -38.42 41.18
N CYS E 69 20.02 -38.40 40.21
CA CYS E 69 18.73 -37.77 40.39
C CYS E 69 17.71 -38.73 41.00
N GLU E 70 17.00 -38.24 42.02
CA GLU E 70 16.05 -39.06 42.76
C GLU E 70 14.84 -39.47 41.92
N SER E 71 14.31 -38.52 41.15
CA SER E 71 13.09 -38.74 40.38
C SER E 71 11.90 -39.02 41.30
N LEU E 72 10.96 -38.09 41.37
CA LEU E 72 9.84 -38.18 42.30
C LEU E 72 8.54 -37.60 41.75
N SER E 73 7.51 -38.41 41.44
CA SER E 73 7.43 -39.89 41.51
C SER E 73 6.28 -40.37 42.39
N THR E 74 5.83 -39.50 43.30
CA THR E 74 4.74 -39.85 44.22
C THR E 74 4.21 -38.67 45.02
N ALA E 75 3.56 -37.72 44.36
CA ALA E 75 3.40 -37.67 42.91
C ALA E 75 3.58 -36.18 42.58
N SER E 76 2.84 -35.51 41.68
CA SER E 76 1.87 -35.97 40.70
C SER E 76 1.70 -34.74 39.84
N SER E 77 1.67 -33.60 40.53
CA SER E 77 1.49 -32.29 39.91
C SER E 77 2.32 -31.27 40.68
N TRP E 78 2.53 -30.11 40.08
CA TRP E 78 3.25 -29.03 40.73
C TRP E 78 3.00 -27.71 40.04
N SER E 79 3.12 -26.62 40.80
CA SER E 79 2.81 -25.30 40.28
C SER E 79 4.03 -24.66 39.60
N TYR E 80 5.21 -25.14 39.96
CA TYR E 80 6.44 -24.67 39.33
C TYR E 80 7.63 -25.55 39.71
N ILE E 81 8.78 -25.29 39.11
CA ILE E 81 9.97 -26.09 39.36
C ILE E 81 11.10 -25.28 40.02
N VAL E 82 11.85 -25.92 40.90
CA VAL E 82 12.96 -25.28 41.58
C VAL E 82 14.29 -25.99 41.36
N GLU E 83 15.24 -25.25 40.81
CA GLU E 83 16.62 -25.72 40.68
C GLU E 83 17.49 -24.93 41.66
N THR E 84 18.53 -25.55 42.18
CA THR E 84 19.47 -24.84 43.02
C THR E 84 20.60 -24.30 42.15
N PRO E 85 21.17 -23.14 42.53
CA PRO E 85 22.27 -22.51 41.79
C PRO E 85 23.44 -23.46 41.55
N SER E 86 23.39 -24.66 42.13
CA SER E 86 24.47 -25.64 41.96
C SER E 86 23.96 -26.98 41.44
N SER E 87 22.90 -26.94 40.64
CA SER E 87 22.36 -28.15 40.03
C SER E 87 23.17 -28.52 38.79
N ASP E 88 24.28 -29.21 39.00
CA ASP E 88 25.20 -29.53 37.91
C ASP E 88 24.99 -30.92 37.30
N ASN E 89 24.17 -31.74 37.96
CA ASN E 89 23.91 -33.08 37.47
C ASN E 89 22.81 -33.14 36.42
N GLY E 90 23.21 -33.13 35.14
CA GLY E 90 22.27 -33.16 34.04
C GLY E 90 22.62 -34.25 33.05
N THR E 91 23.18 -33.85 31.91
CA THR E 91 23.61 -34.81 30.92
C THR E 91 25.02 -35.31 31.24
N CYS E 92 25.09 -36.44 31.96
CA CYS E 92 26.36 -37.02 32.34
C CYS E 92 27.16 -37.51 31.13
N TYR E 93 26.51 -37.66 29.99
CA TYR E 93 27.22 -37.96 28.75
C TYR E 93 27.09 -36.76 27.82
N PRO E 94 28.23 -36.16 27.44
CA PRO E 94 28.23 -34.90 26.68
C PRO E 94 27.43 -35.00 25.39
N GLY E 95 26.76 -33.91 25.03
CA GLY E 95 25.96 -33.86 23.82
C GLY E 95 24.97 -32.70 23.83
N ASP E 96 24.21 -32.58 22.74
CA ASP E 96 23.24 -31.50 22.62
C ASP E 96 21.85 -31.96 23.08
N PHE E 97 21.10 -31.04 23.67
CA PHE E 97 19.73 -31.34 24.10
C PHE E 97 18.75 -30.45 23.36
N ILE E 98 18.30 -30.92 22.20
CA ILE E 98 17.50 -30.12 21.28
C ILE E 98 16.22 -29.58 21.91
N ASP E 99 15.94 -28.31 21.64
CA ASP E 99 14.73 -27.66 22.15
C ASP E 99 14.62 -27.81 23.67
N TYR E 100 15.75 -27.72 24.34
CA TYR E 100 15.82 -27.94 25.79
C TYR E 100 15.02 -26.90 26.57
N GLU E 101 15.20 -25.63 26.23
CA GLU E 101 14.48 -24.55 26.89
C GLU E 101 12.97 -24.74 26.77
N GLU E 102 12.52 -25.19 25.60
CA GLU E 102 11.11 -25.45 25.38
C GLU E 102 10.56 -26.56 26.27
N LEU E 103 11.35 -27.63 26.43
CA LEU E 103 10.94 -28.73 27.30
C LEU E 103 10.78 -28.26 28.74
N ARG E 104 11.75 -27.47 29.21
CA ARG E 104 11.70 -26.91 30.56
C ARG E 104 10.47 -26.01 30.73
N GLU E 105 10.22 -25.16 29.74
CA GLU E 105 9.07 -24.26 29.75
C GLU E 105 7.75 -25.02 29.78
N GLN E 106 7.69 -26.14 29.05
CA GLN E 106 6.47 -26.90 28.91
C GLN E 106 6.28 -27.90 30.06
N LEU E 107 7.30 -28.04 30.89
CA LEU E 107 7.20 -28.86 32.09
C LEU E 107 7.08 -28.01 33.35
N SER E 108 7.08 -26.69 33.16
CA SER E 108 7.05 -25.76 34.28
C SER E 108 5.94 -26.10 35.26
N SER E 109 4.74 -26.32 34.74
CA SER E 109 3.60 -26.65 35.57
C SER E 109 2.74 -27.74 34.93
N VAL E 110 2.86 -28.96 35.44
CA VAL E 110 2.05 -30.05 34.92
C VAL E 110 1.22 -30.68 36.03
N SER E 111 -0.05 -30.92 35.75
CA SER E 111 -0.88 -31.69 36.65
C SER E 111 -0.98 -33.09 36.07
N SER E 112 -1.07 -34.09 36.94
CA SER E 112 -1.10 -35.48 36.51
C SER E 112 0.18 -35.83 35.77
N PHE E 113 1.14 -36.42 36.49
CA PHE E 113 2.42 -36.76 35.91
C PHE E 113 2.75 -38.20 36.27
N GLU E 114 2.74 -39.07 35.27
CA GLU E 114 2.91 -40.50 35.51
C GLU E 114 4.04 -41.10 34.69
N ARG E 115 5.10 -41.53 35.37
CA ARG E 115 6.21 -42.20 34.72
C ARG E 115 5.83 -43.67 34.46
N PHE E 116 6.05 -44.13 33.23
CA PHE E 116 5.72 -45.50 32.88
C PHE E 116 6.75 -46.08 31.89
N GLU E 117 6.90 -47.40 31.92
CA GLU E 117 7.88 -48.07 31.08
C GLU E 117 7.32 -48.37 29.69
N ILE E 118 7.25 -47.34 28.86
CA ILE E 118 6.72 -47.44 27.50
C ILE E 118 7.24 -48.69 26.79
N PHE E 119 8.54 -48.98 26.97
CA PHE E 119 9.16 -50.17 26.39
C PHE E 119 9.85 -50.97 27.47
N PRO E 120 9.13 -51.93 28.07
CA PRO E 120 9.69 -52.78 29.13
C PRO E 120 11.05 -53.34 28.75
N LYS E 121 12.03 -53.20 29.65
CA LYS E 121 13.41 -53.57 29.39
C LYS E 121 13.56 -55.06 29.03
N THR E 122 12.91 -55.93 29.81
CA THR E 122 13.13 -57.36 29.68
C THR E 122 12.56 -58.01 28.42
N SER E 123 11.56 -57.37 27.82
CA SER E 123 10.84 -58.01 26.72
C SER E 123 10.84 -57.22 25.41
N SER E 124 11.48 -56.05 25.40
CA SER E 124 11.41 -55.19 24.23
C SER E 124 12.45 -55.50 23.16
N TRP E 125 13.66 -55.85 23.59
CA TRP E 125 14.78 -55.99 22.68
C TRP E 125 15.48 -57.35 22.81
N PRO E 126 14.85 -58.41 22.27
CA PRO E 126 15.41 -59.76 22.30
C PRO E 126 16.52 -59.92 21.27
N ASN E 127 16.60 -59.00 20.32
CA ASN E 127 17.58 -59.09 19.24
C ASN E 127 18.78 -58.17 19.46
N HIS E 128 18.79 -57.44 20.56
CA HIS E 128 19.88 -56.52 20.86
C HIS E 128 20.29 -56.59 22.32
N ASP E 129 21.52 -56.13 22.60
CA ASP E 129 22.07 -56.19 23.95
C ASP E 129 21.68 -54.96 24.77
N SER E 130 20.87 -55.18 25.80
CA SER E 130 20.42 -54.11 26.67
C SER E 130 21.09 -54.18 28.04
N ASN E 131 22.40 -54.38 28.05
CA ASN E 131 23.17 -54.44 29.29
C ASN E 131 24.50 -53.72 29.16
N LYS E 132 25.22 -54.00 28.08
CA LYS E 132 26.53 -53.41 27.84
C LYS E 132 26.44 -51.88 27.71
N GLY E 133 25.22 -51.36 27.61
CA GLY E 133 25.02 -49.94 27.41
C GLY E 133 25.28 -49.09 28.65
N VAL E 134 26.51 -49.18 29.17
CA VAL E 134 26.90 -48.40 30.33
C VAL E 134 28.15 -47.58 30.02
N THR E 135 28.46 -46.62 30.89
CA THR E 135 29.63 -45.77 30.69
C THR E 135 30.08 -45.13 32.00
N ALA E 136 31.36 -44.80 32.09
CA ALA E 136 31.90 -44.15 33.27
C ALA E 136 31.45 -42.70 33.34
N ALA E 137 30.91 -42.20 32.24
CA ALA E 137 30.45 -40.81 32.18
C ALA E 137 29.23 -40.60 33.08
N CYS E 138 28.47 -41.67 33.29
CA CYS E 138 27.30 -41.64 34.16
C CYS E 138 27.45 -42.68 35.26
N PRO E 139 28.44 -42.50 36.14
CA PRO E 139 28.77 -43.48 37.19
C PRO E 139 27.68 -43.58 38.25
N HIS E 140 27.51 -44.78 38.80
CA HIS E 140 26.57 -45.00 39.88
C HIS E 140 27.19 -45.93 40.91
N ALA E 141 27.44 -45.39 42.11
CA ALA E 141 28.08 -46.16 43.17
C ALA E 141 29.40 -46.76 42.70
N GLY E 142 30.23 -45.93 42.09
CA GLY E 142 31.55 -46.35 41.64
C GLY E 142 31.55 -47.05 40.29
N ALA E 143 30.57 -47.92 40.08
CA ALA E 143 30.48 -48.68 38.84
C ALA E 143 29.92 -47.86 37.67
N LYS E 144 30.12 -48.37 36.46
CA LYS E 144 29.56 -47.76 35.27
C LYS E 144 28.04 -47.91 35.28
N SER E 145 27.35 -46.92 34.72
CA SER E 145 25.90 -46.95 34.69
C SER E 145 25.37 -46.16 33.50
N PHE E 146 24.11 -45.75 33.57
CA PHE E 146 23.49 -44.98 32.50
C PHE E 146 22.16 -44.42 32.99
N TYR E 147 21.57 -43.54 32.17
CA TYR E 147 20.27 -42.97 32.50
C TYR E 147 19.27 -44.09 32.79
N LYS E 148 18.38 -43.84 33.74
CA LYS E 148 17.38 -44.83 34.13
C LYS E 148 16.20 -44.88 33.15
N ASN E 149 16.00 -43.81 32.40
CA ASN E 149 14.87 -43.72 31.50
C ASN E 149 15.21 -44.13 30.06
N LEU E 150 16.50 -44.17 29.74
CA LEU E 150 16.95 -44.57 28.42
C LEU E 150 17.78 -45.85 28.48
N ILE E 151 17.77 -46.61 27.40
CA ILE E 151 18.58 -47.82 27.32
C ILE E 151 19.53 -47.73 26.13
N TRP E 152 20.82 -47.94 26.39
CA TRP E 152 21.82 -47.87 25.35
C TRP E 152 22.03 -49.23 24.70
N LEU E 153 21.30 -49.47 23.61
CA LEU E 153 21.39 -50.73 22.88
C LEU E 153 22.67 -50.83 22.08
N VAL E 154 23.28 -52.02 22.09
CA VAL E 154 24.46 -52.30 21.27
C VAL E 154 24.26 -53.62 20.53
N LYS E 155 25.20 -53.96 19.67
CA LYS E 155 25.08 -55.18 18.88
C LYS E 155 25.12 -56.42 19.77
N LYS E 156 24.23 -57.38 19.49
CA LYS E 156 24.19 -58.63 20.24
C LYS E 156 25.09 -59.67 19.59
N GLY E 157 26.29 -59.84 20.14
CA GLY E 157 27.25 -60.78 19.59
C GLY E 157 28.03 -60.16 18.44
N ASN E 158 27.45 -60.22 17.24
CA ASN E 158 28.11 -59.70 16.05
C ASN E 158 27.12 -59.24 14.99
N SER E 159 25.95 -58.79 15.43
CA SER E 159 24.89 -58.41 14.51
C SER E 159 23.95 -57.37 15.10
N TYR E 160 23.62 -56.37 14.31
CA TYR E 160 22.66 -55.34 14.71
C TYR E 160 21.49 -55.34 13.74
N PRO E 161 20.49 -56.20 14.00
CA PRO E 161 19.30 -56.31 13.15
C PRO E 161 18.48 -55.03 13.18
N LYS E 162 18.00 -54.59 12.01
CA LYS E 162 17.14 -53.42 11.94
C LYS E 162 16.01 -53.54 12.96
N LEU E 163 15.96 -52.60 13.89
CA LEU E 163 14.91 -52.62 14.91
C LEU E 163 13.74 -51.73 14.53
N SER E 164 12.54 -52.18 14.85
CA SER E 164 11.34 -51.43 14.58
C SER E 164 10.33 -51.62 15.71
N LYS E 165 10.24 -50.62 16.58
CA LYS E 165 9.33 -50.68 17.71
C LYS E 165 8.31 -49.56 17.61
N SER E 166 7.12 -49.78 18.15
CA SER E 166 6.07 -48.78 18.08
C SER E 166 5.22 -48.73 19.34
N TYR E 167 4.71 -47.55 19.66
CA TYR E 167 3.86 -47.38 20.83
C TYR E 167 2.65 -46.52 20.53
N ILE E 168 1.47 -47.01 20.91
CA ILE E 168 0.24 -46.26 20.78
C ILE E 168 -0.14 -45.67 22.14
N ASN E 169 -0.42 -44.38 22.16
CA ASN E 169 -0.77 -43.69 23.40
C ASN E 169 -2.11 -44.18 23.95
N ASP E 170 -2.05 -45.15 24.85
CA ASP E 170 -3.26 -45.70 25.46
C ASP E 170 -3.73 -44.84 26.62
N LYS E 171 -2.84 -43.99 27.12
CA LYS E 171 -3.18 -43.05 28.17
C LYS E 171 -4.23 -42.07 27.66
N GLY E 172 -4.86 -41.34 28.57
CA GLY E 172 -5.85 -40.36 28.19
C GLY E 172 -5.28 -38.96 28.18
N LYS E 173 -4.02 -38.84 27.80
CA LYS E 173 -3.31 -37.57 27.87
C LYS E 173 -2.03 -37.61 27.03
N GLU E 174 -1.36 -36.46 26.93
CA GLU E 174 -0.10 -36.37 26.21
C GLU E 174 0.97 -37.25 26.86
N VAL E 175 1.80 -37.86 26.03
CA VAL E 175 2.92 -38.65 26.51
C VAL E 175 4.25 -38.08 26.02
N LEU E 176 5.06 -37.61 26.96
CA LEU E 176 6.39 -37.11 26.66
C LEU E 176 7.35 -38.28 26.44
N VAL E 177 7.96 -38.33 25.25
CA VAL E 177 8.89 -39.39 24.93
C VAL E 177 10.29 -38.82 24.69
N LEU E 178 11.29 -39.46 25.28
CA LEU E 178 12.68 -39.01 25.12
C LEU E 178 13.57 -40.14 24.62
N TRP E 179 14.49 -39.80 23.73
CA TRP E 179 15.41 -40.78 23.17
C TRP E 179 16.73 -40.12 22.82
N GLY E 180 17.74 -40.94 22.55
CA GLY E 180 19.06 -40.40 22.24
C GLY E 180 19.70 -41.05 21.02
N ILE E 181 20.59 -40.31 20.38
CA ILE E 181 21.36 -40.80 19.25
C ILE E 181 22.84 -40.74 19.60
N HIS E 182 23.53 -41.86 19.53
CA HIS E 182 24.94 -41.90 19.90
C HIS E 182 25.86 -41.67 18.71
N HIS E 183 26.95 -40.94 18.96
CA HIS E 183 27.95 -40.68 17.94
C HIS E 183 29.34 -41.08 18.42
N PRO E 184 29.79 -42.27 18.00
CA PRO E 184 31.14 -42.74 18.36
C PRO E 184 32.21 -41.78 17.86
N SER E 185 33.42 -41.88 18.41
CA SER E 185 34.50 -40.98 18.03
C SER E 185 35.27 -41.52 16.82
N THR E 186 35.26 -42.84 16.65
CA THR E 186 36.01 -43.48 15.59
C THR E 186 35.19 -44.55 14.87
N SER E 187 35.53 -44.81 13.62
CA SER E 187 34.89 -45.87 12.84
C SER E 187 35.06 -47.20 13.56
N ALA E 188 36.19 -47.36 14.25
CA ALA E 188 36.45 -48.56 15.03
C ALA E 188 35.36 -48.76 16.06
N ASP E 189 35.04 -47.70 16.80
CA ASP E 189 34.03 -47.76 17.85
C ASP E 189 32.64 -47.99 17.28
N GLN E 190 32.36 -47.42 16.11
CA GLN E 190 31.09 -47.63 15.43
C GLN E 190 30.83 -49.12 15.19
N GLN E 191 31.78 -49.79 14.54
CA GLN E 191 31.66 -51.22 14.26
C GLN E 191 31.67 -52.03 15.55
N SER E 192 32.56 -51.66 16.47
CA SER E 192 32.67 -52.34 17.75
C SER E 192 31.41 -52.16 18.57
N LEU E 193 30.59 -51.18 18.19
CA LEU E 193 29.43 -50.82 18.97
C LEU E 193 28.13 -51.27 18.30
N TYR E 194 28.05 -51.10 16.98
CA TYR E 194 26.82 -51.41 16.25
C TYR E 194 27.07 -52.31 15.03
N GLN E 195 28.34 -52.54 14.70
CA GLN E 195 28.71 -53.43 13.61
C GLN E 195 28.50 -52.85 12.22
N ASN E 196 27.35 -52.20 12.02
CA ASN E 196 26.90 -51.80 10.69
C ASN E 196 27.71 -50.73 9.96
N ALA E 197 28.36 -49.85 10.72
CA ALA E 197 29.21 -48.81 10.14
C ALA E 197 28.41 -47.66 9.52
N ASP E 198 27.53 -47.99 8.59
CA ASP E 198 26.64 -47.00 8.01
C ASP E 198 25.20 -47.22 8.49
N THR E 199 24.75 -46.38 9.42
CA THR E 199 23.45 -46.59 10.05
C THR E 199 22.53 -45.39 9.92
N TYR E 200 21.29 -45.57 10.35
CA TYR E 200 20.31 -44.48 10.38
C TYR E 200 19.28 -44.75 11.47
N VAL E 201 18.70 -43.68 11.99
CA VAL E 201 17.62 -43.79 12.97
C VAL E 201 16.44 -42.97 12.50
N PHE E 202 15.23 -43.53 12.64
CA PHE E 202 14.04 -42.85 12.16
C PHE E 202 12.95 -42.85 13.23
N VAL E 203 12.42 -41.66 13.53
CA VAL E 203 11.35 -41.51 14.49
C VAL E 203 10.22 -40.68 13.89
N CYS E 204 9.00 -41.19 13.97
CA CYS E 204 7.86 -40.46 13.42
C CYS E 204 6.52 -40.83 14.07
N SER E 205 5.62 -39.86 14.10
CA SER E 205 4.25 -40.08 14.52
C SER E 205 3.31 -39.56 13.44
N SER E 206 2.16 -39.03 13.84
CA SER E 206 1.25 -38.40 12.90
C SER E 206 1.73 -36.99 12.59
N ARG E 207 2.40 -36.38 13.56
CA ARG E 207 2.87 -35.00 13.45
C ARG E 207 4.38 -34.90 13.36
N TYR E 208 5.09 -35.71 14.15
CA TYR E 208 6.54 -35.66 14.22
C TYR E 208 7.18 -36.61 13.21
N SER E 209 8.34 -36.24 12.70
CA SER E 209 9.06 -37.06 11.73
C SER E 209 10.47 -36.55 11.49
N LYS E 210 11.47 -37.32 11.92
CA LYS E 210 12.85 -36.93 11.73
C LYS E 210 13.76 -38.14 11.51
N LYS E 211 14.77 -37.96 10.64
CA LYS E 211 15.73 -39.01 10.35
C LYS E 211 17.12 -38.61 10.82
N PHE E 212 17.78 -39.51 11.54
CA PHE E 212 19.08 -39.23 12.13
C PHE E 212 20.18 -40.08 11.51
N LYS E 213 21.31 -39.44 11.22
CA LYS E 213 22.47 -40.14 10.70
C LYS E 213 23.63 -39.92 11.69
N PRO E 214 24.35 -40.99 12.04
CA PRO E 214 25.48 -40.84 12.97
C PRO E 214 26.55 -39.89 12.44
N GLU E 215 27.20 -39.19 13.35
CA GLU E 215 28.25 -38.24 12.98
C GLU E 215 29.51 -38.57 13.77
N ILE E 216 30.43 -39.29 13.13
CA ILE E 216 31.63 -39.78 13.81
C ILE E 216 32.82 -38.85 13.67
N ALA E 217 33.39 -38.46 14.79
CA ALA E 217 34.56 -37.60 14.83
C ALA E 217 35.11 -37.52 16.25
N ILE E 218 36.40 -37.21 16.37
CA ILE E 218 37.00 -37.02 17.67
C ILE E 218 36.79 -35.58 18.13
N CYS E 219 36.04 -35.41 19.21
CA CYS E 219 35.76 -34.09 19.77
C CYS E 219 36.47 -33.92 21.12
N PRO E 220 36.65 -32.66 21.53
CA PRO E 220 37.30 -32.38 22.83
C PRO E 220 36.66 -33.20 23.95
N LYS E 221 37.50 -33.82 24.78
CA LYS E 221 37.01 -34.64 25.87
C LYS E 221 36.13 -33.87 26.86
N VAL E 222 34.88 -34.32 26.99
CA VAL E 222 34.00 -33.83 28.05
C VAL E 222 33.65 -35.00 28.96
N ARG E 223 33.92 -34.86 30.24
CA ARG E 223 33.76 -35.96 31.19
C ARG E 223 34.47 -37.21 30.68
N ASP E 224 35.61 -37.01 30.03
CA ASP E 224 36.48 -38.09 29.56
C ASP E 224 35.92 -38.81 28.33
N GLN E 225 34.90 -38.22 27.71
CA GLN E 225 34.29 -38.81 26.52
C GLN E 225 34.61 -37.99 25.27
N GLU E 226 35.20 -38.65 24.28
CA GLU E 226 35.52 -38.00 23.02
C GLU E 226 34.31 -38.01 22.09
N GLY E 227 33.44 -38.98 22.29
CA GLY E 227 32.23 -39.10 21.50
C GLY E 227 31.13 -38.21 22.04
N ARG E 228 30.00 -38.19 21.35
CA ARG E 228 28.87 -37.36 21.75
C ARG E 228 27.57 -38.14 21.74
N MET E 229 26.55 -37.56 22.35
CA MET E 229 25.22 -38.17 22.39
C MET E 229 24.14 -37.10 22.48
N ASN E 230 23.31 -37.02 21.45
CA ASN E 230 22.27 -36.00 21.39
C ASN E 230 20.94 -36.52 21.90
N TYR E 231 20.19 -35.64 22.56
CA TYR E 231 18.92 -36.03 23.18
C TYR E 231 17.74 -35.31 22.53
N TYR E 232 16.76 -36.09 22.09
CA TYR E 232 15.57 -35.54 21.46
C TYR E 232 14.32 -35.92 22.24
N TRP E 233 13.21 -35.26 21.96
CA TRP E 233 11.98 -35.48 22.69
C TRP E 233 10.78 -34.99 21.91
N THR E 234 9.61 -35.56 22.22
CA THR E 234 8.37 -35.12 21.58
C THR E 234 7.17 -35.48 22.46
N LEU E 235 6.06 -34.79 22.23
CA LEU E 235 4.82 -35.08 22.91
C LEU E 235 3.86 -35.82 21.97
N VAL E 236 3.46 -37.02 22.36
CA VAL E 236 2.58 -37.85 21.54
C VAL E 236 1.14 -37.70 21.98
N GLU E 237 0.31 -37.14 21.10
CA GLU E 237 -1.10 -36.90 21.39
C GLU E 237 -1.83 -38.16 21.85
N PRO E 238 -2.92 -37.98 22.62
CA PRO E 238 -3.72 -39.04 23.24
C PRO E 238 -3.93 -40.26 22.35
N GLY E 239 -4.49 -40.08 21.15
CA GLY E 239 -4.79 -41.22 20.29
C GLY E 239 -3.80 -41.37 19.15
N ASP E 240 -2.52 -41.23 19.46
CA ASP E 240 -1.50 -41.22 18.41
C ASP E 240 -0.47 -42.33 18.58
N LYS E 241 0.23 -42.63 17.49
CA LYS E 241 1.22 -43.70 17.46
C LYS E 241 2.58 -43.12 17.13
N ILE E 242 3.61 -43.58 17.85
CA ILE E 242 4.98 -43.19 17.53
C ILE E 242 5.83 -44.41 17.24
N THR E 243 6.56 -44.37 16.12
CA THR E 243 7.31 -45.51 15.67
C THR E 243 8.81 -45.22 15.63
N PHE E 244 9.58 -46.11 16.25
CA PHE E 244 11.03 -46.02 16.23
C PHE E 244 11.61 -47.05 15.26
N GLU E 245 12.65 -46.66 14.56
CA GLU E 245 13.30 -47.54 13.60
C GLU E 245 14.78 -47.18 13.51
N ALA E 246 15.64 -48.18 13.57
CA ALA E 246 17.08 -47.91 13.57
C ALA E 246 17.92 -49.13 13.16
N THR E 247 19.08 -48.85 12.61
CA THR E 247 20.06 -49.88 12.30
C THR E 247 21.31 -49.68 13.15
N GLY E 248 21.16 -48.91 14.24
CA GLY E 248 22.26 -48.62 15.14
C GLY E 248 22.20 -47.22 15.72
N ASN E 249 23.03 -46.95 16.71
CA ASN E 249 23.20 -45.61 17.27
C ASN E 249 21.97 -45.02 17.95
N LEU E 250 21.07 -45.87 18.42
CA LEU E 250 19.86 -45.38 19.07
C LEU E 250 19.77 -45.74 20.55
N VAL E 251 19.62 -44.72 21.40
CA VAL E 251 19.36 -44.94 22.80
C VAL E 251 17.84 -44.98 22.98
N VAL E 252 17.26 -46.16 22.76
CA VAL E 252 15.82 -46.32 22.79
C VAL E 252 15.21 -45.84 24.11
N PRO E 253 13.97 -45.36 24.06
CA PRO E 253 13.26 -45.00 25.30
C PRO E 253 13.03 -46.25 26.12
N ARG E 254 12.95 -46.08 27.44
CA ARG E 254 12.52 -47.15 28.32
C ARG E 254 11.35 -46.65 29.16
N TYR E 255 11.51 -45.44 29.69
CA TYR E 255 10.47 -44.79 30.46
C TYR E 255 10.00 -43.52 29.77
N ALA E 256 8.69 -43.41 29.58
CA ALA E 256 8.09 -42.20 29.04
C ALA E 256 7.24 -41.55 30.13
N PHE E 257 6.53 -40.49 29.79
CA PHE E 257 5.77 -39.75 30.79
C PHE E 257 4.41 -39.31 30.29
N ALA E 258 3.36 -39.69 31.02
CA ALA E 258 2.03 -39.20 30.75
C ALA E 258 1.80 -37.93 31.57
N MET E 259 1.15 -36.94 30.97
CA MET E 259 1.00 -35.65 31.64
C MET E 259 -0.09 -34.78 31.04
N GLU E 260 -0.64 -33.90 31.88
CA GLU E 260 -1.57 -32.88 31.42
C GLU E 260 -0.97 -31.51 31.73
N ARG E 261 -0.47 -30.84 30.70
CA ARG E 261 0.23 -29.58 30.87
C ARG E 261 -0.70 -28.40 31.10
N ASN E 262 -0.39 -27.60 32.11
CA ASN E 262 -1.18 -26.43 32.46
C ASN E 262 -0.82 -25.22 31.60
N ALA E 263 -1.43 -24.08 31.90
CA ALA E 263 -1.19 -22.84 31.17
C ALA E 263 0.31 -22.58 31.02
N GLY E 264 1.05 -22.84 32.10
CA GLY E 264 2.49 -22.66 32.08
C GLY E 264 2.98 -21.67 33.11
N SER E 265 3.82 -22.14 34.03
CA SER E 265 4.42 -21.26 35.02
C SER E 265 5.88 -20.98 34.66
N GLY E 266 6.78 -21.25 35.60
CA GLY E 266 8.18 -20.97 35.39
C GLY E 266 9.09 -21.80 36.27
N ILE E 267 10.39 -21.52 36.19
CA ILE E 267 11.37 -22.25 36.96
C ILE E 267 12.19 -21.28 37.82
N ILE E 268 12.19 -21.52 39.13
CA ILE E 268 12.97 -20.69 40.04
C ILE E 268 14.29 -21.36 40.37
N ILE E 269 15.39 -20.64 40.14
CA ILE E 269 16.72 -21.13 40.49
C ILE E 269 17.24 -20.38 41.71
N SER E 270 17.07 -20.99 42.89
CA SER E 270 17.38 -20.33 44.15
C SER E 270 17.84 -21.30 45.22
N ASP E 271 18.54 -20.78 46.22
CA ASP E 271 18.94 -21.57 47.38
C ASP E 271 17.84 -21.54 48.44
N THR E 272 16.91 -20.60 48.29
CA THR E 272 15.81 -20.46 49.23
C THR E 272 15.12 -21.81 49.46
N PRO E 273 15.02 -22.22 50.74
CA PRO E 273 14.45 -23.52 51.09
C PRO E 273 12.95 -23.61 50.80
N VAL E 274 12.51 -24.78 50.36
CA VAL E 274 11.09 -25.05 50.15
C VAL E 274 10.42 -25.36 51.49
N HIS E 275 9.28 -24.71 51.74
CA HIS E 275 8.60 -24.84 53.02
C HIS E 275 7.12 -25.19 52.83
N ASP E 276 6.49 -25.65 53.90
CA ASP E 276 5.07 -25.97 53.86
C ASP E 276 4.23 -24.71 54.08
N CYS E 277 4.13 -23.89 53.04
CA CYS E 277 3.38 -22.64 53.12
C CYS E 277 2.54 -22.40 51.87
N ASN E 278 1.55 -21.53 51.97
CA ASN E 278 0.65 -21.25 50.86
C ASN E 278 0.73 -19.79 50.42
N THR E 279 0.85 -19.56 49.12
CA THR E 279 0.96 -18.20 48.59
C THR E 279 0.28 -18.09 47.23
N THR E 280 -0.05 -16.86 46.84
CA THR E 280 -0.61 -16.62 45.52
C THR E 280 0.41 -15.87 44.67
N CYS E 281 1.57 -15.61 45.27
CA CYS E 281 2.66 -14.95 44.57
C CYS E 281 4.01 -15.44 45.11
N GLN E 282 4.82 -16.01 44.23
CA GLN E 282 6.10 -16.58 44.64
C GLN E 282 7.29 -15.80 44.08
N THR E 283 8.34 -15.72 44.88
CA THR E 283 9.57 -15.02 44.51
C THR E 283 10.78 -15.88 44.81
N PRO E 284 11.83 -15.78 43.97
CA PRO E 284 13.07 -16.55 44.18
C PRO E 284 13.66 -16.33 45.57
N LYS E 285 13.31 -15.23 46.22
CA LYS E 285 13.80 -14.92 47.55
C LYS E 285 12.85 -15.45 48.63
N GLY E 286 11.58 -15.59 48.27
CA GLY E 286 10.56 -16.04 49.19
C GLY E 286 9.18 -15.57 48.76
N ALA E 287 8.15 -15.98 49.50
CA ALA E 287 6.78 -15.64 49.14
C ALA E 287 6.36 -14.29 49.72
N ILE E 288 5.53 -13.56 48.99
CA ILE E 288 5.00 -12.29 49.47
C ILE E 288 3.48 -12.33 49.49
N ASN E 289 2.88 -11.43 50.25
CA ASN E 289 1.42 -11.31 50.26
C ASN E 289 0.93 -10.47 49.08
N THR E 290 -0.34 -10.67 48.70
CA THR E 290 -0.91 -9.94 47.57
C THR E 290 -2.03 -9.02 48.01
N SER E 291 -1.88 -8.41 49.18
CA SER E 291 -2.88 -7.47 49.69
C SER E 291 -2.61 -6.07 49.18
N LEU E 292 -1.34 -5.76 48.96
CA LEU E 292 -0.93 -4.46 48.44
C LEU E 292 -0.68 -4.53 46.93
N PRO E 293 -0.96 -3.44 46.22
CA PRO E 293 -0.91 -3.39 44.75
C PRO E 293 0.51 -3.32 44.18
N PHE E 294 1.47 -2.91 45.00
CA PHE E 294 2.85 -2.76 44.53
C PHE E 294 3.83 -3.60 45.34
N GLN E 295 5.01 -3.83 44.79
CA GLN E 295 5.99 -4.71 45.41
C GLN E 295 7.40 -4.46 44.88
N ASN E 296 8.38 -4.44 45.79
CA ASN E 296 9.77 -4.19 45.42
C ASN E 296 10.71 -5.31 45.84
N ILE E 297 10.14 -6.46 46.21
CA ILE E 297 10.93 -7.60 46.64
C ILE E 297 11.79 -8.17 45.51
N HIS E 298 11.16 -8.42 44.36
CA HIS E 298 11.83 -9.02 43.21
C HIS E 298 10.99 -8.87 41.95
N PRO E 299 11.64 -8.56 40.82
CA PRO E 299 10.95 -8.35 39.55
C PRO E 299 10.43 -9.63 38.89
N ILE E 300 11.03 -10.77 39.21
CA ILE E 300 10.65 -12.04 38.59
C ILE E 300 9.79 -12.89 39.52
N THR E 301 8.48 -12.75 39.40
CA THR E 301 7.55 -13.44 40.28
C THR E 301 6.69 -14.45 39.51
N ILE E 302 6.03 -15.33 40.24
CA ILE E 302 5.13 -16.32 39.65
C ILE E 302 3.78 -16.34 40.37
N GLY E 303 2.71 -16.06 39.64
CA GLY E 303 1.37 -16.04 40.21
C GLY E 303 0.68 -14.70 40.01
N LYS E 304 -0.36 -14.46 40.80
CA LYS E 304 -1.05 -13.17 40.77
C LYS E 304 -0.42 -12.23 41.77
N CYS E 305 0.65 -11.55 41.33
CA CYS E 305 1.49 -10.76 42.23
C CYS E 305 1.26 -9.27 42.08
N PRO E 306 1.67 -8.49 43.10
CA PRO E 306 1.65 -7.03 43.04
C PRO E 306 2.68 -6.54 42.04
N LYS E 307 2.37 -5.45 41.33
CA LYS E 307 3.30 -4.90 40.35
C LYS E 307 4.65 -4.54 40.98
N TYR E 308 5.72 -4.78 40.22
CA TYR E 308 7.08 -4.53 40.70
C TYR E 308 7.52 -3.09 40.41
N VAL E 309 7.96 -2.40 41.45
CA VAL E 309 8.45 -1.02 41.30
C VAL E 309 9.85 -0.90 41.91
N LYS E 310 10.51 0.22 41.63
CA LYS E 310 11.84 0.46 42.16
C LYS E 310 11.79 1.21 43.48
N SER E 311 10.59 1.63 43.85
CA SER E 311 10.39 2.45 45.04
C SER E 311 10.89 1.76 46.31
N THR E 312 11.30 2.57 47.28
CA THR E 312 11.73 2.06 48.58
C THR E 312 10.62 2.27 49.61
N LYS E 313 9.74 3.22 49.33
CA LYS E 313 8.58 3.47 50.18
C LYS E 313 7.43 4.06 49.38
N LEU E 314 6.21 3.74 49.78
CA LEU E 314 5.01 4.26 49.12
C LEU E 314 3.85 4.37 50.09
N ARG E 315 4.04 5.10 51.19
CA ARG E 315 2.99 5.19 52.20
C ARG E 315 2.02 6.34 51.96
N LEU E 316 0.73 5.99 52.02
CA LEU E 316 -0.35 6.91 51.75
C LEU E 316 -0.85 7.53 53.05
N ALA E 317 -1.02 8.84 53.06
CA ALA E 317 -1.53 9.54 54.23
C ALA E 317 -3.02 9.30 54.40
N THR E 318 -3.41 8.78 55.56
CA THR E 318 -4.81 8.58 55.86
C THR E 318 -5.31 9.65 56.81
N GLY E 319 -4.51 9.96 57.83
CA GLY E 319 -4.83 11.01 58.78
C GLY E 319 -4.47 12.37 58.23
N LEU E 320 -4.20 13.32 59.13
CA LEU E 320 -3.88 14.68 58.73
C LEU E 320 -2.50 15.08 59.22
N ARG E 321 -2.03 16.24 58.76
CA ARG E 321 -0.74 16.76 59.17
C ARG E 321 -0.64 16.83 60.69
N ASN E 322 0.37 16.16 61.24
CA ASN E 322 0.55 16.12 62.69
C ASN E 322 1.23 17.37 63.22
N ILE E 323 0.51 18.16 64.01
CA ILE E 323 1.02 19.39 64.57
C ILE E 323 0.83 19.42 66.09
N PRO E 324 1.61 18.61 66.82
CA PRO E 324 1.50 18.54 68.27
C PRO E 324 1.95 19.84 68.94
N SER E 325 3.11 20.34 68.53
CA SER E 325 3.65 21.59 69.05
C SER E 325 3.40 21.76 70.55
N GLY F 1 -3.65 23.44 54.12
CA GLY F 1 -3.20 24.66 53.46
C GLY F 1 -4.22 25.19 52.47
N LEU F 2 -4.76 24.30 51.65
CA LEU F 2 -5.66 24.68 50.56
C LEU F 2 -6.96 25.34 51.05
N PHE F 3 -7.32 25.10 52.31
CA PHE F 3 -8.58 25.63 52.83
C PHE F 3 -8.44 26.62 53.98
N GLY F 4 -7.20 26.84 54.43
CA GLY F 4 -6.92 27.87 55.41
C GLY F 4 -7.19 27.50 56.86
N ALA F 5 -7.82 26.35 57.08
CA ALA F 5 -8.14 25.91 58.44
C ALA F 5 -6.93 25.31 59.15
N ILE F 6 -6.51 24.14 58.69
CA ILE F 6 -5.37 23.45 59.29
C ILE F 6 -4.06 24.16 58.98
N ALA F 7 -3.28 24.42 60.03
CA ALA F 7 -2.05 25.22 59.90
C ALA F 7 -2.37 26.61 59.35
N GLY F 8 -3.62 27.03 59.52
CA GLY F 8 -4.07 28.33 59.07
C GLY F 8 -4.60 29.16 60.23
N PHE F 9 -5.89 29.46 60.23
CA PHE F 9 -6.48 30.21 61.33
C PHE F 9 -6.69 29.32 62.55
N ILE F 10 -6.27 28.07 62.42
CA ILE F 10 -6.19 27.16 63.55
C ILE F 10 -4.80 26.55 63.53
N GLU F 11 -3.87 27.21 64.20
CA GLU F 11 -2.44 26.98 64.00
C GLU F 11 -1.93 25.60 64.38
N GLY F 12 -2.57 24.93 65.34
CA GLY F 12 -2.06 23.66 65.83
C GLY F 12 -3.09 22.58 66.06
N GLY F 13 -2.59 21.38 66.36
CA GLY F 13 -3.45 20.24 66.62
C GLY F 13 -3.60 19.96 68.10
N TRP F 14 -4.62 19.18 68.45
CA TRP F 14 -4.95 18.91 69.84
C TRP F 14 -4.54 17.50 70.28
N THR F 15 -3.42 17.43 71.00
CA THR F 15 -2.96 16.18 71.59
C THR F 15 -4.00 15.65 72.60
N GLY F 16 -4.78 16.56 73.16
CA GLY F 16 -5.79 16.20 74.14
C GLY F 16 -6.95 15.40 73.56
N MET F 17 -7.41 15.79 72.38
CA MET F 17 -8.51 15.09 71.72
C MET F 17 -8.01 13.80 71.08
N VAL F 18 -8.33 12.67 71.71
CA VAL F 18 -7.74 11.39 71.32
C VAL F 18 -8.75 10.36 70.83
N ASP F 19 -9.94 10.80 70.43
CA ASP F 19 -10.98 9.87 70.02
C ASP F 19 -11.51 10.14 68.61
N GLY F 20 -10.95 11.14 67.94
CA GLY F 20 -11.38 11.49 66.61
C GLY F 20 -10.48 12.50 65.94
N TRP F 21 -10.68 12.68 64.63
CA TRP F 21 -9.86 13.60 63.84
C TRP F 21 -10.24 15.05 64.09
N TYR F 22 -11.53 15.35 64.07
CA TYR F 22 -12.01 16.71 64.32
C TYR F 22 -12.96 16.73 65.51
N GLY F 23 -12.92 17.82 66.29
CA GLY F 23 -13.76 17.93 67.45
C GLY F 23 -13.76 19.30 68.09
N TYR F 24 -14.10 19.34 69.38
CA TYR F 24 -14.25 20.60 70.09
C TYR F 24 -13.51 20.61 71.42
N HIS F 25 -13.23 21.82 71.91
CA HIS F 25 -12.79 22.01 73.28
C HIS F 25 -13.71 23.02 73.95
N HIS F 26 -14.50 22.55 74.92
CA HIS F 26 -15.42 23.43 75.64
C HIS F 26 -14.82 23.90 76.96
N GLN F 27 -15.38 24.98 77.49
CA GLN F 27 -14.93 25.56 78.74
C GLN F 27 -16.00 26.48 79.30
N ASN F 28 -16.84 25.95 80.19
CA ASN F 28 -17.96 26.70 80.72
C ASN F 28 -18.02 26.74 82.24
N GLU F 29 -19.23 26.91 82.76
CA GLU F 29 -19.47 27.05 84.19
C GLU F 29 -19.06 25.81 84.98
N GLN F 30 -19.21 24.64 84.38
CA GLN F 30 -18.99 23.39 85.09
C GLN F 30 -17.84 22.54 84.55
N GLY F 31 -16.81 23.20 84.00
CA GLY F 31 -15.61 22.51 83.58
C GLY F 31 -15.27 22.63 82.10
N SER F 32 -14.15 22.02 81.72
CA SER F 32 -13.69 22.07 80.34
C SER F 32 -13.26 20.68 79.87
N GLY F 33 -12.58 20.62 78.74
CA GLY F 33 -12.10 19.36 78.20
C GLY F 33 -12.27 19.24 76.70
N TYR F 34 -11.72 18.17 76.13
CA TYR F 34 -11.80 17.91 74.70
C TYR F 34 -12.84 16.84 74.40
N ALA F 35 -13.45 16.94 73.21
CA ALA F 35 -14.44 15.98 72.77
C ALA F 35 -14.58 16.00 71.25
N ALA F 36 -14.29 14.87 70.62
CA ALA F 36 -14.31 14.76 69.16
C ALA F 36 -15.74 14.80 68.60
N ASP F 37 -15.88 15.31 67.39
CA ASP F 37 -17.16 15.32 66.68
C ASP F 37 -17.35 14.00 65.94
N LEU F 38 -18.31 13.19 66.38
CA LEU F 38 -18.47 11.84 65.85
C LEU F 38 -18.98 11.79 64.41
N LYS F 39 -19.88 12.70 64.06
CA LYS F 39 -20.48 12.69 62.73
C LYS F 39 -19.46 12.89 61.61
N SER F 40 -18.66 13.95 61.73
CA SER F 40 -17.69 14.30 60.69
C SER F 40 -16.45 13.40 60.75
N THR F 41 -16.12 12.92 61.95
CA THR F 41 -14.97 12.05 62.12
C THR F 41 -15.24 10.67 61.53
N GLN F 42 -16.41 10.11 61.84
CA GLN F 42 -16.79 8.81 61.32
C GLN F 42 -17.00 8.86 59.81
N ASN F 43 -17.56 9.97 59.35
CA ASN F 43 -17.80 10.16 57.93
C ASN F 43 -16.50 10.16 57.15
N ALA F 44 -15.49 10.82 57.71
CA ALA F 44 -14.16 10.87 57.09
C ALA F 44 -13.50 9.50 57.12
N ILE F 45 -13.57 8.83 58.26
CA ILE F 45 -12.98 7.50 58.39
C ILE F 45 -13.55 6.56 57.34
N ASP F 46 -14.83 6.70 57.04
CA ASP F 46 -15.48 5.86 56.04
C ASP F 46 -15.04 6.22 54.61
N GLU F 47 -14.67 7.48 54.40
CA GLU F 47 -14.32 7.94 53.05
C GLU F 47 -12.84 7.77 52.73
N ILE F 48 -12.00 7.86 53.76
CA ILE F 48 -10.57 7.64 53.58
C ILE F 48 -10.27 6.14 53.53
N THR F 49 -11.07 5.35 54.24
CA THR F 49 -10.95 3.90 54.19
C THR F 49 -11.39 3.40 52.81
N ASN F 50 -12.37 4.08 52.23
CA ASN F 50 -12.81 3.77 50.88
C ASN F 50 -11.74 4.14 49.87
N LYS F 51 -11.15 5.31 50.05
CA LYS F 51 -10.04 5.76 49.20
C LYS F 51 -8.91 4.73 49.17
N VAL F 52 -8.39 4.40 50.36
CA VAL F 52 -7.36 3.38 50.48
C VAL F 52 -7.74 2.07 49.80
N ASN F 53 -8.95 1.58 50.09
CA ASN F 53 -9.41 0.33 49.50
C ASN F 53 -9.49 0.39 47.98
N SER F 54 -9.76 1.58 47.44
CA SER F 54 -9.88 1.74 46.00
C SER F 54 -8.54 1.57 45.29
N VAL F 55 -7.54 2.28 45.78
CA VAL F 55 -6.20 2.20 45.20
C VAL F 55 -5.65 0.78 45.31
N ILE F 56 -6.10 0.05 46.32
CA ILE F 56 -5.65 -1.32 46.52
C ILE F 56 -6.44 -2.32 45.68
N GLU F 57 -7.76 -2.32 45.85
CA GLU F 57 -8.61 -3.32 45.22
C GLU F 57 -8.69 -3.19 43.69
N LYS F 58 -8.69 -1.97 43.19
CA LYS F 58 -8.80 -1.73 41.75
C LYS F 58 -7.64 -2.34 40.97
N MET F 59 -6.60 -2.75 41.67
CA MET F 59 -5.42 -3.35 41.03
C MET F 59 -5.69 -4.79 40.62
N ASN F 60 -6.12 -4.98 39.38
CA ASN F 60 -6.31 -6.31 38.82
C ASN F 60 -4.98 -6.89 38.35
N THR F 61 -4.71 -8.13 38.72
CA THR F 61 -3.45 -8.78 38.35
C THR F 61 -3.68 -10.13 37.69
N GLN F 62 -3.16 -10.30 36.48
CA GLN F 62 -3.25 -11.57 35.78
C GLN F 62 -2.19 -12.52 36.30
N PHE F 63 -2.49 -13.82 36.32
CA PHE F 63 -1.49 -14.80 36.70
C PHE F 63 -0.36 -14.77 35.69
N THR F 64 0.86 -14.51 36.16
CA THR F 64 2.01 -14.37 35.28
C THR F 64 3.28 -15.02 35.82
N ALA F 65 3.98 -15.74 34.95
CA ALA F 65 5.30 -16.24 35.26
C ALA F 65 6.33 -15.39 34.51
N VAL F 66 6.74 -14.29 35.13
CA VAL F 66 7.61 -13.31 34.47
C VAL F 66 8.88 -13.92 33.90
N GLY F 67 9.41 -14.94 34.55
CA GLY F 67 10.68 -15.55 34.15
C GLY F 67 10.68 -16.18 32.76
N LYS F 68 11.82 -16.06 32.09
CA LYS F 68 11.98 -16.65 30.77
C LYS F 68 13.43 -17.08 30.52
N GLU F 69 13.61 -18.26 29.94
CA GLU F 69 14.94 -18.79 29.66
C GLU F 69 15.24 -18.82 28.17
N PHE F 70 16.31 -18.13 27.76
CA PHE F 70 16.74 -18.14 26.37
C PHE F 70 18.19 -18.58 26.26
N ASN F 71 18.49 -19.40 25.26
CA ASN F 71 19.84 -19.90 25.09
C ASN F 71 20.77 -18.87 24.46
N HIS F 72 22.02 -19.28 24.23
CA HIS F 72 23.05 -18.35 23.76
C HIS F 72 22.79 -17.83 22.36
N LEU F 73 21.88 -18.47 21.62
CA LEU F 73 21.56 -18.03 20.27
C LEU F 73 20.19 -17.34 20.21
N GLU F 74 19.72 -16.88 21.36
CA GLU F 74 18.43 -16.20 21.44
C GLU F 74 18.54 -14.88 22.19
N LYS F 75 19.66 -14.19 22.01
CA LYS F 75 19.91 -12.94 22.73
C LYS F 75 18.90 -11.84 22.37
N ARG F 76 18.51 -11.78 21.11
CA ARG F 76 17.62 -10.71 20.65
C ARG F 76 16.26 -10.72 21.35
N ILE F 77 15.62 -11.89 21.45
CA ILE F 77 14.32 -11.97 22.12
C ILE F 77 14.47 -11.96 23.63
N GLU F 78 15.67 -12.28 24.11
CA GLU F 78 15.96 -12.17 25.53
C GLU F 78 15.95 -10.70 25.93
N ASN F 79 16.60 -9.88 25.11
CA ASN F 79 16.62 -8.44 25.34
C ASN F 79 15.25 -7.81 25.10
N LEU F 80 14.52 -8.36 24.15
CA LEU F 80 13.15 -7.97 23.92
C LEU F 80 12.35 -8.22 25.19
N ASN F 81 12.54 -9.41 25.76
CA ASN F 81 11.90 -9.76 27.01
C ASN F 81 12.30 -8.77 28.10
N LYS F 82 13.60 -8.46 28.15
CA LYS F 82 14.14 -7.47 29.07
C LYS F 82 13.46 -6.10 28.90
N LYS F 83 13.15 -5.73 27.65
CA LYS F 83 12.51 -4.44 27.37
C LYS F 83 11.09 -4.37 27.90
N VAL F 84 10.41 -5.52 27.90
CA VAL F 84 9.05 -5.61 28.42
C VAL F 84 9.02 -5.44 29.94
N ASP F 85 9.87 -6.20 30.64
CA ASP F 85 9.93 -6.11 32.10
C ASP F 85 10.33 -4.71 32.56
N ASP F 86 11.34 -4.15 31.90
CA ASP F 86 11.80 -2.78 32.21
C ASP F 86 10.73 -1.76 31.86
N GLY F 87 10.09 -1.93 30.71
CA GLY F 87 9.03 -1.05 30.28
C GLY F 87 7.93 -0.96 31.33
N PHE F 88 7.47 -2.13 31.80
CA PHE F 88 6.47 -2.18 32.84
C PHE F 88 6.99 -1.58 34.13
N LEU F 89 8.23 -1.91 34.46
CA LEU F 89 8.89 -1.40 35.65
C LEU F 89 8.88 0.12 35.69
N ASP F 90 9.22 0.75 34.57
CA ASP F 90 9.25 2.21 34.50
C ASP F 90 7.86 2.82 34.53
N ILE F 91 6.89 2.11 33.95
CA ILE F 91 5.51 2.59 33.93
C ILE F 91 4.91 2.54 35.33
N TRP F 92 5.02 1.39 35.98
CA TRP F 92 4.46 1.21 37.31
C TRP F 92 5.18 2.02 38.38
N THR F 93 6.50 2.11 38.29
CA THR F 93 7.27 2.87 39.26
C THR F 93 6.90 4.34 39.21
N TYR F 94 6.84 4.90 38.00
CA TYR F 94 6.53 6.31 37.84
C TYR F 94 5.10 6.62 38.27
N ASN F 95 4.16 5.77 37.88
CA ASN F 95 2.76 5.95 38.24
C ASN F 95 2.49 5.75 39.73
N ALA F 96 3.10 4.73 40.32
CA ALA F 96 2.93 4.47 41.76
C ALA F 96 3.43 5.65 42.58
N GLU F 97 4.54 6.24 42.16
CA GLU F 97 5.15 7.37 42.87
C GLU F 97 4.30 8.64 42.76
N LEU F 98 3.82 8.93 41.55
CA LEU F 98 2.99 10.10 41.33
C LEU F 98 1.62 9.99 41.97
N LEU F 99 1.13 8.76 42.11
CA LEU F 99 -0.16 8.52 42.73
C LEU F 99 -0.12 8.87 44.22
N VAL F 100 0.89 8.35 44.91
CA VAL F 100 1.04 8.60 46.33
C VAL F 100 1.25 10.09 46.57
N LEU F 101 2.12 10.70 45.77
CA LEU F 101 2.33 12.14 45.84
C LEU F 101 1.03 12.92 45.68
N LEU F 102 0.34 12.68 44.56
CA LEU F 102 -0.89 13.41 44.24
C LEU F 102 -1.99 13.18 45.26
N GLU F 103 -2.25 11.92 45.61
CA GLU F 103 -3.35 11.62 46.51
C GLU F 103 -3.09 12.03 47.96
N ASN F 104 -1.82 12.04 48.36
CA ASN F 104 -1.45 12.53 49.68
C ASN F 104 -1.81 14.00 49.84
N GLU F 105 -1.52 14.79 48.81
CA GLU F 105 -1.87 16.20 48.81
C GLU F 105 -3.37 16.38 48.99
N ARG F 106 -4.16 15.63 48.22
CA ARG F 106 -5.61 15.72 48.31
C ARG F 106 -6.11 15.33 49.70
N THR F 107 -5.54 14.25 50.24
CA THR F 107 -5.95 13.77 51.56
C THR F 107 -5.80 14.85 52.61
N LEU F 108 -4.70 15.60 52.53
CA LEU F 108 -4.46 16.70 53.46
C LEU F 108 -5.46 17.83 53.21
N ASP F 109 -5.72 18.12 51.93
CA ASP F 109 -6.71 19.12 51.55
C ASP F 109 -8.09 18.69 52.03
N TYR F 110 -8.33 17.38 52.04
CA TYR F 110 -9.63 16.82 52.43
C TYR F 110 -9.89 17.00 53.92
N HIS F 111 -8.85 16.85 54.74
CA HIS F 111 -8.99 17.05 56.18
C HIS F 111 -9.15 18.54 56.48
N ASP F 112 -8.30 19.35 55.84
CA ASP F 112 -8.37 20.79 55.98
C ASP F 112 -9.77 21.27 55.64
N SER F 113 -10.33 20.70 54.58
CA SER F 113 -11.69 21.03 54.16
C SER F 113 -12.71 20.69 55.24
N ASN F 114 -12.59 19.51 55.84
CA ASN F 114 -13.52 19.08 56.88
C ASN F 114 -13.50 19.96 58.12
N VAL F 115 -12.30 20.38 58.52
CA VAL F 115 -12.14 21.28 59.65
C VAL F 115 -12.78 22.62 59.33
N LYS F 116 -12.58 23.09 58.11
CA LYS F 116 -13.20 24.31 57.62
C LYS F 116 -14.72 24.24 57.75
N ASN F 117 -15.31 23.25 57.09
CA ASN F 117 -16.76 23.09 57.10
C ASN F 117 -17.35 22.93 58.49
N LEU F 118 -16.60 22.29 59.38
CA LEU F 118 -17.04 22.12 60.76
C LEU F 118 -17.12 23.48 61.44
N TYR F 119 -16.09 24.29 61.26
CA TYR F 119 -16.05 25.64 61.81
C TYR F 119 -17.22 26.46 61.29
N GLU F 120 -17.37 26.49 59.97
CA GLU F 120 -18.46 27.21 59.33
C GLU F 120 -19.81 26.76 59.91
N LYS F 121 -19.96 25.46 60.10
CA LYS F 121 -21.21 24.88 60.57
C LYS F 121 -21.63 25.44 61.92
N VAL F 122 -20.71 25.35 62.89
CA VAL F 122 -20.98 25.88 64.23
C VAL F 122 -21.24 27.38 64.19
N ARG F 123 -20.58 28.08 63.28
CA ARG F 123 -20.78 29.51 63.13
C ARG F 123 -22.22 29.82 62.73
N SER F 124 -22.81 28.95 61.91
CA SER F 124 -24.19 29.13 61.46
C SER F 124 -25.20 28.92 62.59
N GLN F 125 -24.89 28.01 63.50
CA GLN F 125 -25.77 27.75 64.64
C GLN F 125 -25.78 28.91 65.62
N LEU F 126 -24.60 29.45 65.90
CA LEU F 126 -24.45 30.49 66.91
C LEU F 126 -24.91 31.85 66.43
N LYS F 127 -24.77 32.11 65.14
CA LYS F 127 -25.10 33.41 64.57
C LYS F 127 -24.34 34.53 65.28
N ASN F 128 -25.04 35.28 66.12
CA ASN F 128 -24.42 36.37 66.87
C ASN F 128 -24.60 36.21 68.38
N ASN F 129 -25.07 35.04 68.80
CA ASN F 129 -25.18 34.72 70.22
C ASN F 129 -23.80 34.45 70.82
N ALA F 130 -22.78 34.53 69.97
CA ALA F 130 -21.40 34.35 70.39
C ALA F 130 -20.48 35.20 69.52
N LYS F 131 -19.22 35.32 69.91
CA LYS F 131 -18.26 36.15 69.21
C LYS F 131 -17.08 35.35 68.70
N GLU F 132 -16.67 35.60 67.46
CA GLU F 132 -15.47 34.96 66.91
C GLU F 132 -14.23 35.63 67.47
N ILE F 133 -13.39 34.85 68.15
CA ILE F 133 -12.23 35.40 68.83
C ILE F 133 -10.92 34.94 68.19
N GLY F 134 -11.03 34.34 67.02
CA GLY F 134 -9.85 33.87 66.30
C GLY F 134 -9.38 32.51 66.75
N ASN F 135 -8.41 31.96 66.02
CA ASN F 135 -7.85 30.64 66.31
C ASN F 135 -8.91 29.54 66.30
N GLY F 136 -9.99 29.77 65.57
CA GLY F 136 -11.07 28.81 65.51
C GLY F 136 -11.73 28.61 66.86
N CYS F 137 -12.11 29.71 67.50
CA CYS F 137 -12.73 29.67 68.81
C CYS F 137 -13.94 30.59 68.91
N PHE F 138 -14.98 30.13 69.60
CA PHE F 138 -16.18 30.92 69.83
C PHE F 138 -16.32 31.28 71.30
N GLU F 139 -16.70 32.52 71.56
CA GLU F 139 -16.99 32.95 72.93
C GLU F 139 -18.47 33.32 73.05
N PHE F 140 -19.21 32.51 73.80
CA PHE F 140 -20.65 32.71 73.95
C PHE F 140 -21.00 34.01 74.68
N TYR F 141 -22.04 34.68 74.21
CA TYR F 141 -22.52 35.90 74.85
C TYR F 141 -23.53 35.57 75.94
N HIS F 142 -23.79 34.29 76.13
CA HIS F 142 -24.73 33.84 77.15
C HIS F 142 -24.13 32.71 77.98
N LYS F 143 -24.94 32.18 78.89
CA LYS F 143 -24.49 31.08 79.76
C LYS F 143 -24.77 29.73 79.09
N CYS F 144 -23.75 29.21 78.41
CA CYS F 144 -23.88 27.94 77.71
C CYS F 144 -23.27 26.80 78.51
N ASP F 145 -24.11 26.04 79.19
CA ASP F 145 -23.66 24.94 80.03
C ASP F 145 -23.41 23.67 79.21
N ASN F 146 -23.35 22.53 79.89
CA ASN F 146 -23.11 21.25 79.24
C ASN F 146 -24.18 20.91 78.20
N THR F 147 -25.44 20.96 78.61
CA THR F 147 -26.54 20.64 77.71
C THR F 147 -26.56 21.59 76.52
N CYS F 148 -25.98 22.77 76.69
CA CYS F 148 -25.90 23.75 75.61
C CYS F 148 -24.82 23.37 74.61
N MET F 149 -23.60 23.15 75.12
CA MET F 149 -22.50 22.69 74.27
C MET F 149 -22.94 21.46 73.48
N GLU F 150 -23.59 20.53 74.17
CA GLU F 150 -24.04 19.30 73.56
C GLU F 150 -24.97 19.54 72.38
N SER F 151 -25.75 20.62 72.45
CA SER F 151 -26.69 20.96 71.38
C SER F 151 -25.98 21.64 70.22
N VAL F 152 -24.90 22.34 70.51
CA VAL F 152 -24.10 22.98 69.47
C VAL F 152 -23.36 21.92 68.66
N LYS F 153 -22.78 20.95 69.36
CA LYS F 153 -22.04 19.88 68.73
C LYS F 153 -22.91 19.07 67.78
N ASN F 154 -24.08 18.65 68.24
CA ASN F 154 -24.98 17.83 67.44
C ASN F 154 -25.91 18.63 66.52
N GLY F 155 -25.52 19.86 66.24
CA GLY F 155 -26.24 20.69 65.27
C GLY F 155 -27.64 21.11 65.68
N THR F 156 -28.13 20.60 66.81
CA THR F 156 -29.46 20.92 67.28
C THR F 156 -29.44 22.04 68.31
N TYR F 157 -28.57 23.02 68.09
CA TYR F 157 -28.48 24.17 68.99
C TYR F 157 -29.74 25.02 68.92
N ASP F 158 -30.36 25.25 70.08
CA ASP F 158 -31.59 26.02 70.15
C ASP F 158 -31.30 27.52 70.19
N TYR F 159 -31.26 28.13 69.02
CA TYR F 159 -30.95 29.56 68.90
C TYR F 159 -31.94 30.46 69.65
N PRO F 160 -33.25 30.32 69.36
CA PRO F 160 -34.25 31.19 69.99
C PRO F 160 -34.35 30.97 71.50
N LYS F 161 -33.82 29.86 71.98
CA LYS F 161 -33.85 29.55 73.41
C LYS F 161 -32.91 30.48 74.19
N TYR F 162 -31.67 30.57 73.75
CA TYR F 162 -30.67 31.41 74.40
C TYR F 162 -30.53 32.75 73.69
N SER F 163 -31.31 32.95 72.64
CA SER F 163 -31.24 34.17 71.83
C SER F 163 -31.43 35.41 72.70
N GLU F 164 -32.45 35.40 73.53
CA GLU F 164 -32.73 36.49 74.45
C GLU F 164 -31.52 36.81 75.32
N GLU F 165 -31.19 35.91 76.23
CA GLU F 165 -30.09 36.11 77.18
C GLU F 165 -28.84 36.72 76.52
N ALA F 166 -28.45 36.17 75.38
CA ALA F 166 -27.23 36.58 74.69
C ALA F 166 -27.25 38.04 74.24
N LYS F 167 -28.36 38.46 73.61
CA LYS F 167 -28.48 39.83 73.12
C LYS F 167 -28.25 40.85 74.22
N LEU F 168 -28.54 40.45 75.46
CA LEU F 168 -28.44 41.35 76.61
C LEU F 168 -27.00 41.79 76.89
N ASN F 169 -26.15 40.84 77.26
CA ASN F 169 -24.79 41.12 77.68
C ASN F 169 -23.91 41.70 76.56
N ARG F 170 -24.19 42.94 76.17
CA ARG F 170 -23.41 43.61 75.13
C ARG F 170 -23.46 45.13 75.31
N ASP G 3 -35.36 36.09 17.85
CA ASP G 3 -35.55 34.94 16.97
C ASP G 3 -34.46 34.89 15.91
N THR G 4 -34.09 33.67 15.49
CA THR G 4 -33.01 33.49 14.54
C THR G 4 -33.34 32.47 13.46
N LEU G 5 -32.90 32.76 12.23
CA LEU G 5 -33.01 31.81 11.12
C LEU G 5 -31.62 31.52 10.55
N CYS G 6 -31.15 30.29 10.70
CA CYS G 6 -29.80 29.95 10.27
C CYS G 6 -29.79 29.15 8.98
N ILE G 7 -28.91 29.53 8.06
CA ILE G 7 -28.71 28.77 6.84
C ILE G 7 -27.56 27.80 7.04
N GLY G 8 -27.77 26.53 6.69
CA GLY G 8 -26.76 25.50 6.89
C GLY G 8 -26.80 24.39 5.85
N TYR G 9 -25.91 23.42 6.00
CA TYR G 9 -25.82 22.31 5.06
C TYR G 9 -25.85 20.96 5.78
N HIS G 10 -26.26 19.93 5.04
CA HIS G 10 -26.46 18.60 5.61
C HIS G 10 -25.17 17.97 6.13
N ALA G 11 -25.33 17.06 7.07
CA ALA G 11 -24.21 16.28 7.59
C ALA G 11 -24.73 14.94 8.10
N ASN G 12 -23.85 13.96 8.22
CA ASN G 12 -24.25 12.64 8.66
C ASN G 12 -23.10 11.81 9.25
N ASN G 13 -23.34 10.53 9.45
CA ASN G 13 -22.34 9.64 10.04
C ASN G 13 -21.50 8.93 8.98
N SER G 14 -21.70 9.31 7.72
CA SER G 14 -20.94 8.73 6.61
C SER G 14 -19.44 8.88 6.85
N THR G 15 -18.69 7.85 6.48
CA THR G 15 -17.25 7.84 6.69
C THR G 15 -16.49 7.66 5.38
N ASP G 16 -17.23 7.63 4.28
CA ASP G 16 -16.62 7.49 2.97
C ASP G 16 -15.77 8.70 2.60
N THR G 17 -14.57 8.45 2.11
CA THR G 17 -13.67 9.54 1.71
C THR G 17 -13.33 9.44 0.22
N VAL G 18 -13.20 10.60 -0.42
CA VAL G 18 -12.77 10.68 -1.81
C VAL G 18 -11.54 11.56 -1.88
N ASP G 19 -10.86 11.53 -3.02
CA ASP G 19 -9.69 12.38 -3.23
C ASP G 19 -9.99 13.48 -4.25
N THR G 20 -9.37 14.64 -4.06
CA THR G 20 -9.47 15.72 -5.03
C THR G 20 -8.08 16.15 -5.46
N VAL G 21 -8.00 16.98 -6.49
CA VAL G 21 -6.71 17.43 -6.99
C VAL G 21 -5.95 18.22 -5.92
N LEU G 22 -6.70 18.83 -5.01
CA LEU G 22 -6.12 19.69 -3.97
C LEU G 22 -5.95 19.00 -2.63
N GLU G 23 -6.88 18.11 -2.30
CA GLU G 23 -6.85 17.44 -1.00
C GLU G 23 -7.17 15.95 -1.15
N LYS G 24 -6.67 15.14 -0.23
CA LYS G 24 -6.83 13.69 -0.35
C LYS G 24 -8.02 13.10 0.40
N ASN G 25 -7.80 12.64 1.64
CA ASN G 25 -8.84 11.91 2.35
C ASN G 25 -10.01 12.77 2.84
N VAL G 26 -10.69 13.44 1.91
CA VAL G 26 -11.83 14.30 2.25
C VAL G 26 -13.11 13.49 2.45
N THR G 27 -13.56 13.38 3.70
CA THR G 27 -14.80 12.68 4.02
C THR G 27 -15.98 13.39 3.37
N VAL G 28 -16.88 12.62 2.78
CA VAL G 28 -18.05 13.18 2.11
C VAL G 28 -19.34 12.53 2.61
N THR G 29 -20.47 13.17 2.32
CA THR G 29 -21.75 12.71 2.81
C THR G 29 -22.33 11.59 1.95
N HIS G 30 -22.04 11.65 0.65
CA HIS G 30 -22.52 10.67 -0.31
C HIS G 30 -21.49 10.46 -1.41
N SER G 31 -21.54 9.32 -2.08
CA SER G 31 -20.58 9.00 -3.14
C SER G 31 -20.95 7.74 -3.91
N VAL G 32 -20.53 7.68 -5.17
CA VAL G 32 -20.70 6.49 -5.99
C VAL G 32 -19.35 6.05 -6.51
N ASN G 33 -19.19 4.76 -6.76
CA ASN G 33 -17.95 4.22 -7.31
C ASN G 33 -18.04 4.12 -8.83
N LEU G 34 -17.05 4.65 -9.53
CA LEU G 34 -17.01 4.56 -10.99
C LEU G 34 -16.17 3.38 -11.46
N LEU G 35 -15.69 2.59 -10.51
CA LEU G 35 -14.83 1.44 -10.82
C LEU G 35 -15.51 0.13 -10.51
N GLU G 36 -15.88 -0.62 -11.54
CA GLU G 36 -16.42 -1.96 -11.34
C GLU G 36 -15.28 -2.90 -10.95
N ASP G 37 -15.39 -3.49 -9.77
CA ASP G 37 -14.35 -4.38 -9.25
C ASP G 37 -14.93 -5.74 -8.91
N LYS G 38 -16.16 -5.99 -9.36
CA LYS G 38 -16.87 -7.22 -9.05
C LYS G 38 -17.21 -8.01 -10.30
N HIS G 39 -16.90 -9.31 -10.29
CA HIS G 39 -17.32 -10.22 -11.35
C HIS G 39 -18.13 -11.37 -10.76
N ASN G 40 -18.79 -12.15 -11.62
CA ASN G 40 -19.67 -13.21 -11.15
C ASN G 40 -18.99 -14.58 -11.02
N GLY G 41 -17.74 -14.67 -11.45
CA GLY G 41 -16.98 -15.91 -11.34
C GLY G 41 -17.55 -17.05 -12.17
N LYS G 42 -18.24 -16.70 -13.26
CA LYS G 42 -18.79 -17.68 -14.17
C LYS G 42 -18.32 -17.40 -15.59
N LEU G 43 -18.26 -18.45 -16.41
CA LEU G 43 -18.12 -18.27 -17.85
C LEU G 43 -19.52 -18.32 -18.46
N CYS G 44 -19.97 -17.19 -18.98
CA CYS G 44 -21.37 -17.05 -19.38
C CYS G 44 -21.59 -17.00 -20.88
N LYS G 45 -22.86 -17.07 -21.26
CA LYS G 45 -23.27 -16.94 -22.66
C LYS G 45 -23.11 -15.50 -23.11
N LEU G 46 -22.36 -15.30 -24.18
CA LEU G 46 -22.09 -13.96 -24.70
C LEU G 46 -23.09 -13.62 -25.81
N ARG G 47 -23.84 -12.55 -25.62
CA ARG G 47 -24.87 -12.16 -26.58
C ARG G 47 -25.98 -13.20 -26.66
N GLY G 48 -26.17 -13.94 -25.57
CA GLY G 48 -27.19 -14.97 -25.51
C GLY G 48 -26.76 -16.32 -26.07
N VAL G 49 -25.52 -16.39 -26.59
CA VAL G 49 -25.01 -17.64 -27.15
C VAL G 49 -23.96 -18.27 -26.25
N ALA G 50 -24.14 -19.55 -25.94
CA ALA G 50 -23.21 -20.27 -25.06
C ALA G 50 -21.86 -20.46 -25.74
N PRO G 51 -20.79 -20.56 -24.94
CA PRO G 51 -19.45 -20.78 -25.46
C PRO G 51 -19.22 -22.25 -25.80
N LEU G 52 -18.22 -22.52 -26.63
CA LEU G 52 -17.83 -23.87 -26.93
C LEU G 52 -16.74 -24.29 -25.95
N HIS G 53 -17.05 -25.26 -25.10
CA HIS G 53 -16.10 -25.73 -24.10
C HIS G 53 -15.47 -27.04 -24.55
N LEU G 54 -14.15 -27.05 -24.68
CA LEU G 54 -13.43 -28.19 -25.23
C LEU G 54 -13.05 -29.21 -24.16
N GLY G 55 -13.32 -28.88 -22.91
CA GLY G 55 -13.05 -29.79 -21.81
C GLY G 55 -11.61 -30.24 -21.70
N LYS G 56 -11.37 -31.50 -22.06
CA LYS G 56 -10.06 -32.13 -21.88
C LYS G 56 -9.19 -32.03 -23.13
N CYS G 57 -9.71 -31.39 -24.17
CA CYS G 57 -8.98 -31.24 -25.43
C CYS G 57 -8.70 -29.77 -25.75
N ASN G 58 -7.63 -29.52 -26.50
CA ASN G 58 -7.41 -28.20 -27.07
C ASN G 58 -8.05 -28.15 -28.46
N ILE G 59 -8.01 -26.99 -29.10
CA ILE G 59 -8.64 -26.83 -30.40
C ILE G 59 -8.11 -27.83 -31.44
N ALA G 60 -6.81 -28.13 -31.37
CA ALA G 60 -6.20 -29.07 -32.31
C ALA G 60 -6.84 -30.46 -32.23
N GLY G 61 -7.02 -30.95 -31.00
CA GLY G 61 -7.61 -32.25 -30.78
C GLY G 61 -9.07 -32.34 -31.17
N TRP G 62 -9.84 -31.32 -30.78
CA TRP G 62 -11.26 -31.26 -31.11
C TRP G 62 -11.50 -31.25 -32.62
N ILE G 63 -10.81 -30.36 -33.32
CA ILE G 63 -11.01 -30.19 -34.76
C ILE G 63 -10.56 -31.42 -35.56
N LEU G 64 -9.52 -32.09 -35.08
CA LEU G 64 -9.00 -33.27 -35.76
C LEU G 64 -9.73 -34.52 -35.34
N GLY G 65 -10.42 -34.44 -34.20
CA GLY G 65 -11.20 -35.57 -33.70
C GLY G 65 -10.39 -36.54 -32.87
N ASN G 66 -9.52 -36.01 -32.02
CA ASN G 66 -8.79 -36.84 -31.06
C ASN G 66 -9.77 -37.74 -30.31
N PRO G 67 -9.45 -39.03 -30.19
CA PRO G 67 -10.32 -40.05 -29.57
C PRO G 67 -10.85 -39.62 -28.21
N GLU G 68 -10.15 -38.72 -27.54
CA GLU G 68 -10.56 -38.27 -26.21
C GLU G 68 -11.52 -37.09 -26.24
N CYS G 69 -11.69 -36.46 -27.40
CA CYS G 69 -12.53 -35.27 -27.48
C CYS G 69 -14.00 -35.62 -27.66
N GLU G 70 -14.86 -34.83 -27.01
CA GLU G 70 -16.29 -35.12 -26.95
C GLU G 70 -17.03 -34.86 -28.27
N SER G 71 -16.30 -34.34 -29.26
CA SER G 71 -16.89 -34.06 -30.57
C SER G 71 -18.09 -33.12 -30.47
N THR G 74 -20.89 -31.43 -30.02
CA THR G 74 -20.57 -30.17 -30.67
C THR G 74 -21.82 -29.38 -31.04
N ALA G 75 -21.83 -28.10 -30.71
CA ALA G 75 -22.98 -27.23 -30.99
C ALA G 75 -22.93 -26.66 -32.39
N SER G 76 -24.05 -26.10 -32.84
CA SER G 76 -24.13 -25.48 -34.16
C SER G 76 -23.56 -24.06 -34.14
N SER G 77 -23.41 -23.49 -32.95
CA SER G 77 -22.89 -22.13 -32.81
C SER G 77 -22.34 -21.87 -31.41
N TRP G 78 -21.39 -20.95 -31.33
CA TRP G 78 -20.84 -20.53 -30.05
C TRP G 78 -20.27 -19.11 -30.14
N SER G 79 -20.34 -18.38 -29.05
CA SER G 79 -19.89 -16.99 -29.04
C SER G 79 -18.37 -16.89 -28.82
N TYR G 80 -17.80 -17.93 -28.23
CA TYR G 80 -16.35 -18.01 -28.04
C TYR G 80 -15.96 -19.41 -27.59
N ILE G 81 -14.65 -19.69 -27.59
CA ILE G 81 -14.15 -21.01 -27.22
C ILE G 81 -13.47 -20.99 -25.86
N VAL G 82 -13.63 -22.07 -25.09
CA VAL G 82 -13.02 -22.18 -23.78
C VAL G 82 -12.20 -23.46 -23.64
N GLU G 83 -10.90 -23.30 -23.40
CA GLU G 83 -10.03 -24.44 -23.10
C GLU G 83 -9.62 -24.35 -21.63
N THR G 84 -9.30 -25.49 -21.03
CA THR G 84 -8.82 -25.50 -19.66
C THR G 84 -7.30 -25.54 -19.66
N PRO G 85 -6.69 -24.96 -18.62
CA PRO G 85 -5.23 -24.95 -18.50
C PRO G 85 -4.65 -26.36 -18.45
N SER G 86 -5.48 -27.36 -18.22
CA SER G 86 -4.99 -28.74 -18.11
C SER G 86 -5.27 -29.58 -19.36
N SER G 87 -5.76 -28.94 -20.42
CA SER G 87 -6.09 -29.65 -21.65
C SER G 87 -4.83 -30.10 -22.39
N ASP G 88 -4.57 -31.41 -22.38
CA ASP G 88 -3.36 -31.95 -22.98
C ASP G 88 -3.63 -32.87 -24.17
N ASN G 89 -4.91 -33.12 -24.45
CA ASN G 89 -5.29 -33.96 -25.58
C ASN G 89 -5.49 -33.17 -26.87
N GLY G 90 -4.51 -33.23 -27.75
CA GLY G 90 -4.57 -32.53 -29.03
C GLY G 90 -4.00 -33.40 -30.13
N THR G 91 -2.97 -32.91 -30.79
CA THR G 91 -2.29 -33.70 -31.81
C THR G 91 -1.46 -34.78 -31.15
N CYS G 92 -2.08 -35.94 -30.93
CA CYS G 92 -1.43 -37.05 -30.23
C CYS G 92 -0.28 -37.65 -31.04
N TYR G 93 -0.36 -37.55 -32.36
CA TYR G 93 0.76 -37.95 -33.20
C TYR G 93 1.64 -36.75 -33.48
N PRO G 94 2.88 -36.76 -32.96
CA PRO G 94 3.76 -35.59 -33.02
C PRO G 94 3.90 -35.02 -34.43
N GLY G 95 3.74 -33.71 -34.54
CA GLY G 95 3.88 -33.04 -35.81
C GLY G 95 3.57 -31.56 -35.72
N ASP G 96 3.60 -30.88 -36.87
CA ASP G 96 3.38 -29.44 -36.93
C ASP G 96 1.98 -29.13 -37.44
N PHE G 97 1.28 -28.25 -36.72
CA PHE G 97 -0.04 -27.81 -37.15
C PHE G 97 0.10 -26.44 -37.82
N ILE G 98 0.14 -26.45 -39.15
CA ILE G 98 0.37 -25.23 -39.92
C ILE G 98 -0.75 -24.20 -39.73
N ASP G 99 -0.35 -22.93 -39.55
CA ASP G 99 -1.30 -21.85 -39.30
C ASP G 99 -2.33 -22.22 -38.23
N TYR G 100 -1.84 -22.78 -37.13
CA TYR G 100 -2.70 -23.23 -36.05
C TYR G 100 -3.41 -22.06 -35.37
N GLU G 101 -2.64 -21.04 -35.03
CA GLU G 101 -3.19 -19.84 -34.39
C GLU G 101 -4.26 -19.18 -35.25
N GLU G 102 -3.98 -19.07 -36.55
CA GLU G 102 -4.94 -18.48 -37.48
C GLU G 102 -6.26 -19.26 -37.50
N LEU G 103 -6.17 -20.58 -37.43
CA LEU G 103 -7.36 -21.42 -37.40
C LEU G 103 -8.16 -21.21 -36.12
N ARG G 104 -7.47 -21.28 -34.97
CA ARG G 104 -8.12 -21.05 -33.68
C ARG G 104 -8.85 -19.71 -33.68
N GLU G 105 -8.17 -18.68 -34.17
CA GLU G 105 -8.74 -17.35 -34.28
C GLU G 105 -9.99 -17.34 -35.14
N GLN G 106 -10.00 -18.16 -36.19
CA GLN G 106 -11.10 -18.17 -37.14
C GLN G 106 -12.25 -19.11 -36.76
N LEU G 107 -12.05 -19.90 -35.70
CA LEU G 107 -13.10 -20.78 -35.20
C LEU G 107 -13.67 -20.26 -33.89
N SER G 108 -13.10 -19.18 -33.38
CA SER G 108 -13.46 -18.64 -32.08
C SER G 108 -14.96 -18.36 -31.97
N SER G 109 -15.56 -17.88 -33.05
CA SER G 109 -16.99 -17.56 -33.06
C SER G 109 -17.65 -17.94 -34.37
N VAL G 110 -18.67 -18.79 -34.28
CA VAL G 110 -19.40 -19.22 -35.47
C VAL G 110 -20.92 -19.13 -35.25
N SER G 111 -21.63 -18.67 -36.27
CA SER G 111 -23.08 -18.59 -36.21
C SER G 111 -23.71 -19.89 -36.70
N SER G 112 -22.90 -20.71 -37.37
CA SER G 112 -23.35 -22.01 -37.86
C SER G 112 -22.19 -22.97 -38.01
N PHE G 113 -22.41 -24.24 -37.66
CA PHE G 113 -21.35 -25.24 -37.68
C PHE G 113 -21.95 -26.63 -37.85
N GLU G 114 -21.42 -27.40 -38.79
CA GLU G 114 -21.94 -28.74 -39.09
C GLU G 114 -20.86 -29.71 -39.51
N ARG G 115 -20.78 -30.84 -38.80
CA ARG G 115 -19.81 -31.87 -39.13
C ARG G 115 -20.42 -32.92 -40.04
N PHE G 116 -19.76 -33.18 -41.17
CA PHE G 116 -20.26 -34.15 -42.14
C PHE G 116 -19.14 -34.98 -42.74
N GLU G 117 -19.48 -36.18 -43.19
CA GLU G 117 -18.49 -37.10 -43.76
C GLU G 117 -18.20 -36.78 -45.22
N ILE G 118 -17.15 -36.00 -45.45
CA ILE G 118 -16.79 -35.54 -46.78
C ILE G 118 -16.39 -36.70 -47.71
N PHE G 119 -15.61 -37.62 -47.18
CA PHE G 119 -15.18 -38.80 -47.93
C PHE G 119 -15.51 -40.07 -47.14
N PRO G 120 -16.68 -40.67 -47.42
CA PRO G 120 -17.12 -41.89 -46.74
C PRO G 120 -16.03 -42.96 -46.70
N LYS G 121 -15.64 -43.35 -45.49
CA LYS G 121 -14.56 -44.31 -45.30
C LYS G 121 -14.76 -45.57 -46.13
N THR G 122 -16.01 -46.00 -46.25
CA THR G 122 -16.33 -47.28 -46.87
C THR G 122 -16.18 -47.27 -48.39
N SER G 123 -16.68 -46.23 -49.04
CA SER G 123 -16.81 -46.22 -50.49
C SER G 123 -15.79 -45.34 -51.22
N SER G 124 -14.99 -44.60 -50.46
CA SER G 124 -14.09 -43.61 -51.05
C SER G 124 -12.71 -44.16 -51.43
N TRP G 125 -12.27 -45.20 -50.73
CA TRP G 125 -10.90 -45.70 -50.91
C TRP G 125 -10.87 -47.20 -51.19
N PRO G 126 -11.26 -47.58 -52.41
CA PRO G 126 -11.34 -48.99 -52.85
C PRO G 126 -9.97 -49.56 -53.21
N ASN G 127 -9.04 -48.69 -53.61
CA ASN G 127 -7.72 -49.15 -54.03
C ASN G 127 -6.67 -49.07 -52.92
N HIS G 128 -7.08 -48.57 -51.76
CA HIS G 128 -6.18 -48.47 -50.62
C HIS G 128 -6.80 -49.04 -49.36
N ASP G 129 -5.97 -49.34 -48.37
CA ASP G 129 -6.46 -49.90 -47.12
C ASP G 129 -6.77 -48.79 -46.12
N SER G 130 -8.04 -48.70 -45.72
CA SER G 130 -8.47 -47.68 -44.77
C SER G 130 -8.91 -48.30 -43.47
N ASN G 131 -8.29 -49.42 -43.10
CA ASN G 131 -8.65 -50.15 -41.88
C ASN G 131 -7.46 -50.52 -41.02
N LYS G 132 -6.35 -49.79 -41.17
CA LYS G 132 -5.15 -50.09 -40.39
C LYS G 132 -4.52 -48.82 -39.83
N GLY G 133 -5.05 -47.66 -40.20
CA GLY G 133 -4.46 -46.40 -39.81
C GLY G 133 -4.66 -46.06 -38.35
N VAL G 134 -4.04 -46.84 -37.47
CA VAL G 134 -4.14 -46.60 -36.03
C VAL G 134 -2.74 -46.56 -35.41
N THR G 135 -2.62 -45.97 -34.23
CA THR G 135 -1.33 -45.80 -33.58
C THR G 135 -1.43 -45.81 -32.06
N ALA G 136 -0.37 -46.29 -31.41
CA ALA G 136 -0.33 -46.29 -29.96
C ALA G 136 -0.16 -44.87 -29.43
N ALA G 137 0.18 -43.95 -30.34
CA ALA G 137 0.33 -42.54 -29.98
C ALA G 137 -1.04 -41.87 -29.80
N CYS G 138 -2.06 -42.44 -30.44
CA CYS G 138 -3.42 -41.94 -30.30
C CYS G 138 -4.33 -43.03 -29.75
N PRO G 139 -4.08 -43.46 -28.50
CA PRO G 139 -4.81 -44.59 -27.91
C PRO G 139 -6.23 -44.24 -27.49
N HIS G 140 -7.05 -45.27 -27.38
CA HIS G 140 -8.43 -45.14 -26.92
C HIS G 140 -8.87 -46.43 -26.27
N ALA G 141 -9.31 -46.36 -25.01
CA ALA G 141 -9.65 -47.55 -24.25
C ALA G 141 -8.47 -48.51 -24.21
N GLY G 142 -7.26 -47.94 -24.12
CA GLY G 142 -6.05 -48.73 -24.04
C GLY G 142 -5.56 -49.23 -25.39
N ALA G 143 -6.46 -49.30 -26.37
CA ALA G 143 -6.13 -49.82 -27.69
C ALA G 143 -5.71 -48.72 -28.66
N LYS G 144 -4.94 -49.11 -29.67
CA LYS G 144 -4.50 -48.17 -30.71
C LYS G 144 -5.69 -47.56 -31.45
N SER G 145 -5.64 -46.25 -31.65
CA SER G 145 -6.70 -45.53 -32.36
C SER G 145 -6.11 -44.42 -33.21
N PHE G 146 -6.94 -43.44 -33.57
CA PHE G 146 -6.50 -42.36 -34.46
C PHE G 146 -7.54 -41.25 -34.48
N TYR G 147 -7.17 -40.11 -35.07
CA TYR G 147 -8.10 -39.01 -35.25
C TYR G 147 -9.34 -39.51 -35.99
N LYS G 148 -10.52 -39.22 -35.45
CA LYS G 148 -11.76 -39.74 -36.03
C LYS G 148 -12.26 -38.92 -37.22
N ASN G 149 -11.62 -37.78 -37.48
CA ASN G 149 -12.00 -36.96 -38.63
C ASN G 149 -11.06 -37.17 -39.82
N LEU G 150 -10.02 -37.98 -39.60
CA LEU G 150 -9.06 -38.27 -40.65
C LEU G 150 -8.92 -39.77 -40.83
N ILE G 151 -8.39 -40.18 -41.99
CA ILE G 151 -8.12 -41.58 -42.25
C ILE G 151 -6.70 -41.77 -42.79
N TRP G 152 -5.88 -42.45 -42.01
CA TRP G 152 -4.51 -42.75 -42.40
C TRP G 152 -4.46 -43.90 -43.42
N LEU G 153 -4.40 -43.54 -44.70
CA LEU G 153 -4.39 -44.54 -45.76
C LEU G 153 -3.07 -45.27 -45.88
N VAL G 154 -3.14 -46.58 -46.06
CA VAL G 154 -1.96 -47.43 -46.25
C VAL G 154 -2.13 -48.23 -47.54
N LYS G 155 -1.03 -48.73 -48.08
CA LYS G 155 -1.08 -49.52 -49.31
C LYS G 155 -1.99 -50.73 -49.16
N LYS G 156 -2.80 -50.99 -50.18
CA LYS G 156 -3.67 -52.15 -50.19
C LYS G 156 -2.91 -53.37 -50.72
N GLY G 157 -2.81 -54.40 -49.89
CA GLY G 157 -2.02 -55.57 -50.24
C GLY G 157 -0.56 -55.20 -50.32
N ASN G 158 -0.06 -55.06 -51.54
CA ASN G 158 1.34 -54.68 -51.75
C ASN G 158 1.48 -53.58 -52.82
N SER G 159 0.41 -52.83 -53.02
CA SER G 159 0.40 -51.78 -54.03
C SER G 159 -0.26 -50.50 -53.53
N TYR G 160 0.36 -49.37 -53.84
CA TYR G 160 -0.22 -48.07 -53.54
C TYR G 160 -0.36 -47.26 -54.83
N PRO G 161 -1.50 -47.44 -55.53
CA PRO G 161 -1.76 -46.76 -56.80
C PRO G 161 -1.97 -45.26 -56.62
N LYS G 162 -1.86 -44.51 -57.70
CA LYS G 162 -2.07 -43.07 -57.64
C LYS G 162 -3.46 -42.76 -57.10
N LEU G 163 -3.50 -41.85 -56.13
CA LEU G 163 -4.75 -41.49 -55.47
C LEU G 163 -5.25 -40.14 -55.97
N SER G 164 -6.51 -40.09 -56.36
CA SER G 164 -7.12 -38.85 -56.84
C SER G 164 -8.57 -38.76 -56.40
N LYS G 165 -8.86 -37.79 -55.53
CA LYS G 165 -10.21 -37.61 -55.00
C LYS G 165 -10.53 -36.13 -54.89
N SER G 166 -11.77 -35.77 -55.20
CA SER G 166 -12.18 -34.37 -55.15
C SER G 166 -13.49 -34.22 -54.38
N TYR G 167 -13.71 -33.01 -53.86
CA TYR G 167 -14.97 -32.70 -53.20
C TYR G 167 -15.52 -31.37 -53.69
N ILE G 168 -16.75 -31.41 -54.22
CA ILE G 168 -17.43 -30.18 -54.60
C ILE G 168 -18.33 -29.72 -53.46
N ASN G 169 -18.20 -28.46 -53.09
CA ASN G 169 -18.96 -27.91 -51.97
C ASN G 169 -20.42 -27.69 -52.32
N ASP G 170 -21.26 -28.67 -52.01
CA ASP G 170 -22.69 -28.53 -52.25
C ASP G 170 -23.43 -27.95 -51.05
N LYS G 171 -22.68 -27.65 -49.99
CA LYS G 171 -23.25 -26.99 -48.83
C LYS G 171 -23.53 -25.53 -49.16
N GLY G 172 -24.17 -24.82 -48.24
CA GLY G 172 -24.54 -23.44 -48.49
C GLY G 172 -23.51 -22.43 -47.98
N LYS G 173 -22.41 -22.93 -47.44
CA LYS G 173 -21.38 -22.04 -46.89
C LYS G 173 -19.97 -22.64 -47.02
N GLU G 174 -19.02 -22.00 -46.36
CA GLU G 174 -17.64 -22.48 -46.34
C GLU G 174 -17.54 -23.89 -45.78
N VAL G 175 -16.49 -24.60 -46.19
CA VAL G 175 -16.19 -25.90 -45.63
C VAL G 175 -14.74 -25.97 -45.18
N LEU G 176 -14.55 -26.20 -43.88
CA LEU G 176 -13.22 -26.42 -43.31
C LEU G 176 -12.78 -27.84 -43.59
N VAL G 177 -11.72 -27.98 -44.38
CA VAL G 177 -11.20 -29.30 -44.69
C VAL G 177 -9.79 -29.45 -44.11
N LEU G 178 -9.60 -30.46 -43.28
CA LEU G 178 -8.29 -30.71 -42.69
C LEU G 178 -7.71 -32.03 -43.21
N TRP G 179 -6.39 -32.08 -43.34
CA TRP G 179 -5.70 -33.29 -43.78
C TRP G 179 -4.29 -33.36 -43.20
N GLY G 180 -3.63 -34.49 -43.38
CA GLY G 180 -2.29 -34.66 -42.83
C GLY G 180 -1.29 -35.28 -43.80
N ILE G 181 -0.01 -35.06 -43.54
CA ILE G 181 1.05 -35.66 -44.31
C ILE G 181 1.96 -36.43 -43.36
N HIS G 182 2.06 -37.74 -43.56
CA HIS G 182 2.86 -38.58 -42.67
C HIS G 182 4.30 -38.70 -43.17
N HIS G 183 5.24 -38.63 -42.23
CA HIS G 183 6.65 -38.71 -42.55
C HIS G 183 7.30 -39.84 -41.75
N PRO G 184 7.52 -41.00 -42.39
CA PRO G 184 8.18 -42.13 -41.73
C PRO G 184 9.60 -41.78 -41.32
N SER G 185 10.13 -42.48 -40.32
CA SER G 185 11.48 -42.22 -39.84
C SER G 185 12.53 -42.96 -40.66
N THR G 186 12.10 -43.98 -41.40
CA THR G 186 13.02 -44.81 -42.18
C THR G 186 12.48 -45.18 -43.55
N SER G 187 13.38 -45.49 -44.46
CA SER G 187 13.03 -45.91 -45.81
C SER G 187 12.19 -47.19 -45.76
N ALA G 188 12.55 -48.09 -44.84
CA ALA G 188 11.81 -49.33 -44.64
C ALA G 188 10.34 -49.06 -44.35
N ASP G 189 10.08 -48.22 -43.36
CA ASP G 189 8.72 -47.88 -42.99
C ASP G 189 7.99 -47.20 -44.15
N GLN G 190 8.69 -46.32 -44.85
CA GLN G 190 8.11 -45.65 -46.01
C GLN G 190 7.56 -46.67 -47.01
N GLN G 191 8.37 -47.67 -47.36
CA GLN G 191 7.96 -48.71 -48.28
C GLN G 191 6.91 -49.63 -47.66
N SER G 192 7.14 -50.00 -46.41
CA SER G 192 6.22 -50.88 -45.69
C SER G 192 4.82 -50.25 -45.59
N LEU G 193 4.76 -48.93 -45.66
CA LEU G 193 3.49 -48.22 -45.55
C LEU G 193 2.91 -47.85 -46.90
N TYR G 194 3.75 -47.41 -47.82
CA TYR G 194 3.27 -46.83 -49.07
C TYR G 194 3.90 -47.48 -50.31
N GLN G 195 4.78 -48.44 -50.09
CA GLN G 195 5.45 -49.15 -51.17
C GLN G 195 6.41 -48.24 -51.95
N ASN G 196 5.85 -47.27 -52.65
CA ASN G 196 6.63 -46.33 -53.44
C ASN G 196 7.67 -45.58 -52.60
N ALA G 197 8.91 -45.56 -53.07
CA ALA G 197 10.00 -44.93 -52.31
C ALA G 197 10.02 -43.41 -52.48
N ASP G 198 9.58 -42.94 -53.64
CA ASP G 198 9.52 -41.51 -53.92
C ASP G 198 8.09 -41.08 -54.16
N THR G 199 7.50 -40.40 -53.17
CA THR G 199 6.10 -40.04 -53.25
C THR G 199 5.89 -38.54 -53.18
N TYR G 200 4.67 -38.11 -53.50
CA TYR G 200 4.30 -36.70 -53.40
C TYR G 200 2.82 -36.60 -53.07
N VAL G 201 2.42 -35.46 -52.52
CA VAL G 201 1.01 -35.19 -52.25
C VAL G 201 0.63 -33.81 -52.79
N PHE G 202 -0.50 -33.74 -53.49
CA PHE G 202 -0.95 -32.47 -54.03
C PHE G 202 -2.38 -32.16 -53.60
N VAL G 203 -2.60 -30.93 -53.15
CA VAL G 203 -3.92 -30.48 -52.72
C VAL G 203 -4.19 -29.07 -53.27
N CYS G 204 -5.24 -28.92 -54.06
CA CYS G 204 -5.55 -27.62 -54.64
C CYS G 204 -7.02 -27.41 -54.94
N SER G 205 -7.49 -26.19 -54.69
CA SER G 205 -8.82 -25.76 -55.07
C SER G 205 -8.70 -24.59 -56.02
N SER G 206 -9.61 -23.62 -55.90
CA SER G 206 -9.54 -22.42 -56.73
C SER G 206 -8.69 -21.34 -56.04
N ARG G 207 -8.52 -21.49 -54.73
CA ARG G 207 -7.74 -20.54 -53.96
C ARG G 207 -6.47 -21.18 -53.43
N TYR G 208 -6.60 -22.42 -52.95
CA TYR G 208 -5.50 -23.13 -52.31
C TYR G 208 -4.71 -23.95 -53.33
N SER G 209 -3.43 -24.16 -53.04
CA SER G 209 -2.57 -24.96 -53.92
C SER G 209 -1.20 -25.16 -53.29
N LYS G 210 -0.90 -26.40 -52.91
CA LYS G 210 0.40 -26.74 -52.33
C LYS G 210 0.79 -28.18 -52.64
N LYS G 211 2.09 -28.40 -52.83
CA LYS G 211 2.61 -29.73 -53.12
C LYS G 211 3.50 -30.21 -51.98
N PHE G 212 3.16 -31.38 -51.44
CA PHE G 212 3.87 -31.93 -50.29
C PHE G 212 4.82 -33.06 -50.69
N LYS G 213 5.89 -33.23 -49.92
CA LYS G 213 6.88 -34.25 -50.20
C LYS G 213 7.39 -34.82 -48.89
N PRO G 214 7.26 -36.15 -48.72
CA PRO G 214 7.64 -36.80 -47.46
C PRO G 214 9.09 -36.56 -47.09
N GLU G 215 9.32 -36.19 -45.83
CA GLU G 215 10.65 -35.91 -45.32
C GLU G 215 11.06 -36.99 -44.32
N ILE G 216 11.73 -38.01 -44.82
CA ILE G 216 12.06 -39.17 -44.01
C ILE G 216 13.33 -38.96 -43.18
N ALA G 217 13.18 -39.05 -41.87
CA ALA G 217 14.32 -38.93 -40.96
C ALA G 217 13.92 -39.38 -39.55
N ILE G 218 14.91 -39.88 -38.80
CA ILE G 218 14.66 -40.27 -37.42
C ILE G 218 14.79 -39.08 -36.47
N CYS G 219 13.65 -38.65 -35.93
CA CYS G 219 13.59 -37.53 -34.99
C CYS G 219 13.39 -38.06 -33.57
N PRO G 220 13.61 -37.20 -32.56
CA PRO G 220 13.40 -37.62 -31.16
C PRO G 220 12.00 -38.20 -30.94
N LYS G 221 11.89 -39.17 -30.05
CA LYS G 221 10.60 -39.80 -29.79
C LYS G 221 9.64 -38.91 -29.01
N VAL G 222 8.48 -38.63 -29.60
CA VAL G 222 7.40 -37.94 -28.90
C VAL G 222 6.19 -38.86 -28.87
N ARG G 223 5.80 -39.29 -27.69
CA ARG G 223 4.76 -40.31 -27.54
C ARG G 223 5.19 -41.58 -28.27
N ASP G 224 6.46 -41.89 -28.15
CA ASP G 224 7.04 -43.12 -28.68
C ASP G 224 7.16 -43.14 -30.20
N GLN G 225 6.99 -41.96 -30.81
CA GLN G 225 7.06 -41.85 -32.28
C GLN G 225 8.31 -41.12 -32.75
N GLU G 226 9.03 -41.73 -33.68
CA GLU G 226 10.19 -41.10 -34.29
C GLU G 226 9.79 -40.43 -35.61
N GLY G 227 8.67 -40.88 -36.16
CA GLY G 227 8.12 -40.27 -37.36
C GLY G 227 7.35 -39.03 -37.00
N ARG G 228 6.88 -38.30 -38.02
CA ARG G 228 6.10 -37.09 -37.79
C ARG G 228 4.87 -37.05 -38.67
N MET G 229 3.88 -36.28 -38.25
CA MET G 229 2.65 -36.12 -39.03
C MET G 229 2.17 -34.68 -38.96
N ASN G 230 2.32 -33.94 -40.07
CA ASN G 230 1.91 -32.54 -40.13
C ASN G 230 0.46 -32.39 -40.56
N TYR G 231 -0.17 -31.31 -40.09
CA TYR G 231 -1.60 -31.08 -40.33
C TYR G 231 -1.83 -29.78 -41.07
N TYR G 232 -2.70 -29.82 -42.07
CA TYR G 232 -3.01 -28.65 -42.88
C TYR G 232 -4.52 -28.43 -42.97
N TRP G 233 -4.92 -27.24 -43.40
CA TRP G 233 -6.32 -26.92 -43.51
C TRP G 233 -6.56 -25.79 -44.50
N THR G 234 -7.78 -25.70 -45.01
CA THR G 234 -8.18 -24.60 -45.87
C THR G 234 -9.69 -24.44 -45.85
N LEU G 235 -10.17 -23.26 -46.22
CA LEU G 235 -11.60 -23.02 -46.31
C LEU G 235 -12.06 -23.05 -47.77
N VAL G 236 -12.86 -24.06 -48.11
CA VAL G 236 -13.37 -24.20 -49.46
C VAL G 236 -14.68 -23.43 -49.64
N GLU G 237 -14.66 -22.43 -50.52
CA GLU G 237 -15.82 -21.60 -50.78
C GLU G 237 -17.01 -22.40 -51.32
N PRO G 238 -18.23 -21.91 -51.08
CA PRO G 238 -19.48 -22.59 -51.44
C PRO G 238 -19.46 -23.27 -52.81
N GLY G 239 -19.08 -22.55 -53.87
CA GLY G 239 -19.19 -23.11 -55.20
C GLY G 239 -17.99 -23.88 -55.71
N ASP G 240 -16.96 -24.01 -54.87
CA ASP G 240 -15.67 -24.52 -55.32
C ASP G 240 -15.48 -26.02 -55.06
N LYS G 241 -14.35 -26.53 -55.53
CA LYS G 241 -14.00 -27.94 -55.40
C LYS G 241 -12.56 -28.08 -54.91
N ILE G 242 -12.31 -29.08 -54.05
CA ILE G 242 -10.97 -29.32 -53.56
C ILE G 242 -10.50 -30.73 -53.96
N THR G 243 -9.28 -30.82 -54.49
CA THR G 243 -8.78 -32.07 -55.05
C THR G 243 -7.54 -32.57 -54.32
N PHE G 244 -7.46 -33.88 -54.13
CA PHE G 244 -6.31 -34.51 -53.50
C PHE G 244 -5.63 -35.51 -54.44
N GLU G 245 -4.32 -35.38 -54.60
CA GLU G 245 -3.52 -36.36 -55.33
C GLU G 245 -2.41 -36.90 -54.45
N ALA G 246 -2.22 -38.22 -54.45
CA ALA G 246 -1.22 -38.84 -53.60
C ALA G 246 -0.69 -40.15 -54.14
N THR G 247 0.62 -40.34 -54.01
CA THR G 247 1.23 -41.63 -54.28
C THR G 247 1.73 -42.20 -52.96
N GLY G 248 1.16 -41.69 -51.87
CA GLY G 248 1.50 -42.13 -50.52
C GLY G 248 1.59 -40.97 -49.54
N ASN G 249 1.72 -41.31 -48.26
CA ASN G 249 1.97 -40.31 -47.21
C ASN G 249 0.83 -39.31 -46.99
N LEU G 250 -0.37 -39.61 -47.48
CA LEU G 250 -1.52 -38.73 -47.29
C LEU G 250 -2.49 -39.24 -46.24
N VAL G 251 -2.58 -38.52 -45.13
CA VAL G 251 -3.60 -38.79 -44.12
C VAL G 251 -4.87 -38.10 -44.59
N VAL G 252 -5.73 -38.88 -45.24
CA VAL G 252 -6.85 -38.33 -45.97
C VAL G 252 -8.00 -37.87 -45.06
N PRO G 253 -8.73 -36.82 -45.50
CA PRO G 253 -9.87 -36.33 -44.74
C PRO G 253 -11.03 -37.32 -44.75
N ARG G 254 -11.81 -37.34 -43.68
CA ARG G 254 -13.02 -38.15 -43.62
C ARG G 254 -14.21 -37.28 -43.24
N TYR G 255 -14.05 -36.51 -42.16
CA TYR G 255 -15.08 -35.56 -41.74
C TYR G 255 -14.64 -34.11 -41.90
N ALA G 256 -15.50 -33.29 -42.48
CA ALA G 256 -15.24 -31.86 -42.63
C ALA G 256 -16.32 -31.06 -41.90
N PHE G 257 -16.24 -29.74 -42.01
CA PHE G 257 -17.18 -28.87 -41.30
C PHE G 257 -17.73 -27.75 -42.17
N ALA G 258 -19.06 -27.67 -42.26
CA ALA G 258 -19.73 -26.58 -42.95
C ALA G 258 -20.02 -25.49 -41.95
N MET G 259 -19.52 -24.28 -42.21
CA MET G 259 -19.61 -23.22 -41.22
C MET G 259 -19.86 -21.84 -41.81
N GLU G 260 -20.45 -20.99 -40.99
CA GLU G 260 -20.56 -19.57 -41.28
C GLU G 260 -20.03 -18.87 -40.03
N ARG G 261 -18.85 -18.26 -40.15
CA ARG G 261 -18.19 -17.70 -38.97
C ARG G 261 -18.44 -16.20 -38.81
N ASN G 262 -18.57 -15.78 -37.56
CA ASN G 262 -18.89 -14.40 -37.23
C ASN G 262 -17.70 -13.45 -37.36
N ALA G 263 -17.89 -12.21 -36.92
CA ALA G 263 -16.83 -11.21 -36.94
C ALA G 263 -15.57 -11.76 -36.27
N GLY G 264 -15.75 -12.52 -35.21
CA GLY G 264 -14.63 -13.16 -34.53
C GLY G 264 -14.46 -12.70 -33.09
N SER G 265 -14.49 -13.65 -32.17
CA SER G 265 -14.27 -13.34 -30.76
C SER G 265 -12.89 -13.82 -30.33
N GLY G 266 -12.82 -14.51 -29.20
CA GLY G 266 -11.54 -14.97 -28.70
C GLY G 266 -11.61 -16.34 -28.05
N ILE G 267 -10.54 -16.71 -27.36
CA ILE G 267 -10.44 -17.99 -26.70
C ILE G 267 -9.96 -17.81 -25.26
N ILE G 268 -10.72 -18.36 -24.32
CA ILE G 268 -10.40 -18.22 -22.90
C ILE G 268 -9.89 -19.54 -22.30
N ILE G 269 -8.66 -19.51 -21.82
CA ILE G 269 -8.09 -20.67 -21.13
C ILE G 269 -8.25 -20.49 -19.62
N SER G 270 -9.22 -21.20 -19.03
CA SER G 270 -9.57 -21.00 -17.64
C SER G 270 -10.34 -22.19 -17.05
N ASP G 271 -10.21 -22.37 -15.75
CA ASP G 271 -10.97 -23.40 -15.03
C ASP G 271 -12.34 -22.87 -14.59
N THR G 272 -12.53 -21.56 -14.71
CA THR G 272 -13.80 -20.93 -14.32
C THR G 272 -14.98 -21.70 -14.93
N PRO G 273 -15.95 -22.08 -14.10
CA PRO G 273 -17.08 -22.91 -14.52
C PRO G 273 -18.03 -22.20 -15.48
N VAL G 274 -18.45 -22.91 -16.52
CA VAL G 274 -19.45 -22.39 -17.45
C VAL G 274 -20.83 -22.52 -16.83
N HIS G 275 -21.63 -21.45 -16.92
CA HIS G 275 -22.97 -21.46 -16.37
C HIS G 275 -24.01 -21.08 -17.41
N ASP G 276 -25.29 -21.15 -17.01
CA ASP G 276 -26.39 -20.77 -17.89
C ASP G 276 -26.75 -19.31 -17.68
N CYS G 277 -25.75 -18.45 -17.71
CA CYS G 277 -25.97 -17.02 -17.49
C CYS G 277 -25.71 -16.23 -18.76
N ASN G 278 -26.21 -15.00 -18.79
CA ASN G 278 -26.05 -14.14 -19.96
C ASN G 278 -25.21 -12.92 -19.61
N THR G 279 -24.35 -12.49 -20.53
CA THR G 279 -23.47 -11.35 -20.28
C THR G 279 -23.09 -10.61 -21.57
N THR G 280 -22.70 -9.35 -21.42
CA THR G 280 -22.25 -8.54 -22.54
C THR G 280 -20.75 -8.36 -22.45
N CYS G 281 -20.17 -8.75 -21.32
CA CYS G 281 -18.73 -8.63 -21.11
C CYS G 281 -18.21 -9.86 -20.37
N GLN G 282 -17.30 -10.59 -21.00
CA GLN G 282 -16.77 -11.81 -20.42
C GLN G 282 -15.29 -11.68 -20.09
N THR G 283 -14.89 -12.25 -18.96
CA THR G 283 -13.51 -12.25 -18.49
C THR G 283 -13.08 -13.68 -18.17
N PRO G 284 -11.79 -14.00 -18.40
CA PRO G 284 -11.25 -15.33 -18.13
C PRO G 284 -11.56 -15.84 -16.72
N LYS G 285 -11.85 -14.93 -15.80
CA LYS G 285 -12.09 -15.30 -14.40
C LYS G 285 -13.53 -15.02 -13.95
N GLY G 286 -14.36 -14.52 -14.84
CA GLY G 286 -15.75 -14.23 -14.52
C GLY G 286 -16.35 -13.11 -15.33
N ALA G 287 -17.66 -13.21 -15.58
CA ALA G 287 -18.33 -12.21 -16.41
C ALA G 287 -18.60 -10.90 -15.67
N ILE G 288 -18.65 -9.80 -16.43
CA ILE G 288 -18.89 -8.48 -15.86
C ILE G 288 -20.29 -7.97 -16.19
N ASN G 289 -21.01 -7.55 -15.17
CA ASN G 289 -22.34 -6.96 -15.34
C ASN G 289 -22.37 -5.58 -14.69
N THR G 290 -22.20 -4.53 -15.50
CA THR G 290 -22.11 -3.18 -14.98
C THR G 290 -22.40 -2.10 -16.01
N SER G 291 -22.75 -0.92 -15.53
CA SER G 291 -22.92 0.24 -16.40
C SER G 291 -21.69 1.13 -16.31
N LEU G 292 -20.83 0.85 -15.32
CA LEU G 292 -19.65 1.65 -15.07
C LEU G 292 -18.66 1.60 -16.25
N PRO G 293 -17.97 2.72 -16.49
CA PRO G 293 -17.06 2.89 -17.63
C PRO G 293 -15.66 2.32 -17.41
N PHE G 294 -15.36 1.87 -16.21
CA PHE G 294 -14.02 1.36 -15.91
C PHE G 294 -14.05 0.11 -15.04
N GLN G 295 -13.08 -0.77 -15.25
CA GLN G 295 -12.98 -2.00 -14.48
C GLN G 295 -11.53 -2.43 -14.27
N ASN G 296 -11.26 -3.06 -13.13
CA ASN G 296 -9.90 -3.55 -12.83
C ASN G 296 -9.88 -5.05 -12.57
N ILE G 297 -10.78 -5.77 -13.22
CA ILE G 297 -10.89 -7.21 -13.01
C ILE G 297 -9.90 -7.99 -13.87
N HIS G 298 -9.83 -7.64 -15.15
CA HIS G 298 -8.94 -8.33 -16.07
C HIS G 298 -8.80 -7.55 -17.36
N PRO G 299 -7.56 -7.45 -17.88
CA PRO G 299 -7.27 -6.72 -19.12
C PRO G 299 -7.75 -7.45 -20.38
N ILE G 300 -7.80 -8.78 -20.33
CA ILE G 300 -8.22 -9.55 -21.49
C ILE G 300 -9.72 -9.86 -21.41
N THR G 301 -10.53 -9.08 -22.12
CA THR G 301 -11.99 -9.26 -22.07
C THR G 301 -12.62 -9.43 -23.45
N ILE G 302 -13.83 -10.00 -23.47
CA ILE G 302 -14.57 -10.18 -24.72
C ILE G 302 -15.99 -9.61 -24.59
N GLY G 303 -16.38 -8.80 -25.58
CA GLY G 303 -17.70 -8.18 -25.59
C GLY G 303 -17.63 -6.66 -25.54
N LYS G 304 -18.74 -6.02 -25.18
CA LYS G 304 -18.77 -4.58 -25.00
C LYS G 304 -18.44 -4.27 -23.55
N CYS G 305 -17.15 -4.17 -23.26
CA CYS G 305 -16.70 -4.10 -21.87
C CYS G 305 -16.27 -2.71 -21.44
N PRO G 306 -16.22 -2.48 -20.12
CA PRO G 306 -15.62 -1.28 -19.55
C PRO G 306 -14.13 -1.28 -19.83
N LYS G 307 -13.51 -0.09 -19.85
CA LYS G 307 -12.08 0.01 -20.07
C LYS G 307 -11.30 -0.44 -18.84
N TYR G 308 -10.23 -1.20 -19.07
CA TYR G 308 -9.39 -1.72 -18.00
C TYR G 308 -8.46 -0.65 -17.44
N VAL G 309 -8.29 -0.66 -16.13
CA VAL G 309 -7.39 0.28 -15.46
C VAL G 309 -6.75 -0.40 -14.25
N LYS G 310 -5.63 0.13 -13.76
CA LYS G 310 -4.99 -0.45 -12.60
C LYS G 310 -5.30 0.35 -11.32
N SER G 311 -6.43 1.04 -11.36
CA SER G 311 -6.93 1.78 -10.21
C SER G 311 -7.57 0.83 -9.22
N THR G 312 -7.20 0.96 -7.94
CA THR G 312 -7.81 0.15 -6.89
C THR G 312 -9.21 0.64 -6.60
N LYS G 313 -9.43 1.94 -6.78
CA LYS G 313 -10.74 2.54 -6.55
C LYS G 313 -10.84 3.87 -7.28
N LEU G 314 -12.08 4.32 -7.51
CA LEU G 314 -12.33 5.58 -8.18
C LEU G 314 -13.62 6.20 -7.66
N ARG G 315 -13.60 6.62 -6.40
CA ARG G 315 -14.81 7.10 -5.75
C ARG G 315 -15.15 8.53 -6.16
N LEU G 316 -16.33 8.69 -6.76
CA LEU G 316 -16.80 10.00 -7.21
C LEU G 316 -17.72 10.61 -6.16
N ALA G 317 -17.38 11.80 -5.69
CA ALA G 317 -18.21 12.47 -4.69
C ALA G 317 -19.53 12.92 -5.31
N THR G 318 -20.62 12.77 -4.55
CA THR G 318 -21.93 13.21 -5.02
C THR G 318 -22.54 14.18 -4.01
N GLY G 319 -22.26 13.94 -2.74
CA GLY G 319 -22.71 14.83 -1.67
C GLY G 319 -21.64 15.86 -1.37
N LEU G 320 -21.80 16.57 -0.26
CA LEU G 320 -20.85 17.62 0.10
C LEU G 320 -19.89 17.15 1.19
N ARG G 321 -18.90 17.99 1.49
CA ARG G 321 -17.91 17.67 2.52
C ARG G 321 -18.60 17.42 3.85
N ASN G 322 -18.40 16.22 4.39
CA ASN G 322 -19.05 15.83 5.65
C ASN G 322 -18.37 16.41 6.89
N ILE G 323 -19.07 17.32 7.56
CA ILE G 323 -18.56 17.93 8.79
C ILE G 323 -19.58 17.84 9.91
N PRO G 324 -19.44 16.83 10.78
CA PRO G 324 -20.40 16.57 11.85
C PRO G 324 -20.13 17.40 13.10
N SER G 325 -18.86 17.60 13.41
CA SER G 325 -18.47 18.36 14.60
C SER G 325 -17.62 19.56 14.23
N GLY H 1 -12.62 25.56 0.61
CA GLY H 1 -13.88 26.09 0.08
C GLY H 1 -13.65 27.20 -0.92
N LEU H 2 -14.02 26.93 -2.18
CA LEU H 2 -13.83 27.90 -3.25
C LEU H 2 -14.76 29.11 -3.09
N PHE H 3 -15.89 28.89 -2.43
CA PHE H 3 -16.87 29.96 -2.22
C PHE H 3 -17.00 30.37 -0.75
N GLY H 4 -16.15 29.81 0.09
CA GLY H 4 -16.00 30.26 1.46
C GLY H 4 -17.19 30.06 2.39
N ALA H 5 -18.19 29.32 1.95
CA ALA H 5 -19.35 29.05 2.79
C ALA H 5 -19.19 27.76 3.58
N ILE H 6 -19.12 26.63 2.87
CA ILE H 6 -18.91 25.34 3.51
C ILE H 6 -17.55 25.30 4.17
N ALA H 7 -17.53 25.03 5.47
CA ALA H 7 -16.30 25.03 6.25
C ALA H 7 -15.71 26.43 6.30
N GLY H 8 -16.48 27.41 5.85
CA GLY H 8 -16.05 28.80 5.87
C GLY H 8 -16.76 29.57 6.95
N PHE H 9 -17.56 30.56 6.56
CA PHE H 9 -18.31 31.34 7.53
C PHE H 9 -19.47 30.53 8.10
N ILE H 10 -19.63 29.31 7.60
CA ILE H 10 -20.53 28.34 8.22
C ILE H 10 -19.72 27.10 8.59
N GLU H 11 -19.13 27.14 9.78
CA GLU H 11 -18.12 26.17 10.20
C GLU H 11 -18.49 24.71 9.98
N GLY H 12 -19.66 24.30 10.46
CA GLY H 12 -20.04 22.90 10.42
C GLY H 12 -21.38 22.60 9.78
N GLY H 13 -21.67 21.31 9.62
CA GLY H 13 -22.93 20.86 9.05
C GLY H 13 -23.90 20.40 10.11
N TRP H 14 -25.12 20.07 9.70
CA TRP H 14 -26.15 19.66 10.63
C TRP H 14 -26.57 18.21 10.42
N THR H 15 -26.18 17.34 11.34
CA THR H 15 -26.69 15.97 11.34
C THR H 15 -28.18 16.00 11.65
N GLY H 16 -28.61 17.05 12.34
CA GLY H 16 -30.01 17.24 12.65
C GLY H 16 -30.87 17.35 11.42
N MET H 17 -30.43 18.16 10.46
CA MET H 17 -31.10 18.27 9.18
C MET H 17 -30.86 17.01 8.37
N VAL H 18 -31.93 16.25 8.12
CA VAL H 18 -31.80 14.93 7.51
C VAL H 18 -32.56 14.82 6.18
N ASP H 19 -33.47 15.75 5.95
CA ASP H 19 -34.36 15.66 4.79
C ASP H 19 -33.85 16.37 3.55
N GLY H 20 -32.57 16.76 3.54
CA GLY H 20 -32.01 17.45 2.40
C GLY H 20 -30.55 17.81 2.51
N TRP H 21 -30.02 18.40 1.44
CA TRP H 21 -28.62 18.82 1.39
C TRP H 21 -28.44 20.21 2.00
N TYR H 22 -29.35 21.12 1.63
CA TYR H 22 -29.34 22.48 2.16
C TYR H 22 -30.65 22.77 2.85
N GLY H 23 -30.65 23.71 3.78
CA GLY H 23 -31.87 24.08 4.47
C GLY H 23 -31.72 25.19 5.50
N TYR H 24 -32.63 25.22 6.47
CA TYR H 24 -32.64 26.27 7.47
C TYR H 24 -32.77 25.73 8.89
N HIS H 25 -32.61 26.61 9.87
CA HIS H 25 -32.89 26.28 11.26
C HIS H 25 -33.53 27.49 11.94
N HIS H 26 -34.80 27.35 12.31
CA HIS H 26 -35.54 28.42 12.97
C HIS H 26 -35.63 28.18 14.47
N GLN H 27 -35.63 29.27 15.24
CA GLN H 27 -35.71 29.16 16.69
C GLN H 27 -36.46 30.35 17.29
N ASN H 28 -37.78 30.24 17.32
CA ASN H 28 -38.61 31.28 17.93
C ASN H 28 -39.37 30.74 19.15
N GLU H 29 -40.34 31.52 19.61
CA GLU H 29 -41.12 31.15 20.80
C GLU H 29 -41.88 29.84 20.59
N GLN H 30 -42.37 29.63 19.37
CA GLN H 30 -43.16 28.44 19.06
C GLN H 30 -42.30 27.19 18.89
N GLY H 31 -41.07 27.25 19.39
CA GLY H 31 -40.16 26.12 19.31
C GLY H 31 -39.05 26.33 18.30
N SER H 32 -38.42 25.23 17.90
CA SER H 32 -37.33 25.27 16.92
C SER H 32 -37.36 24.03 16.02
N GLY H 33 -36.27 23.80 15.30
CA GLY H 33 -36.16 22.62 14.46
C GLY H 33 -35.39 22.87 13.17
N TYR H 34 -35.21 21.79 12.40
CA TYR H 34 -34.52 21.86 11.12
C TYR H 34 -35.49 21.67 9.97
N ALA H 35 -35.19 22.29 8.83
CA ALA H 35 -36.04 22.18 7.66
C ALA H 35 -35.26 22.45 6.38
N ALA H 36 -35.03 21.40 5.61
CA ALA H 36 -34.28 21.51 4.37
C ALA H 36 -35.03 22.31 3.31
N ASP H 37 -34.29 23.10 2.54
CA ASP H 37 -34.87 23.86 1.43
C ASP H 37 -35.08 22.93 0.24
N LEU H 38 -36.32 22.47 0.07
CA LEU H 38 -36.63 21.46 -0.93
C LEU H 38 -36.25 21.85 -2.36
N LYS H 39 -36.37 23.13 -2.68
CA LYS H 39 -36.13 23.59 -4.05
C LYS H 39 -34.66 23.50 -4.46
N SER H 40 -33.77 24.01 -3.63
CA SER H 40 -32.34 23.99 -3.93
C SER H 40 -31.76 22.59 -3.80
N THR H 41 -32.32 21.81 -2.89
CA THR H 41 -31.84 20.46 -2.67
C THR H 41 -32.14 19.58 -3.87
N GLN H 42 -33.38 19.61 -4.32
CA GLN H 42 -33.81 18.78 -5.44
C GLN H 42 -33.04 19.14 -6.71
N ASN H 43 -32.83 20.43 -6.94
CA ASN H 43 -32.06 20.87 -8.09
C ASN H 43 -30.66 20.27 -8.11
N ALA H 44 -29.99 20.33 -6.96
CA ALA H 44 -28.65 19.76 -6.84
C ALA H 44 -28.68 18.26 -7.11
N ILE H 45 -29.69 17.59 -6.58
CA ILE H 45 -29.87 16.17 -6.83
C ILE H 45 -29.93 15.92 -8.34
N ASP H 46 -30.79 16.69 -9.02
CA ASP H 46 -30.96 16.55 -10.46
C ASP H 46 -29.65 16.71 -11.22
N GLU H 47 -28.91 17.77 -10.91
CA GLU H 47 -27.70 18.11 -11.66
C GLU H 47 -26.51 17.23 -11.31
N ILE H 48 -26.44 16.76 -10.07
CA ILE H 48 -25.36 15.89 -9.65
C ILE H 48 -25.54 14.47 -10.18
N THR H 49 -26.79 14.04 -10.31
CA THR H 49 -27.09 12.73 -10.88
C THR H 49 -26.84 12.78 -12.38
N ASN H 50 -27.09 13.93 -12.98
CA ASN H 50 -26.85 14.11 -14.41
C ASN H 50 -25.37 14.11 -14.70
N LYS H 51 -24.59 14.58 -13.73
CA LYS H 51 -23.14 14.57 -13.83
C LYS H 51 -22.61 13.14 -13.73
N VAL H 52 -23.16 12.36 -12.81
CA VAL H 52 -22.78 10.97 -12.66
C VAL H 52 -23.19 10.17 -13.89
N ASN H 53 -24.37 10.46 -14.40
CA ASN H 53 -24.83 9.83 -15.64
C ASN H 53 -23.92 10.16 -16.81
N SER H 54 -23.73 11.46 -17.06
CA SER H 54 -22.87 11.91 -18.16
C SER H 54 -21.55 11.14 -18.22
N VAL H 55 -20.86 11.06 -17.08
CA VAL H 55 -19.57 10.39 -17.03
C VAL H 55 -19.70 8.92 -17.42
N ILE H 56 -20.88 8.37 -17.16
CA ILE H 56 -21.18 6.98 -17.48
C ILE H 56 -21.74 6.82 -18.89
N GLU H 57 -22.73 7.65 -19.24
CA GLU H 57 -23.40 7.58 -20.53
C GLU H 57 -22.41 7.63 -21.69
N LYS H 58 -21.43 8.52 -21.57
CA LYS H 58 -20.52 8.81 -22.67
C LYS H 58 -19.58 7.66 -23.01
N MET H 59 -19.32 6.78 -22.05
CA MET H 59 -18.49 5.61 -22.30
C MET H 59 -19.28 4.57 -23.09
N ASN H 60 -19.09 4.56 -24.40
CA ASN H 60 -19.78 3.62 -25.28
C ASN H 60 -18.77 2.85 -26.11
N THR H 61 -18.35 1.69 -25.62
CA THR H 61 -17.23 0.96 -26.21
C THR H 61 -17.66 0.02 -27.34
N GLN H 62 -16.67 -0.35 -28.17
CA GLN H 62 -16.89 -1.30 -29.26
C GLN H 62 -16.88 -2.72 -28.72
N PHE H 63 -17.32 -3.65 -29.55
CA PHE H 63 -17.17 -5.08 -29.25
C PHE H 63 -15.76 -5.50 -29.64
N THR H 64 -14.97 -5.94 -28.66
CA THR H 64 -13.57 -6.26 -28.92
C THR H 64 -13.13 -7.55 -28.24
N ALA H 65 -12.28 -8.30 -28.92
CA ALA H 65 -11.74 -9.55 -28.38
C ALA H 65 -10.58 -9.30 -27.42
N VAL H 66 -9.72 -8.35 -27.78
CA VAL H 66 -8.55 -8.01 -26.98
C VAL H 66 -7.48 -9.10 -27.03
N GLY H 67 -7.89 -10.33 -26.69
CA GLY H 67 -6.97 -11.44 -26.62
C GLY H 67 -6.40 -11.86 -27.96
N LYS H 68 -5.07 -12.03 -27.99
CA LYS H 68 -4.39 -12.47 -29.20
C LYS H 68 -3.43 -13.62 -28.89
N GLU H 69 -3.30 -14.55 -29.84
CA GLU H 69 -2.39 -15.68 -29.66
C GLU H 69 -1.29 -15.65 -30.70
N PHE H 70 -0.04 -15.72 -30.24
CA PHE H 70 1.11 -15.71 -31.12
C PHE H 70 2.07 -16.84 -30.76
N ASN H 71 2.68 -17.46 -31.77
CA ASN H 71 3.61 -18.56 -31.54
C ASN H 71 5.02 -18.09 -31.24
N HIS H 72 5.94 -19.05 -31.06
CA HIS H 72 7.30 -18.75 -30.63
C HIS H 72 8.12 -17.99 -31.66
N LEU H 73 7.59 -17.87 -32.88
CA LEU H 73 8.30 -17.13 -33.92
C LEU H 73 7.56 -15.86 -34.32
N GLU H 74 6.67 -15.41 -33.43
CA GLU H 74 5.93 -14.16 -33.63
C GLU H 74 6.07 -13.26 -32.42
N LYS H 75 7.26 -13.25 -31.82
CA LYS H 75 7.49 -12.52 -30.59
C LYS H 75 7.37 -11.01 -30.78
N ARG H 76 7.68 -10.55 -31.99
CA ARG H 76 7.66 -9.12 -32.28
C ARG H 76 6.26 -8.52 -32.27
N ILE H 77 5.34 -9.13 -33.04
CA ILE H 77 3.97 -8.63 -33.09
C ILE H 77 3.25 -8.91 -31.78
N GLU H 78 3.76 -9.89 -31.03
CA GLU H 78 3.24 -10.16 -29.70
C GLU H 78 3.54 -8.98 -28.79
N ASN H 79 4.74 -8.43 -28.93
CA ASN H 79 5.14 -7.27 -28.15
C ASN H 79 4.43 -6.01 -28.63
N LEU H 80 4.16 -5.95 -29.94
CA LEU H 80 3.38 -4.86 -30.51
C LEU H 80 1.97 -4.90 -29.93
N ASN H 81 1.36 -6.07 -29.95
CA ASN H 81 0.04 -6.25 -29.35
C ASN H 81 0.06 -5.84 -27.88
N LYS H 82 1.15 -6.19 -27.20
CA LYS H 82 1.33 -5.82 -25.80
C LYS H 82 1.44 -4.31 -25.62
N LYS H 83 2.12 -3.66 -26.55
CA LYS H 83 2.30 -2.21 -26.50
C LYS H 83 0.96 -1.49 -26.64
N VAL H 84 0.06 -2.08 -27.44
CA VAL H 84 -1.27 -1.52 -27.62
C VAL H 84 -2.09 -1.62 -26.33
N ASP H 85 -2.12 -2.81 -25.74
CA ASP H 85 -2.86 -3.01 -24.50
C ASP H 85 -2.37 -2.11 -23.37
N ASP H 86 -1.06 -2.05 -23.19
CA ASP H 86 -0.47 -1.25 -22.13
C ASP H 86 -0.65 0.25 -22.38
N GLY H 87 -0.60 0.64 -23.65
CA GLY H 87 -0.83 2.01 -24.04
C GLY H 87 -2.23 2.45 -23.67
N PHE H 88 -3.21 1.58 -23.94
CA PHE H 88 -4.58 1.86 -23.57
C PHE H 88 -4.75 1.83 -22.05
N LEU H 89 -3.96 0.98 -21.41
CA LEU H 89 -4.00 0.84 -19.96
C LEU H 89 -3.51 2.12 -19.27
N ASP H 90 -2.44 2.69 -19.80
CA ASP H 90 -1.86 3.90 -19.23
C ASP H 90 -2.74 5.13 -19.50
N ILE H 91 -3.34 5.19 -20.68
CA ILE H 91 -4.19 6.31 -21.06
C ILE H 91 -5.47 6.37 -20.23
N TRP H 92 -6.13 5.22 -20.09
CA TRP H 92 -7.39 5.15 -19.35
C TRP H 92 -7.18 5.27 -17.84
N THR H 93 -6.14 4.62 -17.32
CA THR H 93 -5.83 4.72 -15.91
C THR H 93 -5.56 6.17 -15.52
N TYR H 94 -4.86 6.90 -16.38
CA TYR H 94 -4.53 8.29 -16.13
C TYR H 94 -5.77 9.19 -16.25
N ASN H 95 -6.41 9.17 -17.41
CA ASN H 95 -7.58 10.02 -17.65
C ASN H 95 -8.71 9.78 -16.64
N ALA H 96 -8.92 8.53 -16.27
CA ALA H 96 -9.97 8.21 -15.29
C ALA H 96 -9.60 8.73 -13.91
N GLU H 97 -8.35 8.50 -13.51
CA GLU H 97 -7.87 8.91 -12.21
C GLU H 97 -8.01 10.42 -12.03
N LEU H 98 -7.59 11.19 -13.03
CA LEU H 98 -7.67 12.65 -12.95
C LEU H 98 -9.10 13.16 -13.12
N LEU H 99 -9.89 12.44 -13.91
CA LEU H 99 -11.30 12.78 -14.08
C LEU H 99 -11.97 12.85 -12.73
N VAL H 100 -11.74 11.81 -11.92
CA VAL H 100 -12.32 11.73 -10.59
C VAL H 100 -11.78 12.85 -9.70
N LEU H 101 -10.46 12.99 -9.68
CA LEU H 101 -9.83 14.02 -8.86
C LEU H 101 -10.38 15.41 -9.16
N LEU H 102 -10.39 15.78 -10.43
CA LEU H 102 -10.82 17.10 -10.85
C LEU H 102 -12.31 17.33 -10.58
N GLU H 103 -13.14 16.39 -11.00
CA GLU H 103 -14.58 16.52 -10.81
C GLU H 103 -14.98 16.50 -9.33
N ASN H 104 -14.27 15.69 -8.55
CA ASN H 104 -14.50 15.67 -7.11
C ASN H 104 -14.38 17.06 -6.51
N GLU H 105 -13.30 17.76 -6.88
CA GLU H 105 -13.09 19.12 -6.42
C GLU H 105 -14.23 20.04 -6.85
N ARG H 106 -14.61 19.93 -8.11
CA ARG H 106 -15.69 20.77 -8.65
C ARG H 106 -17.03 20.48 -7.99
N THR H 107 -17.24 19.24 -7.58
CA THR H 107 -18.49 18.83 -6.94
C THR H 107 -18.60 19.43 -5.54
N LEU H 108 -17.50 19.42 -4.81
CA LEU H 108 -17.46 20.02 -3.49
C LEU H 108 -17.63 21.54 -3.59
N ASP H 109 -16.97 22.14 -4.57
CA ASP H 109 -17.11 23.57 -4.81
C ASP H 109 -18.55 23.90 -5.19
N TYR H 110 -19.17 22.99 -5.94
CA TYR H 110 -20.56 23.14 -6.35
C TYR H 110 -21.45 23.31 -5.14
N HIS H 111 -21.30 22.42 -4.16
CA HIS H 111 -22.10 22.47 -2.94
C HIS H 111 -21.80 23.72 -2.15
N ASP H 112 -20.52 24.11 -2.13
CA ASP H 112 -20.11 25.33 -1.44
C ASP H 112 -20.81 26.52 -2.06
N SER H 113 -20.89 26.54 -3.38
CA SER H 113 -21.54 27.62 -4.09
C SER H 113 -23.04 27.62 -3.83
N ASN H 114 -23.62 26.43 -3.70
CA ASN H 114 -25.06 26.31 -3.45
C ASN H 114 -25.46 26.85 -2.08
N VAL H 115 -24.72 26.47 -1.05
CA VAL H 115 -24.97 26.95 0.30
C VAL H 115 -24.82 28.47 0.36
N LYS H 116 -23.80 28.97 -0.32
CA LYS H 116 -23.58 30.41 -0.45
C LYS H 116 -24.79 31.10 -1.08
N ASN H 117 -25.15 30.68 -2.30
CA ASN H 117 -26.26 31.30 -3.01
C ASN H 117 -27.55 31.34 -2.21
N LEU H 118 -27.85 30.27 -1.49
CA LEU H 118 -29.03 30.21 -0.64
C LEU H 118 -28.98 31.27 0.45
N TYR H 119 -27.82 31.41 1.08
CA TYR H 119 -27.62 32.37 2.14
C TYR H 119 -27.86 33.80 1.64
N GLU H 120 -27.13 34.21 0.61
CA GLU H 120 -27.28 35.55 0.05
C GLU H 120 -28.71 35.79 -0.44
N LYS H 121 -29.39 34.71 -0.82
CA LYS H 121 -30.79 34.81 -1.24
C LYS H 121 -31.66 35.24 -0.08
N VAL H 122 -31.41 34.65 1.09
CA VAL H 122 -32.15 35.00 2.30
C VAL H 122 -31.84 36.42 2.75
N ARG H 123 -30.55 36.75 2.79
CA ARG H 123 -30.10 38.08 3.15
C ARG H 123 -30.71 39.13 2.23
N SER H 124 -30.89 38.77 0.96
CA SER H 124 -31.49 39.68 -0.01
C SER H 124 -32.94 40.01 0.34
N GLN H 125 -33.61 39.07 1.00
CA GLN H 125 -34.99 39.28 1.43
C GLN H 125 -35.07 40.07 2.72
N LEU H 126 -34.46 39.53 3.78
CA LEU H 126 -34.53 40.12 5.10
C LEU H 126 -34.09 41.58 5.13
N LYS H 127 -32.91 41.85 4.57
CA LYS H 127 -32.35 43.20 4.59
C LYS H 127 -32.09 43.69 6.01
N ASN H 128 -32.55 44.91 6.30
CA ASN H 128 -32.36 45.50 7.62
C ASN H 128 -33.38 45.02 8.66
N ASN H 129 -34.30 44.17 8.23
CA ASN H 129 -35.26 43.55 9.15
C ASN H 129 -34.60 42.41 9.93
N ALA H 130 -33.31 42.18 9.65
CA ALA H 130 -32.56 41.16 10.35
C ALA H 130 -31.09 41.56 10.48
N LYS H 131 -30.37 40.85 11.34
CA LYS H 131 -28.95 41.14 11.57
C LYS H 131 -28.09 39.91 11.29
N GLU H 132 -26.96 40.13 10.61
CA GLU H 132 -26.03 39.04 10.32
C GLU H 132 -25.19 38.69 11.54
N ILE H 133 -25.78 37.94 12.46
CA ILE H 133 -25.08 37.56 13.69
C ILE H 133 -23.93 36.59 13.43
N GLY H 134 -23.74 36.23 12.16
CA GLY H 134 -22.62 35.40 11.76
C GLY H 134 -22.89 33.91 11.74
N ASN H 135 -21.90 33.16 11.26
CA ASN H 135 -22.01 31.71 11.16
C ASN H 135 -23.23 31.26 10.38
N GLY H 136 -23.65 32.07 9.41
CA GLY H 136 -24.77 31.75 8.54
C GLY H 136 -26.13 32.03 9.16
N CYS H 137 -26.14 32.67 10.33
CA CYS H 137 -27.40 32.95 11.02
C CYS H 137 -27.88 34.40 10.85
N PHE H 138 -29.20 34.58 10.90
CA PHE H 138 -29.81 35.90 10.89
C PHE H 138 -30.66 36.09 12.15
N GLU H 139 -30.44 37.18 12.87
CA GLU H 139 -31.27 37.50 14.02
C GLU H 139 -32.27 38.58 13.67
N PHE H 140 -33.56 38.20 13.62
CA PHE H 140 -34.62 39.12 13.24
C PHE H 140 -34.74 40.31 14.18
N TYR H 141 -34.80 41.50 13.60
CA TYR H 141 -35.02 42.73 14.36
C TYR H 141 -36.50 42.87 14.69
N HIS H 142 -37.22 41.76 14.64
CA HIS H 142 -38.65 41.76 14.94
C HIS H 142 -39.14 40.34 15.20
N LYS H 143 -40.32 40.22 15.78
CA LYS H 143 -40.92 38.92 16.06
C LYS H 143 -41.30 38.23 14.75
N CYS H 144 -40.81 37.01 14.57
CA CYS H 144 -41.12 36.24 13.37
C CYS H 144 -41.79 34.92 13.72
N ASP H 145 -43.06 34.81 13.33
CA ASP H 145 -43.85 33.62 13.64
C ASP H 145 -43.50 32.48 12.70
N ASN H 146 -44.00 31.28 13.00
CA ASN H 146 -43.80 30.13 12.13
C ASN H 146 -44.34 30.41 10.75
N THR H 147 -45.40 31.19 10.68
CA THR H 147 -45.98 31.62 9.42
C THR H 147 -45.01 32.54 8.69
N CYS H 148 -44.35 33.42 9.46
CA CYS H 148 -43.36 34.33 8.91
C CYS H 148 -42.14 33.58 8.38
N MET H 149 -41.67 32.62 9.17
CA MET H 149 -40.51 31.81 8.80
C MET H 149 -40.71 31.12 7.45
N GLU H 150 -41.83 30.40 7.33
CA GLU H 150 -42.15 29.69 6.10
C GLU H 150 -42.16 30.63 4.90
N SER H 151 -42.37 31.92 5.16
CA SER H 151 -42.37 32.92 4.11
C SER H 151 -40.96 33.15 3.58
N VAL H 152 -40.00 33.15 4.50
CA VAL H 152 -38.59 33.33 4.15
C VAL H 152 -38.04 32.07 3.47
N LYS H 153 -38.62 30.92 3.83
CA LYS H 153 -38.16 29.65 3.31
C LYS H 153 -38.56 29.42 1.84
N ASN H 154 -39.50 30.22 1.36
CA ASN H 154 -39.97 30.06 -0.02
C ASN H 154 -40.04 31.36 -0.81
N GLY H 155 -39.23 32.34 -0.41
CA GLY H 155 -39.09 33.58 -1.15
C GLY H 155 -40.36 34.41 -1.30
N THR H 156 -41.26 34.30 -0.33
CA THR H 156 -42.49 35.10 -0.32
C THR H 156 -42.51 36.08 0.84
N TYR H 157 -41.40 36.14 1.58
CA TYR H 157 -41.29 37.04 2.73
C TYR H 157 -41.72 38.46 2.40
N ASP H 158 -42.68 38.97 3.17
CA ASP H 158 -43.19 40.32 2.98
C ASP H 158 -42.39 41.33 3.80
N TYR H 159 -41.53 42.09 3.13
CA TYR H 159 -40.67 43.06 3.79
C TYR H 159 -41.43 44.29 4.30
N PRO H 160 -42.23 44.93 3.42
CA PRO H 160 -42.97 46.13 3.82
C PRO H 160 -43.84 45.91 5.06
N LYS H 161 -44.20 44.66 5.32
CA LYS H 161 -45.11 44.34 6.41
C LYS H 161 -44.45 44.46 7.78
N TYR H 162 -43.16 44.17 7.87
CA TYR H 162 -42.45 44.21 9.14
C TYR H 162 -41.49 45.39 9.22
N SER H 163 -41.59 46.30 8.28
CA SER H 163 -40.69 47.46 8.21
C SER H 163 -40.62 48.22 9.53
N GLU H 164 -41.77 48.70 9.99
CA GLU H 164 -41.85 49.54 11.18
C GLU H 164 -41.29 48.86 12.44
N GLU H 165 -41.88 47.73 12.81
CA GLU H 165 -41.46 47.03 14.02
C GLU H 165 -39.95 46.81 14.07
N ALA H 166 -39.37 46.51 12.90
CA ALA H 166 -37.95 46.24 12.79
C ALA H 166 -37.10 47.46 13.14
N LYS H 167 -37.32 48.55 12.41
CA LYS H 167 -36.56 49.78 12.62
C LYS H 167 -36.78 50.32 14.03
N LEU H 168 -37.88 49.92 14.66
CA LEU H 168 -38.21 50.33 16.01
C LEU H 168 -37.26 49.68 17.01
N ASN H 169 -36.85 48.45 16.71
CA ASN H 169 -36.01 47.68 17.61
C ASN H 169 -34.52 47.84 17.32
N ARG H 170 -34.19 48.25 16.10
CA ARG H 170 -32.80 48.39 15.70
C ARG H 170 -32.07 49.42 16.56
N ASP I 3 -35.12 56.51 -9.12
CA ASP I 3 -33.91 56.39 -9.93
C ASP I 3 -33.23 55.05 -9.72
N THR I 4 -33.05 54.30 -10.81
CA THR I 4 -32.54 52.93 -10.72
C THR I 4 -31.40 52.64 -11.68
N LEU I 5 -30.56 51.68 -11.30
CA LEU I 5 -29.52 51.16 -12.17
C LEU I 5 -29.47 49.65 -11.99
N CYS I 6 -29.50 48.92 -13.10
CA CYS I 6 -29.57 47.47 -13.03
C CYS I 6 -28.44 46.80 -13.83
N ILE I 7 -27.99 45.64 -13.35
CA ILE I 7 -27.07 44.81 -14.09
C ILE I 7 -27.85 43.66 -14.71
N GLY I 8 -27.61 43.40 -15.99
CA GLY I 8 -28.29 42.33 -16.69
C GLY I 8 -27.44 41.66 -17.74
N TYR I 9 -27.97 40.62 -18.36
CA TYR I 9 -27.24 39.88 -19.39
C TYR I 9 -28.01 39.76 -20.70
N HIS I 10 -27.27 39.56 -21.79
CA HIS I 10 -27.83 39.51 -23.13
C HIS I 10 -28.80 38.34 -23.32
N ALA I 11 -29.78 38.55 -24.19
CA ALA I 11 -30.71 37.51 -24.60
C ALA I 11 -31.02 37.74 -26.06
N ASN I 12 -31.39 36.68 -26.80
CA ASN I 12 -31.60 36.84 -28.23
C ASN I 12 -32.48 35.79 -28.90
N ASN I 13 -32.32 35.68 -30.22
CA ASN I 13 -33.16 34.88 -31.09
C ASN I 13 -32.74 33.41 -31.12
N SER I 14 -31.58 33.12 -30.55
CA SER I 14 -30.98 31.80 -30.66
C SER I 14 -31.81 30.68 -30.06
N THR I 15 -31.91 29.57 -30.80
CA THR I 15 -32.52 28.34 -30.30
C THR I 15 -31.45 27.27 -30.18
N ASP I 16 -30.21 27.63 -30.50
CA ASP I 16 -29.08 26.73 -30.38
C ASP I 16 -29.07 26.07 -29.00
N THR I 17 -28.75 24.78 -28.98
CA THR I 17 -28.72 24.04 -27.72
C THR I 17 -27.39 23.33 -27.50
N VAL I 18 -26.97 23.24 -26.25
CA VAL I 18 -25.75 22.53 -25.88
C VAL I 18 -25.98 21.72 -24.61
N ASP I 19 -25.14 20.74 -24.37
CA ASP I 19 -25.23 19.95 -23.16
C ASP I 19 -24.06 20.28 -22.22
N THR I 20 -24.34 20.36 -20.93
CA THR I 20 -23.29 20.53 -19.94
C THR I 20 -23.29 19.32 -19.02
N VAL I 21 -22.22 19.16 -18.24
CA VAL I 21 -22.10 18.01 -17.36
C VAL I 21 -23.25 17.97 -16.35
N LEU I 22 -23.88 19.12 -16.13
CA LEU I 22 -24.94 19.22 -15.13
C LEU I 22 -26.35 19.20 -15.72
N GLU I 23 -26.52 19.77 -16.90
CA GLU I 23 -27.84 19.86 -17.52
C GLU I 23 -27.80 19.65 -19.03
N LYS I 24 -28.83 18.99 -19.55
CA LYS I 24 -28.92 18.72 -20.98
C LYS I 24 -29.81 19.73 -21.70
N ASN I 25 -29.56 19.91 -22.99
CA ASN I 25 -30.35 20.79 -23.84
C ASN I 25 -30.55 22.19 -23.24
N VAL I 26 -29.44 22.88 -23.01
CA VAL I 26 -29.48 24.26 -22.53
C VAL I 26 -29.39 25.23 -23.70
N THR I 27 -30.44 26.01 -23.90
CA THR I 27 -30.44 27.03 -24.94
C THR I 27 -29.45 28.14 -24.59
N VAL I 28 -28.50 28.40 -25.49
CA VAL I 28 -27.51 29.45 -25.27
C VAL I 28 -27.58 30.48 -26.40
N THR I 29 -27.03 31.65 -26.15
CA THR I 29 -27.08 32.75 -27.12
C THR I 29 -26.15 32.51 -28.30
N HIS I 30 -24.95 32.00 -28.01
CA HIS I 30 -23.97 31.73 -29.05
C HIS I 30 -23.25 30.42 -28.80
N SER I 31 -22.74 29.81 -29.87
CA SER I 31 -22.03 28.54 -29.78
C SER I 31 -21.30 28.21 -31.07
N VAL I 32 -20.42 27.22 -31.02
CA VAL I 32 -19.67 26.80 -32.19
C VAL I 32 -19.58 25.28 -32.25
N ASN I 33 -19.42 24.75 -33.45
CA ASN I 33 -19.40 23.31 -33.64
C ASN I 33 -17.98 22.75 -33.81
N LEU I 34 -17.62 21.80 -32.96
CA LEU I 34 -16.29 21.21 -32.98
C LEU I 34 -16.21 19.99 -33.88
N LEU I 35 -17.37 19.46 -34.25
CA LEU I 35 -17.45 18.21 -35.00
C LEU I 35 -17.63 18.43 -36.51
N GLU I 36 -16.58 18.17 -37.27
CA GLU I 36 -16.66 18.29 -38.72
C GLU I 36 -17.41 17.10 -39.31
N ASP I 37 -18.58 17.37 -39.88
CA ASP I 37 -19.44 16.31 -40.40
C ASP I 37 -19.76 16.48 -41.88
N LYS I 38 -18.94 17.25 -42.57
CA LYS I 38 -19.16 17.51 -43.99
C LYS I 38 -17.95 17.15 -44.87
N HIS I 39 -18.23 16.48 -45.99
CA HIS I 39 -17.21 16.17 -46.98
C HIS I 39 -17.68 16.63 -48.36
N ASN I 40 -16.75 16.69 -49.31
CA ASN I 40 -17.07 17.20 -50.64
C ASN I 40 -17.47 16.14 -51.66
N GLY I 41 -17.64 14.90 -51.20
CA GLY I 41 -18.00 13.79 -52.06
C GLY I 41 -17.11 13.66 -53.29
N LYS I 42 -15.84 14.00 -53.14
CA LYS I 42 -14.89 13.92 -54.24
C LYS I 42 -13.54 13.37 -53.77
N LEU I 43 -12.86 12.63 -54.64
CA LEU I 43 -11.51 12.18 -54.37
C LEU I 43 -10.50 13.17 -54.96
N CYS I 44 -9.78 13.86 -54.08
CA CYS I 44 -8.91 14.95 -54.51
C CYS I 44 -7.44 14.57 -54.44
N LYS I 45 -6.57 15.57 -54.62
CA LYS I 45 -5.13 15.37 -54.54
C LYS I 45 -4.65 15.51 -53.10
N LEU I 46 -3.66 14.69 -52.72
CA LEU I 46 -2.97 14.88 -51.46
C LEU I 46 -1.64 15.56 -51.74
N ARG I 47 -1.21 16.43 -50.83
CA ARG I 47 0.04 17.13 -50.99
C ARG I 47 0.17 17.76 -52.39
N GLY I 48 -0.97 18.14 -52.97
CA GLY I 48 -0.98 18.73 -54.30
C GLY I 48 -0.82 17.69 -55.41
N VAL I 49 -0.56 16.45 -55.01
CA VAL I 49 -0.36 15.37 -55.97
C VAL I 49 -1.62 14.52 -56.11
N ALA I 50 -2.06 14.32 -57.35
CA ALA I 50 -3.24 13.50 -57.62
C ALA I 50 -2.94 12.01 -57.42
N PRO I 51 -3.96 11.23 -57.07
CA PRO I 51 -3.81 9.78 -56.85
C PRO I 51 -3.79 9.01 -58.16
N LEU I 52 -3.50 7.71 -58.08
CA LEU I 52 -3.50 6.85 -59.25
C LEU I 52 -4.81 6.07 -59.33
N HIS I 53 -5.59 6.31 -60.38
CA HIS I 53 -6.85 5.62 -60.57
C HIS I 53 -6.69 4.48 -61.56
N LEU I 54 -7.06 3.27 -61.13
CA LEU I 54 -6.83 2.08 -61.93
C LEU I 54 -8.05 1.66 -62.74
N GLY I 55 -9.11 2.48 -62.68
CA GLY I 55 -10.32 2.20 -63.42
C GLY I 55 -10.96 0.87 -63.06
N LYS I 56 -11.12 0.00 -64.06
CA LYS I 56 -11.76 -1.30 -63.87
C LYS I 56 -10.77 -2.37 -63.42
N CYS I 57 -9.52 -1.97 -63.21
CA CYS I 57 -8.45 -2.91 -62.88
C CYS I 57 -7.99 -2.77 -61.44
N ASN I 58 -7.43 -3.86 -60.91
CA ASN I 58 -6.79 -3.83 -59.60
C ASN I 58 -5.28 -3.66 -59.75
N ILE I 59 -4.57 -3.56 -58.64
CA ILE I 59 -3.13 -3.33 -58.67
C ILE I 59 -2.38 -4.46 -59.37
N ALA I 60 -2.81 -5.70 -59.14
CA ALA I 60 -2.16 -6.86 -59.75
C ALA I 60 -2.23 -6.80 -61.27
N GLY I 61 -3.41 -6.48 -61.80
CA GLY I 61 -3.62 -6.43 -63.23
C GLY I 61 -2.90 -5.25 -63.86
N TRP I 62 -2.65 -4.21 -63.06
CA TRP I 62 -1.99 -3.01 -63.55
C TRP I 62 -0.47 -3.17 -63.58
N ILE I 63 0.11 -3.69 -62.50
CA ILE I 63 1.56 -3.84 -62.43
C ILE I 63 2.04 -4.91 -63.42
N LEU I 64 1.29 -6.00 -63.52
CA LEU I 64 1.46 -6.93 -64.65
C LEU I 64 0.84 -6.24 -65.86
N GLY I 65 1.22 -6.64 -67.06
CA GLY I 65 0.73 -5.98 -68.25
C GLY I 65 -0.63 -6.42 -68.75
N ASN I 66 -1.58 -6.65 -67.83
CA ASN I 66 -2.93 -7.05 -68.23
C ASN I 66 -3.50 -6.13 -69.30
N PRO I 67 -3.66 -6.65 -70.52
CA PRO I 67 -4.05 -5.88 -71.72
C PRO I 67 -5.32 -5.06 -71.53
N GLU I 68 -6.24 -5.54 -70.68
CA GLU I 68 -7.48 -4.82 -70.43
C GLU I 68 -7.26 -3.59 -69.54
N CYS I 69 -6.01 -3.35 -69.16
CA CYS I 69 -5.69 -2.21 -68.31
C CYS I 69 -4.85 -1.18 -69.08
N GLU I 70 -4.50 -1.51 -70.32
CA GLU I 70 -3.73 -0.63 -71.19
C GLU I 70 -2.99 0.49 -70.44
N ALA I 75 1.24 7.60 -65.21
CA ALA I 75 1.75 8.71 -64.42
C ALA I 75 3.09 8.35 -63.76
N SER I 76 3.88 9.37 -63.45
CA SER I 76 5.19 9.15 -62.87
C SER I 76 5.20 9.40 -61.36
N SER I 77 4.05 9.82 -60.84
CA SER I 77 3.94 10.11 -59.42
C SER I 77 2.49 10.06 -58.96
N TRP I 78 2.28 9.68 -57.70
CA TRP I 78 0.94 9.68 -57.12
C TRP I 78 0.98 9.65 -55.58
N SER I 79 -0.05 10.24 -54.98
CA SER I 79 -0.13 10.34 -53.53
C SER I 79 -0.77 9.10 -52.90
N TYR I 80 -1.59 8.41 -53.68
CA TYR I 80 -2.24 7.18 -53.23
C TYR I 80 -2.94 6.52 -54.40
N ILE I 81 -3.39 5.27 -54.20
CA ILE I 81 -4.01 4.52 -55.29
C ILE I 81 -5.49 4.29 -55.05
N VAL I 82 -6.28 4.45 -56.11
CA VAL I 82 -7.73 4.26 -56.03
C VAL I 82 -8.19 3.06 -56.84
N GLU I 83 -8.92 2.16 -56.20
CA GLU I 83 -9.55 1.04 -56.88
C GLU I 83 -11.06 1.12 -56.67
N THR I 84 -11.82 1.03 -57.76
CA THR I 84 -13.27 0.96 -57.63
C THR I 84 -13.67 -0.41 -57.10
N PRO I 85 -14.70 -0.46 -56.25
CA PRO I 85 -15.17 -1.74 -55.71
C PRO I 85 -15.49 -2.72 -56.81
N SER I 86 -15.94 -2.20 -57.95
CA SER I 86 -16.29 -3.02 -59.10
C SER I 86 -15.08 -3.70 -59.73
N SER I 87 -13.89 -3.13 -59.49
CA SER I 87 -12.65 -3.66 -60.06
C SER I 87 -12.48 -5.15 -59.78
N ASP I 88 -11.70 -5.82 -60.62
CA ASP I 88 -11.42 -7.24 -60.45
C ASP I 88 -10.43 -7.74 -61.49
N ASN I 89 -10.24 -6.98 -62.56
CA ASN I 89 -9.29 -7.34 -63.61
C ASN I 89 -7.84 -7.30 -63.14
N GLY I 90 -7.35 -8.43 -62.63
CA GLY I 90 -5.98 -8.54 -62.16
C GLY I 90 -5.29 -9.74 -62.75
N THR I 91 -5.19 -10.80 -61.96
CA THR I 91 -4.60 -12.05 -62.43
C THR I 91 -5.59 -12.77 -63.35
N CYS I 92 -5.55 -12.41 -64.64
CA CYS I 92 -6.37 -13.08 -65.63
C CYS I 92 -6.03 -14.57 -65.71
N TYR I 93 -4.77 -14.90 -65.48
CA TYR I 93 -4.38 -16.31 -65.40
C TYR I 93 -4.32 -16.72 -63.94
N PRO I 94 -5.15 -17.70 -63.57
CA PRO I 94 -5.31 -18.13 -62.17
C PRO I 94 -3.99 -18.56 -61.53
N GLY I 95 -3.74 -18.08 -60.31
CA GLY I 95 -2.55 -18.44 -59.58
C GLY I 95 -2.37 -17.64 -58.30
N ASP I 96 -1.27 -17.90 -57.60
CA ASP I 96 -0.99 -17.20 -56.35
C ASP I 96 -0.02 -16.03 -56.54
N PHE I 97 -0.45 -14.84 -56.15
CA PHE I 97 0.41 -13.66 -56.22
C PHE I 97 1.09 -13.44 -54.86
N ILE I 98 2.34 -13.88 -54.76
CA ILE I 98 3.06 -13.90 -53.49
C ILE I 98 3.32 -12.50 -52.92
N ASP I 99 3.01 -12.33 -51.64
CA ASP I 99 3.20 -11.06 -50.95
C ASP I 99 2.53 -9.92 -51.70
N TYR I 100 1.31 -10.19 -52.16
CA TYR I 100 0.53 -9.22 -52.92
C TYR I 100 0.17 -7.99 -52.06
N GLU I 101 -0.29 -8.23 -50.85
CA GLU I 101 -0.64 -7.13 -49.96
C GLU I 101 0.54 -6.19 -49.76
N GLU I 102 1.71 -6.78 -49.54
CA GLU I 102 2.93 -6.01 -49.33
C GLU I 102 3.27 -5.12 -50.52
N LEU I 103 3.18 -5.68 -51.72
CA LEU I 103 3.47 -4.92 -52.92
C LEU I 103 2.52 -3.73 -53.07
N ARG I 104 1.23 -3.97 -52.80
CA ARG I 104 0.24 -2.91 -52.86
C ARG I 104 0.64 -1.77 -51.94
N GLU I 105 0.93 -2.12 -50.69
CA GLU I 105 1.35 -1.17 -49.69
C GLU I 105 2.57 -0.38 -50.13
N GLN I 106 3.55 -1.07 -50.71
CA GLN I 106 4.81 -0.44 -51.09
C GLN I 106 4.68 0.39 -52.37
N LEU I 107 3.59 0.21 -53.10
CA LEU I 107 3.30 1.01 -54.28
C LEU I 107 2.27 2.09 -53.96
N SER I 108 1.81 2.10 -52.71
CA SER I 108 0.73 3.00 -52.31
C SER I 108 1.02 4.44 -52.69
N SER I 109 2.28 4.83 -52.62
CA SER I 109 2.68 6.18 -52.97
C SER I 109 4.08 6.22 -53.56
N VAL I 110 4.21 6.82 -54.74
CA VAL I 110 5.48 6.93 -55.42
C VAL I 110 5.74 8.38 -55.83
N SER I 111 6.98 8.81 -55.69
CA SER I 111 7.37 10.17 -56.06
C SER I 111 8.04 10.17 -57.43
N SER I 112 8.37 8.98 -57.92
CA SER I 112 8.99 8.84 -59.23
C SER I 112 8.83 7.40 -59.74
N PHE I 113 8.20 7.25 -60.90
CA PHE I 113 7.89 5.93 -61.45
C PHE I 113 8.24 5.86 -62.93
N GLU I 114 9.13 4.94 -63.28
CA GLU I 114 9.59 4.80 -64.65
C GLU I 114 9.50 3.36 -65.15
N ARG I 115 8.66 3.14 -66.14
CA ARG I 115 8.52 1.82 -66.76
C ARG I 115 9.51 1.69 -67.92
N PHE I 116 10.27 0.59 -67.92
CA PHE I 116 11.28 0.39 -68.95
C PHE I 116 11.42 -1.09 -69.32
N GLU I 117 12.04 -1.34 -70.47
CA GLU I 117 12.21 -2.70 -70.95
C GLU I 117 13.51 -3.30 -70.43
N ILE I 118 13.42 -4.04 -69.33
CA ILE I 118 14.58 -4.64 -68.70
C ILE I 118 15.19 -5.74 -69.56
N PHE I 119 14.33 -6.55 -70.16
CA PHE I 119 14.76 -7.61 -71.08
C PHE I 119 14.06 -7.46 -72.42
N PRO I 120 14.66 -6.69 -73.34
CA PRO I 120 14.08 -6.46 -74.67
C PRO I 120 13.64 -7.75 -75.35
N LYS I 121 12.39 -7.79 -75.78
CA LYS I 121 11.79 -8.99 -76.34
C LYS I 121 12.46 -9.52 -77.60
N THR I 122 12.99 -8.61 -78.40
CA THR I 122 13.56 -8.99 -79.70
C THR I 122 15.00 -9.48 -79.61
N SER I 123 15.65 -9.20 -78.48
CA SER I 123 17.08 -9.47 -78.36
C SER I 123 17.41 -10.55 -77.33
N SER I 124 16.60 -10.62 -76.28
CA SER I 124 16.94 -11.42 -75.10
C SER I 124 16.83 -12.93 -75.29
N TRP I 125 15.91 -13.38 -76.13
CA TRP I 125 15.60 -14.81 -76.20
C TRP I 125 15.68 -15.40 -77.60
N PRO I 126 16.92 -15.56 -78.11
CA PRO I 126 17.14 -16.14 -79.45
C PRO I 126 16.92 -17.65 -79.47
N ASN I 127 17.08 -18.30 -78.32
CA ASN I 127 16.97 -19.75 -78.24
C ASN I 127 15.61 -20.23 -77.75
N HIS I 128 14.71 -19.29 -77.49
CA HIS I 128 13.38 -19.64 -77.00
C HIS I 128 12.26 -18.94 -77.79
N ASP I 129 11.05 -19.46 -77.67
CA ASP I 129 9.91 -18.91 -78.39
C ASP I 129 9.17 -17.91 -77.52
N SER I 130 9.00 -16.69 -78.03
CA SER I 130 8.42 -15.60 -77.25
C SER I 130 7.21 -14.97 -77.94
N ASN I 131 6.47 -15.76 -78.72
CA ASN I 131 5.31 -15.25 -79.45
C ASN I 131 4.06 -16.11 -79.28
N LYS I 132 4.25 -17.37 -78.90
CA LYS I 132 3.15 -18.32 -78.76
C LYS I 132 2.53 -18.26 -77.36
N GLY I 133 3.24 -17.62 -76.43
CA GLY I 133 2.80 -17.58 -75.04
C GLY I 133 1.60 -16.68 -74.80
N VAL I 134 0.43 -17.14 -75.23
CA VAL I 134 -0.81 -16.41 -74.99
C VAL I 134 -1.87 -17.34 -74.42
N THR I 135 -2.98 -16.75 -73.97
CA THR I 135 -4.05 -17.52 -73.37
C THR I 135 -5.38 -16.81 -73.49
N ALA I 136 -6.46 -17.59 -73.51
CA ALA I 136 -7.81 -17.04 -73.57
C ALA I 136 -8.22 -16.49 -72.20
N ALA I 137 -7.47 -16.88 -71.17
CA ALA I 137 -7.74 -16.41 -69.82
C ALA I 137 -7.42 -14.92 -69.70
N CYS I 138 -6.44 -14.46 -70.48
CA CYS I 138 -6.10 -13.04 -70.53
C CYS I 138 -6.40 -12.47 -71.91
N PRO I 139 -7.69 -12.36 -72.26
CA PRO I 139 -8.08 -11.93 -73.60
C PRO I 139 -7.74 -10.47 -73.87
N HIS I 140 -7.68 -10.13 -75.15
CA HIS I 140 -7.50 -8.76 -75.59
C HIS I 140 -8.25 -8.55 -76.89
N ALA I 141 -9.35 -7.79 -76.82
CA ALA I 141 -10.25 -7.65 -77.95
C ALA I 141 -10.83 -9.01 -78.34
N GLY I 142 -11.07 -9.85 -77.33
CA GLY I 142 -11.61 -11.18 -77.55
C GLY I 142 -10.56 -12.19 -77.99
N ALA I 143 -9.41 -11.70 -78.43
CA ALA I 143 -8.34 -12.58 -78.88
C ALA I 143 -7.38 -12.93 -77.74
N LYS I 144 -6.91 -14.17 -77.73
CA LYS I 144 -5.96 -14.62 -76.72
C LYS I 144 -4.78 -13.67 -76.63
N SER I 145 -4.34 -13.38 -75.41
CA SER I 145 -3.19 -12.53 -75.18
C SER I 145 -2.51 -12.92 -73.88
N PHE I 146 -1.74 -11.99 -73.32
CA PHE I 146 -1.03 -12.25 -72.07
C PHE I 146 -0.55 -10.94 -71.48
N TYR I 147 -0.09 -10.98 -70.23
CA TYR I 147 0.45 -9.81 -69.56
C TYR I 147 1.52 -9.15 -70.44
N LYS I 148 1.42 -7.84 -70.62
CA LYS I 148 2.31 -7.13 -71.52
C LYS I 148 3.66 -6.79 -70.89
N ASN I 149 3.74 -6.87 -69.57
CA ASN I 149 4.97 -6.59 -68.85
C ASN I 149 5.78 -7.86 -68.58
N LEU I 150 5.20 -9.00 -68.93
CA LEU I 150 5.89 -10.28 -68.79
C LEU I 150 5.82 -11.04 -70.10
N ILE I 151 6.69 -12.01 -70.28
CA ILE I 151 6.64 -12.86 -71.47
C ILE I 151 6.63 -14.34 -71.10
N TRP I 152 5.62 -15.04 -71.59
CA TRP I 152 5.49 -16.48 -71.35
C TRP I 152 6.34 -17.26 -72.35
N LEU I 153 7.59 -17.51 -71.99
CA LEU I 153 8.50 -18.21 -72.89
C LEU I 153 8.15 -19.69 -73.05
N VAL I 154 8.26 -20.17 -74.29
CA VAL I 154 7.99 -21.58 -74.59
C VAL I 154 9.13 -22.16 -75.41
N LYS I 155 9.33 -23.47 -75.33
CA LYS I 155 10.40 -24.12 -76.05
C LYS I 155 10.43 -23.69 -77.51
N LYS I 156 11.62 -23.66 -78.10
CA LYS I 156 11.77 -23.31 -79.50
C LYS I 156 11.98 -24.59 -80.31
N GLY I 157 11.17 -24.77 -81.34
CA GLY I 157 11.18 -26.01 -82.09
C GLY I 157 10.79 -27.14 -81.16
N ASN I 158 11.71 -28.08 -80.94
CA ASN I 158 11.47 -29.17 -80.02
C ASN I 158 12.46 -29.14 -78.86
N SER I 159 12.99 -27.95 -78.59
CA SER I 159 14.05 -27.80 -77.59
C SER I 159 13.86 -26.57 -76.70
N TYR I 160 14.03 -26.78 -75.39
CA TYR I 160 14.05 -25.68 -74.43
C TYR I 160 15.38 -25.70 -73.71
N PRO I 161 16.37 -24.96 -74.24
CA PRO I 161 17.72 -24.92 -73.67
C PRO I 161 17.74 -24.18 -72.34
N LYS I 162 18.74 -24.47 -71.52
CA LYS I 162 18.90 -23.78 -70.24
C LYS I 162 19.24 -22.32 -70.45
N LEU I 163 18.32 -21.42 -70.11
CA LEU I 163 18.53 -20.00 -70.30
C LEU I 163 19.09 -19.34 -69.03
N SER I 164 19.97 -18.37 -69.22
CA SER I 164 20.53 -17.61 -68.12
C SER I 164 20.64 -16.15 -68.53
N LYS I 165 19.96 -15.28 -67.79
CA LYS I 165 19.96 -13.85 -68.10
C LYS I 165 20.12 -13.04 -66.82
N SER I 166 20.85 -11.93 -66.91
CA SER I 166 21.07 -11.08 -65.75
C SER I 166 20.78 -9.61 -66.08
N TYR I 167 20.62 -8.81 -65.04
CA TYR I 167 20.43 -7.38 -65.21
C TYR I 167 21.05 -6.58 -64.07
N ILE I 168 21.89 -5.61 -64.44
CA ILE I 168 22.50 -4.71 -63.47
C ILE I 168 21.67 -3.44 -63.35
N ASN I 169 21.25 -3.12 -62.13
CA ASN I 169 20.46 -1.91 -61.90
C ASN I 169 21.30 -0.66 -62.13
N ASP I 170 21.36 -0.21 -63.38
CA ASP I 170 22.11 0.99 -63.73
C ASP I 170 21.29 2.26 -63.48
N LYS I 171 20.05 2.07 -63.03
CA LYS I 171 19.22 3.20 -62.64
C LYS I 171 19.75 3.75 -61.33
N GLY I 172 19.29 4.94 -60.96
CA GLY I 172 19.70 5.55 -59.72
C GLY I 172 18.68 5.36 -58.63
N LYS I 173 17.98 4.24 -58.66
CA LYS I 173 16.88 3.98 -57.74
C LYS I 173 16.42 2.53 -57.79
N GLU I 174 15.49 2.17 -56.92
CA GLU I 174 14.97 0.82 -56.86
C GLU I 174 14.34 0.39 -58.19
N VAL I 175 14.45 -0.90 -58.49
CA VAL I 175 13.82 -1.46 -59.68
C VAL I 175 12.89 -2.61 -59.29
N LEU I 176 11.60 -2.40 -59.49
CA LEU I 176 10.61 -3.44 -59.24
C LEU I 176 10.56 -4.45 -60.37
N VAL I 177 11.07 -5.65 -60.11
CA VAL I 177 11.09 -6.70 -61.11
C VAL I 177 10.07 -7.78 -60.79
N LEU I 178 9.16 -8.02 -61.73
CA LEU I 178 8.15 -9.07 -61.56
C LEU I 178 8.35 -10.18 -62.58
N TRP I 179 8.03 -11.41 -62.18
CA TRP I 179 8.11 -12.56 -63.08
C TRP I 179 7.09 -13.59 -62.65
N GLY I 180 7.08 -14.75 -63.30
CA GLY I 180 6.11 -15.78 -62.99
C GLY I 180 6.58 -17.20 -63.24
N ILE I 181 5.96 -18.14 -62.55
CA ILE I 181 6.23 -19.56 -62.73
C ILE I 181 4.95 -20.25 -63.18
N HIS I 182 5.03 -20.97 -64.30
CA HIS I 182 3.86 -21.66 -64.83
C HIS I 182 3.84 -23.12 -64.43
N HIS I 183 2.66 -23.61 -64.07
CA HIS I 183 2.48 -25.00 -63.66
C HIS I 183 1.43 -25.67 -64.53
N PRO I 184 1.88 -26.48 -65.50
CA PRO I 184 0.97 -27.22 -66.38
C PRO I 184 0.15 -28.23 -65.61
N SER I 185 -1.08 -28.49 -66.06
CA SER I 185 -1.96 -29.44 -65.38
C SER I 185 -1.50 -30.88 -65.59
N THR I 186 -0.82 -31.14 -66.70
CA THR I 186 -0.39 -32.50 -67.01
C THR I 186 1.07 -32.53 -67.48
N SER I 187 1.75 -33.65 -67.22
CA SER I 187 3.12 -33.82 -67.65
C SER I 187 3.23 -33.73 -69.17
N ALA I 188 2.13 -34.04 -69.85
CA ALA I 188 2.07 -33.92 -71.30
C ALA I 188 2.22 -32.46 -71.71
N ASP I 189 1.48 -31.58 -71.04
CA ASP I 189 1.53 -30.15 -71.33
C ASP I 189 2.92 -29.58 -71.02
N GLN I 190 3.56 -30.16 -70.02
CA GLN I 190 4.92 -29.76 -69.65
C GLN I 190 5.88 -29.95 -70.82
N GLN I 191 5.73 -31.08 -71.52
CA GLN I 191 6.59 -31.40 -72.66
C GLN I 191 6.22 -30.58 -73.89
N SER I 192 4.93 -30.41 -74.13
CA SER I 192 4.44 -29.65 -75.27
C SER I 192 4.87 -28.20 -75.19
N LEU I 193 5.18 -27.75 -73.97
CA LEU I 193 5.54 -26.37 -73.72
C LEU I 193 7.04 -26.18 -73.52
N TYR I 194 7.65 -27.07 -72.74
CA TYR I 194 9.04 -26.88 -72.33
C TYR I 194 9.93 -28.08 -72.63
N GLN I 195 9.32 -29.18 -73.07
CA GLN I 195 10.07 -30.35 -73.53
C GLN I 195 10.74 -31.14 -72.40
N ASN I 196 11.53 -30.47 -71.57
CA ASN I 196 12.40 -31.13 -70.60
C ASN I 196 11.72 -32.00 -69.54
N ALA I 197 10.49 -31.65 -69.16
CA ALA I 197 9.72 -32.42 -68.18
C ALA I 197 10.04 -32.05 -66.73
N ASP I 198 11.20 -32.49 -66.24
CA ASP I 198 11.64 -32.17 -64.89
C ASP I 198 12.58 -30.97 -64.90
N THR I 199 12.01 -29.79 -64.68
CA THR I 199 12.76 -28.54 -64.83
C THR I 199 12.87 -27.75 -63.54
N TYR I 200 13.56 -26.62 -63.61
CA TYR I 200 13.74 -25.76 -62.44
C TYR I 200 13.92 -24.29 -62.86
N VAL I 201 13.48 -23.39 -61.97
CA VAL I 201 13.73 -21.97 -62.16
C VAL I 201 14.48 -21.44 -60.93
N PHE I 202 15.42 -20.54 -61.16
CA PHE I 202 16.19 -19.96 -60.07
C PHE I 202 16.32 -18.45 -60.26
N VAL I 203 16.02 -17.70 -59.21
CA VAL I 203 16.11 -16.24 -59.25
C VAL I 203 16.83 -15.72 -58.02
N CYS I 204 17.94 -15.03 -58.23
CA CYS I 204 18.70 -14.47 -57.12
C CYS I 204 19.38 -13.14 -57.46
N SER I 205 19.35 -12.22 -56.51
CA SER I 205 20.14 -11.00 -56.60
C SER I 205 21.25 -11.08 -55.58
N SER I 206 21.62 -9.94 -54.99
CA SER I 206 22.58 -9.95 -53.90
C SER I 206 21.89 -10.27 -52.59
N ARG I 207 20.58 -10.05 -52.55
CA ARG I 207 19.80 -10.27 -51.33
C ARG I 207 18.72 -11.33 -51.52
N TYR I 208 18.03 -11.27 -52.66
CA TYR I 208 16.96 -12.22 -52.96
C TYR I 208 17.54 -13.52 -53.47
N SER I 209 16.86 -14.63 -53.17
CA SER I 209 17.29 -15.94 -53.65
C SER I 209 16.21 -16.99 -53.42
N LYS I 210 15.73 -17.59 -54.51
CA LYS I 210 14.70 -18.62 -54.41
C LYS I 210 14.75 -19.58 -55.58
N LYS I 211 14.37 -20.83 -55.35
CA LYS I 211 14.33 -21.86 -56.38
C LYS I 211 12.94 -22.42 -56.56
N PHE I 212 12.47 -22.48 -57.81
CA PHE I 212 11.13 -22.97 -58.10
C PHE I 212 11.16 -24.26 -58.91
N LYS I 213 10.21 -25.14 -58.64
CA LYS I 213 10.00 -26.33 -59.45
C LYS I 213 8.54 -26.43 -59.85
N PRO I 214 8.27 -26.85 -61.10
CA PRO I 214 6.88 -26.99 -61.56
C PRO I 214 6.09 -27.99 -60.73
N GLU I 215 4.87 -27.61 -60.36
CA GLU I 215 3.98 -28.47 -59.61
C GLU I 215 2.81 -28.89 -60.51
N ILE I 216 2.95 -30.06 -61.13
CA ILE I 216 2.02 -30.49 -62.18
C ILE I 216 0.89 -31.38 -61.67
N ALA I 217 -0.33 -30.83 -61.68
CA ALA I 217 -1.52 -31.58 -61.31
C ALA I 217 -2.77 -30.93 -61.91
N ILE I 218 -3.85 -31.70 -61.99
CA ILE I 218 -5.11 -31.19 -62.54
C ILE I 218 -5.93 -30.49 -61.46
N CYS I 219 -5.89 -29.16 -61.47
CA CYS I 219 -6.60 -28.36 -60.48
C CYS I 219 -7.93 -27.85 -61.00
N PRO I 220 -8.86 -27.52 -60.09
CA PRO I 220 -10.18 -26.98 -60.46
C PRO I 220 -10.06 -25.79 -61.41
N LYS I 221 -10.92 -25.73 -62.41
CA LYS I 221 -10.83 -24.69 -63.42
C LYS I 221 -11.19 -23.30 -62.90
N VAL I 222 -10.26 -22.37 -63.09
CA VAL I 222 -10.54 -20.97 -62.82
C VAL I 222 -10.31 -20.19 -64.11
N ARG I 223 -11.38 -19.60 -64.64
CA ARG I 223 -11.30 -18.94 -65.94
C ARG I 223 -10.89 -19.96 -67.00
N ASP I 224 -11.38 -21.18 -66.82
CA ASP I 224 -11.22 -22.26 -67.80
C ASP I 224 -9.82 -22.88 -67.80
N GLN I 225 -9.04 -22.60 -66.78
CA GLN I 225 -7.67 -23.12 -66.70
C GLN I 225 -7.54 -24.16 -65.57
N GLU I 226 -6.98 -25.32 -65.92
CA GLU I 226 -6.68 -26.35 -64.93
C GLU I 226 -5.26 -26.18 -64.44
N GLY I 227 -4.48 -25.39 -65.16
CA GLY I 227 -3.12 -25.07 -64.76
C GLY I 227 -3.07 -23.81 -63.91
N ARG I 228 -1.91 -23.54 -63.33
CA ARG I 228 -1.74 -22.38 -62.47
C ARG I 228 -0.52 -21.56 -62.85
N MET I 229 -0.51 -20.29 -62.46
CA MET I 229 0.64 -19.41 -62.68
C MET I 229 0.91 -18.55 -61.45
N ASN I 230 2.06 -18.75 -60.83
CA ASN I 230 2.43 -17.99 -59.63
C ASN I 230 3.25 -16.74 -59.94
N TYR I 231 2.96 -15.65 -59.25
CA TYR I 231 3.59 -14.37 -59.52
C TYR I 231 4.53 -13.95 -58.39
N TYR I 232 5.74 -13.55 -58.76
CA TYR I 232 6.75 -13.15 -57.77
C TYR I 232 7.36 -11.80 -58.11
N TRP I 233 7.77 -11.06 -57.09
CA TRP I 233 8.34 -9.74 -57.28
C TRP I 233 9.43 -9.47 -56.25
N THR I 234 10.34 -8.57 -56.57
CA THR I 234 11.37 -8.13 -55.65
C THR I 234 11.95 -6.80 -56.10
N LEU I 235 12.40 -5.99 -55.15
CA LEU I 235 13.00 -4.70 -55.47
C LEU I 235 14.51 -4.82 -55.56
N VAL I 236 15.03 -4.56 -56.75
CA VAL I 236 16.47 -4.59 -56.97
C VAL I 236 17.09 -3.23 -56.67
N GLU I 237 17.96 -3.20 -55.65
CA GLU I 237 18.57 -1.95 -55.23
C GLU I 237 19.61 -1.47 -56.22
N PRO I 238 19.76 -0.14 -56.32
CA PRO I 238 20.71 0.50 -57.24
C PRO I 238 22.08 -0.18 -57.22
N GLY I 239 22.61 -0.47 -58.40
CA GLY I 239 23.93 -1.07 -58.53
C GLY I 239 23.91 -2.58 -58.40
N ASP I 240 22.84 -3.11 -57.85
CA ASP I 240 22.72 -4.55 -57.63
C ASP I 240 22.44 -5.30 -58.93
N LYS I 241 22.71 -6.60 -58.93
CA LYS I 241 22.45 -7.46 -60.07
C LYS I 241 21.37 -8.48 -59.75
N ILE I 242 20.58 -8.85 -60.75
CA ILE I 242 19.63 -9.95 -60.61
C ILE I 242 19.76 -10.94 -61.77
N THR I 243 19.79 -12.22 -61.44
CA THR I 243 19.97 -13.25 -62.47
C THR I 243 18.82 -14.25 -62.51
N PHE I 244 18.39 -14.61 -63.71
CA PHE I 244 17.38 -15.65 -63.90
C PHE I 244 17.99 -16.86 -64.60
N GLU I 245 17.76 -18.04 -64.03
CA GLU I 245 18.25 -19.28 -64.62
C GLU I 245 17.12 -20.30 -64.66
N ALA I 246 16.81 -20.81 -65.84
CA ALA I 246 15.66 -21.70 -66.00
C ALA I 246 15.84 -22.76 -67.08
N THR I 247 15.14 -23.87 -66.91
CA THR I 247 15.09 -24.93 -67.92
C THR I 247 13.66 -25.15 -68.36
N GLY I 248 12.77 -24.25 -67.93
CA GLY I 248 11.35 -24.32 -68.28
C GLY I 248 10.45 -23.69 -67.24
N ASN I 249 9.21 -23.42 -67.64
CA ASN I 249 8.18 -22.92 -66.74
C ASN I 249 8.36 -21.46 -66.30
N LEU I 250 9.43 -20.83 -66.75
CA LEU I 250 9.71 -19.44 -66.40
C LEU I 250 8.99 -18.45 -67.30
N VAL I 251 8.25 -17.54 -66.67
CA VAL I 251 7.59 -16.46 -67.40
C VAL I 251 8.40 -15.20 -67.17
N VAL I 252 9.44 -15.03 -67.98
CA VAL I 252 10.41 -13.95 -67.80
C VAL I 252 9.80 -12.55 -67.80
N PRO I 253 10.49 -11.59 -67.18
CA PRO I 253 10.11 -10.18 -67.21
C PRO I 253 10.40 -9.57 -68.57
N ARG I 254 9.62 -8.57 -68.96
CA ARG I 254 9.92 -7.80 -70.16
C ARG I 254 10.01 -6.32 -69.81
N TYR I 255 9.11 -5.88 -68.93
CA TYR I 255 9.14 -4.51 -68.42
C TYR I 255 9.30 -4.51 -66.91
N ALA I 256 10.21 -3.68 -66.42
CA ALA I 256 10.39 -3.49 -64.98
C ALA I 256 10.22 -2.02 -64.65
N PHE I 257 10.08 -1.70 -63.36
CA PHE I 257 9.76 -0.33 -62.95
C PHE I 257 10.79 0.30 -62.01
N ALA I 258 11.47 1.34 -62.48
CA ALA I 258 12.37 2.11 -61.65
C ALA I 258 11.55 3.13 -60.88
N MET I 259 11.85 3.29 -59.60
CA MET I 259 11.02 4.13 -58.75
C MET I 259 11.66 4.48 -57.43
N GLU I 260 11.10 5.46 -56.75
CA GLU I 260 11.48 5.77 -55.38
C GLU I 260 10.24 5.96 -54.52
N ARG I 261 10.13 5.15 -53.48
CA ARG I 261 8.94 5.11 -52.62
C ARG I 261 8.95 6.25 -51.62
N ASN I 262 7.78 6.50 -51.02
CA ASN I 262 7.62 7.51 -49.98
C ASN I 262 7.38 6.89 -48.62
N ALA I 263 7.05 7.74 -47.64
CA ALA I 263 6.81 7.27 -46.27
C ALA I 263 5.84 6.09 -46.25
N GLY I 264 4.92 6.07 -47.21
CA GLY I 264 3.95 5.01 -47.30
C GLY I 264 2.55 5.53 -47.12
N SER I 265 1.81 5.57 -48.23
CA SER I 265 0.45 6.10 -48.21
C SER I 265 -0.55 4.97 -48.00
N GLY I 266 -1.61 4.97 -48.80
CA GLY I 266 -2.66 3.98 -48.66
C GLY I 266 -3.43 3.71 -49.94
N ILE I 267 -4.41 2.83 -49.85
CA ILE I 267 -5.22 2.45 -50.99
C ILE I 267 -6.70 2.58 -50.66
N ILE I 268 -7.41 3.41 -51.44
CA ILE I 268 -8.84 3.60 -51.24
C ILE I 268 -9.65 2.85 -52.29
N ILE I 269 -10.56 2.00 -51.84
CA ILE I 269 -11.45 1.26 -52.73
C ILE I 269 -12.83 1.91 -52.75
N SER I 270 -13.03 2.87 -53.63
CA SER I 270 -14.26 3.64 -53.66
C SER I 270 -14.81 3.86 -55.07
N ASP I 271 -16.12 4.05 -55.17
CA ASP I 271 -16.76 4.36 -56.44
C ASP I 271 -16.88 5.87 -56.64
N THR I 272 -16.50 6.63 -55.62
CA THR I 272 -16.60 8.08 -55.68
C THR I 272 -15.56 8.65 -56.66
N PRO I 273 -15.98 9.61 -57.49
CA PRO I 273 -15.19 10.16 -58.60
C PRO I 273 -13.97 10.98 -58.16
N VAL I 274 -13.06 11.22 -59.10
CA VAL I 274 -11.88 12.03 -58.86
C VAL I 274 -12.01 13.36 -59.59
N HIS I 275 -11.64 14.45 -58.93
CA HIS I 275 -11.69 15.77 -59.55
C HIS I 275 -10.41 16.57 -59.34
N ASP I 276 -10.36 17.77 -59.91
CA ASP I 276 -9.20 18.64 -59.78
C ASP I 276 -9.28 19.48 -58.51
N CYS I 277 -9.52 18.83 -57.38
CA CYS I 277 -9.56 19.50 -56.10
C CYS I 277 -8.35 19.13 -55.26
N ASN I 278 -8.10 19.90 -54.22
CA ASN I 278 -6.96 19.64 -53.34
C ASN I 278 -7.38 19.52 -51.88
N THR I 279 -6.78 18.56 -51.17
CA THR I 279 -7.15 18.30 -49.77
C THR I 279 -5.96 17.81 -48.96
N THR I 280 -6.06 17.96 -47.64
CA THR I 280 -5.03 17.47 -46.73
C THR I 280 -5.53 16.27 -45.95
N CYS I 281 -6.76 15.86 -46.24
CA CYS I 281 -7.36 14.69 -45.60
C CYS I 281 -8.37 14.05 -46.54
N GLN I 282 -8.10 12.82 -46.94
CA GLN I 282 -8.97 12.12 -47.89
C GLN I 282 -9.77 10.98 -47.24
N THR I 283 -11.01 10.83 -47.68
CA THR I 283 -11.89 9.75 -47.21
C THR I 283 -12.45 8.95 -48.39
N PRO I 284 -12.69 7.65 -48.19
CA PRO I 284 -13.28 6.83 -49.25
C PRO I 284 -14.55 7.45 -49.85
N LYS I 285 -15.27 8.24 -49.07
CA LYS I 285 -16.52 8.84 -49.55
C LYS I 285 -16.39 10.34 -49.85
N GLY I 286 -15.18 10.88 -49.73
CA GLY I 286 -14.93 12.27 -50.06
C GLY I 286 -13.89 12.96 -49.20
N ALA I 287 -13.43 14.14 -49.63
CA ALA I 287 -12.45 14.90 -48.88
C ALA I 287 -13.10 15.77 -47.81
N ILE I 288 -12.33 16.16 -46.80
CA ILE I 288 -12.86 16.97 -45.70
C ILE I 288 -11.85 18.02 -45.24
N ASN I 289 -12.37 19.13 -44.69
CA ASN I 289 -11.52 20.19 -44.16
C ASN I 289 -10.95 19.82 -42.80
N THR I 290 -9.75 20.30 -42.50
CA THR I 290 -9.06 19.91 -41.28
C THR I 290 -9.02 21.05 -40.28
N SER I 291 -10.00 21.96 -40.36
CA SER I 291 -10.04 23.11 -39.48
C SER I 291 -10.45 22.71 -38.07
N LEU I 292 -11.27 21.67 -37.96
CA LEU I 292 -11.77 21.20 -36.67
C LEU I 292 -11.05 19.94 -36.22
N PRO I 293 -10.99 19.73 -34.89
CA PRO I 293 -10.22 18.62 -34.30
C PRO I 293 -10.90 17.26 -34.43
N PHE I 294 -12.23 17.24 -34.52
CA PHE I 294 -12.96 15.97 -34.54
C PHE I 294 -13.83 15.81 -35.77
N GLN I 295 -14.09 14.56 -36.16
CA GLN I 295 -14.85 14.26 -37.37
C GLN I 295 -15.53 12.89 -37.30
N ASN I 296 -16.73 12.80 -37.85
CA ASN I 296 -17.49 11.56 -37.82
C ASN I 296 -17.87 11.05 -39.21
N ILE I 297 -17.06 11.41 -40.21
CA ILE I 297 -17.38 11.09 -41.60
C ILE I 297 -16.91 9.71 -42.02
N HIS I 298 -15.74 9.30 -41.53
CA HIS I 298 -15.18 8.00 -41.87
C HIS I 298 -13.90 7.74 -41.09
N PRO I 299 -13.78 6.54 -40.51
CA PRO I 299 -12.61 6.17 -39.70
C PRO I 299 -11.37 5.95 -40.56
N ILE I 300 -11.54 5.45 -41.77
CA ILE I 300 -10.41 5.17 -42.65
C ILE I 300 -10.07 6.40 -43.51
N THR I 301 -8.96 7.05 -43.19
CA THR I 301 -8.58 8.27 -43.89
C THR I 301 -7.09 8.29 -44.21
N ILE I 302 -6.72 9.16 -45.16
CA ILE I 302 -5.32 9.36 -45.52
C ILE I 302 -4.97 10.84 -45.48
N GLY I 303 -3.81 11.16 -44.93
CA GLY I 303 -3.37 12.53 -44.82
C GLY I 303 -3.30 13.00 -43.38
N LYS I 304 -3.30 14.31 -43.18
CA LYS I 304 -3.33 14.89 -41.85
C LYS I 304 -4.77 15.23 -41.48
N CYS I 305 -5.41 14.33 -40.75
CA CYS I 305 -6.86 14.39 -40.54
C CYS I 305 -7.25 14.64 -39.09
N PRO I 306 -8.46 15.17 -38.88
CA PRO I 306 -9.08 15.29 -37.56
C PRO I 306 -9.39 13.92 -36.99
N LYS I 307 -9.35 13.77 -35.67
CA LYS I 307 -9.62 12.48 -35.04
C LYS I 307 -11.06 12.03 -35.26
N TYR I 308 -11.24 10.74 -35.54
CA TYR I 308 -12.56 10.19 -35.79
C TYR I 308 -13.29 9.84 -34.51
N VAL I 309 -14.56 10.22 -34.45
CA VAL I 309 -15.41 9.91 -33.31
C VAL I 309 -16.79 9.50 -33.81
N LYS I 310 -17.51 8.73 -33.00
CA LYS I 310 -18.86 8.34 -33.37
C LYS I 310 -19.90 9.26 -32.73
N SER I 311 -19.54 10.54 -32.61
CA SER I 311 -20.46 11.55 -32.11
C SER I 311 -21.28 12.09 -33.27
N THR I 312 -22.49 12.55 -32.97
CA THR I 312 -23.34 13.18 -33.97
C THR I 312 -23.36 14.68 -33.75
N LYS I 313 -22.91 15.10 -32.58
CA LYS I 313 -22.99 16.50 -32.18
C LYS I 313 -21.98 16.84 -31.08
N LEU I 314 -21.07 17.77 -31.38
CA LEU I 314 -20.11 18.26 -30.40
C LEU I 314 -20.14 19.79 -30.38
N ARG I 315 -21.20 20.35 -29.80
CA ARG I 315 -21.38 21.79 -29.83
C ARG I 315 -20.83 22.50 -28.59
N LEU I 316 -19.83 23.34 -28.82
CA LEU I 316 -19.23 24.13 -27.75
C LEU I 316 -20.01 25.43 -27.53
N ALA I 317 -20.32 25.72 -26.28
CA ALA I 317 -20.98 26.98 -25.95
C ALA I 317 -19.97 28.11 -25.94
N THR I 318 -20.39 29.29 -26.39
CA THR I 318 -19.54 30.47 -26.36
C THR I 318 -20.26 31.62 -25.66
N GLY I 319 -21.54 31.79 -25.99
CA GLY I 319 -22.37 32.79 -25.34
C GLY I 319 -22.90 32.27 -24.01
N LEU I 320 -23.95 32.91 -23.49
CA LEU I 320 -24.52 32.51 -22.22
C LEU I 320 -25.89 31.89 -22.41
N ARG I 321 -26.50 31.46 -21.31
CA ARG I 321 -27.82 30.87 -21.35
C ARG I 321 -28.86 31.87 -21.88
N ASN I 322 -29.70 31.41 -22.81
CA ASN I 322 -30.69 32.27 -23.43
C ASN I 322 -32.03 32.25 -22.70
N ILE I 323 -32.26 33.27 -21.89
CA ILE I 323 -33.50 33.39 -21.13
C ILE I 323 -34.18 34.71 -21.46
N PRO I 324 -34.73 34.82 -22.68
CA PRO I 324 -35.40 36.06 -23.11
C PRO I 324 -36.61 36.35 -22.22
N SER I 325 -37.65 35.52 -22.35
CA SER I 325 -38.86 35.66 -21.54
C SER I 325 -39.33 37.11 -21.46
N GLY J 1 -26.79 28.59 -11.07
CA GLY J 1 -25.54 29.26 -11.37
C GLY J 1 -24.51 29.07 -10.27
N LEU J 2 -23.24 29.04 -10.64
CA LEU J 2 -22.17 28.86 -9.67
C LEU J 2 -21.86 30.20 -8.98
N PHE J 3 -22.28 31.29 -9.61
CA PHE J 3 -22.07 32.61 -9.05
C PHE J 3 -23.38 33.34 -8.75
N GLY J 4 -24.49 32.61 -8.84
CA GLY J 4 -25.79 33.10 -8.39
C GLY J 4 -26.46 34.14 -9.26
N ALA J 5 -25.71 34.76 -10.17
CA ALA J 5 -26.26 35.84 -10.98
C ALA J 5 -27.21 35.35 -12.07
N ILE J 6 -26.65 35.02 -13.23
CA ILE J 6 -27.44 34.56 -14.38
C ILE J 6 -28.36 33.40 -14.00
N ALA J 7 -29.65 33.55 -14.30
CA ALA J 7 -30.64 32.54 -13.96
C ALA J 7 -30.69 32.29 -12.46
N GLY J 8 -30.30 33.29 -11.68
CA GLY J 8 -30.29 33.21 -10.23
C GLY J 8 -31.06 34.35 -9.60
N PHE J 9 -30.33 35.23 -8.91
CA PHE J 9 -30.98 36.42 -8.34
C PHE J 9 -31.25 37.46 -9.43
N ILE J 10 -30.75 37.19 -10.63
CA ILE J 10 -31.17 37.92 -11.82
C ILE J 10 -31.88 36.92 -12.74
N GLU J 11 -33.20 36.85 -12.59
CA GLU J 11 -34.00 35.75 -13.12
C GLU J 11 -34.05 35.64 -14.65
N GLY J 12 -33.86 36.75 -15.36
CA GLY J 12 -34.01 36.75 -16.79
C GLY J 12 -32.98 37.54 -17.56
N GLY J 13 -33.05 37.46 -18.89
CA GLY J 13 -32.13 38.17 -19.75
C GLY J 13 -32.79 39.31 -20.50
N TRP J 14 -31.97 40.16 -21.10
CA TRP J 14 -32.46 41.35 -21.79
C TRP J 14 -32.30 41.24 -23.29
N THR J 15 -33.42 41.10 -24.00
CA THR J 15 -33.40 41.07 -25.45
C THR J 15 -33.20 42.47 -26.01
N GLY J 16 -33.37 43.47 -25.15
CA GLY J 16 -33.23 44.85 -25.54
C GLY J 16 -31.79 45.33 -25.60
N MET J 17 -30.91 44.62 -24.90
CA MET J 17 -29.49 44.97 -24.87
C MET J 17 -28.74 44.20 -25.95
N VAL J 18 -28.89 44.63 -27.20
CA VAL J 18 -28.36 43.90 -28.34
C VAL J 18 -26.91 44.24 -28.68
N ASP J 19 -26.24 44.99 -27.80
CA ASP J 19 -24.88 45.46 -28.11
C ASP J 19 -23.79 44.66 -27.42
N GLY J 20 -24.12 43.97 -26.33
CA GLY J 20 -23.13 43.21 -25.60
C GLY J 20 -23.67 42.04 -24.80
N TRP J 21 -22.77 41.34 -24.10
CA TRP J 21 -23.15 40.19 -23.27
C TRP J 21 -23.64 40.63 -21.89
N TYR J 22 -22.93 41.57 -21.29
CA TYR J 22 -23.33 42.11 -19.99
C TYR J 22 -23.50 43.62 -20.10
N GLY J 23 -24.35 44.20 -19.25
CA GLY J 23 -24.56 45.63 -19.30
C GLY J 23 -25.50 46.18 -18.24
N TYR J 24 -26.01 47.37 -18.48
CA TYR J 24 -26.88 48.03 -17.51
C TYR J 24 -28.17 48.55 -18.13
N HIS J 25 -29.19 48.66 -17.30
CA HIS J 25 -30.43 49.36 -17.69
C HIS J 25 -30.71 50.45 -16.66
N HIS J 26 -30.52 51.69 -17.07
CA HIS J 26 -30.69 52.83 -16.16
C HIS J 26 -32.04 53.48 -16.36
N GLN J 27 -32.54 54.14 -15.32
CA GLN J 27 -33.80 54.86 -15.38
C GLN J 27 -33.75 56.12 -14.50
N ASN J 28 -33.54 57.26 -15.14
CA ASN J 28 -33.48 58.54 -14.42
C ASN J 28 -34.50 59.54 -14.96
N GLU J 29 -34.35 60.80 -14.58
CA GLU J 29 -35.29 61.85 -14.93
C GLU J 29 -35.24 62.20 -16.41
N GLN J 30 -34.10 61.94 -17.04
CA GLN J 30 -33.94 62.29 -18.46
C GLN J 30 -33.98 61.08 -19.39
N GLY J 31 -34.64 60.01 -18.94
CA GLY J 31 -34.84 58.84 -19.78
C GLY J 31 -34.37 57.53 -19.18
N SER J 32 -34.35 56.49 -20.01
CA SER J 32 -33.94 55.16 -19.60
C SER J 32 -33.39 54.39 -20.80
N GLY J 33 -33.20 53.09 -20.63
CA GLY J 33 -32.76 52.24 -21.73
C GLY J 33 -31.59 51.34 -21.40
N TYR J 34 -31.34 50.36 -22.27
CA TYR J 34 -30.23 49.43 -22.09
C TYR J 34 -28.94 49.96 -22.70
N ALA J 35 -27.81 49.44 -22.21
CA ALA J 35 -26.50 49.76 -22.76
C ALA J 35 -25.44 48.88 -22.12
N ALA J 36 -24.82 48.02 -22.93
CA ALA J 36 -23.90 47.03 -22.41
C ALA J 36 -22.52 47.59 -22.07
N ASP J 37 -21.89 46.99 -21.07
CA ASP J 37 -20.52 47.33 -20.69
C ASP J 37 -19.55 46.71 -21.68
N LEU J 38 -19.18 47.48 -22.71
CA LEU J 38 -18.28 47.02 -23.75
C LEU J 38 -16.93 46.54 -23.24
N LYS J 39 -16.54 47.02 -22.06
CA LYS J 39 -15.25 46.62 -21.49
C LYS J 39 -15.26 45.15 -21.07
N SER J 40 -16.11 44.83 -20.09
CA SER J 40 -16.22 43.45 -19.61
C SER J 40 -16.66 42.51 -20.73
N THR J 41 -17.44 43.05 -21.67
CA THR J 41 -17.93 42.27 -22.80
C THR J 41 -16.81 41.93 -23.78
N GLN J 42 -16.13 42.97 -24.27
CA GLN J 42 -15.06 42.77 -25.23
C GLN J 42 -14.00 41.83 -24.69
N ASN J 43 -13.65 42.01 -23.43
CA ASN J 43 -12.67 41.15 -22.77
C ASN J 43 -13.12 39.69 -22.72
N ALA J 44 -14.42 39.50 -22.51
CA ALA J 44 -14.99 38.16 -22.45
C ALA J 44 -14.97 37.51 -23.83
N ILE J 45 -15.21 38.32 -24.85
CA ILE J 45 -15.19 37.83 -26.22
C ILE J 45 -13.79 37.36 -26.61
N ASP J 46 -12.78 38.14 -26.22
CA ASP J 46 -11.40 37.79 -26.51
C ASP J 46 -11.00 36.47 -25.87
N GLU J 47 -11.26 36.35 -24.57
CA GLU J 47 -10.89 35.15 -23.81
C GLU J 47 -11.65 33.91 -24.28
N ILE J 48 -12.93 34.07 -24.62
CA ILE J 48 -13.72 32.95 -25.10
C ILE J 48 -13.24 32.49 -26.46
N THR J 49 -12.88 33.43 -27.32
CA THR J 49 -12.34 33.10 -28.64
C THR J 49 -11.02 32.35 -28.48
N ASN J 50 -10.26 32.73 -27.47
CA ASN J 50 -9.00 32.05 -27.14
C ASN J 50 -9.26 30.62 -26.69
N LYS J 51 -10.31 30.44 -25.89
CA LYS J 51 -10.69 29.11 -25.42
C LYS J 51 -11.04 28.18 -26.58
N VAL J 52 -11.78 28.69 -27.55
CA VAL J 52 -12.12 27.91 -28.73
C VAL J 52 -10.88 27.60 -29.56
N ASN J 53 -10.10 28.64 -29.84
CA ASN J 53 -8.87 28.48 -30.59
C ASN J 53 -7.92 27.48 -29.93
N SER J 54 -8.01 27.35 -28.61
CA SER J 54 -7.16 26.42 -27.88
C SER J 54 -7.58 24.98 -28.13
N VAL J 55 -8.86 24.68 -27.90
CA VAL J 55 -9.38 23.35 -28.12
C VAL J 55 -9.11 22.86 -29.55
N ILE J 56 -9.05 23.80 -30.49
CA ILE J 56 -8.82 23.49 -31.89
C ILE J 56 -7.34 23.46 -32.27
N GLU J 57 -6.61 24.53 -31.95
CA GLU J 57 -5.20 24.62 -32.29
C GLU J 57 -4.38 23.50 -31.67
N LYS J 58 -4.79 23.03 -30.50
CA LYS J 58 -4.03 22.01 -29.79
C LYS J 58 -4.09 20.64 -30.46
N MET J 59 -4.70 20.60 -31.65
CA MET J 59 -4.77 19.40 -32.48
C MET J 59 -4.13 19.72 -33.82
N ASN J 60 -2.95 19.17 -34.15
CA ASN J 60 -2.21 18.11 -33.43
C ASN J 60 -2.44 16.74 -34.07
N THR J 61 -1.97 16.58 -35.30
CA THR J 61 -2.22 15.34 -36.03
C THR J 61 -1.07 14.93 -36.96
N GLN J 62 -0.58 13.72 -36.77
CA GLN J 62 0.43 13.16 -37.66
C GLN J 62 -0.18 12.86 -39.02
N PHE J 63 0.65 12.71 -40.04
CA PHE J 63 0.16 12.24 -41.33
C PHE J 63 0.05 10.72 -41.26
N THR J 64 -1.16 10.21 -41.46
CA THR J 64 -1.40 8.78 -41.30
C THR J 64 -2.39 8.23 -42.33
N ALA J 65 -2.08 7.04 -42.82
CA ALA J 65 -3.01 6.28 -43.65
C ALA J 65 -3.54 5.12 -42.81
N VAL J 66 -4.77 5.25 -42.33
CA VAL J 66 -5.35 4.28 -41.40
C VAL J 66 -5.57 2.92 -42.03
N GLY J 67 -5.82 2.91 -43.34
CA GLY J 67 -6.10 1.67 -44.06
C GLY J 67 -5.00 0.62 -43.98
N LYS J 68 -5.42 -0.63 -43.85
CA LYS J 68 -4.49 -1.76 -43.83
C LYS J 68 -5.15 -2.98 -44.48
N GLU J 69 -4.42 -3.65 -45.36
CA GLU J 69 -4.95 -4.82 -46.06
C GLU J 69 -4.29 -6.11 -45.59
N PHE J 70 -5.10 -7.05 -45.12
CA PHE J 70 -4.61 -8.33 -44.63
C PHE J 70 -5.32 -9.49 -45.30
N ASN J 71 -4.55 -10.48 -45.76
CA ASN J 71 -5.12 -11.65 -46.43
C ASN J 71 -5.85 -12.60 -45.47
N HIS J 72 -6.35 -13.70 -46.00
CA HIS J 72 -7.19 -14.62 -45.23
C HIS J 72 -6.40 -15.43 -44.20
N LEU J 73 -5.07 -15.36 -44.25
CA LEU J 73 -4.24 -16.05 -43.27
C LEU J 73 -3.55 -15.06 -42.34
N GLU J 74 -4.15 -13.88 -42.22
CA GLU J 74 -3.63 -12.82 -41.36
C GLU J 74 -4.78 -12.20 -40.59
N LYS J 75 -5.65 -13.05 -40.07
CA LYS J 75 -6.87 -12.61 -39.38
C LYS J 75 -6.52 -12.01 -38.02
N ARG J 76 -5.54 -12.60 -37.36
CA ARG J 76 -5.09 -12.13 -36.05
C ARG J 76 -4.59 -10.69 -36.11
N ILE J 77 -3.65 -10.44 -37.03
CA ILE J 77 -3.09 -9.10 -37.17
C ILE J 77 -4.11 -8.13 -37.76
N GLU J 78 -5.15 -8.68 -38.39
CA GLU J 78 -6.25 -7.86 -38.90
C GLU J 78 -7.11 -7.41 -37.74
N ASN J 79 -7.27 -8.29 -36.75
CA ASN J 79 -8.03 -7.97 -35.55
C ASN J 79 -7.23 -7.10 -34.58
N LEU J 80 -5.91 -7.21 -34.64
CA LEU J 80 -5.04 -6.33 -33.86
C LEU J 80 -5.15 -4.91 -34.39
N ASN J 81 -5.07 -4.77 -35.71
CA ASN J 81 -5.25 -3.49 -36.36
C ASN J 81 -6.63 -2.90 -36.08
N LYS J 82 -7.61 -3.78 -35.93
CA LYS J 82 -8.97 -3.36 -35.62
C LYS J 82 -9.06 -2.87 -34.18
N LYS J 83 -8.34 -3.52 -33.27
CA LYS J 83 -8.34 -3.11 -31.87
C LYS J 83 -7.72 -1.73 -31.72
N VAL J 84 -6.69 -1.48 -32.50
CA VAL J 84 -6.04 -0.17 -32.53
C VAL J 84 -7.01 0.92 -32.96
N ASP J 85 -7.67 0.71 -34.10
CA ASP J 85 -8.59 1.71 -34.63
C ASP J 85 -9.76 1.98 -33.70
N ASP J 86 -10.25 0.93 -33.05
CA ASP J 86 -11.37 1.05 -32.12
C ASP J 86 -10.95 1.61 -30.77
N GLY J 87 -9.71 1.35 -30.38
CA GLY J 87 -9.16 1.88 -29.15
C GLY J 87 -9.08 3.39 -29.23
N PHE J 88 -8.54 3.89 -30.34
CA PHE J 88 -8.45 5.32 -30.58
C PHE J 88 -9.84 5.92 -30.69
N LEU J 89 -10.77 5.14 -31.22
CA LEU J 89 -12.14 5.60 -31.43
C LEU J 89 -12.88 5.83 -30.12
N ASP J 90 -12.73 4.90 -29.19
CA ASP J 90 -13.37 5.02 -27.88
C ASP J 90 -12.73 6.14 -27.07
N ILE J 91 -11.40 6.22 -27.14
CA ILE J 91 -10.67 7.26 -26.43
C ILE J 91 -11.07 8.65 -26.87
N TRP J 92 -11.00 8.90 -28.18
CA TRP J 92 -11.33 10.20 -28.72
C TRP J 92 -12.80 10.57 -28.53
N THR J 93 -13.68 9.59 -28.62
CA THR J 93 -15.10 9.84 -28.47
C THR J 93 -15.45 10.23 -27.04
N TYR J 94 -14.82 9.56 -26.08
CA TYR J 94 -15.09 9.79 -24.67
C TYR J 94 -14.51 11.13 -24.22
N ASN J 95 -13.29 11.43 -24.68
CA ASN J 95 -12.66 12.69 -24.32
C ASN J 95 -13.28 13.89 -25.03
N ALA J 96 -13.62 13.74 -26.31
CA ALA J 96 -14.25 14.82 -27.05
C ALA J 96 -15.62 15.15 -26.47
N GLU J 97 -16.38 14.10 -26.17
CA GLU J 97 -17.72 14.26 -25.61
C GLU J 97 -17.66 14.84 -24.20
N LEU J 98 -16.76 14.31 -23.39
CA LEU J 98 -16.58 14.81 -22.02
C LEU J 98 -16.04 16.24 -22.02
N LEU J 99 -15.18 16.55 -22.99
CA LEU J 99 -14.58 17.87 -23.09
C LEU J 99 -15.65 18.94 -23.25
N VAL J 100 -16.58 18.70 -24.18
CA VAL J 100 -17.64 19.67 -24.44
C VAL J 100 -18.54 19.87 -23.21
N LEU J 101 -18.90 18.78 -22.55
CA LEU J 101 -19.73 18.87 -21.35
C LEU J 101 -19.06 19.70 -20.26
N LEU J 102 -17.80 19.40 -19.99
CA LEU J 102 -17.08 20.07 -18.92
C LEU J 102 -16.83 21.55 -19.21
N GLU J 103 -16.30 21.84 -20.40
CA GLU J 103 -15.99 23.21 -20.77
C GLU J 103 -17.24 24.06 -21.03
N ASN J 104 -18.37 23.40 -21.29
CA ASN J 104 -19.64 24.11 -21.41
C ASN J 104 -20.10 24.59 -20.04
N GLU J 105 -19.83 23.78 -19.02
CA GLU J 105 -20.19 24.14 -17.66
C GLU J 105 -19.35 25.31 -17.18
N ARG J 106 -18.06 25.28 -17.51
CA ARG J 106 -17.14 26.32 -17.08
C ARG J 106 -17.36 27.62 -17.85
N THR J 107 -17.74 27.51 -19.12
CA THR J 107 -18.06 28.68 -19.91
C THR J 107 -19.24 29.44 -19.33
N LEU J 108 -20.30 28.71 -18.97
CA LEU J 108 -21.46 29.33 -18.36
C LEU J 108 -21.10 29.92 -16.99
N ASP J 109 -20.31 29.19 -16.22
CA ASP J 109 -19.84 29.67 -14.93
C ASP J 109 -19.03 30.95 -15.12
N TYR J 110 -18.37 31.06 -16.27
CA TYR J 110 -17.53 32.21 -16.59
C TYR J 110 -18.34 33.47 -16.83
N HIS J 111 -19.43 33.33 -17.61
CA HIS J 111 -20.32 34.45 -17.87
C HIS J 111 -21.01 34.89 -16.58
N ASP J 112 -21.40 33.90 -15.78
CA ASP J 112 -22.03 34.16 -14.50
C ASP J 112 -21.11 35.00 -13.60
N SER J 113 -19.85 34.57 -13.51
CA SER J 113 -18.86 35.29 -12.73
C SER J 113 -18.70 36.73 -13.22
N ASN J 114 -18.66 36.92 -14.52
CA ASN J 114 -18.48 38.25 -15.10
C ASN J 114 -19.63 39.20 -14.74
N VAL J 115 -20.82 38.64 -14.54
CA VAL J 115 -21.97 39.41 -14.14
C VAL J 115 -21.94 39.73 -12.65
N LYS J 116 -21.66 38.71 -11.84
CA LYS J 116 -21.55 38.90 -10.39
C LYS J 116 -20.48 39.93 -10.08
N ASN J 117 -19.36 39.86 -10.80
CA ASN J 117 -18.29 40.83 -10.62
C ASN J 117 -18.79 42.24 -10.93
N LEU J 118 -19.62 42.34 -11.96
CA LEU J 118 -20.19 43.62 -12.37
C LEU J 118 -21.14 44.15 -11.30
N TYR J 119 -22.11 43.32 -10.92
CA TYR J 119 -23.07 43.66 -9.89
C TYR J 119 -22.40 44.08 -8.58
N GLU J 120 -21.37 43.35 -8.17
CA GLU J 120 -20.67 43.62 -6.92
C GLU J 120 -19.85 44.91 -7.00
N LYS J 121 -19.39 45.24 -8.20
CA LYS J 121 -18.56 46.42 -8.41
C LYS J 121 -19.39 47.70 -8.20
N VAL J 122 -20.67 47.61 -8.52
CA VAL J 122 -21.59 48.72 -8.27
C VAL J 122 -21.96 48.78 -6.80
N ARG J 123 -22.27 47.61 -6.23
CA ARG J 123 -22.70 47.50 -4.84
C ARG J 123 -21.68 48.11 -3.87
N SER J 124 -20.41 47.86 -4.12
CA SER J 124 -19.34 48.33 -3.24
C SER J 124 -19.12 49.84 -3.35
N GLN J 125 -19.61 50.43 -4.44
CA GLN J 125 -19.49 51.88 -4.63
C GLN J 125 -20.61 52.64 -3.93
N LEU J 126 -21.83 52.17 -4.11
CA LEU J 126 -23.01 52.87 -3.63
C LEU J 126 -23.21 52.72 -2.12
N LYS J 127 -22.94 51.52 -1.61
CA LYS J 127 -23.13 51.21 -0.20
C LYS J 127 -24.56 51.51 0.25
N ASN J 128 -24.73 52.54 1.08
CA ASN J 128 -26.04 52.87 1.64
C ASN J 128 -26.74 54.01 0.92
N ASN J 129 -26.05 54.66 0.00
CA ASN J 129 -26.64 55.72 -0.82
C ASN J 129 -27.69 55.18 -1.77
N ALA J 130 -27.90 53.86 -1.72
CA ALA J 130 -28.88 53.20 -2.58
C ALA J 130 -29.42 51.94 -1.92
N LYS J 131 -30.45 51.35 -2.53
CA LYS J 131 -31.10 50.17 -1.97
C LYS J 131 -31.01 48.99 -2.93
N GLU J 132 -30.67 47.82 -2.39
CA GLU J 132 -30.71 46.57 -3.16
C GLU J 132 -32.12 45.99 -3.12
N ILE J 133 -32.85 46.16 -4.22
CA ILE J 133 -34.23 45.70 -4.29
C ILE J 133 -34.32 44.27 -4.82
N GLY J 134 -33.17 43.70 -5.17
CA GLY J 134 -33.12 42.36 -5.72
C GLY J 134 -33.16 42.36 -7.24
N ASN J 135 -33.26 41.17 -7.81
CA ASN J 135 -33.26 41.00 -9.26
C ASN J 135 -32.22 41.85 -10.00
N GLY J 136 -31.13 42.18 -9.30
CA GLY J 136 -30.01 42.87 -9.93
C GLY J 136 -30.12 44.38 -10.00
N CYS J 137 -31.18 44.93 -9.42
CA CYS J 137 -31.41 46.37 -9.50
C CYS J 137 -31.02 47.15 -8.24
N PHE J 138 -30.57 48.38 -8.44
CA PHE J 138 -30.23 49.27 -7.35
C PHE J 138 -31.08 50.55 -7.43
N GLU J 139 -31.81 50.84 -6.37
CA GLU J 139 -32.61 52.06 -6.32
C GLU J 139 -31.90 53.15 -5.51
N PHE J 140 -31.58 54.26 -6.16
CA PHE J 140 -30.83 55.34 -5.52
C PHE J 140 -31.66 56.10 -4.49
N TYR J 141 -31.09 56.32 -3.32
CA TYR J 141 -31.72 57.12 -2.27
C TYR J 141 -31.54 58.61 -2.56
N HIS J 142 -31.10 58.91 -3.79
CA HIS J 142 -30.92 60.29 -4.21
C HIS J 142 -31.01 60.44 -5.73
N LYS J 143 -30.87 61.67 -6.21
CA LYS J 143 -30.96 61.96 -7.64
C LYS J 143 -29.70 61.56 -8.40
N CYS J 144 -29.87 60.92 -9.55
CA CYS J 144 -28.74 60.40 -10.31
C CYS J 144 -28.89 60.64 -11.81
N ASP J 145 -28.35 61.74 -12.30
CA ASP J 145 -28.41 62.07 -13.72
C ASP J 145 -27.46 61.19 -14.53
N ASN J 146 -27.46 61.39 -15.85
CA ASN J 146 -26.61 60.61 -16.73
C ASN J 146 -25.16 60.49 -16.26
N THR J 147 -24.53 61.63 -15.98
CA THR J 147 -23.12 61.64 -15.58
C THR J 147 -22.91 60.92 -14.25
N CYS J 148 -23.95 60.87 -13.43
CA CYS J 148 -23.90 60.13 -12.19
C CYS J 148 -23.86 58.63 -12.47
N MET J 149 -24.76 58.17 -13.34
CA MET J 149 -24.80 56.78 -13.77
C MET J 149 -23.47 56.40 -14.40
N GLU J 150 -22.96 57.29 -15.25
CA GLU J 150 -21.72 57.07 -15.98
C GLU J 150 -20.57 56.72 -15.03
N SER J 151 -20.48 57.45 -13.93
CA SER J 151 -19.38 57.23 -12.97
C SER J 151 -19.52 55.89 -12.24
N VAL J 152 -20.76 55.44 -12.07
CA VAL J 152 -21.00 54.16 -11.41
C VAL J 152 -20.52 53.01 -12.28
N LYS J 153 -20.81 53.11 -13.58
CA LYS J 153 -20.37 52.11 -14.54
C LYS J 153 -18.88 52.26 -14.79
N ASN J 154 -18.30 53.36 -14.33
CA ASN J 154 -16.89 53.65 -14.56
C ASN J 154 -16.04 53.46 -13.31
N GLY J 155 -16.68 53.13 -12.20
CA GLY J 155 -15.99 52.87 -10.95
C GLY J 155 -15.45 54.13 -10.30
N THR J 156 -16.05 55.26 -10.63
CA THR J 156 -15.64 56.55 -10.08
C THR J 156 -16.81 57.30 -9.47
N TYR J 157 -17.77 56.56 -8.92
CA TYR J 157 -18.92 57.16 -8.24
C TYR J 157 -18.49 57.87 -6.97
N ASP J 158 -18.94 59.11 -6.81
CA ASP J 158 -18.55 59.93 -5.66
C ASP J 158 -19.54 59.81 -4.51
N TYR J 159 -19.18 59.03 -3.49
CA TYR J 159 -20.07 58.77 -2.36
C TYR J 159 -20.42 60.01 -1.53
N PRO J 160 -19.39 60.72 -1.00
CA PRO J 160 -19.66 61.89 -0.17
C PRO J 160 -20.44 62.97 -0.93
N LYS J 161 -20.23 63.00 -2.24
CA LYS J 161 -20.90 63.98 -3.11
C LYS J 161 -22.42 63.94 -2.90
N TYR J 162 -22.94 62.74 -2.69
CA TYR J 162 -24.39 62.57 -2.55
C TYR J 162 -24.75 62.03 -1.17
N SER J 163 -23.74 61.86 -0.31
CA SER J 163 -23.94 61.33 1.04
C SER J 163 -25.13 61.98 1.74
N GLU J 164 -25.05 63.30 1.89
CA GLU J 164 -26.09 64.04 2.59
C GLU J 164 -27.49 63.77 2.04
N GLU J 165 -27.67 64.03 0.75
CA GLU J 165 -28.99 63.87 0.13
C GLU J 165 -29.52 62.46 0.33
N ALA J 166 -28.65 61.47 0.17
CA ALA J 166 -29.02 60.07 0.32
C ALA J 166 -29.46 59.77 1.75
N LYS J 167 -28.69 60.27 2.71
CA LYS J 167 -28.93 60.01 4.12
C LYS J 167 -30.29 60.56 4.58
N LEU J 168 -30.70 61.66 3.99
CA LEU J 168 -31.95 62.32 4.37
C LEU J 168 -33.16 61.54 3.89
N ASN J 169 -33.02 60.87 2.75
CA ASN J 169 -34.10 60.05 2.21
C ASN J 169 -34.11 58.66 2.83
N ARG J 170 -32.97 58.25 3.36
CA ARG J 170 -32.85 56.98 4.08
C ARG J 170 -33.67 57.02 5.37
N PRO K 1 -8.10 61.01 8.88
CA PRO K 1 -6.96 60.09 8.77
C PRO K 1 -7.40 58.64 8.93
N GLY K 2 -6.92 57.98 9.98
CA GLY K 2 -7.36 56.63 10.28
C GLY K 2 -6.36 55.54 9.96
N ASP K 3 -6.20 54.61 10.90
CA ASP K 3 -5.36 53.44 10.70
C ASP K 3 -5.93 52.55 9.60
N THR K 4 -5.07 51.96 8.78
CA THR K 4 -5.52 51.13 7.67
C THR K 4 -4.93 49.72 7.68
N LEU K 5 -5.77 48.74 7.40
CA LEU K 5 -5.33 47.37 7.18
C LEU K 5 -5.70 46.95 5.77
N CYS K 6 -4.72 46.52 4.99
CA CYS K 6 -4.96 46.16 3.61
C CYS K 6 -4.68 44.68 3.36
N ILE K 7 -5.43 44.09 2.44
CA ILE K 7 -5.24 42.69 2.05
C ILE K 7 -4.68 42.60 0.64
N GLY K 8 -3.54 41.94 0.49
CA GLY K 8 -2.90 41.82 -0.81
C GLY K 8 -2.33 40.44 -1.08
N TYR K 9 -1.55 40.34 -2.15
CA TYR K 9 -0.96 39.07 -2.56
C TYR K 9 0.47 39.23 -3.05
N HIS K 10 1.24 38.15 -2.98
CA HIS K 10 2.66 38.14 -3.31
C HIS K 10 2.96 38.60 -4.74
N ALA K 11 4.13 39.19 -4.91
CA ALA K 11 4.62 39.55 -6.23
C ALA K 11 6.15 39.50 -6.18
N ASN K 12 6.77 39.19 -7.31
CA ASN K 12 8.22 39.06 -7.35
C ASN K 12 8.84 39.36 -8.70
N ASN K 13 10.14 39.09 -8.82
CA ASN K 13 10.90 39.43 -10.02
C ASN K 13 10.84 38.35 -11.08
N SER K 14 9.98 37.35 -10.88
CA SER K 14 9.84 36.24 -11.82
C SER K 14 9.38 36.70 -13.20
N THR K 15 9.78 35.95 -14.22
CA THR K 15 9.36 36.22 -15.59
C THR K 15 8.71 34.98 -16.20
N ASP K 16 8.52 33.94 -15.38
CA ASP K 16 7.87 32.72 -15.82
C ASP K 16 6.47 33.02 -16.33
N THR K 17 6.16 32.53 -17.53
CA THR K 17 4.82 32.69 -18.08
C THR K 17 4.18 31.33 -18.35
N VAL K 18 2.86 31.27 -18.29
CA VAL K 18 2.12 30.06 -18.60
C VAL K 18 0.96 30.40 -19.53
N ASP K 19 0.34 29.39 -20.10
CA ASP K 19 -0.85 29.60 -20.92
C ASP K 19 -2.08 28.98 -20.24
N THR K 20 -3.18 29.71 -20.25
CA THR K 20 -4.44 29.17 -19.78
C THR K 20 -5.39 29.13 -20.96
N VAL K 21 -6.45 28.33 -20.85
CA VAL K 21 -7.41 28.20 -21.93
C VAL K 21 -8.02 29.57 -22.27
N LEU K 22 -7.87 30.52 -21.37
CA LEU K 22 -8.45 31.85 -21.53
C LEU K 22 -7.44 32.90 -22.01
N GLU K 23 -6.18 32.76 -21.61
CA GLU K 23 -5.18 33.78 -21.89
C GLU K 23 -3.78 33.22 -22.10
N LYS K 24 -3.04 33.82 -23.04
CA LYS K 24 -1.69 33.36 -23.34
C LYS K 24 -0.61 34.20 -22.66
N ASN K 25 0.52 33.57 -22.37
CA ASN K 25 1.67 34.24 -21.74
C ASN K 25 1.31 35.04 -20.49
N VAL K 26 0.76 34.35 -19.50
CA VAL K 26 0.45 34.97 -18.21
C VAL K 26 1.62 34.80 -17.26
N THR K 27 2.28 35.91 -16.92
CA THR K 27 3.40 35.87 -15.98
C THR K 27 2.89 35.50 -14.59
N VAL K 28 3.57 34.53 -13.96
CA VAL K 28 3.17 34.06 -12.65
C VAL K 28 4.34 34.11 -11.68
N THR K 29 4.02 34.03 -10.39
CA THR K 29 5.03 34.13 -9.35
C THR K 29 5.86 32.86 -9.23
N HIS K 30 5.20 31.71 -9.37
CA HIS K 30 5.91 30.43 -9.30
C HIS K 30 5.30 29.43 -10.28
N SER K 31 6.15 28.63 -10.90
CA SER K 31 5.70 27.62 -11.86
C SER K 31 6.55 26.36 -11.81
N VAL K 32 6.16 25.37 -12.59
CA VAL K 32 6.89 24.12 -12.70
C VAL K 32 6.64 23.49 -14.06
N ASN K 33 7.64 22.78 -14.58
CA ASN K 33 7.51 22.14 -15.89
C ASN K 33 7.16 20.66 -15.77
N LEU K 34 6.11 20.26 -16.48
CA LEU K 34 5.71 18.86 -16.53
C LEU K 34 6.46 18.13 -17.64
N LEU K 35 7.03 18.91 -18.55
CA LEU K 35 7.67 18.35 -19.73
C LEU K 35 9.17 18.20 -19.55
N GLU K 36 9.62 16.98 -19.33
CA GLU K 36 11.06 16.70 -19.29
C GLU K 36 11.65 16.88 -20.68
N ASP K 37 12.71 17.68 -20.77
CA ASP K 37 13.30 18.01 -22.06
C ASP K 37 14.81 17.91 -22.04
N LYS K 38 15.34 17.16 -21.07
CA LYS K 38 16.78 17.00 -20.93
C LYS K 38 17.19 15.56 -20.69
N HIS K 39 18.29 15.14 -21.32
CA HIS K 39 18.83 13.80 -21.13
C HIS K 39 20.33 13.86 -20.89
N ASN K 40 20.85 12.87 -20.17
CA ASN K 40 22.28 12.83 -19.86
C ASN K 40 23.15 12.41 -21.05
N GLY K 41 22.53 12.22 -22.20
CA GLY K 41 23.25 11.85 -23.41
C GLY K 41 24.13 10.63 -23.25
N LYS K 42 23.68 9.69 -22.41
CA LYS K 42 24.44 8.48 -22.17
C LYS K 42 23.56 7.24 -22.33
N LEU K 43 24.18 6.12 -22.72
CA LEU K 43 23.51 4.83 -22.69
C LEU K 43 23.84 4.15 -21.36
N CYS K 44 22.87 4.07 -20.47
CA CYS K 44 23.12 3.63 -19.10
C CYS K 44 22.58 2.24 -18.81
N LYS K 45 22.74 1.81 -17.57
CA LYS K 45 22.19 0.53 -17.13
C LYS K 45 20.69 0.66 -17.00
N LEU K 46 19.97 -0.40 -17.37
CA LEU K 46 18.52 -0.40 -17.23
C LEU K 46 18.14 -1.34 -16.09
N ARG K 47 17.39 -0.82 -15.12
CA ARG K 47 17.11 -1.53 -13.89
C ARG K 47 18.38 -2.14 -13.28
N GLY K 48 19.48 -1.39 -13.34
CA GLY K 48 20.73 -1.83 -12.74
C GLY K 48 21.61 -2.71 -13.61
N VAL K 49 21.07 -3.20 -14.72
CA VAL K 49 21.81 -4.10 -15.60
C VAL K 49 22.37 -3.38 -16.83
N ALA K 50 23.66 -3.59 -17.11
CA ALA K 50 24.29 -2.94 -18.25
C ALA K 50 23.83 -3.58 -19.56
N PRO K 51 23.72 -2.77 -20.63
CA PRO K 51 23.36 -3.29 -21.95
C PRO K 51 24.51 -4.08 -22.55
N LEU K 52 24.24 -4.77 -23.65
CA LEU K 52 25.28 -5.48 -24.38
C LEU K 52 25.67 -4.67 -25.61
N HIS K 53 26.90 -4.17 -25.62
CA HIS K 53 27.37 -3.38 -26.74
C HIS K 53 28.19 -4.24 -27.69
N LEU K 54 27.73 -4.34 -28.93
CA LEU K 54 28.33 -5.25 -29.90
C LEU K 54 29.53 -4.65 -30.61
N GLY K 55 30.03 -3.53 -30.07
CA GLY K 55 31.13 -2.83 -30.69
C GLY K 55 30.73 -2.34 -32.07
N LYS K 56 31.44 -2.82 -33.09
CA LYS K 56 31.15 -2.42 -34.46
C LYS K 56 30.48 -3.55 -35.24
N CYS K 57 30.10 -4.60 -34.53
CA CYS K 57 29.45 -5.76 -35.13
C CYS K 57 27.93 -5.67 -34.95
N ASN K 58 27.20 -6.49 -35.71
CA ASN K 58 25.77 -6.65 -35.49
C ASN K 58 25.49 -7.99 -34.82
N ILE K 59 24.24 -8.21 -34.40
CA ILE K 59 23.88 -9.42 -33.68
C ILE K 59 24.23 -10.69 -34.46
N ALA K 60 24.04 -10.65 -35.78
CA ALA K 60 24.37 -11.78 -36.64
C ALA K 60 25.83 -12.18 -36.50
N GLY K 61 26.72 -11.21 -36.77
CA GLY K 61 28.15 -11.44 -36.64
C GLY K 61 28.56 -11.87 -35.25
N TRP K 62 27.90 -11.31 -34.24
CA TRP K 62 28.22 -11.62 -32.86
C TRP K 62 27.81 -13.04 -32.47
N ILE K 63 26.57 -13.40 -32.78
CA ILE K 63 26.03 -14.69 -32.38
C ILE K 63 26.56 -15.84 -33.23
N LEU K 64 26.98 -15.55 -34.46
CA LEU K 64 27.56 -16.56 -35.33
C LEU K 64 29.03 -16.78 -35.03
N GLY K 65 29.69 -15.76 -34.50
CA GLY K 65 31.10 -15.85 -34.17
C GLY K 65 31.98 -15.37 -35.31
N ASN K 66 31.56 -14.29 -35.97
CA ASN K 66 32.35 -13.67 -37.02
C ASN K 66 33.76 -13.40 -36.49
N PRO K 67 34.77 -13.84 -37.25
CA PRO K 67 36.18 -13.72 -36.86
C PRO K 67 36.58 -12.30 -36.46
N GLU K 68 35.85 -11.30 -36.93
CA GLU K 68 36.15 -9.91 -36.59
C GLU K 68 35.36 -9.41 -35.38
N CYS K 69 34.47 -10.25 -34.85
CA CYS K 69 33.67 -9.86 -33.68
C CYS K 69 34.14 -10.58 -32.43
N SER K 76 27.08 -12.17 -19.77
CA SER K 76 26.32 -13.12 -18.97
C SER K 76 24.86 -12.73 -18.80
N SER K 77 24.57 -11.44 -18.90
CA SER K 77 23.19 -10.95 -18.80
C SER K 77 23.15 -9.48 -19.20
N TRP K 78 22.10 -9.07 -19.90
CA TRP K 78 21.98 -7.69 -20.32
C TRP K 78 20.53 -7.21 -20.34
N SER K 79 20.36 -5.90 -20.14
CA SER K 79 19.03 -5.31 -20.07
C SER K 79 18.51 -4.96 -21.46
N TYR K 80 19.44 -4.68 -22.35
CA TYR K 80 19.11 -4.44 -23.75
C TYR K 80 20.38 -4.48 -24.60
N ILE K 81 20.24 -4.34 -25.92
CA ILE K 81 21.39 -4.43 -26.80
C ILE K 81 21.63 -3.14 -27.56
N VAL K 82 22.90 -2.81 -27.80
CA VAL K 82 23.26 -1.59 -28.51
C VAL K 82 24.12 -1.89 -29.73
N GLU K 83 23.64 -1.49 -30.91
CA GLU K 83 24.43 -1.58 -32.13
C GLU K 83 24.74 -0.18 -32.63
N THR K 84 25.87 -0.03 -33.33
CA THR K 84 26.22 1.24 -33.94
C THR K 84 25.65 1.30 -35.36
N PRO K 85 25.13 2.47 -35.74
CA PRO K 85 24.47 2.67 -37.04
C PRO K 85 25.37 2.27 -38.21
N SER K 86 26.67 2.19 -37.97
CA SER K 86 27.62 1.88 -39.03
C SER K 86 28.25 0.50 -38.84
N SER K 87 27.40 -0.50 -38.58
CA SER K 87 27.88 -1.86 -38.38
C SER K 87 27.38 -2.81 -39.47
N ASP K 88 28.19 -2.98 -40.51
CA ASP K 88 27.84 -3.88 -41.61
C ASP K 88 28.34 -5.30 -41.33
N ASN K 89 29.18 -5.42 -40.32
CA ASN K 89 29.81 -6.70 -39.98
C ASN K 89 28.82 -7.71 -39.39
N GLY K 90 28.56 -8.79 -40.12
CA GLY K 90 27.64 -9.82 -39.67
C GLY K 90 27.86 -11.14 -40.39
N THR K 91 27.00 -11.41 -41.35
CA THR K 91 27.10 -12.63 -42.13
C THR K 91 28.08 -12.43 -43.29
N CYS K 92 29.33 -12.82 -43.06
CA CYS K 92 30.37 -12.66 -44.07
C CYS K 92 30.09 -13.48 -45.33
N TYR K 93 29.69 -14.73 -45.16
CA TYR K 93 29.29 -15.55 -46.29
C TYR K 93 27.84 -15.21 -46.66
N PRO K 94 27.63 -14.73 -47.89
CA PRO K 94 26.32 -14.23 -48.33
C PRO K 94 25.24 -15.30 -48.27
N GLY K 95 24.05 -14.90 -47.82
CA GLY K 95 22.92 -15.80 -47.70
C GLY K 95 21.80 -15.16 -46.92
N ASP K 96 20.79 -15.95 -46.56
CA ASP K 96 19.68 -15.42 -45.79
C ASP K 96 19.73 -15.90 -44.34
N PHE K 97 19.49 -14.98 -43.41
CA PHE K 97 19.40 -15.31 -42.00
C PHE K 97 17.92 -15.45 -41.64
N ILE K 98 17.46 -16.69 -41.62
CA ILE K 98 16.04 -16.98 -41.44
C ILE K 98 15.51 -16.50 -40.09
N ASP K 99 14.39 -15.78 -40.14
CA ASP K 99 13.78 -15.21 -38.94
C ASP K 99 14.82 -14.49 -38.09
N TYR K 100 15.49 -13.54 -38.72
CA TYR K 100 16.58 -12.81 -38.10
C TYR K 100 16.08 -11.73 -37.14
N GLU K 101 15.09 -10.97 -37.59
CA GLU K 101 14.47 -9.96 -36.73
C GLU K 101 13.90 -10.60 -35.47
N GLU K 102 13.41 -11.83 -35.59
CA GLU K 102 12.83 -12.54 -34.45
C GLU K 102 13.90 -12.96 -33.45
N LEU K 103 15.06 -13.39 -33.96
CA LEU K 103 16.16 -13.78 -33.08
C LEU K 103 16.69 -12.61 -32.29
N ARG K 104 16.87 -11.47 -32.96
CA ARG K 104 17.32 -10.25 -32.31
C ARG K 104 16.36 -9.86 -31.19
N GLU K 105 15.06 -9.97 -31.47
CA GLU K 105 14.03 -9.60 -30.50
C GLU K 105 14.11 -10.44 -29.23
N GLN K 106 14.44 -11.72 -29.41
CA GLN K 106 14.44 -12.66 -28.30
C GLN K 106 15.78 -12.68 -27.56
N LEU K 107 16.77 -11.99 -28.12
CA LEU K 107 18.07 -11.87 -27.47
C LEU K 107 18.27 -10.47 -26.90
N SER K 108 17.27 -9.61 -27.07
CA SER K 108 17.37 -8.22 -26.63
C SER K 108 17.58 -8.10 -25.13
N SER K 109 17.04 -9.05 -24.37
CA SER K 109 17.21 -9.04 -22.92
C SER K 109 17.36 -10.46 -22.39
N VAL K 110 18.38 -10.68 -21.56
CA VAL K 110 18.69 -12.01 -21.08
C VAL K 110 19.15 -12.00 -19.63
N SER K 111 18.61 -12.92 -18.84
CA SER K 111 18.98 -13.06 -17.44
C SER K 111 20.21 -13.92 -17.26
N SER K 112 20.31 -14.97 -18.08
CA SER K 112 21.45 -15.88 -18.02
C SER K 112 21.85 -16.30 -19.43
N PHE K 113 23.15 -16.41 -19.67
CA PHE K 113 23.65 -16.63 -21.02
C PHE K 113 25.04 -17.25 -20.97
N GLU K 114 25.21 -18.39 -21.64
CA GLU K 114 26.50 -19.07 -21.65
C GLU K 114 26.80 -19.73 -22.99
N ARG K 115 27.97 -19.45 -23.53
CA ARG K 115 28.45 -20.10 -24.74
C ARG K 115 29.18 -21.39 -24.36
N PHE K 116 28.68 -22.52 -24.83
CA PHE K 116 29.31 -23.80 -24.54
C PHE K 116 29.41 -24.63 -25.82
N GLU K 117 30.46 -25.46 -25.91
CA GLU K 117 30.69 -26.28 -27.09
C GLU K 117 29.72 -27.45 -27.12
N ILE K 118 28.64 -27.30 -27.88
CA ILE K 118 27.60 -28.32 -27.98
C ILE K 118 28.12 -29.55 -28.72
N PHE K 119 28.97 -29.31 -29.72
CA PHE K 119 29.55 -30.39 -30.51
C PHE K 119 31.06 -30.21 -30.61
N PRO K 120 31.80 -30.66 -29.59
CA PRO K 120 33.25 -30.55 -29.48
C PRO K 120 33.96 -30.91 -30.79
N LYS K 121 34.83 -30.02 -31.25
CA LYS K 121 35.48 -30.17 -32.55
C LYS K 121 36.40 -31.38 -32.63
N THR K 122 36.99 -31.76 -31.50
CA THR K 122 38.01 -32.81 -31.49
C THR K 122 37.44 -34.21 -31.64
N SER K 123 36.21 -34.43 -31.18
CA SER K 123 35.66 -35.78 -31.12
C SER K 123 34.39 -35.98 -31.93
N SER K 124 33.76 -34.89 -32.35
CA SER K 124 32.43 -34.97 -32.93
C SER K 124 32.39 -35.57 -34.34
N TRP K 125 33.41 -35.29 -35.14
CA TRP K 125 33.37 -35.66 -36.54
C TRP K 125 34.60 -36.45 -37.00
N PRO K 126 34.69 -37.72 -36.57
CA PRO K 126 35.80 -38.60 -36.95
C PRO K 126 35.76 -39.00 -38.43
N ASN K 127 34.56 -39.00 -39.01
CA ASN K 127 34.40 -39.42 -40.40
C ASN K 127 34.28 -38.25 -41.37
N HIS K 128 34.57 -37.05 -40.89
CA HIS K 128 34.49 -35.85 -41.73
C HIS K 128 35.63 -34.89 -41.43
N ASP K 129 35.94 -34.04 -42.40
CA ASP K 129 37.01 -33.06 -42.25
C ASP K 129 36.47 -31.75 -41.72
N SER K 130 37.09 -31.23 -40.66
CA SER K 130 36.65 -30.00 -40.03
C SER K 130 37.77 -28.97 -39.95
N ASN K 131 38.72 -29.04 -40.87
CA ASN K 131 39.84 -28.09 -40.89
C ASN K 131 39.90 -27.26 -42.18
N LYS K 132 39.26 -27.76 -43.24
CA LYS K 132 39.32 -27.09 -44.53
C LYS K 132 38.18 -26.09 -44.74
N GLY K 133 37.35 -25.92 -43.71
CA GLY K 133 36.14 -25.13 -43.84
C GLY K 133 36.31 -23.62 -43.68
N VAL K 134 37.22 -23.04 -44.44
CA VAL K 134 37.43 -21.59 -44.40
C VAL K 134 37.20 -20.96 -45.76
N THR K 135 36.93 -19.65 -45.76
CA THR K 135 36.57 -18.97 -46.99
C THR K 135 37.17 -17.58 -47.07
N ALA K 136 37.25 -17.05 -48.29
CA ALA K 136 37.77 -15.71 -48.51
C ALA K 136 36.68 -14.67 -48.24
N ALA K 137 35.45 -15.12 -48.10
CA ALA K 137 34.34 -14.23 -47.80
C ALA K 137 34.39 -13.82 -46.34
N CYS K 138 34.98 -14.67 -45.51
CA CYS K 138 35.15 -14.37 -44.09
C CYS K 138 36.62 -14.31 -43.74
N PRO K 139 37.31 -13.26 -44.22
CA PRO K 139 38.76 -13.12 -44.01
C PRO K 139 39.11 -12.66 -42.61
N HIS K 140 40.37 -12.81 -42.23
CA HIS K 140 40.84 -12.41 -40.92
C HIS K 140 42.37 -12.46 -40.85
N ALA K 141 42.98 -11.28 -40.82
CA ALA K 141 44.44 -11.17 -40.77
C ALA K 141 45.11 -11.79 -41.99
N GLY K 142 44.61 -11.44 -43.18
CA GLY K 142 45.22 -11.88 -44.42
C GLY K 142 44.92 -13.31 -44.82
N ALA K 143 44.34 -14.08 -43.91
CA ALA K 143 44.04 -15.49 -44.18
C ALA K 143 42.55 -15.76 -44.30
N LYS K 144 42.21 -16.86 -44.94
CA LYS K 144 40.81 -17.29 -45.04
C LYS K 144 40.37 -17.90 -43.72
N SER K 145 39.17 -17.56 -43.28
CA SER K 145 38.66 -18.05 -42.01
C SER K 145 37.17 -18.36 -42.08
N PHE K 146 36.55 -18.47 -40.91
CA PHE K 146 35.14 -18.83 -40.83
C PHE K 146 34.59 -18.51 -39.44
N TYR K 147 33.29 -18.65 -39.27
CA TYR K 147 32.64 -18.39 -37.98
C TYR K 147 33.21 -19.26 -36.87
N LYS K 148 33.25 -18.72 -35.66
CA LYS K 148 33.81 -19.43 -34.52
C LYS K 148 32.81 -20.41 -33.90
N ASN K 149 31.53 -20.15 -34.13
CA ASN K 149 30.48 -20.97 -33.51
C ASN K 149 29.97 -22.08 -34.41
N LEU K 150 30.41 -22.05 -35.68
CA LEU K 150 30.01 -23.06 -36.65
C LEU K 150 31.23 -23.74 -37.26
N ILE K 151 31.06 -24.98 -37.69
CA ILE K 151 32.12 -25.68 -38.40
C ILE K 151 31.64 -26.10 -39.80
N TRP K 152 32.36 -25.66 -40.82
CA TRP K 152 32.04 -26.00 -42.20
C TRP K 152 32.64 -27.36 -42.58
N LEU K 153 31.86 -28.42 -42.37
CA LEU K 153 32.33 -29.77 -42.67
C LEU K 153 32.41 -30.05 -44.16
N VAL K 154 33.47 -30.73 -44.58
CA VAL K 154 33.61 -31.18 -45.95
C VAL K 154 34.06 -32.64 -45.97
N LYS K 155 33.97 -33.27 -47.14
CA LYS K 155 34.32 -34.67 -47.29
C LYS K 155 35.73 -34.95 -46.78
N LYS K 156 35.92 -36.11 -46.20
CA LYS K 156 37.27 -36.55 -45.84
C LYS K 156 37.76 -37.55 -46.89
N GLY K 157 38.81 -37.17 -47.61
CA GLY K 157 39.38 -38.01 -48.64
C GLY K 157 38.36 -38.60 -49.59
N ASN K 158 37.75 -37.74 -50.41
CA ASN K 158 36.80 -38.18 -51.42
C ASN K 158 35.58 -38.93 -50.87
N SER K 159 35.33 -38.83 -49.57
CA SER K 159 34.21 -39.53 -48.95
C SER K 159 33.46 -38.70 -47.91
N TYR K 160 32.14 -38.62 -48.05
CA TYR K 160 31.31 -37.91 -47.09
C TYR K 160 30.16 -38.82 -46.65
N PRO K 161 30.41 -39.65 -45.64
CA PRO K 161 29.39 -40.58 -45.14
C PRO K 161 28.23 -39.82 -44.50
N LYS K 162 27.05 -40.43 -44.48
CA LYS K 162 25.92 -39.83 -43.79
C LYS K 162 26.28 -39.61 -42.34
N LEU K 163 26.00 -38.42 -41.82
CA LEU K 163 26.28 -38.13 -40.42
C LEU K 163 25.00 -38.01 -39.62
N SER K 164 25.06 -38.44 -38.37
CA SER K 164 23.91 -38.39 -37.48
C SER K 164 24.37 -38.02 -36.08
N LYS K 165 24.09 -36.78 -35.68
CA LYS K 165 24.54 -36.28 -34.39
C LYS K 165 23.36 -35.68 -33.62
N SER K 166 23.27 -36.00 -32.33
CA SER K 166 22.17 -35.50 -31.50
C SER K 166 22.69 -34.87 -30.21
N TYR K 167 21.88 -33.96 -29.66
CA TYR K 167 22.22 -33.29 -28.42
C TYR K 167 21.02 -33.24 -27.46
N ILE K 168 21.25 -33.65 -26.22
CA ILE K 168 20.22 -33.55 -25.19
C ILE K 168 20.50 -32.35 -24.28
N ASN K 169 19.56 -31.42 -24.24
CA ASN K 169 19.71 -30.23 -23.42
C ASN K 169 19.66 -30.57 -21.94
N ASP K 170 20.78 -30.39 -21.25
CA ASP K 170 20.86 -30.69 -19.82
C ASP K 170 21.22 -29.44 -19.04
N LYS K 171 21.12 -28.30 -19.71
CA LYS K 171 21.48 -27.01 -19.12
C LYS K 171 20.42 -26.47 -18.17
N GLY K 172 19.24 -27.09 -18.19
CA GLY K 172 18.16 -26.67 -17.31
C GLY K 172 17.55 -25.36 -17.77
N LYS K 173 17.68 -25.09 -19.07
CA LYS K 173 17.12 -23.89 -19.66
C LYS K 173 17.26 -23.94 -21.18
N GLU K 174 16.57 -23.02 -21.86
CA GLU K 174 16.62 -22.95 -23.31
C GLU K 174 18.04 -22.88 -23.87
N VAL K 175 18.27 -23.59 -24.97
CA VAL K 175 19.55 -23.57 -25.66
C VAL K 175 19.39 -23.14 -27.11
N LEU K 176 20.03 -22.04 -27.46
CA LEU K 176 20.00 -21.53 -28.83
C LEU K 176 20.98 -22.32 -29.70
N VAL K 177 20.46 -23.01 -30.70
CA VAL K 177 21.28 -23.79 -31.62
C VAL K 177 21.23 -23.16 -33.01
N LEU K 178 22.39 -22.76 -33.51
CA LEU K 178 22.50 -22.17 -34.84
C LEU K 178 23.26 -23.10 -35.77
N TRP K 179 22.89 -23.08 -37.05
CA TRP K 179 23.58 -23.88 -38.07
C TRP K 179 23.40 -23.25 -39.44
N GLY K 180 24.10 -23.78 -40.44
CA GLY K 180 24.01 -23.26 -41.78
C GLY K 180 23.87 -24.33 -42.85
N ILE K 181 23.21 -23.95 -43.95
CA ILE K 181 23.07 -24.83 -45.10
C ILE K 181 23.80 -24.21 -46.28
N HIS K 182 24.86 -24.86 -46.75
CA HIS K 182 25.63 -24.32 -47.86
C HIS K 182 25.10 -24.75 -49.21
N HIS K 183 24.96 -23.79 -50.11
CA HIS K 183 24.50 -24.05 -51.46
C HIS K 183 25.59 -23.66 -52.46
N PRO K 184 26.35 -24.65 -52.94
CA PRO K 184 27.38 -24.40 -53.96
C PRO K 184 26.77 -23.79 -55.21
N SER K 185 27.61 -23.23 -56.08
CA SER K 185 27.14 -22.60 -57.30
C SER K 185 27.21 -23.52 -58.51
N THR K 186 27.93 -24.64 -58.37
CA THR K 186 28.07 -25.60 -59.47
C THR K 186 28.04 -27.03 -58.95
N SER K 187 27.56 -27.95 -59.79
CA SER K 187 27.56 -29.36 -59.45
C SER K 187 28.97 -29.82 -59.11
N ALA K 188 29.96 -29.22 -59.76
CA ALA K 188 31.36 -29.54 -59.51
C ALA K 188 31.74 -29.19 -58.08
N ASP K 189 31.53 -27.93 -57.70
CA ASP K 189 31.83 -27.47 -56.36
C ASP K 189 31.10 -28.31 -55.32
N GLN K 190 29.92 -28.79 -55.68
CA GLN K 190 29.14 -29.64 -54.80
C GLN K 190 29.93 -30.88 -54.40
N GLN K 191 30.38 -31.64 -55.40
CA GLN K 191 31.10 -32.88 -55.14
C GLN K 191 32.54 -32.64 -54.72
N SER K 192 33.06 -31.46 -55.04
CA SER K 192 34.40 -31.08 -54.60
C SER K 192 34.41 -30.89 -53.09
N LEU K 193 33.25 -30.57 -52.54
CA LEU K 193 33.12 -30.31 -51.11
C LEU K 193 32.55 -31.52 -50.37
N TYR K 194 31.49 -32.11 -50.93
CA TYR K 194 30.75 -33.15 -50.22
C TYR K 194 30.71 -34.48 -50.99
N GLN K 195 31.17 -34.46 -52.23
CA GLN K 195 31.31 -35.69 -53.02
C GLN K 195 29.98 -36.23 -53.57
N ASN K 196 28.95 -36.21 -52.72
CA ASN K 196 27.72 -36.97 -53.01
C ASN K 196 26.80 -36.41 -54.09
N ALA K 197 27.02 -35.17 -54.51
CA ALA K 197 26.25 -34.58 -55.61
C ALA K 197 24.81 -34.26 -55.24
N ASP K 198 24.03 -35.29 -54.95
CA ASP K 198 22.65 -35.11 -54.50
C ASP K 198 22.54 -35.41 -53.01
N THR K 199 22.32 -34.37 -52.21
CA THR K 199 22.34 -34.52 -50.76
C THR K 199 21.10 -33.94 -50.08
N TYR K 200 21.04 -34.10 -48.76
CA TYR K 200 19.97 -33.53 -47.95
C TYR K 200 20.50 -33.25 -46.55
N VAL K 201 19.78 -32.40 -45.81
CA VAL K 201 20.10 -32.13 -44.42
C VAL K 201 18.82 -32.11 -43.59
N PHE K 202 18.86 -32.77 -42.44
CA PHE K 202 17.69 -32.83 -41.57
C PHE K 202 18.00 -32.37 -40.15
N VAL K 203 17.11 -31.55 -39.61
CA VAL K 203 17.24 -31.07 -38.24
C VAL K 203 15.87 -31.11 -37.56
N CYS K 204 15.76 -31.86 -36.47
CA CYS K 204 14.50 -31.95 -35.74
C CYS K 204 14.67 -32.16 -34.25
N SER K 205 13.88 -31.43 -33.48
CA SER K 205 13.81 -31.61 -32.04
C SER K 205 12.48 -32.28 -31.69
N SER K 206 11.75 -31.71 -30.74
CA SER K 206 10.40 -32.18 -30.45
C SER K 206 9.39 -31.16 -30.96
N ARG K 207 9.86 -29.95 -31.25
CA ARG K 207 9.00 -28.90 -31.75
C ARG K 207 9.43 -28.45 -33.15
N TYR K 208 10.73 -28.51 -33.40
CA TYR K 208 11.29 -28.07 -34.68
C TYR K 208 11.58 -29.27 -35.59
N SER K 209 11.29 -29.10 -36.88
CA SER K 209 11.57 -30.15 -37.85
C SER K 209 11.60 -29.57 -39.27
N LYS K 210 12.73 -29.70 -39.93
CA LYS K 210 12.90 -29.14 -41.27
C LYS K 210 13.92 -29.93 -42.10
N LYS K 211 13.62 -30.10 -43.37
CA LYS K 211 14.54 -30.80 -44.28
C LYS K 211 15.05 -29.82 -45.33
N PHE K 212 16.34 -29.86 -45.59
CA PHE K 212 16.97 -28.94 -46.53
C PHE K 212 17.61 -29.70 -47.69
N LYS K 213 17.55 -29.11 -48.88
CA LYS K 213 18.25 -29.65 -50.03
C LYS K 213 18.98 -28.51 -50.75
N PRO K 214 20.26 -28.74 -51.09
CA PRO K 214 21.09 -27.72 -51.73
C PRO K 214 20.42 -27.14 -52.97
N GLU K 215 20.45 -25.81 -53.08
CA GLU K 215 19.88 -25.12 -54.23
C GLU K 215 21.00 -24.51 -55.06
N ILE K 216 21.66 -25.38 -55.83
CA ILE K 216 22.84 -25.02 -56.61
C ILE K 216 22.52 -24.08 -57.77
N ALA K 217 23.25 -22.96 -57.83
CA ALA K 217 23.05 -21.98 -58.89
C ALA K 217 24.12 -20.90 -58.84
N ILE K 218 24.33 -20.21 -59.96
CA ILE K 218 25.28 -19.12 -60.02
C ILE K 218 24.61 -17.78 -59.71
N CYS K 219 24.78 -17.32 -58.48
CA CYS K 219 24.20 -16.05 -58.06
C CYS K 219 25.23 -14.93 -58.14
N PRO K 220 24.75 -13.68 -58.17
CA PRO K 220 25.65 -12.52 -58.23
C PRO K 220 26.71 -12.57 -57.14
N LYS K 221 27.95 -12.30 -57.49
CA LYS K 221 29.06 -12.33 -56.53
C LYS K 221 28.84 -11.37 -55.37
N VAL K 222 28.91 -11.91 -54.16
CA VAL K 222 28.91 -11.11 -52.94
C VAL K 222 30.10 -11.55 -52.08
N ARG K 223 31.04 -10.64 -51.87
CA ARG K 223 32.29 -10.97 -51.20
C ARG K 223 32.98 -12.13 -51.91
N ASP K 224 32.89 -12.11 -53.24
CA ASP K 224 33.57 -13.08 -54.10
C ASP K 224 32.95 -14.48 -54.02
N GLN K 225 31.67 -14.54 -53.68
CA GLN K 225 30.97 -15.82 -53.59
C GLN K 225 29.75 -15.84 -54.51
N GLU K 226 29.73 -16.78 -55.45
CA GLU K 226 28.60 -16.98 -56.33
C GLU K 226 27.64 -18.01 -55.73
N GLY K 227 28.10 -18.67 -54.68
CA GLY K 227 27.28 -19.60 -53.92
C GLY K 227 26.62 -18.88 -52.77
N ARG K 228 25.81 -19.60 -52.01
CA ARG K 228 25.11 -19.00 -50.87
C ARG K 228 25.13 -19.89 -49.64
N MET K 229 24.91 -19.29 -48.48
CA MET K 229 24.83 -20.01 -47.22
C MET K 229 23.71 -19.43 -46.36
N ASN K 230 22.69 -20.25 -46.09
CA ASN K 230 21.57 -19.80 -45.26
C ASN K 230 21.74 -20.21 -43.81
N TYR K 231 21.31 -19.35 -42.91
CA TYR K 231 21.51 -19.55 -41.48
C TYR K 231 20.20 -19.81 -40.73
N TYR K 232 20.20 -20.83 -39.89
CA TYR K 232 19.00 -21.24 -39.17
C TYR K 232 19.27 -21.38 -37.68
N TRP K 233 18.22 -21.28 -36.88
CA TRP K 233 18.34 -21.34 -35.42
C TRP K 233 17.04 -21.86 -34.81
N THR K 234 17.14 -22.40 -33.61
CA THR K 234 15.95 -22.84 -32.88
C THR K 234 16.26 -22.93 -31.39
N LEU K 235 15.22 -22.86 -30.57
CA LEU K 235 15.39 -22.89 -29.13
C LEU K 235 14.95 -24.23 -28.56
N VAL K 236 15.92 -25.06 -28.21
CA VAL K 236 15.65 -26.36 -27.62
C VAL K 236 15.24 -26.23 -26.16
N GLU K 237 14.06 -26.72 -25.82
CA GLU K 237 13.57 -26.70 -24.45
C GLU K 237 14.46 -27.58 -23.57
N PRO K 238 14.45 -27.32 -22.25
CA PRO K 238 15.30 -28.03 -21.29
C PRO K 238 15.44 -29.52 -21.58
N GLY K 239 14.40 -30.31 -21.30
CA GLY K 239 14.51 -31.75 -21.46
C GLY K 239 14.75 -32.22 -22.89
N ASP K 240 14.37 -31.39 -23.86
CA ASP K 240 14.30 -31.80 -25.26
C ASP K 240 15.63 -32.28 -25.85
N LYS K 241 15.56 -32.83 -27.06
CA LYS K 241 16.71 -33.38 -27.75
C LYS K 241 16.69 -32.96 -29.21
N ILE K 242 17.83 -32.49 -29.72
CA ILE K 242 17.92 -32.07 -31.12
C ILE K 242 18.82 -32.98 -31.95
N THR K 243 18.39 -33.27 -33.18
CA THR K 243 19.09 -34.20 -34.03
C THR K 243 19.52 -33.59 -35.36
N PHE K 244 20.75 -33.87 -35.76
CA PHE K 244 21.28 -33.43 -37.05
C PHE K 244 21.63 -34.62 -37.94
N GLU K 245 21.16 -34.57 -39.18
CA GLU K 245 21.44 -35.62 -40.14
C GLU K 245 21.77 -34.97 -41.48
N ALA K 246 22.78 -35.49 -42.17
CA ALA K 246 23.19 -34.91 -43.45
C ALA K 246 24.10 -35.82 -44.27
N THR K 247 24.05 -35.63 -45.59
CA THR K 247 24.99 -36.27 -46.49
C THR K 247 25.81 -35.20 -47.20
N GLY K 248 25.80 -34.00 -46.63
CA GLY K 248 26.58 -32.89 -47.14
C GLY K 248 25.94 -31.53 -46.90
N ASN K 249 26.70 -30.47 -47.13
CA ASN K 249 26.14 -29.11 -47.13
C ASN K 249 25.76 -28.58 -45.76
N LEU K 250 26.12 -29.29 -44.71
CA LEU K 250 25.76 -28.88 -43.34
C LEU K 250 26.88 -28.11 -42.64
N VAL K 251 26.62 -26.85 -42.32
CA VAL K 251 27.53 -26.08 -41.49
C VAL K 251 27.14 -26.35 -40.03
N VAL K 252 27.82 -27.31 -39.42
CA VAL K 252 27.43 -27.81 -38.10
C VAL K 252 27.64 -26.83 -36.95
N PRO K 253 26.80 -26.93 -35.92
CA PRO K 253 27.00 -26.15 -34.69
C PRO K 253 28.25 -26.62 -33.97
N ARG K 254 29.05 -25.68 -33.49
CA ARG K 254 30.17 -26.01 -32.61
C ARG K 254 29.89 -25.47 -31.22
N TYR K 255 29.61 -24.18 -31.16
CA TYR K 255 29.21 -23.55 -29.90
C TYR K 255 27.73 -23.19 -29.93
N ALA K 256 27.04 -23.43 -28.81
CA ALA K 256 25.66 -23.02 -28.65
C ALA K 256 25.52 -22.16 -27.41
N PHE K 257 24.32 -21.65 -27.16
CA PHE K 257 24.11 -20.72 -26.06
C PHE K 257 22.91 -21.10 -25.20
N ALA K 258 23.14 -21.32 -23.91
CA ALA K 258 22.07 -21.54 -22.95
C ALA K 258 21.62 -20.20 -22.38
N MET K 259 20.33 -20.03 -22.11
CA MET K 259 19.84 -18.72 -21.70
C MET K 259 18.45 -18.74 -21.08
N GLU K 260 18.17 -17.70 -20.29
CA GLU K 260 16.82 -17.43 -19.79
C GLU K 260 16.41 -16.07 -20.35
N ARG K 261 15.40 -16.05 -21.21
CA ARG K 261 15.02 -14.82 -21.89
C ARG K 261 14.05 -13.97 -21.07
N ASN K 262 14.31 -12.67 -21.04
CA ASN K 262 13.41 -11.72 -20.38
C ASN K 262 12.40 -11.15 -21.36
N ALA K 263 11.13 -11.27 -21.02
CA ALA K 263 10.05 -10.82 -21.89
C ALA K 263 10.38 -9.47 -22.53
N GLY K 264 10.43 -9.46 -23.86
CA GLY K 264 10.57 -8.26 -24.66
C GLY K 264 11.34 -7.08 -24.08
N SER K 265 12.55 -6.88 -24.57
CA SER K 265 13.28 -5.65 -24.35
C SER K 265 13.42 -4.96 -25.71
N GLY K 266 14.57 -4.32 -25.94
CA GLY K 266 14.78 -3.60 -27.17
C GLY K 266 16.21 -3.61 -27.69
N ILE K 267 16.38 -3.09 -28.90
CA ILE K 267 17.71 -2.97 -29.50
C ILE K 267 17.91 -1.52 -29.93
N ILE K 268 18.89 -0.86 -29.33
CA ILE K 268 19.18 0.53 -29.63
C ILE K 268 20.33 0.68 -30.63
N ILE K 269 20.03 1.20 -31.81
CA ILE K 269 21.06 1.50 -32.80
C ILE K 269 21.47 2.95 -32.66
N SER K 270 22.64 3.18 -32.06
CA SER K 270 23.08 4.53 -31.75
C SER K 270 24.60 4.62 -31.54
N ASP K 271 25.17 5.75 -31.94
CA ASP K 271 26.58 6.03 -31.70
C ASP K 271 26.79 6.55 -30.28
N THR K 272 25.69 6.96 -29.64
CA THR K 272 25.75 7.47 -28.28
C THR K 272 26.48 6.48 -27.38
N PRO K 273 27.52 6.96 -26.67
CA PRO K 273 28.38 6.10 -25.85
C PRO K 273 27.65 5.51 -24.66
N VAL K 274 28.09 4.33 -24.21
CA VAL K 274 27.55 3.73 -23.01
C VAL K 274 28.42 4.12 -21.82
N HIS K 275 27.78 4.43 -20.70
CA HIS K 275 28.49 4.81 -19.48
C HIS K 275 28.14 3.90 -18.31
N ASP K 276 28.82 4.11 -17.19
CA ASP K 276 28.57 3.34 -15.98
C ASP K 276 27.48 4.02 -15.15
N CYS K 277 26.49 4.59 -15.83
CA CYS K 277 25.40 5.28 -15.16
C CYS K 277 24.19 4.36 -14.99
N ASN K 278 23.11 4.89 -14.43
CA ASN K 278 21.95 4.11 -14.07
C ASN K 278 20.66 4.87 -14.32
N THR K 279 19.68 4.22 -14.93
CA THR K 279 18.42 4.88 -15.28
C THR K 279 17.24 3.92 -15.31
N THR K 280 16.04 4.49 -15.38
CA THR K 280 14.81 3.70 -15.50
C THR K 280 14.18 3.92 -16.86
N CYS K 281 14.67 4.92 -17.59
CA CYS K 281 14.19 5.21 -18.93
C CYS K 281 15.36 5.55 -19.84
N GLN K 282 15.57 4.74 -20.87
CA GLN K 282 16.68 4.92 -21.79
C GLN K 282 16.21 5.32 -23.19
N THR K 283 16.96 6.21 -23.83
CA THR K 283 16.64 6.68 -25.17
C THR K 283 17.89 6.62 -26.06
N PRO K 284 17.69 6.58 -27.39
CA PRO K 284 18.82 6.51 -28.33
C PRO K 284 19.79 7.68 -28.18
N LYS K 285 19.28 8.84 -27.77
CA LYS K 285 20.11 10.03 -27.56
C LYS K 285 20.78 10.00 -26.19
N GLY K 286 20.20 9.24 -25.27
CA GLY K 286 20.70 9.18 -23.91
C GLY K 286 19.57 8.93 -22.91
N ALA K 287 19.94 8.60 -21.67
CA ALA K 287 18.95 8.29 -20.64
C ALA K 287 18.24 9.53 -20.13
N ILE K 288 17.09 9.32 -19.49
CA ILE K 288 16.33 10.43 -18.91
C ILE K 288 15.80 10.05 -17.53
N ASN K 289 16.31 10.73 -16.50
CA ASN K 289 15.93 10.44 -15.13
C ASN K 289 14.97 11.51 -14.56
N THR K 290 13.68 11.29 -14.77
CA THR K 290 12.68 12.28 -14.39
C THR K 290 11.48 11.65 -13.68
N SER K 291 10.78 12.46 -12.89
CA SER K 291 9.53 12.02 -12.26
C SER K 291 8.35 12.60 -13.03
N LEU K 292 8.65 13.49 -13.98
CA LEU K 292 7.62 14.12 -14.79
C LEU K 292 6.89 13.10 -15.66
N PRO K 293 5.62 13.38 -15.98
CA PRO K 293 4.78 12.45 -16.75
C PRO K 293 5.01 12.56 -18.25
N PHE K 294 5.59 13.66 -18.71
CA PHE K 294 5.75 13.87 -20.14
C PHE K 294 7.21 14.11 -20.55
N GLN K 295 7.49 13.93 -21.83
CA GLN K 295 8.85 14.01 -22.35
C GLN K 295 8.85 14.20 -23.87
N ASN K 296 9.77 15.03 -24.36
CA ASN K 296 9.83 15.32 -25.79
C ASN K 296 11.21 15.05 -26.38
N ILE K 297 11.91 14.09 -25.80
CA ILE K 297 13.26 13.77 -26.23
C ILE K 297 13.32 12.75 -27.36
N HIS K 298 12.57 11.66 -27.22
CA HIS K 298 12.59 10.60 -28.20
C HIS K 298 11.37 9.68 -28.05
N PRO K 299 10.61 9.48 -29.14
CA PRO K 299 9.46 8.57 -29.12
C PRO K 299 9.85 7.13 -28.80
N ILE K 300 11.01 6.70 -29.28
CA ILE K 300 11.49 5.35 -29.02
C ILE K 300 12.24 5.28 -27.69
N THR K 301 11.69 4.55 -26.73
CA THR K 301 12.29 4.47 -25.41
C THR K 301 12.18 3.05 -24.85
N ILE K 302 12.95 2.75 -23.82
CA ILE K 302 12.91 1.45 -23.17
C ILE K 302 12.88 1.60 -21.66
N GLY K 303 11.90 0.95 -21.02
CA GLY K 303 11.79 0.97 -19.57
C GLY K 303 10.57 1.71 -19.08
N LYS K 304 10.63 2.17 -17.83
CA LYS K 304 9.54 2.95 -17.23
C LYS K 304 9.69 4.40 -17.63
N CYS K 305 9.03 4.79 -18.71
CA CYS K 305 9.26 6.11 -19.30
C CYS K 305 8.03 7.00 -19.24
N PRO K 306 8.23 8.33 -19.35
CA PRO K 306 7.12 9.27 -19.50
C PRO K 306 6.61 9.22 -20.93
N LYS K 307 5.36 9.62 -21.14
CA LYS K 307 4.78 9.61 -22.49
C LYS K 307 5.42 10.66 -23.38
N TYR K 308 5.69 10.28 -24.63
CA TYR K 308 6.27 11.20 -25.60
C TYR K 308 5.21 12.15 -26.17
N VAL K 309 5.55 13.43 -26.23
CA VAL K 309 4.64 14.44 -26.76
C VAL K 309 5.38 15.39 -27.69
N LYS K 310 4.62 16.00 -28.60
CA LYS K 310 5.18 16.93 -29.58
C LYS K 310 5.41 18.30 -28.97
N SER K 311 5.04 18.46 -27.70
CA SER K 311 5.13 19.75 -27.02
C SER K 311 6.55 20.28 -26.88
N THR K 312 6.66 21.59 -26.70
CA THR K 312 7.95 22.24 -26.46
C THR K 312 8.03 22.78 -25.04
N LYS K 313 6.87 23.01 -24.43
CA LYS K 313 6.82 23.47 -23.06
C LYS K 313 5.47 23.17 -22.41
N LEU K 314 5.51 22.65 -21.19
CA LEU K 314 4.30 22.37 -20.43
C LEU K 314 4.39 22.97 -19.04
N ARG K 315 4.52 24.29 -18.97
CA ARG K 315 4.64 24.98 -17.70
C ARG K 315 3.32 25.01 -16.93
N LEU K 316 3.36 24.49 -15.71
CA LEU K 316 2.20 24.43 -14.85
C LEU K 316 2.27 25.50 -13.76
N ALA K 317 1.28 26.38 -13.73
CA ALA K 317 1.25 27.45 -12.74
C ALA K 317 1.03 26.90 -11.34
N THR K 318 1.92 27.27 -10.42
CA THR K 318 1.77 26.90 -9.02
C THR K 318 1.41 28.13 -8.20
N GLY K 319 1.98 29.27 -8.61
CA GLY K 319 1.72 30.53 -7.93
C GLY K 319 0.62 31.32 -8.61
N LEU K 320 0.55 32.61 -8.32
CA LEU K 320 -0.51 33.45 -8.86
C LEU K 320 0.02 34.44 -9.88
N ARG K 321 -0.89 35.11 -10.58
CA ARG K 321 -0.51 36.10 -11.58
C ARG K 321 0.40 37.16 -10.96
N ASN K 322 1.57 37.34 -11.54
CA ASN K 322 2.57 38.28 -11.00
C ASN K 322 2.37 39.69 -11.52
N ILE K 323 2.09 40.62 -10.61
CA ILE K 323 1.84 42.01 -10.98
C ILE K 323 2.60 42.97 -10.06
N PRO K 324 3.91 43.14 -10.30
CA PRO K 324 4.78 43.98 -9.48
C PRO K 324 4.47 45.47 -9.62
N SER K 325 3.52 45.80 -10.48
CA SER K 325 3.14 47.19 -10.71
C SER K 325 2.06 47.65 -9.74
N GLY L 1 -10.52 37.96 -13.49
CA GLY L 1 -10.49 36.99 -12.43
C GLY L 1 -11.87 36.47 -12.08
N LEU L 2 -11.99 35.15 -11.90
CA LEU L 2 -13.27 34.52 -11.65
C LEU L 2 -13.90 34.97 -10.34
N PHE L 3 -13.09 35.59 -9.48
CA PHE L 3 -13.56 36.00 -8.15
C PHE L 3 -13.35 37.48 -7.87
N GLY L 4 -12.94 38.23 -8.89
CA GLY L 4 -12.88 39.68 -8.80
C GLY L 4 -11.72 40.26 -8.01
N ALA L 5 -11.18 39.49 -7.07
CA ALA L 5 -10.11 39.99 -6.20
C ALA L 5 -8.83 40.32 -6.96
N ILE L 6 -8.07 39.28 -7.29
CA ILE L 6 -6.79 39.45 -7.98
C ILE L 6 -6.96 40.09 -9.35
N ALA L 7 -6.13 41.10 -9.63
CA ALA L 7 -6.21 41.83 -10.89
C ALA L 7 -7.61 42.41 -11.09
N GLY L 8 -8.34 42.56 -9.98
CA GLY L 8 -9.68 43.10 -10.02
C GLY L 8 -9.78 44.37 -9.19
N PHE L 9 -10.40 44.27 -8.02
CA PHE L 9 -10.50 45.41 -7.13
C PHE L 9 -9.26 45.53 -6.25
N ILE L 10 -8.30 44.63 -6.46
CA ILE L 10 -6.96 44.75 -5.89
C ILE L 10 -5.96 44.69 -7.04
N GLU L 11 -5.67 45.85 -7.61
CA GLU L 11 -5.00 45.97 -8.90
C GLU L 11 -3.67 45.21 -9.06
N GLY L 12 -2.84 45.22 -8.02
CA GLY L 12 -1.52 44.63 -8.13
C GLY L 12 -1.03 43.89 -6.91
N GLY L 13 0.14 43.27 -7.03
CA GLY L 13 0.72 42.51 -5.94
C GLY L 13 1.76 43.31 -5.20
N TRP L 14 2.20 42.76 -4.06
CA TRP L 14 3.15 43.44 -3.20
C TRP L 14 4.51 42.75 -3.21
N THR L 15 5.48 43.36 -3.87
CA THR L 15 6.85 42.86 -3.86
C THR L 15 7.38 42.92 -2.44
N GLY L 16 6.77 43.78 -1.62
CA GLY L 16 7.18 43.96 -0.23
C GLY L 16 6.91 42.74 0.63
N MET L 17 5.84 42.03 0.31
CA MET L 17 5.48 40.83 1.06
C MET L 17 6.23 39.63 0.52
N VAL L 18 7.32 39.27 1.18
CA VAL L 18 8.21 38.22 0.69
C VAL L 18 8.11 36.93 1.51
N ASP L 19 7.15 36.87 2.42
CA ASP L 19 7.03 35.72 3.31
C ASP L 19 5.86 34.78 3.00
N GLY L 20 5.08 35.10 1.97
CA GLY L 20 3.93 34.29 1.62
C GLY L 20 3.20 34.73 0.37
N TRP L 21 2.14 34.00 0.04
CA TRP L 21 1.32 34.29 -1.13
C TRP L 21 0.27 35.35 -0.82
N TYR L 22 -0.40 35.20 0.32
CA TYR L 22 -1.42 36.15 0.74
C TYR L 22 -1.04 36.75 2.09
N GLY L 23 -1.40 38.00 2.29
CA GLY L 23 -1.10 38.67 3.55
C GLY L 23 -1.64 40.07 3.61
N TYR L 24 -1.19 40.83 4.60
CA TYR L 24 -1.71 42.17 4.84
C TYR L 24 -0.62 43.23 4.84
N HIS L 25 -1.05 44.49 4.76
CA HIS L 25 -0.21 45.63 5.08
C HIS L 25 -0.96 46.49 6.07
N HIS L 26 -0.34 46.78 7.21
CA HIS L 26 -1.01 47.54 8.26
C HIS L 26 -0.47 48.97 8.35
N GLN L 27 -1.24 49.82 9.03
CA GLN L 27 -0.88 51.22 9.20
C GLN L 27 -1.47 51.77 10.50
N ASN L 28 -0.63 51.91 11.52
CA ASN L 28 -1.07 52.50 12.78
C ASN L 28 0.00 53.42 13.37
N GLU L 29 -0.27 53.94 14.56
CA GLU L 29 0.64 54.89 15.19
C GLU L 29 2.04 54.32 15.42
N GLN L 30 2.11 53.04 15.73
CA GLN L 30 3.39 52.42 16.06
C GLN L 30 4.15 51.88 14.86
N GLY L 31 3.60 52.04 13.66
CA GLY L 31 4.31 51.68 12.45
C GLY L 31 3.47 51.14 11.30
N SER L 32 4.15 50.61 10.29
CA SER L 32 3.51 50.01 9.14
C SER L 32 4.42 48.96 8.54
N GLY L 33 3.85 48.02 7.79
CA GLY L 33 4.64 46.96 7.18
C GLY L 33 3.84 45.81 6.60
N TYR L 34 4.55 44.85 6.03
CA TYR L 34 3.92 43.68 5.42
C TYR L 34 3.94 42.46 6.35
N ALA L 35 2.95 41.59 6.19
CA ALA L 35 2.90 40.35 6.94
C ALA L 35 1.96 39.36 6.24
N ALA L 36 2.52 38.30 5.69
CA ALA L 36 1.73 37.28 5.01
C ALA L 36 0.94 36.46 6.01
N ASP L 37 -0.34 36.24 5.73
CA ASP L 37 -1.16 35.38 6.57
C ASP L 37 -0.72 33.93 6.39
N LEU L 38 -0.02 33.41 7.39
CA LEU L 38 0.58 32.08 7.30
C LEU L 38 -0.43 30.95 7.16
N LYS L 39 -1.62 31.13 7.73
CA LYS L 39 -2.63 30.07 7.71
C LYS L 39 -3.19 29.84 6.31
N SER L 40 -3.58 30.92 5.63
CA SER L 40 -4.12 30.82 4.28
C SER L 40 -3.04 30.47 3.27
N THR L 41 -1.83 30.98 3.48
CA THR L 41 -0.71 30.73 2.58
C THR L 41 -0.27 29.26 2.64
N GLN L 42 -0.08 28.75 3.84
CA GLN L 42 0.37 27.37 4.02
C GLN L 42 -0.63 26.37 3.44
N ASN L 43 -1.91 26.58 3.75
CA ASN L 43 -2.95 25.72 3.21
C ASN L 43 -2.92 25.70 1.70
N ALA L 44 -2.81 26.88 1.09
CA ALA L 44 -2.71 26.99 -0.35
C ALA L 44 -1.47 26.25 -0.86
N ILE L 45 -0.39 26.34 -0.10
CA ILE L 45 0.84 25.63 -0.44
C ILE L 45 0.64 24.13 -0.41
N ASP L 46 0.00 23.64 0.65
CA ASP L 46 -0.29 22.22 0.78
C ASP L 46 -1.16 21.73 -0.38
N GLU L 47 -2.15 22.53 -0.75
CA GLU L 47 -3.12 22.12 -1.77
C GLU L 47 -2.57 22.20 -3.19
N ILE L 48 -1.72 23.20 -3.44
CA ILE L 48 -1.09 23.32 -4.75
C ILE L 48 -0.01 22.27 -4.92
N THR L 49 0.68 21.95 -3.84
CA THR L 49 1.69 20.91 -3.84
C THR L 49 1.05 19.57 -4.12
N ASN L 50 -0.10 19.33 -3.50
CA ASN L 50 -0.88 18.12 -3.71
C ASN L 50 -1.39 18.04 -5.14
N LYS L 51 -1.63 19.19 -5.75
CA LYS L 51 -2.12 19.26 -7.11
C LYS L 51 -1.05 18.85 -8.11
N VAL L 52 0.16 19.38 -7.92
CA VAL L 52 1.27 19.06 -8.81
C VAL L 52 1.71 17.60 -8.64
N ASN L 53 1.54 17.05 -7.44
CA ASN L 53 1.88 15.66 -7.19
C ASN L 53 0.86 14.71 -7.79
N SER L 54 -0.39 15.16 -7.86
CA SER L 54 -1.46 14.34 -8.42
C SER L 54 -1.32 14.22 -9.94
N VAL L 55 -0.99 15.32 -10.60
CA VAL L 55 -0.80 15.30 -12.04
C VAL L 55 0.39 14.42 -12.40
N ILE L 56 1.40 14.44 -11.53
CA ILE L 56 2.63 13.69 -11.73
C ILE L 56 2.50 12.20 -11.36
N GLU L 57 2.07 11.93 -10.13
CA GLU L 57 2.11 10.58 -9.59
C GLU L 57 1.01 9.65 -10.11
N LYS L 58 0.01 10.21 -10.78
CA LYS L 58 -1.08 9.41 -11.31
C LYS L 58 -0.75 8.78 -12.66
N MET L 59 0.45 9.08 -13.17
CA MET L 59 0.91 8.49 -14.42
C MET L 59 1.27 7.02 -14.21
N ASN L 60 2.48 6.78 -13.72
CA ASN L 60 2.93 5.42 -13.45
C ASN L 60 2.74 4.48 -14.64
N THR L 61 3.71 4.48 -15.54
CA THR L 61 3.60 3.74 -16.79
C THR L 61 4.18 2.33 -16.69
N GLN L 62 3.84 1.49 -17.65
CA GLN L 62 4.34 0.13 -17.71
C GLN L 62 5.76 0.13 -18.25
N PHE L 63 6.47 -0.97 -18.05
CA PHE L 63 7.77 -1.15 -18.69
C PHE L 63 7.53 -1.50 -20.15
N THR L 64 8.16 -0.76 -21.05
CA THR L 64 7.90 -0.94 -22.47
C THR L 64 9.12 -0.66 -23.34
N ALA L 65 9.30 -1.49 -24.36
CA ALA L 65 10.28 -1.21 -25.39
C ALA L 65 9.55 -0.81 -26.67
N VAL L 66 9.39 0.49 -26.88
CA VAL L 66 8.64 1.01 -28.01
C VAL L 66 9.13 0.49 -29.36
N GLY L 67 10.45 0.37 -29.49
CA GLY L 67 11.06 0.01 -30.75
C GLY L 67 10.78 -1.40 -31.26
N LYS L 68 10.50 -1.50 -32.56
CA LYS L 68 10.30 -2.79 -33.21
C LYS L 68 11.12 -2.83 -34.50
N GLU L 69 11.61 -4.00 -34.86
CA GLU L 69 12.37 -4.17 -36.10
C GLU L 69 11.61 -5.00 -37.13
N PHE L 70 11.40 -4.42 -38.31
CA PHE L 70 10.68 -5.10 -39.37
C PHE L 70 11.51 -5.11 -40.64
N ASN L 71 11.42 -6.18 -41.43
CA ASN L 71 12.18 -6.29 -42.68
C ASN L 71 11.39 -5.80 -43.89
N HIS L 72 12.01 -5.88 -45.06
CA HIS L 72 11.45 -5.28 -46.28
C HIS L 72 10.10 -5.84 -46.71
N LEU L 73 9.76 -7.04 -46.25
CA LEU L 73 8.49 -7.66 -46.61
C LEU L 73 7.47 -7.55 -45.50
N GLU L 74 7.73 -6.65 -44.56
CA GLU L 74 6.84 -6.44 -43.42
C GLU L 74 6.50 -4.96 -43.27
N LYS L 75 6.31 -4.29 -44.41
CA LYS L 75 6.00 -2.87 -44.43
C LYS L 75 4.62 -2.58 -43.81
N ARG L 76 3.70 -3.52 -43.96
CA ARG L 76 2.35 -3.33 -43.44
C ARG L 76 2.29 -3.26 -41.91
N ILE L 77 2.92 -4.23 -41.23
CA ILE L 77 2.92 -4.23 -39.78
C ILE L 77 3.89 -3.19 -39.21
N GLU L 78 4.85 -2.78 -40.02
CA GLU L 78 5.74 -1.69 -39.62
C GLU L 78 4.95 -0.40 -39.58
N ASN L 79 4.01 -0.25 -40.51
CA ASN L 79 3.17 0.94 -40.56
C ASN L 79 2.03 0.90 -39.55
N LEU L 80 1.62 -0.30 -39.18
CA LEU L 80 0.66 -0.48 -38.10
C LEU L 80 1.33 -0.02 -36.81
N ASN L 81 2.53 -0.52 -36.57
CA ASN L 81 3.32 -0.11 -35.43
C ASN L 81 3.54 1.39 -35.42
N LYS L 82 3.65 1.96 -36.62
CA LYS L 82 3.79 3.40 -36.76
C LYS L 82 2.50 4.12 -36.38
N LYS L 83 1.37 3.56 -36.80
CA LYS L 83 0.06 4.14 -36.49
C LYS L 83 -0.21 4.13 -34.99
N VAL L 84 0.32 3.11 -34.32
CA VAL L 84 0.18 2.99 -32.88
C VAL L 84 0.99 4.04 -32.14
N ASP L 85 2.23 4.23 -32.57
CA ASP L 85 3.11 5.24 -31.96
C ASP L 85 2.57 6.65 -32.20
N ASP L 86 2.11 6.91 -33.42
CA ASP L 86 1.56 8.22 -33.76
C ASP L 86 0.23 8.45 -33.03
N GLY L 87 -0.56 7.41 -32.89
CA GLY L 87 -1.83 7.49 -32.19
C GLY L 87 -1.64 7.89 -30.74
N PHE L 88 -0.75 7.17 -30.06
CA PHE L 88 -0.43 7.50 -28.68
C PHE L 88 0.15 8.91 -28.61
N LEU L 89 0.98 9.26 -29.59
CA LEU L 89 1.60 10.58 -29.63
C LEU L 89 0.56 11.69 -29.62
N ASP L 90 -0.40 11.62 -30.53
CA ASP L 90 -1.42 12.65 -30.65
C ASP L 90 -2.33 12.71 -29.44
N ILE L 91 -2.65 11.55 -28.88
CA ILE L 91 -3.50 11.50 -27.70
C ILE L 91 -2.82 12.15 -26.49
N TRP L 92 -1.54 11.84 -26.29
CA TRP L 92 -0.83 12.38 -25.14
C TRP L 92 -0.49 13.85 -25.29
N THR L 93 -0.14 14.27 -26.50
CA THR L 93 0.15 15.67 -26.76
C THR L 93 -1.07 16.54 -26.48
N TYR L 94 -2.21 16.14 -27.04
CA TYR L 94 -3.44 16.91 -26.91
C TYR L 94 -3.91 17.03 -25.46
N ASN L 95 -3.96 15.90 -24.76
CA ASN L 95 -4.39 15.89 -23.37
C ASN L 95 -3.43 16.62 -22.45
N ALA L 96 -2.13 16.45 -22.67
CA ALA L 96 -1.12 17.14 -21.86
C ALA L 96 -1.26 18.65 -22.04
N GLU L 97 -1.38 19.09 -23.29
CA GLU L 97 -1.54 20.51 -23.60
C GLU L 97 -2.78 21.10 -22.96
N LEU L 98 -3.91 20.40 -23.11
CA LEU L 98 -5.17 20.88 -22.54
C LEU L 98 -5.20 20.80 -21.02
N LEU L 99 -4.60 19.75 -20.47
CA LEU L 99 -4.53 19.59 -19.02
C LEU L 99 -3.91 20.83 -18.39
N VAL L 100 -2.80 21.26 -18.97
CA VAL L 100 -2.08 22.43 -18.48
C VAL L 100 -2.93 23.69 -18.63
N LEU L 101 -3.44 23.94 -19.82
CA LEU L 101 -4.28 25.10 -20.07
C LEU L 101 -5.43 25.18 -19.07
N LEU L 102 -6.13 24.07 -18.89
CA LEU L 102 -7.29 24.02 -18.01
C LEU L 102 -6.91 24.14 -16.54
N GLU L 103 -5.81 23.52 -16.14
CA GLU L 103 -5.40 23.56 -14.75
C GLU L 103 -4.75 24.89 -14.37
N ASN L 104 -4.12 25.54 -15.34
CA ASN L 104 -3.56 26.87 -15.11
C ASN L 104 -4.65 27.88 -14.82
N GLU L 105 -5.78 27.76 -15.52
CA GLU L 105 -6.93 28.63 -15.30
C GLU L 105 -7.52 28.34 -13.92
N ARG L 106 -7.63 27.05 -13.58
CA ARG L 106 -8.10 26.64 -12.28
C ARG L 106 -7.23 27.22 -11.16
N THR L 107 -5.92 27.11 -11.33
CA THR L 107 -4.96 27.56 -10.32
C THR L 107 -5.09 29.05 -10.03
N LEU L 108 -5.11 29.86 -11.09
CA LEU L 108 -5.29 31.30 -10.94
C LEU L 108 -6.59 31.62 -10.22
N ASP L 109 -7.67 30.91 -10.55
CA ASP L 109 -8.94 31.13 -9.88
C ASP L 109 -8.85 30.71 -8.42
N TYR L 110 -8.02 29.71 -8.16
CA TYR L 110 -7.83 29.22 -6.81
C TYR L 110 -7.20 30.29 -5.92
N HIS L 111 -6.10 30.88 -6.37
CA HIS L 111 -5.46 31.96 -5.62
C HIS L 111 -6.41 33.14 -5.51
N ASP L 112 -7.03 33.51 -6.63
CA ASP L 112 -7.99 34.60 -6.68
C ASP L 112 -9.06 34.41 -5.62
N SER L 113 -9.53 33.17 -5.48
CA SER L 113 -10.53 32.82 -4.47
C SER L 113 -9.98 32.97 -3.05
N ASN L 114 -8.76 32.49 -2.84
CA ASN L 114 -8.14 32.59 -1.53
C ASN L 114 -8.05 34.03 -1.05
N VAL L 115 -7.76 34.95 -1.97
CA VAL L 115 -7.67 36.36 -1.66
C VAL L 115 -9.05 36.96 -1.36
N LYS L 116 -10.01 36.64 -2.22
CA LYS L 116 -11.38 37.08 -2.03
C LYS L 116 -11.92 36.64 -0.67
N ASN L 117 -11.64 35.40 -0.30
CA ASN L 117 -12.11 34.88 0.99
C ASN L 117 -11.39 35.54 2.17
N LEU L 118 -10.12 35.87 1.98
CA LEU L 118 -9.35 36.48 3.05
C LEU L 118 -9.81 37.92 3.28
N TYR L 119 -10.07 38.62 2.18
CA TYR L 119 -10.57 39.99 2.25
C TYR L 119 -11.92 40.06 2.93
N GLU L 120 -12.83 39.16 2.55
CA GLU L 120 -14.19 39.17 3.08
C GLU L 120 -14.30 38.60 4.49
N LYS L 121 -13.29 37.85 4.92
CA LYS L 121 -13.29 37.30 6.27
C LYS L 121 -12.94 38.40 7.27
N VAL L 122 -12.07 39.31 6.84
CA VAL L 122 -11.75 40.50 7.63
C VAL L 122 -12.92 41.46 7.61
N ARG L 123 -13.50 41.66 6.44
CA ARG L 123 -14.65 42.55 6.28
C ARG L 123 -15.81 42.17 7.22
N SER L 124 -16.01 40.87 7.41
CA SER L 124 -17.07 40.39 8.28
C SER L 124 -16.78 40.63 9.76
N GLN L 125 -15.50 40.58 10.12
CA GLN L 125 -15.09 40.87 11.49
C GLN L 125 -15.26 42.36 11.80
N LEU L 126 -14.66 43.21 10.98
CA LEU L 126 -14.66 44.65 11.22
C LEU L 126 -16.05 45.27 11.17
N LYS L 127 -16.86 44.82 10.22
CA LYS L 127 -18.20 45.36 10.03
C LYS L 127 -18.13 46.87 9.81
N ASN L 128 -18.82 47.64 10.64
CA ASN L 128 -18.88 49.09 10.46
C ASN L 128 -17.88 49.87 11.31
N ASN L 129 -17.00 49.14 11.99
CA ASN L 129 -15.92 49.78 12.75
C ASN L 129 -14.81 50.24 11.82
N ALA L 130 -14.95 49.92 10.53
CA ALA L 130 -13.99 50.35 9.53
C ALA L 130 -14.69 50.68 8.22
N LYS L 131 -13.96 51.32 7.31
CA LYS L 131 -14.51 51.68 6.01
C LYS L 131 -13.75 50.98 4.88
N GLU L 132 -14.50 50.42 3.93
CA GLU L 132 -13.89 49.84 2.74
C GLU L 132 -13.48 50.94 1.78
N ILE L 133 -12.22 51.35 1.86
CA ILE L 133 -11.73 52.47 1.07
C ILE L 133 -11.31 52.05 -0.34
N GLY L 134 -11.28 50.74 -0.58
CA GLY L 134 -10.96 50.22 -1.90
C GLY L 134 -9.56 49.66 -2.04
N ASN L 135 -9.28 49.09 -3.21
CA ASN L 135 -7.99 48.48 -3.49
C ASN L 135 -7.66 47.36 -2.50
N GLY L 136 -8.69 46.85 -1.82
CA GLY L 136 -8.51 45.80 -0.84
C GLY L 136 -8.00 46.34 0.49
N CYS L 137 -8.36 47.58 0.80
CA CYS L 137 -7.92 48.22 2.03
C CYS L 137 -9.08 48.57 2.96
N PHE L 138 -8.82 48.54 4.26
CA PHE L 138 -9.80 48.97 5.25
C PHE L 138 -9.23 50.13 6.07
N GLU L 139 -9.98 51.22 6.16
CA GLU L 139 -9.57 52.35 6.99
C GLU L 139 -10.40 52.39 8.26
N PHE L 140 -9.77 52.02 9.37
CA PHE L 140 -10.44 51.94 10.67
C PHE L 140 -11.05 53.27 11.10
N TYR L 141 -12.24 53.18 11.67
CA TYR L 141 -12.92 54.34 12.25
C TYR L 141 -12.35 54.62 13.62
N HIS L 142 -11.84 53.59 14.28
CA HIS L 142 -11.20 53.73 15.57
C HIS L 142 -9.70 53.54 15.43
N LYS L 143 -8.98 53.70 16.53
CA LYS L 143 -7.53 53.48 16.54
C LYS L 143 -7.24 52.00 16.71
N CYS L 144 -6.36 51.48 15.87
CA CYS L 144 -6.04 50.05 15.89
C CYS L 144 -4.54 49.81 16.03
N ASP L 145 -4.09 49.60 17.26
CA ASP L 145 -2.68 49.35 17.53
C ASP L 145 -2.26 47.96 17.07
N ASN L 146 -0.99 47.61 17.31
CA ASN L 146 -0.46 46.31 16.94
C ASN L 146 -1.35 45.17 17.41
N THR L 147 -1.66 45.17 18.71
CA THR L 147 -2.51 44.12 19.28
C THR L 147 -3.84 44.04 18.54
N CYS L 148 -4.45 45.19 18.29
CA CYS L 148 -5.72 45.24 17.59
C CYS L 148 -5.60 44.66 16.18
N MET L 149 -4.48 44.96 15.51
CA MET L 149 -4.25 44.50 14.16
C MET L 149 -4.02 42.99 14.10
N GLU L 150 -3.23 42.47 15.04
CA GLU L 150 -2.94 41.05 15.10
C GLU L 150 -4.20 40.21 15.34
N SER L 151 -5.16 40.76 16.08
CA SER L 151 -6.41 40.07 16.34
C SER L 151 -7.23 39.94 15.06
N VAL L 152 -7.10 40.93 14.19
CA VAL L 152 -7.78 40.91 12.91
C VAL L 152 -7.17 39.84 12.02
N LYS L 153 -5.85 39.70 12.11
CA LYS L 153 -5.12 38.69 11.34
C LYS L 153 -5.39 37.29 11.90
N ASN L 154 -5.51 37.20 13.22
CA ASN L 154 -5.73 35.93 13.89
C ASN L 154 -7.19 35.52 13.97
N GLY L 155 -8.08 36.44 13.57
CA GLY L 155 -9.51 36.14 13.51
C GLY L 155 -10.24 36.32 14.83
N THR L 156 -9.52 36.72 15.87
CA THR L 156 -10.11 36.91 17.19
C THR L 156 -10.40 38.38 17.48
N TYR L 157 -10.76 39.12 16.45
CA TYR L 157 -11.04 40.56 16.59
C TYR L 157 -12.26 40.84 17.45
N ASP L 158 -12.08 41.67 18.47
CA ASP L 158 -13.16 42.02 19.39
C ASP L 158 -13.89 43.28 18.91
N TYR L 159 -15.02 43.08 18.25
CA TYR L 159 -15.79 44.18 17.68
C TYR L 159 -16.40 45.13 18.71
N PRO L 160 -17.15 44.60 19.68
CA PRO L 160 -17.84 45.46 20.65
C PRO L 160 -16.89 46.24 21.53
N LYS L 161 -15.60 45.97 21.42
CA LYS L 161 -14.59 46.66 22.22
C LYS L 161 -14.32 48.07 21.71
N TYR L 162 -14.33 48.25 20.40
CA TYR L 162 -14.05 49.54 19.79
C TYR L 162 -15.29 50.14 19.14
N SER L 163 -16.41 49.42 19.25
CA SER L 163 -17.65 49.84 18.59
C SER L 163 -18.08 51.25 19.01
N GLU L 164 -17.88 51.57 20.29
CA GLU L 164 -18.28 52.86 20.82
C GLU L 164 -17.45 54.00 20.22
N GLU L 165 -16.14 53.80 20.15
CA GLU L 165 -15.24 54.81 19.60
C GLU L 165 -15.44 54.95 18.10
N ALA L 166 -15.87 53.86 17.47
CA ALA L 166 -16.02 53.83 16.02
C ALA L 166 -17.16 54.71 15.54
N LYS L 167 -18.34 54.53 16.13
CA LYS L 167 -19.53 55.25 15.69
C LYS L 167 -19.38 56.77 15.78
N LEU L 168 -18.48 57.22 16.65
CA LEU L 168 -18.18 58.65 16.76
C LEU L 168 -17.63 59.18 15.45
N ASN L 169 -16.52 58.59 15.01
CA ASN L 169 -15.82 59.02 13.81
C ASN L 169 -16.59 58.71 12.51
N ARG L 170 -17.62 57.89 12.61
CA ARG L 170 -18.46 57.56 11.46
C ARG L 170 -19.27 58.78 11.02
C1 NAG M . 1.75 -49.99 -4.60
C2 NAG M . 0.61 -48.97 -4.61
C3 NAG M . 0.38 -48.39 -3.21
C4 NAG M . 0.24 -49.51 -2.20
C5 NAG M . 1.40 -50.49 -2.31
C6 NAG M . 1.19 -51.67 -1.36
C7 NAG M . -0.09 -47.55 -6.46
C8 NAG M . 0.30 -46.57 -7.51
N2 NAG M . 0.85 -47.91 -5.58
O1 NAG M . 1.86 -50.60 -5.86
O3 NAG M . -0.77 -47.58 -3.25
O4 NAG M . 0.19 -48.99 -0.89
O5 NAG M . 1.50 -50.99 -3.63
O6 NAG M . -0.08 -52.24 -1.60
O7 NAG M . -1.24 -47.99 -6.41
C1 GAL M . -1.17 -48.56 -0.60
C2 GAL M . -1.49 -48.86 0.86
C3 GAL M . -2.90 -48.38 1.23
C4 GAL M . -3.15 -46.98 0.71
C5 GAL M . -2.73 -46.87 -0.75
C6 GAL M . -2.96 -45.48 -1.32
O2 GAL M . -1.38 -50.26 1.08
O3 GAL M . -3.05 -48.41 2.63
O4 GAL M . -2.42 -46.05 1.48
O5 GAL M . -1.37 -47.19 -0.84
O6 GAL M . -3.02 -45.62 -2.72
C1 SIA M . -3.23 -43.21 -2.81
C2 SIA M . -2.59 -44.44 -3.41
C3 SIA M . -3.00 -44.57 -4.86
C4 SIA M . -2.36 -43.52 -5.75
C5 SIA M . -0.86 -43.47 -5.53
C6 SIA M . -0.49 -43.36 -4.06
C7 SIA M . 1.01 -43.55 -3.89
C8 SIA M . 1.40 -43.37 -2.43
C9 SIA M . 2.92 -43.37 -2.25
C10 SIA M . 0.73 -42.34 -7.00
C11 SIA M . 1.07 -41.03 -7.64
N5 SIA M . -0.36 -42.32 -6.24
O1A SIA M . -4.28 -42.77 -3.33
O1B SIA M . -2.70 -42.66 -1.81
O4 SIA M . -2.62 -43.84 -7.12
O6 SIA M . -1.16 -44.32 -3.24
O7 SIA M . 1.36 -44.86 -4.34
O8 SIA M . 0.86 -42.15 -1.93
O9 SIA M . 3.23 -43.02 -0.90
O10 SIA M . 1.40 -43.35 -7.17
C1 NAG N . 35.40 -24.18 -14.35
C2 NAG N . 35.73 -23.18 -13.24
C3 NAG N . 34.60 -22.17 -13.08
C4 NAG N . 34.19 -21.57 -14.42
C5 NAG N . 34.04 -22.64 -15.49
C6 NAG N . 33.83 -22.00 -16.86
C7 NAG N . 37.16 -24.06 -11.49
C8 NAG N . 37.29 -24.99 -10.33
N2 NAG N . 35.94 -23.90 -11.99
O1 NAG N . 36.47 -25.08 -14.53
O3 NAG N . 35.02 -21.14 -12.21
O4 NAG N . 32.95 -20.91 -14.28
O5 NAG N . 35.17 -23.47 -15.55
O6 NAG N . 34.88 -21.11 -17.11
O7 NAG N . 38.15 -23.48 -11.95
C1 GAL N . 33.13 -19.48 -14.25
C2 GAL N . 31.80 -18.82 -14.56
C3 GAL N . 31.92 -17.30 -14.50
C4 GAL N . 32.59 -16.90 -13.20
C5 GAL N . 33.91 -17.65 -13.06
C6 GAL N . 34.67 -17.23 -11.81
O2 GAL N . 31.35 -19.21 -15.84
O3 GAL N . 30.64 -16.71 -14.58
O4 GAL N . 31.75 -17.26 -12.12
O5 GAL N . 33.63 -19.03 -13.01
O6 GAL N . 35.95 -17.82 -11.85
C1 SIA N . 36.05 -16.81 -9.66
C2 SIA N . 36.48 -17.97 -10.53
C3 SIA N . 38.00 -18.00 -10.63
C4 SIA N . 38.69 -18.50 -9.37
C5 SIA N . 38.04 -19.77 -8.86
C6 SIA N . 36.51 -19.64 -8.76
C7 SIA N . 35.89 -20.96 -8.36
C8 SIA N . 34.38 -20.81 -8.11
C9 SIA N . 33.81 -22.08 -7.49
C10 SIA N . 39.07 -21.25 -7.22
C11 SIA N . 39.58 -21.36 -5.82
N5 SIA N . 38.58 -20.05 -7.54
O1A SIA N . 36.62 -15.71 -9.82
O1B SIA N . 35.15 -16.99 -8.82
O4 SIA N . 40.06 -18.78 -9.67
O6 SIA N . 35.93 -19.18 -9.98
O7 SIA N . 36.10 -21.94 -9.39
O8 SIA N . 34.15 -19.71 -7.23
O9 SIA N . 32.40 -21.94 -7.35
O10 SIA N . 39.09 -22.17 -8.01
C1 NAG O . 38.21 -48.26 22.18
C2 NAG O . 37.07 -48.02 23.15
C3 NAG O . 37.18 -46.64 23.80
C4 NAG O . 38.60 -46.37 24.30
C5 NAG O . 39.65 -46.79 23.29
C6 NAG O . 41.04 -46.68 23.92
C7 NAG O . 34.96 -49.14 22.72
C8 NAG O . 33.93 -49.46 21.67
N2 NAG O . 35.81 -48.16 22.44
O1 NAG O . 38.12 -49.55 21.63
O3 NAG O . 36.28 -46.57 24.88
O4 NAG O . 38.77 -44.99 24.55
O5 NAG O . 39.44 -48.11 22.86
O6 NAG O . 41.01 -47.33 25.17
O7 NAG O . 34.99 -49.78 23.77
C1 GAL O . 38.60 -44.70 25.95
C2 GAL O . 39.13 -43.30 26.21
C3 GAL O . 38.99 -42.93 27.68
C4 GAL O . 37.56 -43.19 28.13
C5 GAL O . 37.16 -44.62 27.80
C6 GAL O . 35.74 -44.90 28.26
O2 GAL O . 40.48 -43.22 25.81
O3 GAL O . 39.33 -41.57 27.86
O4 GAL O . 36.69 -42.30 27.47
O5 GAL O . 37.27 -44.80 26.40
O6 GAL O . 35.46 -46.27 28.05
C1 SIA O . 33.37 -45.61 29.06
C2 SIA O . 34.03 -46.48 28.03
C3 SIA O . 33.78 -47.94 28.39
C4 SIA O . 32.33 -48.32 28.19
C5 SIA O . 31.88 -47.99 26.78
C6 SIA O . 32.20 -46.54 26.39
C7 SIA O . 32.00 -46.36 24.90
C8 SIA O . 32.11 -44.90 24.49
C9 SIA O . 31.80 -44.70 23.01
C10 SIA O . 29.92 -48.95 25.73
C11 SIA O . 28.42 -49.06 25.76
N5 SIA O . 30.45 -48.19 26.68
O1A SIA O . 33.28 -46.04 30.23
O1B SIA O . 32.94 -44.49 28.71
O4 SIA O . 32.16 -49.73 28.41
O6 SIA O . 33.53 -46.12 26.74
O7 SIA O . 32.97 -47.13 24.19
O8 SIA O . 31.21 -44.10 25.27
O9 SIA O . 31.78 -43.30 22.71
O10 SIA O . 30.59 -49.52 24.89
C1 GAL P . 8.16 -48.98 -33.96
C2 GAL P . 8.95 -48.12 -33.00
C3 GAL P . 8.27 -48.11 -31.62
C4 GAL P . 6.80 -47.76 -31.78
C5 GAL P . 6.13 -48.61 -32.85
C6 GAL P . 4.69 -48.19 -33.06
O2 GAL P . 10.26 -48.63 -32.87
O3 GAL P . 8.92 -47.18 -30.80
O4 GAL P . 6.67 -46.39 -32.11
O5 GAL P . 6.85 -48.48 -34.06
O6 GAL P . 4.06 -49.10 -33.94
C1 SIA P . 2.25 -47.53 -33.59
C2 SIA P . 2.91 -48.49 -34.56
C3 SIA P . 1.92 -49.58 -34.95
C4 SIA P . 0.86 -49.08 -35.91
C5 SIA P . 1.47 -48.39 -37.10
C6 SIA P . 2.48 -47.31 -36.67
C7 SIA P . 3.26 -46.74 -37.86
C8 SIA P . 4.19 -45.64 -37.41
C9 SIA P . 4.84 -44.94 -38.60
C10 SIA P . 0.43 -47.82 -39.22
C11 SIA P . -0.73 -47.16 -39.91
N5 SIA P . 0.41 -47.79 -37.89
O1A SIA P . 1.58 -48.00 -32.65
O1B SIA P . 2.41 -46.30 -33.76
O4 SIA P . 0.09 -50.20 -36.38
O6 SIA P . 3.41 -47.75 -35.68
O7 SIA P . 4.02 -47.78 -38.48
O8 SIA P . 3.47 -44.68 -36.63
O9 SIA P . 5.82 -44.01 -38.15
O10 SIA P . 1.35 -48.33 -39.84
C1 NAG Q . -5.11 -37.67 -23.44
C2 NAG Q . -4.32 -38.75 -24.18
C3 NAG Q . -3.88 -39.90 -23.29
C4 NAG Q . -3.42 -39.45 -21.91
C5 NAG Q . -4.31 -38.35 -21.35
C6 NAG Q . -3.75 -37.81 -20.04
C7 NAG Q . -4.94 -38.93 -26.52
C8 NAG Q . -5.31 -39.95 -27.56
N2 NAG Q . -5.14 -39.28 -25.26
O3 NAG Q . -2.84 -40.58 -23.95
O4 NAG Q . -3.50 -40.55 -21.02
O5 NAG Q . -4.43 -37.29 -22.28
O6 NAG Q . -4.56 -36.74 -19.59
O7 NAG Q . -4.48 -37.84 -26.84
C1 NAG Q . -2.21 -41.18 -20.85
C2 NAG Q . -2.28 -42.05 -19.59
C3 NAG Q . -1.05 -42.95 -19.41
C4 NAG Q . -0.69 -43.62 -20.72
C5 NAG Q . -0.57 -42.58 -21.82
C6 NAG Q . -0.13 -43.19 -23.14
C7 NAG Q . -3.56 -41.22 -17.71
C8 NAG Q . -3.90 -39.97 -16.95
N2 NAG Q . -2.44 -41.20 -18.43
O3 NAG Q . -1.33 -43.93 -18.43
O4 NAG Q . 0.53 -44.32 -20.57
O5 NAG Q . -1.81 -41.92 -21.98
O6 NAG Q . -1.02 -44.23 -23.50
O7 NAG Q . -4.30 -42.20 -17.67
C1 NAG R . -3.67 -29.85 -74.87
C2 NAG R . -3.58 -28.34 -74.70
C3 NAG R . -4.64 -27.83 -73.73
C4 NAG R . -6.01 -28.45 -74.01
C5 NAG R . -5.94 -29.95 -74.29
C6 NAG R . -7.28 -30.48 -74.76
C7 NAG R . -1.35 -27.44 -75.04
C8 NAG R . 0.06 -27.45 -74.55
N2 NAG R . -2.26 -27.99 -74.23
O1 NAG R . -2.74 -30.26 -75.85
O3 NAG R . -4.71 -26.44 -73.85
O4 NAG R . -6.85 -28.24 -72.89
O5 NAG R . -4.96 -30.21 -75.28
O6 NAG R . -7.57 -29.94 -76.04
O7 NAG R . -1.64 -26.96 -76.13
C1 GAL R . -7.66 -27.05 -73.03
C2 GAL R . -8.76 -27.10 -71.98
C3 GAL R . -9.65 -25.88 -72.08
C4 GAL R . -8.79 -24.62 -72.06
C5 GAL R . -7.71 -24.71 -73.13
C6 GAL R . -6.83 -23.47 -73.12
O2 GAL R . -9.53 -28.27 -72.16
O3 GAL R . -10.56 -25.86 -70.99
O4 GAL R . -8.18 -24.48 -70.79
O5 GAL R . -6.93 -25.85 -72.89
O6 GAL R . -6.09 -23.42 -74.32
C1 SIA R . -5.50 -21.18 -73.62
C2 SIA R . -5.00 -22.48 -74.19
C3 SIA R . -4.44 -22.21 -75.58
C4 SIA R . -3.13 -21.46 -75.50
C5 SIA R . -2.16 -22.22 -74.63
C6 SIA R . -2.74 -22.54 -73.26
C7 SIA R . -1.82 -23.52 -72.53
C8 SIA R . -2.33 -23.86 -71.14
C9 SIA R . -1.31 -24.69 -70.36
C10 SIA R . 0.24 -21.90 -74.80
C11 SIA R . 1.37 -20.94 -74.57
N5 SIA R . -0.95 -21.44 -74.47
O1A SIA R . -6.15 -20.40 -74.34
O1B SIA R . -5.23 -20.91 -72.42
O4 SIA R . -2.57 -21.29 -76.81
O6 SIA R . -4.06 -23.06 -73.28
O7 SIA R . -1.73 -24.72 -73.32
O8 SIA R . -2.62 -22.65 -70.42
O9 SIA R . -1.70 -24.75 -68.99
O10 SIA R . 0.41 -23.02 -75.25
C1 NAG S . 37.01 -25.47 -57.23
C2 NAG S . 36.98 -24.71 -55.91
C3 NAG S . 36.13 -23.43 -55.96
C4 NAG S . 36.32 -22.68 -57.27
C5 NAG S . 36.22 -23.61 -58.46
C6 NAG S . 36.43 -22.86 -59.77
C7 NAG S . 37.21 -25.99 -53.85
C8 NAG S . 36.72 -27.19 -53.09
N2 NAG S . 36.47 -25.58 -54.87
O1 NAG S . 38.06 -26.40 -57.19
O3 NAG S . 36.50 -22.60 -54.88
O4 NAG S . 35.37 -21.64 -57.37
O5 NAG S . 37.21 -24.60 -58.33
O6 NAG S . 37.73 -22.30 -59.80
O7 NAG S . 38.26 -25.42 -53.51
C1 GAL S . 36.00 -20.42 -56.94
C2 GAL S . 35.56 -19.25 -57.82
C3 GAL S . 36.32 -17.99 -57.44
C4 GAL S . 36.25 -17.77 -55.93
C5 GAL S . 36.66 -19.06 -55.22
C6 GAL S . 36.67 -18.91 -53.70
O2 GAL S . 35.80 -19.57 -59.18
O3 GAL S . 35.77 -16.87 -58.11
O4 GAL S . 34.93 -17.44 -55.57
O5 GAL S . 35.78 -20.09 -55.60
O6 GAL S . 37.60 -19.85 -53.19
C1 SIA S . 36.76 -19.19 -51.01
C2 SIA S . 37.17 -20.33 -51.90
C3 SIA S . 38.35 -21.06 -51.25
C4 SIA S . 37.91 -21.80 -50.00
C5 SIA S . 36.77 -22.74 -50.35
C6 SIA S . 35.62 -22.01 -51.03
C7 SIA S . 34.58 -23.00 -51.54
C8 SIA S . 33.36 -22.25 -52.04
C9 SIA S . 32.26 -23.22 -52.44
C10 SIA S . 36.11 -24.64 -48.97
C11 SIA S . 35.60 -25.07 -47.63
N5 SIA S . 36.28 -23.33 -49.11
O1A SIA S . 37.65 -18.56 -50.42
O1B SIA S . 35.53 -18.93 -50.91
O4 SIA S . 39.00 -22.55 -49.47
O6 SIA S . 36.05 -21.19 -52.13
O7 SIA S . 35.14 -23.79 -52.60
O8 SIA S . 32.89 -21.36 -51.03
O9 SIA S . 31.05 -22.49 -52.70
O10 SIA S . 36.37 -25.42 -49.87
C1 NAG T . -37.23 11.75 33.59
C2 NAG T . -37.79 10.38 33.20
C3 NAG T . -38.03 10.21 31.70
C4 NAG T . -38.59 11.48 31.06
C5 NAG T . -37.75 12.67 31.47
C6 NAG T . -38.22 13.93 30.75
C7 NAG T . -37.27 8.15 34.01
C8 NAG T . -36.38 6.99 33.66
N2 NAG T . -36.86 9.35 33.63
O3 NAG T . -38.95 9.16 31.50
O4 NAG T . -38.58 11.35 29.66
O5 NAG T . -37.82 12.82 32.87
O6 NAG T . -39.61 13.86 30.55
O7 NAG T . -38.32 7.97 34.63
C1 NAG U . -22.59 -0.29 44.47
C2 NAG U . -21.77 -1.08 43.44
C3 NAG U . -21.76 -2.57 43.73
C4 NAG U . -21.44 -2.83 45.20
C5 NAG U . -22.38 -2.03 46.08
C6 NAG U . -22.04 -2.27 47.56
C7 NAG U . -22.84 -1.77 41.35
C8 NAG U . -24.32 -2.02 41.52
N2 NAG U . -22.31 -0.82 42.11
O3 NAG U . -20.78 -3.21 42.92
O4 NAG U . -21.60 -4.21 45.47
O5 NAG U . -22.26 -0.65 45.80
O6 NAG U . -20.95 -1.48 47.93
O7 NAG U . -22.20 -2.42 40.54
C1 NAG V . -12.38 -31.60 4.04
C2 NAG V . -11.49 -32.80 3.72
C3 NAG V . -12.18 -34.10 4.09
C4 NAG V . -12.61 -34.04 5.55
C5 NAG V . -13.44 -32.78 5.81
C6 NAG V . -13.79 -32.67 7.29
C7 NAG V . -9.85 -32.61 1.95
C8 NAG V . -9.50 -32.98 0.54
N2 NAG V . -11.12 -32.79 2.32
O3 NAG V . -11.30 -35.18 3.89
O4 NAG V . -13.38 -35.18 5.85
O5 NAG V . -12.74 -31.61 5.41
O6 NAG V . -14.54 -31.50 7.52
O7 NAG V . -8.99 -32.17 2.71
C1 NAG W . -14.62 2.93 6.47
C2 NAG W . -14.25 3.73 5.23
C3 NAG W . -12.77 4.09 5.26
C4 NAG W . -12.44 4.79 6.57
C5 NAG W . -13.02 4.11 7.80
C6 NAG W . -12.97 5.08 8.97
C7 NAG W . -14.52 3.57 2.83
C8 NAG W . -14.15 2.69 1.66
N2 NAG W . -14.56 3.00 4.02
O3 NAG W . -12.47 4.96 4.19
O4 NAG W . -11.03 4.83 6.70
O5 NAG W . -14.37 3.70 7.62
O6 NAG W . -14.01 4.79 9.88
O7 NAG W . -14.77 4.76 2.65
C1 NAG X . 31.80 -2.91 -2.48
C2 NAG X . 31.96 -4.13 -3.37
C3 NAG X . 31.82 -3.73 -4.82
C4 NAG X . 30.50 -3.01 -5.02
C5 NAG X . 30.32 -1.88 -4.00
C6 NAG X . 28.91 -1.29 -4.11
C7 NAG X . 33.31 -5.94 -2.49
C8 NAG X . 34.60 -6.69 -2.61
N2 NAG X . 33.24 -4.77 -3.13
O3 NAG X . 31.88 -4.89 -5.63
O4 NAG X . 30.46 -2.47 -6.34
O5 NAG X . 30.53 -2.32 -2.68
O6 NAG X . 28.61 -0.59 -2.92
O7 NAG X . 32.38 -6.39 -1.82
C1 NAG Y . 33.01 12.11 27.63
C2 NAG Y . 33.89 13.32 27.37
C3 NAG Y . 35.36 13.01 27.62
C4 NAG Y . 35.56 12.25 28.93
C5 NAG Y . 34.56 11.10 29.07
C6 NAG Y . 34.72 10.44 30.44
C7 NAG Y . 33.36 15.08 25.77
C8 NAG Y . 33.51 15.57 24.36
N2 NAG Y . 33.71 13.82 26.01
O3 NAG Y . 36.08 14.22 27.69
O4 NAG Y . 36.87 11.72 28.97
O5 NAG Y . 33.25 11.59 28.93
O6 NAG Y . 33.79 9.37 30.56
O7 NAG Y . 32.92 15.83 26.64
C1 NAG Z . 27.05 -34.73 39.64
C2 NAG Z . 27.95 -35.47 38.65
C3 NAG Z . 29.43 -35.35 39.02
C4 NAG Z . 29.78 -33.89 39.31
C5 NAG Z . 28.83 -33.35 40.38
C6 NAG Z . 29.15 -31.91 40.74
C7 NAG Z . 26.91 -37.36 37.54
C8 NAG Z . 27.08 -38.83 37.27
N2 NAG Z . 27.57 -36.87 38.59
O3 NAG Z . 30.24 -35.84 37.98
O4 NAG Z . 31.13 -33.79 39.75
O5 NAG Z . 27.52 -33.42 39.88
O6 NAG Z . 28.92 -31.08 39.61
O7 NAG Z . 26.20 -36.67 36.81
C1 NAG AA . -13.39 56.54 -15.47
C2 NAG AA . -13.61 58.05 -15.64
C3 NAG AA . -12.37 58.69 -16.25
C4 NAG AA . -11.13 58.31 -15.43
C5 NAG AA . -11.05 56.80 -15.25
C6 NAG AA . -9.88 56.43 -14.34
C7 NAG AA . -15.88 58.86 -15.98
C8 NAG AA . -16.68 59.69 -16.94
N2 NAG AA . -14.77 58.30 -16.47
O3 NAG AA . -12.52 60.09 -16.26
O4 NAG AA . -9.97 58.77 -16.08
O5 NAG AA . -12.25 56.29 -14.69
O6 NAG AA . -9.90 55.03 -14.10
O7 NAG AA . -16.24 58.72 -14.82
C1 NAG BA . 19.70 1.77 -10.55
C2 NAG BA . 20.57 1.01 -9.55
C3 NAG BA . 19.74 -0.06 -8.86
C4 NAG BA . 18.53 0.59 -8.21
C5 NAG BA . 17.74 1.41 -9.23
C6 NAG BA . 16.61 2.17 -8.53
C7 NAG BA . 22.95 0.60 -9.65
C8 NAG BA . 24.11 0.14 -10.47
N2 NAG BA . 21.74 0.43 -10.18
O3 NAG BA . 20.54 -0.69 -7.87
O4 NAG BA . 17.69 -0.41 -7.67
O5 NAG BA . 18.58 2.34 -9.90
O6 NAG BA . 15.94 3.00 -9.45
O7 NAG BA . 23.14 1.12 -8.55
#